data_7JYN
#
_entry.id   7JYN
#
loop_
_entity.id
_entity.type
_entity.pdbx_description
1 polymer 'Bromodomain-containing protein 3'
2 polymer 'Histone-lysine N-methyltransferase NSD3'
#
loop_
_entity_poly.entity_id
_entity_poly.type
_entity_poly.pdbx_seq_one_letter_code
_entity_poly.pdbx_strand_id
1 'polypeptide(L)'
;HHHHHHSHMGKQASASYDSEEEEEGLPMSYDEKRQLSLDINRLPGEKLGRVVHIIQSREPSLRDSNPDEIEIDFETLKPT
TLRELERYVKSCLQKK
;
A
2 'polypeptide(L)' EFTGSPEIKLKITKTIQNGRELFESSLCGDLLNEVQASE B
#
# COMPACT_ATOMS: atom_id res chain seq x y z
N HIS A 1 37.30 -18.99 68.39
CA HIS A 1 36.09 -18.29 67.90
C HIS A 1 36.48 -17.33 66.75
N HIS A 2 36.55 -17.88 65.53
CA HIS A 2 36.79 -17.11 64.29
C HIS A 2 36.39 -17.99 63.09
N HIS A 3 35.88 -17.33 62.03
CA HIS A 3 35.36 -18.02 60.81
C HIS A 3 36.04 -17.45 59.56
N HIS A 4 35.99 -18.25 58.48
CA HIS A 4 36.50 -17.88 57.15
C HIS A 4 35.53 -18.39 56.09
N HIS A 5 34.83 -17.46 55.44
CA HIS A 5 33.79 -17.77 54.44
C HIS A 5 33.96 -16.83 53.24
N HIS A 6 34.66 -17.32 52.20
CA HIS A 6 34.79 -16.60 50.93
C HIS A 6 33.77 -17.18 49.93
N SER A 7 33.16 -16.31 49.12
CA SER A 7 32.15 -16.72 48.14
C SER A 7 32.11 -15.70 46.99
N HIS A 8 32.41 -16.15 45.77
CA HIS A 8 32.41 -15.34 44.54
C HIS A 8 31.69 -16.12 43.42
N MET A 9 30.61 -15.54 42.90
CA MET A 9 29.79 -16.16 41.83
C MET A 9 29.33 -15.07 40.85
N GLY A 10 29.69 -15.23 39.57
CA GLY A 10 29.39 -14.24 38.52
C GLY A 10 29.06 -14.93 37.20
N LYS A 11 27.87 -14.62 36.64
CA LYS A 11 27.32 -15.31 35.47
C LYS A 11 26.77 -14.30 34.43
N GLN A 12 26.71 -14.73 33.16
CA GLN A 12 26.06 -14.00 32.06
C GLN A 12 25.94 -14.92 30.83
N ALA A 13 24.79 -14.83 30.15
CA ALA A 13 24.50 -15.53 28.88
C ALA A 13 23.15 -15.02 28.33
N SER A 14 23.17 -14.43 27.12
CA SER A 14 21.97 -13.97 26.40
C SER A 14 22.32 -13.73 24.91
N ALA A 15 22.41 -14.84 24.14
CA ALA A 15 22.73 -14.80 22.69
C ALA A 15 21.55 -15.28 21.82
N SER A 16 20.36 -15.47 22.44
CA SER A 16 19.15 -15.92 21.73
C SER A 16 18.42 -14.72 21.07
N TYR A 17 18.67 -14.51 19.76
CA TYR A 17 18.01 -13.44 18.96
C TYR A 17 17.95 -13.85 17.47
N ASP A 18 16.91 -13.34 16.77
CA ASP A 18 16.58 -13.70 15.38
C ASP A 18 15.42 -12.79 14.91
N SER A 19 15.72 -11.83 14.01
CA SER A 19 14.73 -10.83 13.52
C SER A 19 15.08 -10.25 12.12
N GLU A 20 16.37 -10.30 11.72
CA GLU A 20 16.88 -9.52 10.55
C GLU A 20 16.37 -10.05 9.19
N GLU A 21 15.13 -9.67 8.84
CA GLU A 21 14.53 -9.97 7.53
C GLU A 21 14.46 -8.67 6.70
N GLU A 22 15.23 -8.64 5.61
CA GLU A 22 15.35 -7.46 4.73
C GLU A 22 14.20 -7.42 3.71
N GLU A 23 13.94 -6.20 3.19
CA GLU A 23 12.98 -5.97 2.09
C GLU A 23 13.66 -6.40 0.78
N GLU A 24 12.85 -6.87 -0.19
CA GLU A 24 13.36 -7.29 -1.51
C GLU A 24 13.91 -6.10 -2.30
N GLY A 25 13.18 -4.98 -2.24
CA GLY A 25 13.48 -3.79 -3.05
C GLY A 25 13.38 -4.05 -4.55
N LEU A 26 12.58 -5.07 -4.88
CA LEU A 26 12.36 -5.57 -6.25
C LEU A 26 11.88 -4.46 -7.21
N PRO A 27 12.32 -4.46 -8.50
CA PRO A 27 11.86 -3.48 -9.50
C PRO A 27 10.35 -3.64 -9.75
N MET A 28 9.57 -2.71 -9.20
CA MET A 28 8.12 -2.69 -9.35
C MET A 28 7.80 -1.97 -10.68
N SER A 29 7.14 -2.67 -11.60
CA SER A 29 6.78 -2.13 -12.95
C SER A 29 5.65 -1.11 -12.81
N TYR A 30 5.56 -0.14 -13.74
CA TYR A 30 4.54 0.94 -13.69
C TYR A 30 3.11 0.37 -13.71
N ASP A 31 2.95 -0.76 -14.44
CA ASP A 31 1.68 -1.51 -14.50
C ASP A 31 1.29 -2.06 -13.11
N GLU A 32 2.32 -2.45 -12.33
CA GLU A 32 2.14 -2.97 -10.96
C GLU A 32 1.75 -1.85 -9.98
N LYS A 33 2.25 -0.62 -10.22
CA LYS A 33 1.87 0.56 -9.39
C LYS A 33 0.36 0.86 -9.55
N ARG A 34 -0.12 0.83 -10.81
CA ARG A 34 -1.52 1.12 -11.14
C ARG A 34 -2.45 0.04 -10.54
N GLN A 35 -2.04 -1.24 -10.73
CA GLN A 35 -2.80 -2.42 -10.26
C GLN A 35 -2.92 -2.36 -8.72
N LEU A 36 -1.76 -2.14 -8.07
CA LEU A 36 -1.65 -2.00 -6.61
C LEU A 36 -2.55 -0.85 -6.08
N SER A 37 -2.54 0.29 -6.80
CA SER A 37 -3.35 1.48 -6.47
C SER A 37 -4.86 1.14 -6.50
N LEU A 38 -5.28 0.41 -7.54
CA LEU A 38 -6.70 0.01 -7.73
C LEU A 38 -7.13 -1.03 -6.68
N ASP A 39 -6.17 -1.90 -6.30
CA ASP A 39 -6.43 -3.03 -5.39
C ASP A 39 -6.53 -2.54 -3.93
N ILE A 40 -5.84 -1.44 -3.64
CA ILE A 40 -5.92 -0.71 -2.36
C ILE A 40 -7.15 0.22 -2.35
N ASN A 41 -7.51 0.75 -3.54
CA ASN A 41 -8.67 1.66 -3.70
C ASN A 41 -9.99 0.92 -3.39
N ARG A 42 -10.06 -0.38 -3.77
CA ARG A 42 -11.25 -1.24 -3.52
C ARG A 42 -11.28 -1.74 -2.05
N LEU A 43 -10.18 -1.59 -1.31
CA LEU A 43 -10.14 -1.87 0.14
C LEU A 43 -10.77 -0.67 0.91
N PRO A 44 -11.79 -0.90 1.80
CA PRO A 44 -12.45 0.16 2.61
C PRO A 44 -11.50 0.89 3.61
N GLY A 45 -12.04 1.97 4.21
CA GLY A 45 -11.26 2.98 4.95
C GLY A 45 -10.46 2.46 6.14
N GLU A 46 -10.95 1.40 6.82
CA GLU A 46 -10.26 0.80 7.99
C GLU A 46 -9.18 -0.22 7.56
N LYS A 47 -9.33 -0.79 6.34
CA LYS A 47 -8.28 -1.64 5.72
C LYS A 47 -7.07 -0.76 5.31
N LEU A 48 -7.35 0.52 5.03
CA LEU A 48 -6.33 1.52 4.66
C LEU A 48 -5.45 1.92 5.88
N GLY A 49 -5.76 1.34 7.07
CA GLY A 49 -5.00 1.57 8.30
C GLY A 49 -3.50 1.33 8.14
N ARG A 50 -3.10 0.11 7.68
CA ARG A 50 -1.66 -0.21 7.46
C ARG A 50 -1.10 0.59 6.28
N VAL A 51 -1.91 0.73 5.22
CA VAL A 51 -1.54 1.41 3.97
C VAL A 51 -0.94 2.80 4.27
N VAL A 52 -1.74 3.64 4.92
CA VAL A 52 -1.35 5.01 5.25
C VAL A 52 -0.24 5.03 6.32
N HIS A 53 -0.27 4.03 7.24
CA HIS A 53 0.65 3.96 8.40
C HIS A 53 2.11 3.78 7.94
N ILE A 54 2.33 2.87 6.98
CA ILE A 54 3.68 2.61 6.44
C ILE A 54 4.12 3.75 5.51
N ILE A 55 3.15 4.45 4.86
CA ILE A 55 3.48 5.66 4.06
C ILE A 55 3.98 6.80 4.98
N GLN A 56 3.34 6.97 6.15
CA GLN A 56 3.76 8.01 7.14
C GLN A 56 5.07 7.59 7.85
N SER A 57 5.27 6.26 8.00
CA SER A 57 6.46 5.68 8.63
C SER A 57 7.72 5.93 7.77
N ARG A 58 7.60 5.67 6.46
CA ARG A 58 8.69 5.91 5.49
C ARG A 58 8.86 7.41 5.22
N GLU A 59 7.75 8.07 4.87
CA GLU A 59 7.73 9.48 4.43
C GLU A 59 7.28 10.39 5.60
N PRO A 60 8.24 11.05 6.33
CA PRO A 60 7.93 11.84 7.53
C PRO A 60 7.44 13.28 7.21
N SER A 61 7.75 13.76 6.00
CA SER A 61 7.40 15.12 5.57
C SER A 61 5.88 15.25 5.36
N LEU A 62 5.26 14.17 4.83
CA LEU A 62 3.79 14.06 4.75
C LEU A 62 3.18 14.03 6.15
N ARG A 63 3.80 13.24 7.05
CA ARG A 63 3.29 13.04 8.43
C ARG A 63 3.10 14.37 9.17
N ASP A 64 4.09 15.27 9.02
CA ASP A 64 4.08 16.59 9.68
C ASP A 64 3.22 17.59 8.90
N SER A 65 3.47 17.70 7.58
CA SER A 65 2.82 18.70 6.70
C SER A 65 1.31 18.41 6.58
N ASN A 66 0.95 17.26 5.97
CA ASN A 66 -0.46 16.86 5.78
C ASN A 66 -0.73 15.51 6.47
N PRO A 67 -1.19 15.51 7.76
CA PRO A 67 -1.81 14.32 8.38
C PRO A 67 -3.26 14.11 7.89
N ASP A 68 -3.82 15.12 7.18
CA ASP A 68 -5.18 15.05 6.62
C ASP A 68 -5.13 14.46 5.22
N GLU A 69 -4.67 15.26 4.25
CA GLU A 69 -4.70 14.91 2.83
C GLU A 69 -3.33 14.36 2.39
N ILE A 70 -3.20 13.04 2.51
CA ILE A 70 -1.96 12.28 2.34
C ILE A 70 -1.90 11.67 0.94
N GLU A 71 -1.18 12.34 0.03
CA GLU A 71 -1.01 11.86 -1.36
C GLU A 71 -0.03 10.68 -1.40
N ILE A 72 -0.56 9.46 -1.44
CA ILE A 72 0.21 8.23 -1.60
C ILE A 72 0.54 8.06 -3.09
N ASP A 73 1.65 8.67 -3.50
CA ASP A 73 2.15 8.69 -4.89
C ASP A 73 2.86 7.36 -5.24
N PHE A 74 2.04 6.34 -5.60
CA PHE A 74 2.49 4.95 -5.85
C PHE A 74 3.63 4.88 -6.88
N GLU A 75 3.43 5.58 -8.02
CA GLU A 75 4.38 5.56 -9.15
C GLU A 75 5.76 6.14 -8.80
N THR A 76 5.82 6.96 -7.73
CA THR A 76 7.05 7.66 -7.33
C THR A 76 7.46 7.33 -5.87
N LEU A 77 6.93 6.22 -5.32
CA LEU A 77 7.31 5.73 -3.96
C LEU A 77 8.53 4.81 -4.02
N LYS A 78 8.98 4.35 -2.83
CA LYS A 78 10.05 3.33 -2.70
C LYS A 78 9.49 1.95 -3.12
N PRO A 79 10.23 1.14 -3.95
CA PRO A 79 9.80 -0.24 -4.34
C PRO A 79 9.75 -1.20 -3.13
N THR A 80 10.47 -0.84 -2.05
CA THR A 80 10.43 -1.54 -0.75
C THR A 80 9.08 -1.32 -0.08
N THR A 81 8.64 -0.05 -0.05
CA THR A 81 7.34 0.36 0.51
C THR A 81 6.20 -0.22 -0.32
N LEU A 82 6.39 -0.28 -1.64
CA LEU A 82 5.39 -0.82 -2.59
C LEU A 82 5.27 -2.35 -2.41
N ARG A 83 6.36 -2.95 -1.92
CA ARG A 83 6.39 -4.39 -1.56
C ARG A 83 5.65 -4.63 -0.23
N GLU A 84 5.62 -3.61 0.65
CA GLU A 84 4.87 -3.67 1.92
C GLU A 84 3.36 -3.58 1.65
N LEU A 85 2.98 -2.68 0.71
CA LEU A 85 1.59 -2.59 0.20
C LEU A 85 1.20 -3.92 -0.50
N GLU A 86 2.16 -4.48 -1.24
CA GLU A 86 2.00 -5.77 -1.96
C GLU A 86 1.77 -6.93 -0.96
N ARG A 87 2.56 -6.93 0.12
CA ARG A 87 2.53 -7.99 1.16
C ARG A 87 1.17 -7.97 1.86
N TYR A 88 0.76 -6.75 2.27
CA TYR A 88 -0.50 -6.53 2.99
C TYR A 88 -1.70 -6.99 2.15
N VAL A 89 -1.80 -6.45 0.91
CA VAL A 89 -2.98 -6.65 0.05
C VAL A 89 -3.17 -8.15 -0.27
N LYS A 90 -2.08 -8.85 -0.67
CA LYS A 90 -2.14 -10.27 -1.05
C LYS A 90 -2.42 -11.20 0.13
N SER A 91 -2.03 -10.78 1.34
CA SER A 91 -2.38 -11.50 2.58
C SER A 91 -3.88 -11.29 2.90
N CYS A 92 -4.38 -10.09 2.55
CA CYS A 92 -5.78 -9.66 2.78
C CYS A 92 -6.71 -10.10 1.63
N LEU A 93 -6.13 -10.60 0.51
CA LEU A 93 -6.90 -11.21 -0.59
C LEU A 93 -6.88 -12.73 -0.44
N GLN A 94 -5.67 -13.29 -0.58
CA GLN A 94 -5.43 -14.75 -0.63
C GLN A 94 -5.58 -15.35 0.78
N LYS A 95 -6.84 -15.72 1.10
CA LYS A 95 -7.16 -16.46 2.32
C LYS A 95 -6.51 -17.86 2.27
N LYS A 96 -5.92 -18.28 3.40
CA LYS A 96 -5.14 -19.53 3.52
C LYS A 96 -3.87 -19.48 2.65
N GLU B 1 -6.32 23.91 -25.34
CA GLU B 1 -5.20 23.28 -24.60
C GLU B 1 -5.67 22.80 -23.20
N PHE B 2 -4.97 21.82 -22.61
CA PHE B 2 -5.33 21.24 -21.30
C PHE B 2 -4.14 21.28 -20.32
N THR B 3 -3.06 20.53 -20.68
CA THR B 3 -1.87 20.30 -19.83
C THR B 3 -2.30 19.50 -18.57
N GLY B 4 -3.10 18.44 -18.83
CA GLY B 4 -3.64 17.57 -17.78
C GLY B 4 -2.63 16.56 -17.26
N SER B 5 -2.66 16.32 -15.92
CA SER B 5 -1.69 15.47 -15.23
C SER B 5 -2.36 14.14 -14.79
N PRO B 6 -1.79 12.95 -15.16
CA PRO B 6 -2.30 11.65 -14.70
C PRO B 6 -1.93 11.41 -13.21
N GLU B 7 -0.66 10.99 -12.96
CA GLU B 7 -0.11 10.69 -11.61
C GLU B 7 -0.90 9.57 -10.88
N ILE B 8 -0.27 8.41 -10.72
CA ILE B 8 -0.86 7.27 -9.99
C ILE B 8 -0.67 7.50 -8.48
N LYS B 9 -1.64 8.23 -7.91
CA LYS B 9 -1.63 8.63 -6.50
C LYS B 9 -3.06 8.66 -5.97
N LEU B 10 -3.23 8.24 -4.71
CA LEU B 10 -4.50 8.33 -3.98
C LEU B 10 -4.29 9.22 -2.76
N LYS B 11 -4.95 10.38 -2.75
CA LYS B 11 -4.97 11.30 -1.63
C LYS B 11 -5.92 10.76 -0.54
N ILE B 12 -5.35 10.06 0.45
CA ILE B 12 -6.08 9.60 1.65
C ILE B 12 -6.45 10.83 2.49
N THR B 13 -7.74 11.19 2.44
CA THR B 13 -8.28 12.31 3.22
C THR B 13 -8.76 11.79 4.58
N LYS B 14 -8.12 12.27 5.65
CA LYS B 14 -8.45 11.89 7.02
C LYS B 14 -9.79 12.56 7.40
N THR B 15 -10.89 11.83 7.15
CA THR B 15 -12.25 12.30 7.35
C THR B 15 -12.88 11.61 8.55
N ILE B 16 -13.99 12.19 9.03
CA ILE B 16 -14.83 11.66 10.10
C ILE B 16 -16.28 11.55 9.58
N GLN B 17 -16.73 10.32 9.39
CA GLN B 17 -18.04 9.99 8.80
C GLN B 17 -18.52 8.67 9.37
N ASN B 18 -19.86 8.48 9.43
CA ASN B 18 -20.54 7.26 9.97
C ASN B 18 -20.42 7.18 11.51
N GLY B 19 -20.99 6.11 12.09
CA GLY B 19 -20.80 5.79 13.52
C GLY B 19 -19.36 5.38 13.84
N ARG B 20 -18.67 4.83 12.83
CA ARG B 20 -17.23 4.52 12.88
C ARG B 20 -16.49 5.49 11.96
N GLU B 21 -15.64 6.37 12.53
CA GLU B 21 -14.85 7.32 11.74
C GLU B 21 -13.84 6.57 10.84
N LEU B 22 -13.93 6.83 9.53
CA LEU B 22 -13.06 6.22 8.52
C LEU B 22 -12.48 7.31 7.60
N PHE B 23 -11.25 7.08 7.16
CA PHE B 23 -10.54 7.94 6.21
C PHE B 23 -10.48 7.21 4.86
N GLU B 24 -10.75 7.93 3.76
CA GLU B 24 -10.97 7.29 2.44
C GLU B 24 -10.01 7.84 1.38
N SER B 25 -9.77 7.04 0.33
CA SER B 25 -8.87 7.40 -0.78
C SER B 25 -9.63 8.22 -1.84
N SER B 26 -8.99 9.31 -2.30
CA SER B 26 -9.55 10.20 -3.35
C SER B 26 -8.40 10.70 -4.26
N LEU B 27 -8.65 11.74 -5.08
CA LEU B 27 -7.64 12.34 -5.98
C LEU B 27 -7.98 13.81 -6.28
N CYS B 28 -7.05 14.52 -6.95
CA CYS B 28 -7.22 15.94 -7.30
C CYS B 28 -8.14 16.09 -8.53
N GLY B 29 -9.45 16.16 -8.26
CA GLY B 29 -10.48 16.16 -9.31
C GLY B 29 -11.00 17.56 -9.64
N ASP B 30 -10.14 18.37 -10.28
CA ASP B 30 -10.51 19.71 -10.80
C ASP B 30 -10.14 19.81 -12.29
N LEU B 31 -10.60 20.90 -12.93
CA LEU B 31 -10.45 21.16 -14.37
C LEU B 31 -11.16 20.06 -15.20
N LEU B 32 -12.51 20.11 -15.16
CA LEU B 32 -13.37 19.19 -15.89
C LEU B 32 -13.54 19.69 -17.33
N ASN B 33 -13.45 18.77 -18.29
CA ASN B 33 -13.75 19.04 -19.70
C ASN B 33 -15.19 18.57 -19.99
N GLU B 34 -15.48 17.32 -19.55
CA GLU B 34 -16.80 16.65 -19.66
C GLU B 34 -17.39 16.75 -21.09
N VAL B 35 -16.78 15.98 -22.02
CA VAL B 35 -17.20 15.88 -23.46
C VAL B 35 -16.96 17.21 -24.23
N GLN B 36 -16.53 17.10 -25.49
CA GLN B 36 -16.37 18.24 -26.40
C GLN B 36 -16.75 17.83 -27.83
N ALA B 37 -17.05 18.83 -28.68
CA ALA B 37 -17.41 18.60 -30.09
C ALA B 37 -17.31 19.93 -30.87
N SER B 38 -17.74 21.04 -30.22
CA SER B 38 -17.67 22.40 -30.79
C SER B 38 -16.27 23.02 -30.57
N GLU B 39 -15.22 22.26 -30.94
CA GLU B 39 -13.81 22.64 -30.76
C GLU B 39 -12.97 22.06 -31.92
N HIS A 1 -6.27 -71.64 22.46
CA HIS A 1 -5.34 -71.03 21.47
C HIS A 1 -4.49 -69.95 22.12
N HIS A 2 -3.28 -69.78 21.56
CA HIS A 2 -2.36 -68.69 21.89
C HIS A 2 -1.40 -68.51 20.71
N HIS A 3 -1.70 -67.51 19.86
CA HIS A 3 -0.92 -67.21 18.65
C HIS A 3 -1.31 -65.80 18.16
N HIS A 4 -0.46 -64.82 18.49
CA HIS A 4 -0.63 -63.42 18.07
C HIS A 4 0.27 -63.11 16.85
N HIS A 5 0.15 -61.89 16.34
CA HIS A 5 0.95 -61.38 15.21
C HIS A 5 1.21 -59.88 15.40
N HIS A 6 2.38 -59.41 14.93
CA HIS A 6 2.78 -58.00 15.04
C HIS A 6 3.60 -57.57 13.80
N SER A 7 3.72 -56.26 13.65
CA SER A 7 4.48 -55.61 12.57
C SER A 7 4.88 -54.20 13.06
N HIS A 8 5.44 -53.38 12.17
CA HIS A 8 5.92 -52.04 12.51
C HIS A 8 5.34 -51.00 11.55
N MET A 9 5.58 -49.72 11.86
CA MET A 9 5.26 -48.59 10.95
C MET A 9 6.55 -48.11 10.27
N GLY A 10 6.44 -47.76 8.98
CA GLY A 10 7.53 -47.16 8.23
C GLY A 10 7.55 -45.64 8.35
N LYS A 11 8.73 -45.04 8.17
CA LYS A 11 8.90 -43.58 8.26
C LYS A 11 9.49 -43.03 6.94
N GLN A 12 8.81 -42.02 6.37
CA GLN A 12 9.24 -41.34 5.13
C GLN A 12 8.85 -39.85 5.17
N ALA A 13 9.56 -39.02 4.41
CA ALA A 13 9.30 -37.57 4.32
C ALA A 13 9.84 -37.02 2.99
N SER A 14 9.29 -35.87 2.57
CA SER A 14 9.70 -35.18 1.35
C SER A 14 9.29 -33.69 1.44
N ALA A 15 10.22 -32.84 1.89
CA ALA A 15 9.98 -31.39 2.07
C ALA A 15 9.97 -30.66 0.71
N SER A 16 11.14 -30.67 0.03
CA SER A 16 11.37 -30.02 -1.28
C SER A 16 11.25 -28.48 -1.15
N TYR A 17 12.38 -27.78 -1.33
CA TYR A 17 12.47 -26.33 -1.10
C TYR A 17 12.13 -25.55 -2.39
N ASP A 18 10.94 -24.97 -2.40
CA ASP A 18 10.46 -24.05 -3.46
C ASP A 18 10.67 -22.60 -3.03
N SER A 19 11.47 -22.41 -1.98
CA SER A 19 11.70 -21.13 -1.35
C SER A 19 13.21 -20.79 -1.46
N GLU A 20 13.58 -20.23 -2.61
CA GLU A 20 14.97 -19.84 -2.94
C GLU A 20 14.99 -18.51 -3.72
N GLU A 21 13.97 -17.66 -3.46
CA GLU A 21 13.81 -16.35 -4.12
C GLU A 21 13.75 -15.22 -3.10
N GLU A 22 14.29 -14.06 -3.49
CA GLU A 22 14.37 -12.87 -2.64
C GLU A 22 14.26 -11.59 -3.49
N GLU A 23 14.34 -10.43 -2.83
CA GLU A 23 14.32 -9.11 -3.48
C GLU A 23 14.96 -8.06 -2.53
N GLU A 24 15.16 -6.85 -3.06
CA GLU A 24 15.67 -5.67 -2.32
C GLU A 24 15.58 -4.46 -3.24
N GLY A 25 14.59 -3.61 -2.98
CA GLY A 25 14.28 -2.47 -3.82
C GLY A 25 13.88 -2.91 -5.22
N LEU A 26 13.18 -4.06 -5.29
CA LEU A 26 12.70 -4.67 -6.54
C LEU A 26 11.96 -3.62 -7.43
N PRO A 27 12.52 -3.30 -8.66
CA PRO A 27 11.86 -2.37 -9.58
C PRO A 27 10.58 -3.00 -10.16
N MET A 28 9.44 -2.72 -9.50
CA MET A 28 8.13 -3.24 -9.89
C MET A 28 7.53 -2.32 -10.95
N SER A 29 6.87 -2.89 -11.97
CA SER A 29 6.32 -2.15 -13.12
C SER A 29 5.29 -1.10 -12.70
N TYR A 30 5.26 0.03 -13.42
CA TYR A 30 4.32 1.14 -13.21
C TYR A 30 2.86 0.65 -13.31
N ASP A 31 2.62 -0.29 -14.24
CA ASP A 31 1.29 -0.92 -14.43
C ASP A 31 0.88 -1.73 -13.18
N GLU A 32 1.87 -2.35 -12.52
CA GLU A 32 1.67 -3.13 -11.29
C GLU A 32 1.49 -2.21 -10.07
N LYS A 33 2.05 -0.99 -10.16
CA LYS A 33 1.84 0.06 -9.13
C LYS A 33 0.43 0.63 -9.23
N ARG A 34 -0.04 0.79 -10.48
CA ARG A 34 -1.41 1.26 -10.79
C ARG A 34 -2.42 0.18 -10.41
N GLN A 35 -2.04 -1.09 -10.65
CA GLN A 35 -2.86 -2.25 -10.28
C GLN A 35 -3.01 -2.31 -8.76
N LEU A 36 -1.85 -2.18 -8.06
CA LEU A 36 -1.78 -2.17 -6.59
C LEU A 36 -2.54 -0.95 -6.02
N SER A 37 -2.51 0.16 -6.74
CA SER A 37 -3.18 1.42 -6.35
C SER A 37 -4.71 1.24 -6.31
N LEU A 38 -5.26 0.63 -7.37
CA LEU A 38 -6.71 0.32 -7.47
C LEU A 38 -7.09 -0.82 -6.49
N ASP A 39 -6.10 -1.66 -6.19
CA ASP A 39 -6.24 -2.85 -5.33
C ASP A 39 -6.27 -2.45 -3.84
N ILE A 40 -5.62 -1.31 -3.54
CA ILE A 40 -5.68 -0.67 -2.21
C ILE A 40 -6.91 0.27 -2.14
N ASN A 41 -7.27 0.87 -3.28
CA ASN A 41 -8.43 1.79 -3.41
C ASN A 41 -9.75 1.06 -3.07
N ARG A 42 -9.82 -0.26 -3.35
CA ARG A 42 -11.02 -1.08 -3.11
C ARG A 42 -11.12 -1.57 -1.64
N LEU A 43 -10.09 -1.32 -0.83
CA LEU A 43 -10.10 -1.69 0.61
C LEU A 43 -10.83 -0.58 1.43
N PRO A 44 -11.56 -0.96 2.53
CA PRO A 44 -12.18 0.01 3.47
C PRO A 44 -11.14 0.89 4.19
N GLY A 45 -11.57 2.09 4.62
CA GLY A 45 -10.70 3.11 5.21
C GLY A 45 -9.95 2.68 6.45
N GLU A 46 -10.50 1.71 7.19
CA GLU A 46 -9.86 1.15 8.39
C GLU A 46 -8.63 0.28 8.03
N LYS A 47 -8.71 -0.42 6.88
CA LYS A 47 -7.58 -1.18 6.33
C LYS A 47 -6.53 -0.23 5.73
N LEU A 48 -7.05 0.89 5.17
CA LEU A 48 -6.22 1.99 4.67
C LEU A 48 -5.51 2.69 5.84
N GLY A 49 -6.03 2.52 7.07
CA GLY A 49 -5.37 2.99 8.29
C GLY A 49 -3.98 2.39 8.47
N ARG A 50 -3.85 1.09 8.18
CA ARG A 50 -2.54 0.39 8.29
C ARG A 50 -1.63 0.74 7.09
N VAL A 51 -2.25 0.88 5.91
CA VAL A 51 -1.57 1.29 4.67
C VAL A 51 -0.87 2.66 4.86
N VAL A 52 -1.62 3.64 5.40
CA VAL A 52 -1.10 4.99 5.62
C VAL A 52 -0.13 5.03 6.80
N HIS A 53 -0.31 4.11 7.77
CA HIS A 53 0.56 3.99 8.95
C HIS A 53 2.02 3.75 8.52
N ILE A 54 2.22 2.81 7.58
CA ILE A 54 3.56 2.49 7.07
C ILE A 54 4.05 3.54 6.04
N ILE A 55 3.11 4.24 5.37
CA ILE A 55 3.45 5.37 4.45
C ILE A 55 3.92 6.60 5.26
N GLN A 56 3.36 6.80 6.47
CA GLN A 56 3.79 7.90 7.36
C GLN A 56 5.20 7.58 7.91
N SER A 57 5.41 6.30 8.25
CA SER A 57 6.70 5.80 8.80
C SER A 57 7.85 5.96 7.79
N ARG A 58 7.54 5.69 6.52
CA ARG A 58 8.51 5.77 5.41
C ARG A 58 8.67 7.22 4.92
N GLU A 59 7.54 7.93 4.78
CA GLU A 59 7.53 9.31 4.26
C GLU A 59 7.33 10.30 5.42
N PRO A 60 8.44 10.95 5.92
CA PRO A 60 8.37 11.96 7.01
C PRO A 60 7.70 13.27 6.55
N SER A 61 7.73 13.51 5.21
CA SER A 61 7.18 14.72 4.59
C SER A 61 5.66 14.78 4.77
N LEU A 62 4.96 13.73 4.25
CA LEU A 62 3.47 13.62 4.34
C LEU A 62 3.00 13.46 5.80
N ARG A 63 3.91 13.04 6.68
CA ARG A 63 3.62 12.83 8.11
C ARG A 63 3.22 14.16 8.78
N ASP A 64 4.12 15.15 8.68
CA ASP A 64 3.97 16.44 9.38
C ASP A 64 3.35 17.54 8.48
N SER A 65 3.22 17.27 7.17
CA SER A 65 2.65 18.26 6.23
C SER A 65 1.11 18.30 6.37
N ASN A 66 0.40 17.46 5.60
CA ASN A 66 -1.06 17.31 5.73
C ASN A 66 -1.38 15.82 5.92
N PRO A 67 -1.55 15.35 7.20
CA PRO A 67 -1.97 13.96 7.49
C PRO A 67 -3.44 13.70 7.14
N ASP A 68 -4.18 14.78 6.80
CA ASP A 68 -5.59 14.70 6.35
C ASP A 68 -5.68 14.38 4.86
N GLU A 69 -4.59 14.60 4.10
CA GLU A 69 -4.50 14.23 2.67
C GLU A 69 -3.10 13.69 2.41
N ILE A 70 -2.93 12.40 2.73
CA ILE A 70 -1.65 11.70 2.56
C ILE A 70 -1.55 11.26 1.09
N GLU A 71 -0.82 12.06 0.27
CA GLU A 71 -0.76 11.86 -1.19
C GLU A 71 0.12 10.65 -1.55
N ILE A 72 -0.50 9.45 -1.50
CA ILE A 72 0.17 8.16 -1.75
C ILE A 72 0.25 7.92 -3.28
N ASP A 73 1.32 8.45 -3.88
CA ASP A 73 1.64 8.28 -5.31
C ASP A 73 2.67 7.16 -5.46
N PHE A 74 2.15 5.94 -5.70
CA PHE A 74 2.93 4.67 -5.74
C PHE A 74 4.11 4.75 -6.72
N GLU A 75 3.86 5.45 -7.85
CA GLU A 75 4.84 5.64 -8.91
C GLU A 75 6.17 6.26 -8.42
N THR A 76 6.09 7.15 -7.42
CA THR A 76 7.28 7.83 -6.86
C THR A 76 7.75 7.19 -5.54
N LEU A 77 6.86 6.43 -4.87
CA LEU A 77 7.15 5.84 -3.54
C LEU A 77 8.25 4.77 -3.63
N LYS A 78 8.90 4.49 -2.49
CA LYS A 78 10.02 3.55 -2.41
C LYS A 78 9.54 2.11 -2.70
N PRO A 79 10.24 1.35 -3.62
CA PRO A 79 9.84 -0.05 -4.01
C PRO A 79 9.81 -1.03 -2.82
N THR A 80 10.63 -0.74 -1.78
CA THR A 80 10.68 -1.54 -0.54
C THR A 80 9.39 -1.34 0.29
N THR A 81 8.75 -0.17 0.14
CA THR A 81 7.47 0.14 0.78
C THR A 81 6.32 -0.48 -0.03
N LEU A 82 6.46 -0.47 -1.37
CA LEU A 82 5.49 -1.12 -2.31
C LEU A 82 5.45 -2.63 -2.09
N ARG A 83 6.56 -3.19 -1.56
CA ARG A 83 6.62 -4.59 -1.10
C ARG A 83 5.60 -4.80 0.03
N GLU A 84 5.65 -3.92 1.03
CA GLU A 84 4.80 -3.97 2.24
C GLU A 84 3.32 -3.76 1.89
N LEU A 85 3.07 -2.78 1.01
CA LEU A 85 1.73 -2.46 0.49
C LEU A 85 1.12 -3.68 -0.23
N GLU A 86 1.95 -4.32 -1.07
CA GLU A 86 1.54 -5.45 -1.91
C GLU A 86 1.14 -6.64 -1.04
N ARG A 87 2.12 -7.14 -0.24
CA ARG A 87 1.95 -8.36 0.56
C ARG A 87 0.86 -8.21 1.64
N TYR A 88 0.51 -6.96 1.98
CA TYR A 88 -0.63 -6.64 2.85
C TYR A 88 -1.94 -7.01 2.14
N VAL A 89 -2.18 -6.41 0.96
CA VAL A 89 -3.43 -6.59 0.20
C VAL A 89 -3.52 -8.02 -0.36
N LYS A 90 -2.34 -8.62 -0.63
CA LYS A 90 -2.24 -10.02 -1.05
C LYS A 90 -2.78 -10.94 0.05
N SER A 91 -2.36 -10.72 1.32
CA SER A 91 -2.86 -11.50 2.47
C SER A 91 -4.39 -11.36 2.65
N CYS A 92 -4.92 -10.18 2.27
CA CYS A 92 -6.37 -9.88 2.35
C CYS A 92 -7.17 -10.69 1.31
N LEU A 93 -6.68 -10.70 0.05
CA LEU A 93 -7.39 -11.30 -1.09
C LEU A 93 -7.13 -12.81 -1.20
N GLN A 94 -5.93 -13.26 -0.79
CA GLN A 94 -5.54 -14.68 -0.81
C GLN A 94 -6.43 -15.47 0.17
N LYS A 95 -7.51 -16.01 -0.38
CA LYS A 95 -8.38 -16.96 0.31
C LYS A 95 -8.11 -18.35 -0.26
N LYS A 96 -8.45 -19.37 0.53
CA LYS A 96 -8.16 -20.77 0.19
C LYS A 96 -9.22 -21.30 -0.79
N GLU B 1 -17.64 16.27 -15.29
CA GLU B 1 -16.31 16.83 -15.03
C GLU B 1 -15.22 15.76 -15.24
N PHE B 2 -14.85 15.53 -16.51
CA PHE B 2 -13.79 14.57 -16.87
C PHE B 2 -12.41 15.22 -16.66
N THR B 3 -11.75 14.87 -15.56
CA THR B 3 -10.41 15.36 -15.24
C THR B 3 -9.57 14.19 -14.68
N GLY B 4 -8.74 13.61 -15.55
CA GLY B 4 -7.87 12.49 -15.20
C GLY B 4 -6.44 12.77 -15.60
N SER B 5 -5.59 13.03 -14.61
CA SER B 5 -4.15 13.22 -14.81
C SER B 5 -3.46 11.86 -15.01
N PRO B 6 -2.41 11.76 -15.91
CA PRO B 6 -1.67 10.49 -16.14
C PRO B 6 -0.89 10.03 -14.89
N GLU B 7 -0.55 10.99 -14.01
CA GLU B 7 0.09 10.69 -12.71
C GLU B 7 -0.95 10.11 -11.75
N ILE B 8 -0.56 9.07 -11.00
CA ILE B 8 -1.48 8.34 -10.13
C ILE B 8 -1.08 8.55 -8.67
N LYS B 9 -1.99 9.19 -7.92
CA LYS B 9 -1.83 9.45 -6.49
C LYS B 9 -3.16 9.20 -5.79
N LEU B 10 -3.10 8.80 -4.53
CA LEU B 10 -4.26 8.60 -3.69
C LEU B 10 -4.11 9.44 -2.43
N LYS B 11 -4.65 10.67 -2.46
CA LYS B 11 -4.70 11.55 -1.30
C LYS B 11 -5.71 10.97 -0.33
N ILE B 12 -5.20 10.27 0.69
CA ILE B 12 -6.01 9.68 1.74
C ILE B 12 -6.63 10.80 2.58
N THR B 13 -7.91 11.07 2.28
CA THR B 13 -8.68 12.11 2.95
C THR B 13 -9.11 11.60 4.33
N LYS B 14 -8.15 11.69 5.27
CA LYS B 14 -8.20 11.03 6.58
C LYS B 14 -9.21 11.70 7.49
N THR B 15 -10.11 10.88 8.06
CA THR B 15 -11.08 11.33 9.06
C THR B 15 -11.52 10.15 9.94
N ILE B 16 -11.83 10.45 11.20
CA ILE B 16 -12.40 9.50 12.15
C ILE B 16 -13.87 9.90 12.34
N GLN B 17 -14.76 9.25 11.59
CA GLN B 17 -16.20 9.58 11.61
C GLN B 17 -16.89 8.96 12.83
N ASN B 18 -18.03 9.58 13.24
CA ASN B 18 -18.80 9.16 14.42
C ASN B 18 -19.42 7.77 14.18
N GLY B 19 -18.66 6.76 14.61
CA GLY B 19 -18.97 5.36 14.37
C GLY B 19 -17.69 4.55 14.35
N ARG B 20 -16.72 5.00 13.50
CA ARG B 20 -15.41 4.33 13.33
C ARG B 20 -14.50 5.15 12.38
N GLU B 21 -13.17 4.90 12.45
CA GLU B 21 -12.17 5.51 11.58
C GLU B 21 -12.35 4.98 10.15
N LEU B 22 -12.77 5.84 9.22
CA LEU B 22 -13.06 5.46 7.83
C LEU B 22 -12.73 6.65 6.92
N PHE B 23 -12.14 6.35 5.77
CA PHE B 23 -11.73 7.36 4.78
C PHE B 23 -11.48 6.71 3.42
N GLU B 24 -11.32 7.58 2.39
CA GLU B 24 -11.20 7.16 0.98
C GLU B 24 -9.93 7.76 0.34
N SER B 25 -9.52 7.15 -0.76
CA SER B 25 -8.32 7.50 -1.51
C SER B 25 -8.70 8.33 -2.75
N SER B 26 -8.53 9.64 -2.64
CA SER B 26 -8.98 10.62 -3.67
C SER B 26 -7.77 11.16 -4.47
N LEU B 27 -7.80 11.04 -5.81
CA LEU B 27 -6.68 11.48 -6.68
C LEU B 27 -6.55 13.02 -6.61
N CYS B 28 -7.39 13.73 -7.39
CA CYS B 28 -7.60 15.19 -7.26
C CYS B 28 -8.97 15.43 -6.60
N GLY B 29 -9.78 14.36 -6.58
CA GLY B 29 -11.10 14.36 -5.97
C GLY B 29 -11.67 12.95 -5.89
N ASP B 30 -12.96 12.85 -5.56
CA ASP B 30 -13.68 11.56 -5.48
C ASP B 30 -15.01 11.68 -6.26
N LEU B 31 -15.82 10.58 -6.23
CA LEU B 31 -16.96 10.39 -7.17
C LEU B 31 -16.43 10.28 -8.62
N LEU B 32 -15.20 9.75 -8.75
CA LEU B 32 -14.57 9.50 -10.06
C LEU B 32 -15.17 8.26 -10.73
N ASN B 33 -15.19 8.27 -12.08
CA ASN B 33 -15.77 7.20 -12.91
C ASN B 33 -17.30 7.07 -12.71
N GLU B 34 -17.91 8.10 -12.08
CA GLU B 34 -19.36 8.16 -11.83
C GLU B 34 -20.00 8.84 -13.06
N VAL B 35 -19.96 8.09 -14.17
CA VAL B 35 -20.49 8.49 -15.48
C VAL B 35 -20.45 7.25 -16.41
N GLN B 36 -21.46 7.09 -17.29
CA GLN B 36 -21.56 5.94 -18.21
C GLN B 36 -21.59 6.41 -19.66
N ALA B 37 -21.24 5.50 -20.60
CA ALA B 37 -21.24 5.78 -22.04
C ALA B 37 -22.60 5.39 -22.67
N SER B 38 -22.78 4.12 -23.09
CA SER B 38 -23.99 3.67 -23.81
C SER B 38 -24.08 2.11 -23.85
N GLU B 39 -23.54 1.44 -22.81
CA GLU B 39 -23.55 -0.04 -22.70
C GLU B 39 -24.66 -0.46 -21.72
N HIS A 1 -1.40 -70.34 -30.11
CA HIS A 1 -0.56 -69.15 -30.35
C HIS A 1 -1.43 -67.88 -30.27
N HIS A 2 -1.71 -67.45 -29.02
CA HIS A 2 -2.55 -66.28 -28.71
C HIS A 2 -2.24 -65.78 -27.29
N HIS A 3 -1.41 -64.73 -27.19
CA HIS A 3 -1.14 -64.04 -25.91
C HIS A 3 -0.76 -62.58 -26.18
N HIS A 4 -1.28 -61.68 -25.32
CA HIS A 4 -0.85 -60.28 -25.23
C HIS A 4 -0.55 -59.94 -23.77
N HIS A 5 0.19 -58.85 -23.58
CA HIS A 5 0.69 -58.39 -22.27
C HIS A 5 0.74 -56.85 -22.23
N HIS A 6 0.72 -56.28 -21.03
CA HIS A 6 0.72 -54.82 -20.84
C HIS A 6 1.56 -54.44 -19.62
N SER A 7 2.62 -53.66 -19.85
CA SER A 7 3.48 -53.12 -18.79
C SER A 7 2.83 -51.89 -18.13
N HIS A 8 3.17 -51.64 -16.85
CA HIS A 8 2.62 -50.54 -16.06
C HIS A 8 3.69 -50.04 -15.06
N MET A 9 3.74 -48.72 -14.88
CA MET A 9 4.66 -48.05 -13.94
C MET A 9 3.90 -46.96 -13.18
N GLY A 10 4.58 -46.34 -12.19
CA GLY A 10 3.97 -45.28 -11.39
C GLY A 10 4.56 -45.20 -10.00
N LYS A 11 5.91 -45.09 -9.94
CA LYS A 11 6.65 -44.89 -8.69
C LYS A 11 7.16 -43.44 -8.66
N GLN A 12 6.37 -42.54 -8.06
CA GLN A 12 6.71 -41.11 -7.94
C GLN A 12 7.45 -40.89 -6.61
N ALA A 13 8.74 -40.56 -6.69
CA ALA A 13 9.64 -40.45 -5.52
C ALA A 13 10.33 -39.08 -5.53
N SER A 14 9.88 -38.16 -4.65
CA SER A 14 10.43 -36.80 -4.54
C SER A 14 10.15 -36.26 -3.12
N ALA A 15 11.21 -35.73 -2.46
CA ALA A 15 11.10 -35.14 -1.12
C ALA A 15 10.67 -33.66 -1.24
N SER A 16 11.62 -32.77 -1.62
CA SER A 16 11.41 -31.32 -1.82
C SER A 16 10.97 -30.60 -0.52
N TYR A 17 11.83 -29.70 -0.02
CA TYR A 17 11.56 -28.89 1.18
C TYR A 17 12.26 -27.53 1.05
N ASP A 18 11.51 -26.46 1.34
CA ASP A 18 12.00 -25.07 1.29
C ASP A 18 10.94 -24.13 1.91
N SER A 19 11.42 -23.15 2.69
CA SER A 19 10.58 -22.07 3.24
C SER A 19 11.42 -20.78 3.30
N GLU A 20 12.41 -20.68 2.39
CA GLU A 20 13.36 -19.55 2.40
C GLU A 20 12.83 -18.38 1.53
N GLU A 21 12.95 -17.16 2.05
CA GLU A 21 12.59 -15.93 1.34
C GLU A 21 13.49 -14.78 1.81
N GLU A 22 13.89 -13.94 0.84
CA GLU A 22 14.77 -12.77 1.05
C GLU A 22 14.07 -11.53 0.46
N GLU A 23 14.45 -10.35 0.98
CA GLU A 23 13.93 -9.06 0.48
C GLU A 23 14.71 -8.66 -0.79
N GLU A 24 14.00 -8.13 -1.78
CA GLU A 24 14.57 -7.79 -3.10
C GLU A 24 14.70 -6.28 -3.28
N GLY A 25 13.58 -5.60 -3.04
CA GLY A 25 13.42 -4.20 -3.40
C GLY A 25 13.42 -4.05 -4.91
N LEU A 26 12.81 -5.06 -5.59
CA LEU A 26 12.72 -5.13 -7.05
C LEU A 26 11.91 -3.94 -7.59
N PRO A 27 12.42 -3.19 -8.62
CA PRO A 27 11.65 -2.10 -9.24
C PRO A 27 10.29 -2.62 -9.77
N MET A 28 9.21 -2.08 -9.22
CA MET A 28 7.85 -2.39 -9.67
C MET A 28 7.57 -1.45 -10.85
N SER A 29 7.09 -2.01 -11.99
CA SER A 29 6.80 -1.22 -13.20
C SER A 29 5.67 -0.24 -12.92
N TYR A 30 5.70 0.90 -13.62
CA TYR A 30 4.73 2.01 -13.45
C TYR A 30 3.26 1.51 -13.57
N ASP A 31 2.99 0.62 -14.54
CA ASP A 31 1.64 0.09 -14.79
C ASP A 31 1.25 -0.97 -13.74
N GLU A 32 2.26 -1.66 -13.16
CA GLU A 32 2.05 -2.58 -12.04
C GLU A 32 1.71 -1.81 -10.74
N LYS A 33 2.19 -0.55 -10.68
CA LYS A 33 1.88 0.39 -9.59
C LYS A 33 0.43 0.91 -9.72
N ARG A 34 -0.06 1.02 -10.98
CA ARG A 34 -1.49 1.29 -11.27
C ARG A 34 -2.36 0.15 -10.72
N GLN A 35 -1.96 -1.09 -11.03
CA GLN A 35 -2.67 -2.31 -10.61
C GLN A 35 -2.76 -2.36 -9.07
N LEU A 36 -1.60 -2.15 -8.41
CA LEU A 36 -1.48 -2.15 -6.94
C LEU A 36 -2.29 -0.98 -6.31
N SER A 37 -2.36 0.17 -7.02
CA SER A 37 -3.12 1.36 -6.58
C SER A 37 -4.61 1.02 -6.38
N LEU A 38 -5.17 0.30 -7.36
CA LEU A 38 -6.58 -0.15 -7.33
C LEU A 38 -6.79 -1.31 -6.34
N ASP A 39 -5.77 -2.19 -6.25
CA ASP A 39 -5.73 -3.30 -5.26
C ASP A 39 -5.80 -2.80 -3.80
N ILE A 40 -5.27 -1.60 -3.55
CA ILE A 40 -5.33 -0.94 -2.23
C ILE A 40 -6.58 -0.03 -2.12
N ASN A 41 -6.98 0.56 -3.25
CA ASN A 41 -8.15 1.49 -3.31
C ASN A 41 -9.47 0.77 -2.99
N ARG A 42 -9.55 -0.53 -3.36
CA ARG A 42 -10.75 -1.37 -3.11
C ARG A 42 -10.89 -1.73 -1.62
N LEU A 43 -9.75 -1.71 -0.88
CA LEU A 43 -9.72 -2.04 0.56
C LEU A 43 -10.48 -0.96 1.38
N PRO A 44 -11.24 -1.37 2.46
CA PRO A 44 -11.97 -0.42 3.34
C PRO A 44 -11.03 0.45 4.21
N GLY A 45 -11.60 1.51 4.82
CA GLY A 45 -10.84 2.50 5.61
C GLY A 45 -10.08 1.89 6.79
N GLU A 46 -10.71 0.94 7.50
CA GLU A 46 -10.08 0.20 8.62
C GLU A 46 -8.82 -0.57 8.16
N LYS A 47 -8.83 -1.02 6.88
CA LYS A 47 -7.71 -1.74 6.27
C LYS A 47 -6.63 -0.74 5.81
N LEU A 48 -7.08 0.46 5.39
CA LEU A 48 -6.18 1.55 4.95
C LEU A 48 -5.42 2.17 6.14
N GLY A 49 -5.75 1.73 7.38
CA GLY A 49 -5.02 2.12 8.58
C GLY A 49 -3.54 1.80 8.54
N ARG A 50 -3.19 0.53 8.19
CA ARG A 50 -1.78 0.11 8.05
C ARG A 50 -1.14 0.77 6.81
N VAL A 51 -1.93 0.88 5.73
CA VAL A 51 -1.47 1.47 4.45
C VAL A 51 -0.88 2.88 4.68
N VAL A 52 -1.66 3.75 5.35
CA VAL A 52 -1.21 5.13 5.64
C VAL A 52 -0.08 5.14 6.69
N HIS A 53 -0.11 4.14 7.60
CA HIS A 53 0.86 4.03 8.71
C HIS A 53 2.27 3.72 8.19
N ILE A 54 2.37 2.82 7.19
CA ILE A 54 3.65 2.39 6.63
C ILE A 54 4.18 3.39 5.58
N ILE A 55 3.27 4.18 4.98
CA ILE A 55 3.67 5.31 4.10
C ILE A 55 4.21 6.48 4.94
N GLN A 56 3.66 6.65 6.17
CA GLN A 56 4.17 7.66 7.14
C GLN A 56 5.43 7.13 7.87
N SER A 57 5.57 5.79 7.93
CA SER A 57 6.76 5.12 8.52
C SER A 57 7.99 5.36 7.62
N ARG A 58 7.75 5.37 6.31
CA ARG A 58 8.79 5.64 5.30
C ARG A 58 9.03 7.15 5.20
N GLU A 59 7.95 7.86 4.83
CA GLU A 59 7.99 9.31 4.58
C GLU A 59 7.27 10.01 5.74
N PRO A 60 8.00 10.41 6.84
CA PRO A 60 7.38 11.00 8.05
C PRO A 60 7.02 12.49 7.87
N SER A 61 7.30 13.02 6.66
CA SER A 61 7.02 14.41 6.30
C SER A 61 5.51 14.64 6.05
N LEU A 62 4.89 13.67 5.33
CA LEU A 62 3.54 13.82 4.73
C LEU A 62 2.42 14.06 5.79
N ARG A 63 2.61 13.49 6.99
CA ARG A 63 1.66 13.63 8.12
C ARG A 63 1.60 15.07 8.67
N ASP A 64 2.73 15.78 8.63
CA ASP A 64 2.83 17.19 9.08
C ASP A 64 2.76 18.16 7.89
N SER A 65 2.88 17.63 6.66
CA SER A 65 2.66 18.40 5.42
C SER A 65 1.15 18.66 5.27
N ASN A 66 0.38 17.56 5.15
CA ASN A 66 -1.09 17.54 5.19
C ASN A 66 -1.54 16.53 6.26
N PRO A 67 -2.06 17.01 7.45
CA PRO A 67 -2.51 16.11 8.56
C PRO A 67 -3.80 15.33 8.24
N ASP A 68 -4.48 15.71 7.14
CA ASP A 68 -5.77 15.10 6.74
C ASP A 68 -5.77 14.62 5.28
N GLU A 69 -4.66 14.81 4.53
CA GLU A 69 -4.58 14.42 3.10
C GLU A 69 -3.22 13.74 2.79
N ILE A 70 -3.20 12.40 2.89
CA ILE A 70 -1.99 11.60 2.63
C ILE A 70 -1.95 11.20 1.14
N GLU A 71 -1.23 12.00 0.34
CA GLU A 71 -1.08 11.76 -1.10
C GLU A 71 -0.08 10.61 -1.34
N ILE A 72 -0.63 9.39 -1.50
CA ILE A 72 0.14 8.18 -1.77
C ILE A 72 0.37 8.05 -3.30
N ASP A 73 1.57 8.43 -3.75
CA ASP A 73 1.95 8.38 -5.17
C ASP A 73 2.86 7.16 -5.43
N PHE A 74 2.22 6.05 -5.84
CA PHE A 74 2.87 4.74 -6.12
C PHE A 74 4.03 4.87 -7.11
N GLU A 75 3.81 5.72 -8.13
CA GLU A 75 4.77 6.05 -9.20
C GLU A 75 6.20 6.34 -8.66
N THR A 76 6.29 6.96 -7.47
CA THR A 76 7.57 7.31 -6.84
C THR A 76 7.95 6.28 -5.75
N LEU A 77 6.90 5.73 -5.05
CA LEU A 77 7.07 4.91 -3.81
C LEU A 77 8.18 3.87 -3.90
N LYS A 78 8.98 3.79 -2.82
CA LYS A 78 10.17 2.95 -2.72
C LYS A 78 9.77 1.45 -2.91
N PRO A 79 10.42 0.71 -3.87
CA PRO A 79 10.09 -0.73 -4.19
C PRO A 79 10.06 -1.68 -2.97
N THR A 80 10.81 -1.32 -1.94
CA THR A 80 10.87 -2.04 -0.66
C THR A 80 9.54 -1.93 0.12
N THR A 81 8.98 -0.70 0.13
CA THR A 81 7.67 -0.38 0.72
C THR A 81 6.53 -1.04 -0.07
N LEU A 82 6.76 -1.19 -1.39
CA LEU A 82 5.78 -1.78 -2.33
C LEU A 82 5.59 -3.28 -2.06
N ARG A 83 6.57 -3.94 -1.39
CA ARG A 83 6.38 -5.32 -0.89
C ARG A 83 5.37 -5.32 0.27
N GLU A 84 5.51 -4.34 1.19
CA GLU A 84 4.65 -4.25 2.40
C GLU A 84 3.18 -3.97 2.01
N LEU A 85 3.01 -3.06 1.04
CA LEU A 85 1.72 -2.71 0.45
C LEU A 85 1.08 -3.93 -0.26
N GLU A 86 1.86 -4.56 -1.17
CA GLU A 86 1.40 -5.70 -1.99
C GLU A 86 1.00 -6.89 -1.11
N ARG A 87 1.92 -7.31 -0.21
CA ARG A 87 1.79 -8.50 0.65
C ARG A 87 0.60 -8.34 1.61
N TYR A 88 0.31 -7.08 1.99
CA TYR A 88 -0.85 -6.73 2.82
C TYR A 88 -2.16 -7.04 2.07
N VAL A 89 -2.22 -6.62 0.79
CA VAL A 89 -3.39 -6.87 -0.08
C VAL A 89 -3.54 -8.37 -0.38
N LYS A 90 -2.39 -9.06 -0.53
CA LYS A 90 -2.35 -10.53 -0.76
C LYS A 90 -2.97 -11.27 0.43
N SER A 91 -2.56 -10.85 1.64
CA SER A 91 -3.04 -11.45 2.92
C SER A 91 -4.52 -11.11 3.18
N CYS A 92 -4.98 -9.99 2.59
CA CYS A 92 -6.38 -9.52 2.69
C CYS A 92 -7.29 -10.30 1.73
N LEU A 93 -6.82 -10.52 0.49
CA LEU A 93 -7.59 -11.19 -0.57
C LEU A 93 -7.42 -12.71 -0.47
N GLN A 94 -6.15 -13.17 -0.69
CA GLN A 94 -5.76 -14.61 -0.66
C GLN A 94 -6.45 -15.41 -1.78
N LYS A 95 -6.78 -14.72 -2.89
CA LYS A 95 -7.37 -15.34 -4.08
C LYS A 95 -6.34 -15.41 -5.22
N LYS A 96 -6.62 -16.26 -6.22
CA LYS A 96 -5.76 -16.45 -7.40
C LYS A 96 -6.37 -15.66 -8.58
N GLU B 1 -2.20 16.54 -30.22
CA GLU B 1 -2.66 15.87 -28.97
C GLU B 1 -2.44 16.81 -27.77
N PHE B 2 -1.16 17.11 -27.46
CA PHE B 2 -0.74 18.04 -26.40
C PHE B 2 -1.36 17.69 -25.03
N THR B 3 -0.82 16.64 -24.39
CA THR B 3 -1.24 16.19 -23.05
C THR B 3 -0.14 16.47 -22.01
N GLY B 4 -0.52 16.34 -20.72
CA GLY B 4 0.41 16.48 -19.60
C GLY B 4 1.19 15.19 -19.36
N SER B 5 1.04 14.61 -18.18
CA SER B 5 1.76 13.38 -17.79
C SER B 5 0.76 12.36 -17.19
N PRO B 6 0.82 11.05 -17.60
CA PRO B 6 0.08 9.96 -16.90
C PRO B 6 0.57 9.83 -15.44
N GLU B 7 -0.19 10.40 -14.52
CA GLU B 7 0.20 10.49 -13.09
C GLU B 7 -0.73 9.63 -12.21
N ILE B 8 -0.14 8.90 -11.25
CA ILE B 8 -0.85 7.97 -10.35
C ILE B 8 -0.59 8.34 -8.88
N LYS B 9 -1.60 8.97 -8.25
CA LYS B 9 -1.65 9.21 -6.81
C LYS B 9 -3.12 9.27 -6.37
N LEU B 10 -3.32 9.25 -5.04
CA LEU B 10 -4.64 9.41 -4.44
C LEU B 10 -4.50 10.08 -3.07
N LYS B 11 -5.31 11.13 -2.84
CA LYS B 11 -5.41 11.78 -1.54
C LYS B 11 -6.25 10.90 -0.61
N ILE B 12 -5.57 10.25 0.33
CA ILE B 12 -6.25 9.55 1.43
C ILE B 12 -6.73 10.62 2.43
N THR B 13 -7.94 11.14 2.17
CA THR B 13 -8.53 12.21 2.97
C THR B 13 -9.09 11.62 4.27
N LYS B 14 -8.36 11.85 5.38
CA LYS B 14 -8.74 11.43 6.72
C LYS B 14 -9.97 12.28 7.14
N THR B 15 -11.05 11.58 7.51
CA THR B 15 -12.33 12.21 7.84
C THR B 15 -12.95 11.50 9.06
N ILE B 16 -12.97 12.19 10.20
CA ILE B 16 -13.50 11.65 11.46
C ILE B 16 -15.02 11.85 11.49
N GLN B 17 -15.76 10.81 11.05
CA GLN B 17 -17.24 10.80 11.00
C GLN B 17 -17.78 9.84 12.07
N ASN B 18 -18.84 10.27 12.80
CA ASN B 18 -19.45 9.54 13.95
C ASN B 18 -18.48 9.48 15.15
N GLY B 19 -17.45 10.35 15.12
CA GLY B 19 -16.34 10.30 16.08
C GLY B 19 -15.34 9.19 15.77
N ARG B 20 -15.43 8.62 14.57
CA ARG B 20 -14.59 7.50 14.10
C ARG B 20 -13.75 7.99 12.91
N GLU B 21 -12.41 7.87 13.02
CA GLU B 21 -11.51 8.24 11.90
C GLU B 21 -11.68 7.24 10.73
N LEU B 22 -11.97 7.79 9.55
CA LEU B 22 -12.19 7.02 8.31
C LEU B 22 -11.25 7.56 7.22
N PHE B 23 -11.17 6.86 6.09
CA PHE B 23 -10.31 7.25 4.95
C PHE B 23 -11.13 7.20 3.65
N GLU B 24 -11.14 8.32 2.92
CA GLU B 24 -11.70 8.40 1.57
C GLU B 24 -10.54 8.47 0.57
N SER B 25 -10.39 7.43 -0.25
CA SER B 25 -9.33 7.34 -1.24
C SER B 25 -9.77 8.04 -2.55
N SER B 26 -9.54 9.36 -2.61
CA SER B 26 -9.89 10.19 -3.78
C SER B 26 -8.69 10.29 -4.74
N LEU B 27 -8.80 9.65 -5.92
CA LEU B 27 -7.70 9.57 -6.91
C LEU B 27 -7.68 10.86 -7.75
N CYS B 28 -7.23 11.96 -7.10
CA CYS B 28 -7.22 13.35 -7.65
C CYS B 28 -8.63 14.00 -7.63
N GLY B 29 -9.66 13.22 -8.01
CA GLY B 29 -11.05 13.67 -7.97
C GLY B 29 -12.01 12.52 -7.66
N ASP B 30 -13.32 12.80 -7.78
CA ASP B 30 -14.40 11.84 -7.50
C ASP B 30 -14.90 11.20 -8.81
N LEU B 31 -14.75 11.96 -9.91
CA LEU B 31 -15.19 11.53 -11.25
C LEU B 31 -13.97 11.10 -12.08
N LEU B 32 -13.86 9.78 -12.32
CA LEU B 32 -12.87 9.18 -13.22
C LEU B 32 -13.60 8.14 -14.10
N ASN B 33 -13.75 8.44 -15.39
CA ASN B 33 -14.47 7.58 -16.35
C ASN B 33 -13.52 7.05 -17.45
N GLU B 34 -12.21 7.36 -17.33
CA GLU B 34 -11.18 6.92 -18.30
C GLU B 34 -10.72 5.49 -17.93
N VAL B 35 -11.64 4.57 -18.17
CA VAL B 35 -11.42 3.12 -18.07
C VAL B 35 -11.40 2.52 -19.49
N GLN B 36 -10.72 1.37 -19.64
CA GLN B 36 -10.57 0.71 -20.96
C GLN B 36 -11.76 -0.21 -21.24
N ALA B 37 -12.13 -0.31 -22.51
CA ALA B 37 -13.23 -1.19 -23.00
C ALA B 37 -12.69 -2.28 -23.95
N SER B 38 -11.39 -2.19 -24.28
CA SER B 38 -10.72 -3.09 -25.22
C SER B 38 -9.29 -3.39 -24.74
N GLU B 39 -8.72 -4.51 -25.21
CA GLU B 39 -7.34 -4.93 -24.88
C GLU B 39 -6.62 -5.37 -26.20
N HIS A 1 64.05 -4.85 44.49
CA HIS A 1 62.91 -4.20 43.82
C HIS A 1 62.52 -5.01 42.56
N HIS A 2 61.47 -5.86 42.69
CA HIS A 2 60.95 -6.65 41.55
C HIS A 2 59.43 -6.77 41.64
N HIS A 3 58.74 -6.60 40.50
CA HIS A 3 57.29 -6.79 40.38
C HIS A 3 57.00 -7.53 39.07
N HIS A 4 56.19 -8.60 39.14
CA HIS A 4 55.79 -9.38 37.97
C HIS A 4 54.30 -9.69 38.02
N HIS A 5 53.51 -8.91 37.27
CA HIS A 5 52.11 -9.22 36.99
C HIS A 5 52.05 -10.32 35.93
N HIS A 6 51.49 -11.49 36.30
CA HIS A 6 51.22 -12.56 35.34
C HIS A 6 49.97 -12.21 34.52
N SER A 7 50.08 -12.31 33.19
CA SER A 7 48.97 -12.00 32.28
C SER A 7 47.93 -13.13 32.29
N HIS A 8 46.65 -12.76 32.09
CA HIS A 8 45.51 -13.68 32.11
C HIS A 8 44.81 -13.60 30.75
N MET A 9 44.85 -14.69 29.97
CA MET A 9 44.26 -14.74 28.62
C MET A 9 43.10 -15.74 28.57
N GLY A 10 42.24 -15.60 27.56
CA GLY A 10 41.08 -16.45 27.35
C GLY A 10 40.75 -16.60 25.88
N LYS A 11 41.28 -17.64 25.25
CA LYS A 11 41.07 -17.94 23.82
C LYS A 11 39.61 -18.33 23.55
N GLN A 12 39.01 -17.77 22.49
CA GLN A 12 37.64 -18.08 22.07
C GLN A 12 37.67 -18.60 20.62
N ALA A 13 37.06 -19.76 20.40
CA ALA A 13 37.13 -20.50 19.11
C ALA A 13 35.76 -20.46 18.41
N SER A 14 35.46 -19.34 17.74
CA SER A 14 34.23 -19.14 16.97
C SER A 14 34.54 -18.24 15.76
N ALA A 15 34.88 -18.87 14.62
CA ALA A 15 35.21 -18.17 13.37
C ALA A 15 33.94 -17.53 12.77
N SER A 16 32.94 -18.41 12.46
CA SER A 16 31.63 -18.02 11.89
C SER A 16 31.78 -17.32 10.52
N TYR A 17 30.66 -16.83 9.95
CA TYR A 17 30.66 -16.06 8.70
C TYR A 17 29.32 -15.31 8.53
N ASP A 18 29.36 -14.19 7.79
CA ASP A 18 28.16 -13.43 7.35
C ASP A 18 28.59 -12.41 6.28
N SER A 19 28.17 -12.68 5.04
CA SER A 19 28.37 -11.78 3.88
C SER A 19 27.06 -11.61 3.09
N GLU A 20 26.03 -12.41 3.43
CA GLU A 20 24.75 -12.43 2.71
C GLU A 20 23.91 -11.19 3.08
N GLU A 21 23.71 -10.27 2.13
CA GLU A 21 22.77 -9.13 2.24
C GLU A 21 21.99 -9.00 0.92
N GLU A 22 20.66 -9.12 1.01
CA GLU A 22 19.72 -8.90 -0.11
C GLU A 22 19.01 -7.54 0.07
N GLU A 23 18.31 -7.10 -0.97
CA GLU A 23 17.48 -5.87 -0.96
C GLU A 23 16.00 -6.26 -1.03
N GLU A 24 15.11 -5.37 -0.53
CA GLU A 24 13.64 -5.54 -0.56
C GLU A 24 13.02 -4.66 -1.65
N GLY A 25 13.86 -3.80 -2.28
CA GLY A 25 13.42 -2.85 -3.30
C GLY A 25 13.43 -3.45 -4.69
N LEU A 26 12.67 -4.54 -4.86
CA LEU A 26 12.45 -5.21 -6.16
C LEU A 26 11.76 -4.26 -7.18
N PRO A 27 12.26 -4.18 -8.46
CA PRO A 27 11.66 -3.28 -9.48
C PRO A 27 10.19 -3.65 -9.80
N MET A 28 9.28 -2.69 -9.62
CA MET A 28 7.84 -2.88 -9.88
C MET A 28 7.46 -2.05 -11.12
N SER A 29 6.68 -2.64 -12.04
CA SER A 29 6.27 -1.99 -13.30
C SER A 29 5.29 -0.84 -13.05
N TYR A 30 5.22 0.11 -14.00
CA TYR A 30 4.34 1.29 -13.94
C TYR A 30 2.86 0.87 -13.92
N ASP A 31 2.55 -0.17 -14.71
CA ASP A 31 1.24 -0.84 -14.76
C ASP A 31 0.90 -1.46 -13.39
N GLU A 32 1.93 -2.01 -12.69
CA GLU A 32 1.77 -2.62 -11.37
C GLU A 32 1.67 -1.56 -10.26
N LYS A 33 2.20 -0.34 -10.52
CA LYS A 33 2.01 0.82 -9.63
C LYS A 33 0.53 1.20 -9.61
N ARG A 34 -0.05 1.27 -10.82
CA ARG A 34 -1.49 1.53 -11.04
C ARG A 34 -2.35 0.39 -10.50
N GLN A 35 -1.91 -0.86 -10.74
CA GLN A 35 -2.65 -2.07 -10.35
C GLN A 35 -2.80 -2.15 -8.83
N LEU A 36 -1.65 -2.03 -8.13
CA LEU A 36 -1.61 -2.05 -6.66
C LEU A 36 -2.39 -0.85 -6.07
N SER A 37 -2.28 0.32 -6.73
CA SER A 37 -2.99 1.56 -6.37
C SER A 37 -4.53 1.32 -6.30
N LEU A 38 -5.07 0.67 -7.35
CA LEU A 38 -6.51 0.34 -7.47
C LEU A 38 -6.86 -0.87 -6.57
N ASP A 39 -5.85 -1.73 -6.31
CA ASP A 39 -6.02 -2.95 -5.51
C ASP A 39 -6.14 -2.61 -4.00
N ILE A 40 -5.60 -1.44 -3.63
CA ILE A 40 -5.73 -0.85 -2.29
C ILE A 40 -7.03 0.00 -2.21
N ASN A 41 -7.48 0.54 -3.36
CA ASN A 41 -8.77 1.29 -3.47
C ASN A 41 -9.98 0.38 -3.19
N ARG A 42 -9.85 -0.91 -3.52
CA ARG A 42 -10.95 -1.88 -3.32
C ARG A 42 -10.95 -2.48 -1.88
N LEU A 43 -9.87 -2.21 -1.12
CA LEU A 43 -9.83 -2.54 0.33
C LEU A 43 -10.64 -1.48 1.11
N PRO A 44 -11.46 -1.89 2.14
CA PRO A 44 -12.30 -0.95 2.92
C PRO A 44 -11.44 0.03 3.78
N GLY A 45 -12.07 1.16 4.16
CA GLY A 45 -11.39 2.32 4.73
C GLY A 45 -10.64 2.08 6.03
N GLU A 46 -11.02 1.03 6.80
CA GLU A 46 -10.38 0.73 8.10
C GLU A 46 -9.06 -0.04 7.91
N LYS A 47 -8.98 -0.91 6.88
CA LYS A 47 -7.75 -1.69 6.59
C LYS A 47 -6.66 -0.81 5.98
N LEU A 48 -7.09 0.35 5.46
CA LEU A 48 -6.18 1.39 4.96
C LEU A 48 -5.40 2.05 6.12
N GLY A 49 -5.75 1.70 7.37
CA GLY A 49 -5.04 2.16 8.57
C GLY A 49 -3.58 1.74 8.62
N ARG A 50 -3.30 0.47 8.25
CA ARG A 50 -1.91 -0.05 8.20
C ARG A 50 -1.15 0.55 7.00
N VAL A 51 -1.89 0.72 5.89
CA VAL A 51 -1.38 1.33 4.65
C VAL A 51 -0.85 2.74 4.93
N VAL A 52 -1.72 3.60 5.51
CA VAL A 52 -1.38 5.01 5.75
C VAL A 52 -0.32 5.15 6.85
N HIS A 53 -0.32 4.21 7.81
CA HIS A 53 0.63 4.21 8.92
C HIS A 53 2.07 4.10 8.41
N ILE A 54 2.31 3.08 7.54
CA ILE A 54 3.67 2.78 7.06
C ILE A 54 4.15 3.80 6.01
N ILE A 55 3.21 4.48 5.32
CA ILE A 55 3.56 5.56 4.36
C ILE A 55 3.89 6.86 5.13
N GLN A 56 3.15 7.13 6.21
CA GLN A 56 3.43 8.27 7.12
C GLN A 56 4.74 8.04 7.90
N SER A 57 5.07 6.76 8.15
CA SER A 57 6.32 6.37 8.83
C SER A 57 7.52 6.48 7.86
N ARG A 58 7.28 6.15 6.58
CA ARG A 58 8.32 6.11 5.55
C ARG A 58 8.70 7.53 5.11
N GLU A 59 7.69 8.23 4.60
CA GLU A 59 7.85 9.57 3.98
C GLU A 59 7.43 10.68 4.98
N PRO A 60 8.41 11.47 5.52
CA PRO A 60 8.12 12.62 6.42
C PRO A 60 7.64 13.88 5.66
N SER A 61 7.76 13.85 4.32
CA SER A 61 7.48 15.01 3.45
C SER A 61 6.03 15.50 3.61
N LEU A 62 5.08 14.59 3.34
CA LEU A 62 3.64 14.88 3.37
C LEU A 62 3.00 14.47 4.71
N ARG A 63 3.81 13.83 5.58
CA ARG A 63 3.41 13.47 6.96
C ARG A 63 3.34 14.74 7.81
N ASP A 64 4.40 15.55 7.71
CA ASP A 64 4.55 16.81 8.44
C ASP A 64 3.49 17.83 8.01
N SER A 65 3.24 17.88 6.70
CA SER A 65 2.29 18.82 6.08
C SER A 65 0.83 18.38 6.35
N ASN A 66 0.38 17.31 5.68
CA ASN A 66 -1.02 16.84 5.74
C ASN A 66 -1.09 15.37 6.21
N PRO A 67 -1.25 15.14 7.56
CA PRO A 67 -1.60 13.79 8.08
C PRO A 67 -3.12 13.49 7.98
N ASP A 68 -3.90 14.46 7.45
CA ASP A 68 -5.34 14.30 7.18
C ASP A 68 -5.53 13.87 5.72
N GLU A 69 -4.82 14.51 4.78
CA GLU A 69 -4.82 14.16 3.34
C GLU A 69 -3.45 13.56 2.98
N ILE A 70 -3.38 12.24 3.10
CA ILE A 70 -2.12 11.47 3.04
C ILE A 70 -1.87 11.06 1.58
N GLU A 71 -1.20 11.96 0.84
CA GLU A 71 -0.97 11.82 -0.61
C GLU A 71 0.06 10.72 -0.89
N ILE A 72 -0.46 9.49 -1.01
CA ILE A 72 0.35 8.29 -1.29
C ILE A 72 0.59 8.18 -2.80
N ASP A 73 1.70 8.78 -3.26
CA ASP A 73 2.15 8.73 -4.67
C ASP A 73 3.00 7.47 -4.93
N PHE A 74 2.26 6.37 -5.27
CA PHE A 74 2.80 4.99 -5.43
C PHE A 74 4.01 4.93 -6.39
N GLU A 75 3.89 5.67 -7.50
CA GLU A 75 4.90 5.70 -8.58
C GLU A 75 6.32 6.03 -8.06
N THR A 76 6.41 6.97 -7.09
CA THR A 76 7.68 7.48 -6.55
C THR A 76 8.09 6.76 -5.26
N LEU A 77 7.13 6.08 -4.60
CA LEU A 77 7.38 5.36 -3.34
C LEU A 77 8.42 4.26 -3.54
N LYS A 78 9.23 4.03 -2.48
CA LYS A 78 10.27 2.99 -2.45
C LYS A 78 9.63 1.62 -2.75
N PRO A 79 10.21 0.81 -3.68
CA PRO A 79 9.66 -0.52 -4.05
C PRO A 79 9.64 -1.52 -2.86
N THR A 80 10.44 -1.23 -1.80
CA THR A 80 10.41 -1.98 -0.53
C THR A 80 9.11 -1.69 0.26
N THR A 81 8.65 -0.43 0.17
CA THR A 81 7.42 0.03 0.84
C THR A 81 6.19 -0.50 0.08
N LEU A 82 6.30 -0.44 -1.25
CA LEU A 82 5.28 -0.97 -2.18
C LEU A 82 5.22 -2.50 -2.12
N ARG A 83 6.35 -3.13 -1.75
CA ARG A 83 6.43 -4.58 -1.53
C ARG A 83 5.55 -4.95 -0.32
N GLU A 84 5.69 -4.19 0.77
CA GLU A 84 4.92 -4.39 2.00
C GLU A 84 3.42 -4.18 1.77
N LEU A 85 3.07 -3.13 0.99
CA LEU A 85 1.70 -2.88 0.55
C LEU A 85 1.17 -4.09 -0.26
N GLU A 86 1.99 -4.51 -1.24
CA GLU A 86 1.61 -5.52 -2.25
C GLU A 86 1.28 -6.87 -1.58
N ARG A 87 2.20 -7.35 -0.73
CA ARG A 87 2.07 -8.65 -0.06
C ARG A 87 0.98 -8.64 1.04
N TYR A 88 0.70 -7.44 1.59
CA TYR A 88 -0.38 -7.23 2.59
C TYR A 88 -1.76 -7.40 1.95
N VAL A 89 -1.92 -6.78 0.76
CA VAL A 89 -3.18 -6.84 -0.01
C VAL A 89 -3.41 -8.27 -0.53
N LYS A 90 -2.31 -8.97 -0.86
CA LYS A 90 -2.35 -10.40 -1.24
C LYS A 90 -2.80 -11.29 -0.07
N SER A 91 -2.46 -10.91 1.17
CA SER A 91 -2.89 -11.66 2.37
C SER A 91 -4.40 -11.54 2.59
N CYS A 92 -4.96 -10.38 2.21
CA CYS A 92 -6.38 -10.06 2.38
C CYS A 92 -7.24 -10.70 1.27
N LEU A 93 -6.80 -10.56 0.01
CA LEU A 93 -7.57 -10.95 -1.19
C LEU A 93 -7.20 -12.37 -1.68
N GLN A 94 -5.89 -12.68 -1.61
CA GLN A 94 -5.31 -13.99 -2.01
C GLN A 94 -5.55 -14.28 -3.50
N LYS A 95 -4.68 -13.71 -4.35
CA LYS A 95 -4.74 -13.86 -5.82
C LYS A 95 -3.38 -13.51 -6.45
N LYS A 96 -3.35 -13.53 -7.79
CA LYS A 96 -2.16 -13.22 -8.61
C LYS A 96 -2.54 -12.15 -9.65
N GLU B 1 -2.93 19.59 -27.29
CA GLU B 1 -2.03 19.46 -26.13
C GLU B 1 -0.56 19.50 -26.64
N PHE B 2 0.39 19.73 -25.72
CA PHE B 2 1.84 19.73 -26.01
C PHE B 2 2.59 19.30 -24.74
N THR B 3 2.25 19.93 -23.60
CA THR B 3 2.84 19.63 -22.28
C THR B 3 1.72 19.24 -21.28
N GLY B 4 1.69 17.95 -20.90
CA GLY B 4 0.72 17.43 -19.93
C GLY B 4 1.40 16.46 -18.98
N SER B 5 1.66 16.89 -17.74
CA SER B 5 2.39 16.11 -16.73
C SER B 5 1.41 15.18 -15.94
N PRO B 6 1.48 13.82 -16.13
CA PRO B 6 0.63 12.85 -15.37
C PRO B 6 1.19 12.57 -13.95
N GLU B 7 0.41 11.87 -13.11
CA GLU B 7 0.86 11.42 -11.77
C GLU B 7 -0.08 10.37 -11.17
N ILE B 8 0.50 9.46 -10.37
CA ILE B 8 -0.22 8.42 -9.62
C ILE B 8 -0.11 8.74 -8.12
N LYS B 9 -1.07 9.50 -7.57
CA LYS B 9 -1.19 9.70 -6.10
C LYS B 9 -2.64 9.51 -5.67
N LEU B 10 -2.82 8.92 -4.49
CA LEU B 10 -4.11 8.78 -3.83
C LEU B 10 -3.98 9.34 -2.42
N LYS B 11 -4.54 10.53 -2.20
CA LYS B 11 -4.59 11.13 -0.88
C LYS B 11 -5.71 10.50 -0.06
N ILE B 12 -5.33 9.81 1.00
CA ILE B 12 -6.25 9.30 2.01
C ILE B 12 -6.66 10.49 2.88
N THR B 13 -7.88 10.95 2.66
CA THR B 13 -8.42 12.16 3.27
C THR B 13 -9.38 11.77 4.41
N LYS B 14 -9.11 12.34 5.60
CA LYS B 14 -9.84 12.04 6.83
C LYS B 14 -11.27 12.61 6.74
N THR B 15 -12.27 11.75 6.88
CA THR B 15 -13.68 12.13 6.75
C THR B 15 -14.21 12.73 8.06
N ILE B 16 -15.49 13.10 8.07
CA ILE B 16 -16.18 13.61 9.26
C ILE B 16 -16.46 12.45 10.26
N GLN B 17 -16.41 12.78 11.56
CA GLN B 17 -16.80 11.85 12.64
C GLN B 17 -18.20 12.22 13.16
N ASN B 18 -18.91 11.20 13.67
CA ASN B 18 -20.28 11.34 14.22
C ASN B 18 -20.60 10.19 15.18
N GLY B 19 -19.54 9.48 15.60
CA GLY B 19 -19.64 8.21 16.33
C GLY B 19 -18.51 7.31 15.90
N ARG B 20 -18.34 7.21 14.57
CA ARG B 20 -17.18 6.57 13.94
C ARG B 20 -16.55 7.58 12.94
N GLU B 21 -15.21 7.63 12.87
CA GLU B 21 -14.48 8.40 11.84
C GLU B 21 -13.87 7.44 10.80
N LEU B 22 -13.95 7.83 9.51
CA LEU B 22 -13.39 7.05 8.38
C LEU B 22 -12.30 7.88 7.70
N PHE B 23 -11.68 7.28 6.68
CA PHE B 23 -10.71 7.95 5.80
C PHE B 23 -10.59 7.15 4.49
N GLU B 24 -10.60 7.87 3.34
CA GLU B 24 -10.75 7.25 1.99
C GLU B 24 -9.71 7.79 1.01
N SER B 25 -9.24 6.92 0.09
CA SER B 25 -8.22 7.25 -0.93
C SER B 25 -8.87 7.86 -2.20
N SER B 26 -8.30 8.98 -2.69
CA SER B 26 -8.82 9.69 -3.90
C SER B 26 -7.71 10.54 -4.55
N LEU B 27 -7.95 10.93 -5.82
CA LEU B 27 -7.09 11.89 -6.55
C LEU B 27 -7.30 13.30 -5.96
N CYS B 28 -8.59 13.65 -5.82
CA CYS B 28 -9.02 14.95 -5.31
C CYS B 28 -10.46 14.84 -4.77
N GLY B 29 -11.36 14.21 -5.56
CA GLY B 29 -12.75 13.97 -5.15
C GLY B 29 -13.72 14.96 -5.79
N ASP B 30 -13.71 14.95 -7.14
CA ASP B 30 -14.57 15.84 -7.95
C ASP B 30 -15.90 15.13 -8.30
N LEU B 31 -16.00 14.48 -9.47
CA LEU B 31 -17.16 13.66 -9.86
C LEU B 31 -16.68 12.26 -10.28
N LEU B 32 -15.52 12.21 -10.97
CA LEU B 32 -15.00 10.99 -11.61
C LEU B 32 -13.65 10.55 -10.98
N ASN B 33 -13.05 9.47 -11.56
CA ASN B 33 -11.73 8.94 -11.15
C ASN B 33 -10.79 8.94 -12.38
N GLU B 34 -11.04 8.01 -13.33
CA GLU B 34 -10.30 7.93 -14.60
C GLU B 34 -11.20 8.43 -15.76
N VAL B 35 -12.14 7.56 -16.19
CA VAL B 35 -13.05 7.80 -17.31
C VAL B 35 -12.27 8.05 -18.62
N GLN B 36 -11.75 6.96 -19.19
CA GLN B 36 -11.20 6.91 -20.55
C GLN B 36 -11.77 5.69 -21.28
N ALA B 37 -11.91 5.81 -22.60
CA ALA B 37 -12.34 4.71 -23.50
C ALA B 37 -11.10 3.94 -23.96
N SER B 38 -10.35 3.40 -22.98
CA SER B 38 -9.14 2.61 -23.20
C SER B 38 -9.44 1.15 -22.82
N GLU B 39 -9.01 0.22 -23.69
CA GLU B 39 -9.18 -1.23 -23.47
C GLU B 39 -8.15 -1.69 -22.41
N HIS A 1 -20.29 -52.42 48.38
CA HIS A 1 -21.38 -52.73 47.43
C HIS A 1 -20.99 -52.36 46.00
N HIS A 2 -20.69 -51.06 45.76
CA HIS A 2 -20.43 -50.50 44.41
C HIS A 2 -19.04 -49.82 44.35
N HIS A 3 -18.55 -49.62 43.11
CA HIS A 3 -17.28 -48.91 42.82
C HIS A 3 -17.32 -48.36 41.39
N HIS A 4 -16.44 -47.39 41.09
CA HIS A 4 -16.40 -46.70 39.78
C HIS A 4 -14.94 -46.39 39.39
N HIS A 5 -14.66 -46.44 38.07
CA HIS A 5 -13.33 -46.12 37.49
C HIS A 5 -13.52 -45.29 36.19
N HIS A 6 -13.07 -44.01 36.23
CA HIS A 6 -13.02 -43.11 35.04
C HIS A 6 -11.60 -42.49 34.94
N SER A 7 -10.72 -43.14 34.16
CA SER A 7 -9.31 -42.74 33.99
C SER A 7 -9.08 -42.21 32.56
N HIS A 8 -8.30 -41.11 32.44
CA HIS A 8 -7.96 -40.47 31.17
C HIS A 8 -6.51 -39.96 31.22
N MET A 9 -5.73 -40.22 30.15
CA MET A 9 -4.33 -39.77 30.03
C MET A 9 -4.01 -39.49 28.55
N GLY A 10 -3.60 -38.24 28.25
CA GLY A 10 -3.20 -37.81 26.92
C GLY A 10 -2.19 -36.67 26.98
N LYS A 11 -1.04 -36.82 26.31
CA LYS A 11 0.07 -35.83 26.32
C LYS A 11 0.59 -35.56 24.90
N GLN A 12 0.10 -34.49 24.26
CA GLN A 12 0.63 -33.98 22.97
C GLN A 12 0.48 -32.43 22.93
N ALA A 13 1.63 -31.71 22.88
CA ALA A 13 1.68 -30.23 22.78
C ALA A 13 3.04 -29.80 22.22
N SER A 14 3.11 -29.64 20.89
CA SER A 14 4.33 -29.24 20.17
C SER A 14 3.95 -28.74 18.78
N ALA A 15 4.17 -27.45 18.50
CA ALA A 15 3.87 -26.84 17.18
C ALA A 15 5.18 -26.43 16.47
N SER A 16 5.78 -25.28 16.90
CA SER A 16 6.99 -24.67 16.30
C SER A 16 6.82 -24.32 14.79
N TYR A 17 6.96 -23.04 14.42
CA TYR A 17 6.78 -22.57 13.02
C TYR A 17 7.72 -21.40 12.71
N ASP A 18 7.96 -21.15 11.39
CA ASP A 18 8.80 -20.04 10.90
C ASP A 18 8.45 -19.81 9.41
N SER A 19 7.96 -18.60 9.09
CA SER A 19 7.39 -18.29 7.76
C SER A 19 8.48 -17.84 6.76
N GLU A 20 9.53 -17.12 7.27
CA GLU A 20 10.60 -16.51 6.45
C GLU A 20 10.02 -15.49 5.42
N GLU A 21 9.29 -14.47 5.92
CA GLU A 21 8.75 -13.41 5.06
C GLU A 21 9.87 -12.38 4.78
N GLU A 22 10.45 -12.51 3.58
CA GLU A 22 11.54 -11.66 3.11
C GLU A 22 10.97 -10.57 2.18
N GLU A 23 11.65 -9.42 2.15
CA GLU A 23 11.37 -8.37 1.16
C GLU A 23 12.46 -8.46 0.08
N GLU A 24 12.26 -7.75 -1.04
CA GLU A 24 13.17 -7.82 -2.21
C GLU A 24 13.53 -6.44 -2.75
N GLY A 25 12.74 -5.40 -2.41
CA GLY A 25 12.80 -4.10 -3.12
C GLY A 25 12.59 -4.30 -4.62
N LEU A 26 11.63 -5.19 -4.94
CA LEU A 26 11.40 -5.73 -6.30
C LEU A 26 11.06 -4.60 -7.30
N PRO A 27 11.66 -4.60 -8.55
CA PRO A 27 11.41 -3.55 -9.57
C PRO A 27 9.91 -3.47 -9.96
N MET A 28 9.17 -2.62 -9.22
CA MET A 28 7.73 -2.43 -9.39
C MET A 28 7.52 -1.37 -10.49
N SER A 29 7.13 -1.86 -11.69
CA SER A 29 6.96 -1.03 -12.90
C SER A 29 5.78 -0.06 -12.76
N TYR A 30 5.64 0.88 -13.72
CA TYR A 30 4.58 1.90 -13.73
C TYR A 30 3.17 1.26 -13.66
N ASP A 31 2.98 0.24 -14.51
CA ASP A 31 1.71 -0.53 -14.61
C ASP A 31 1.48 -1.36 -13.33
N GLU A 32 2.57 -1.89 -12.76
CA GLU A 32 2.54 -2.66 -11.49
C GLU A 32 2.10 -1.78 -10.31
N LYS A 33 2.50 -0.51 -10.35
CA LYS A 33 2.11 0.51 -9.37
C LYS A 33 0.61 0.83 -9.49
N ARG A 34 0.12 0.89 -10.75
CA ARG A 34 -1.32 1.11 -11.02
C ARG A 34 -2.16 -0.05 -10.46
N GLN A 35 -1.74 -1.30 -10.74
CA GLN A 35 -2.48 -2.52 -10.38
C GLN A 35 -2.55 -2.69 -8.84
N LEU A 36 -1.38 -2.53 -8.21
CA LEU A 36 -1.23 -2.55 -6.74
C LEU A 36 -2.14 -1.48 -6.09
N SER A 37 -2.18 -0.29 -6.72
CA SER A 37 -3.03 0.84 -6.31
C SER A 37 -4.54 0.52 -6.44
N LEU A 38 -4.93 -0.28 -7.46
CA LEU A 38 -6.34 -0.67 -7.70
C LEU A 38 -6.82 -1.67 -6.64
N ASP A 39 -5.95 -2.64 -6.29
CA ASP A 39 -6.23 -3.63 -5.23
C ASP A 39 -6.38 -2.95 -3.85
N ILE A 40 -5.69 -1.81 -3.66
CA ILE A 40 -5.82 -0.98 -2.43
C ILE A 40 -7.00 0.02 -2.55
N ASN A 41 -7.33 0.41 -3.78
CA ASN A 41 -8.43 1.38 -4.08
C ASN A 41 -9.81 0.78 -3.73
N ARG A 42 -9.90 -0.57 -3.81
CA ARG A 42 -11.14 -1.31 -3.50
C ARG A 42 -11.22 -1.68 -1.99
N LEU A 43 -10.11 -1.50 -1.25
CA LEU A 43 -10.06 -1.73 0.20
C LEU A 43 -10.79 -0.57 0.96
N PRO A 44 -11.70 -0.89 1.96
CA PRO A 44 -12.39 0.13 2.79
C PRO A 44 -11.42 0.96 3.68
N GLY A 45 -12.00 2.01 4.32
CA GLY A 45 -11.27 2.99 5.12
C GLY A 45 -10.49 2.40 6.30
N GLU A 46 -10.94 1.24 6.81
CA GLU A 46 -10.26 0.54 7.92
C GLU A 46 -8.93 -0.08 7.44
N LYS A 47 -8.93 -0.63 6.21
CA LYS A 47 -7.73 -1.28 5.61
C LYS A 47 -6.67 -0.24 5.29
N LEU A 48 -7.16 0.94 4.88
CA LEU A 48 -6.33 2.13 4.59
C LEU A 48 -5.56 2.61 5.85
N GLY A 49 -6.02 2.17 7.05
CA GLY A 49 -5.34 2.45 8.32
C GLY A 49 -3.92 1.91 8.37
N ARG A 50 -3.75 0.63 7.98
CA ARG A 50 -2.43 -0.02 7.96
C ARG A 50 -1.59 0.46 6.75
N VAL A 51 -2.30 0.71 5.63
CA VAL A 51 -1.74 1.30 4.40
C VAL A 51 -1.04 2.66 4.70
N VAL A 52 -1.73 3.56 5.42
CA VAL A 52 -1.16 4.87 5.73
C VAL A 52 -0.02 4.77 6.74
N HIS A 53 -0.15 3.86 7.75
CA HIS A 53 0.86 3.69 8.83
C HIS A 53 2.26 3.37 8.26
N ILE A 54 2.32 2.43 7.28
CA ILE A 54 3.59 2.07 6.60
C ILE A 54 4.09 3.24 5.72
N ILE A 55 3.15 4.03 5.16
CA ILE A 55 3.50 5.25 4.37
C ILE A 55 4.01 6.41 5.27
N GLN A 56 3.55 6.49 6.54
CA GLN A 56 4.01 7.53 7.50
C GLN A 56 5.47 7.27 7.90
N SER A 57 5.79 5.96 8.00
CA SER A 57 7.12 5.46 8.38
C SER A 57 8.16 5.68 7.25
N ARG A 58 7.69 5.63 5.99
CA ARG A 58 8.55 5.74 4.79
C ARG A 58 8.69 7.20 4.35
N GLU A 59 7.58 7.92 4.32
CA GLU A 59 7.48 9.28 3.75
C GLU A 59 7.07 10.27 4.87
N PRO A 60 8.06 10.89 5.61
CA PRO A 60 7.80 11.86 6.73
C PRO A 60 6.96 13.08 6.30
N SER A 61 7.03 13.44 5.01
CA SER A 61 6.25 14.55 4.44
C SER A 61 4.73 14.25 4.51
N LEU A 62 4.35 13.01 4.16
CA LEU A 62 2.93 12.57 4.14
C LEU A 62 2.37 12.33 5.57
N ARG A 63 3.24 12.54 6.58
CA ARG A 63 2.92 12.39 8.00
C ARG A 63 2.69 13.78 8.64
N ASP A 64 3.63 14.71 8.37
CA ASP A 64 3.67 16.03 9.06
C ASP A 64 3.02 17.15 8.23
N SER A 65 3.31 17.17 6.91
CA SER A 65 2.82 18.25 6.01
C SER A 65 1.28 18.25 5.95
N ASN A 66 0.70 17.10 5.57
CA ASN A 66 -0.76 16.86 5.66
C ASN A 66 -1.03 15.56 6.45
N PRO A 67 -1.36 15.65 7.78
CA PRO A 67 -1.87 14.50 8.57
C PRO A 67 -3.35 14.16 8.26
N ASP A 68 -3.96 14.96 7.34
CA ASP A 68 -5.32 14.72 6.82
C ASP A 68 -5.21 13.97 5.49
N GLU A 69 -4.67 14.65 4.47
CA GLU A 69 -4.53 14.10 3.10
C GLU A 69 -3.15 13.46 2.93
N ILE A 70 -3.09 12.15 3.16
CA ILE A 70 -1.85 11.37 3.01
C ILE A 70 -1.73 11.01 1.53
N GLU A 71 -1.06 11.90 0.77
CA GLU A 71 -1.01 11.84 -0.69
C GLU A 71 -0.05 10.76 -1.19
N ILE A 72 -0.57 9.51 -1.24
CA ILE A 72 0.21 8.33 -1.55
C ILE A 72 0.40 8.21 -3.09
N ASP A 73 1.44 8.87 -3.60
CA ASP A 73 1.90 8.69 -4.98
C ASP A 73 2.64 7.34 -5.07
N PHE A 74 1.89 6.28 -5.44
CA PHE A 74 2.44 4.93 -5.64
C PHE A 74 3.60 4.93 -6.65
N GLU A 75 3.46 5.81 -7.64
CA GLU A 75 4.48 6.07 -8.67
C GLU A 75 5.84 6.47 -8.08
N THR A 76 5.85 7.42 -7.11
CA THR A 76 7.12 7.91 -6.51
C THR A 76 7.49 7.07 -5.26
N LEU A 77 6.59 6.15 -4.82
CA LEU A 77 6.90 5.23 -3.71
C LEU A 77 8.01 4.28 -4.14
N LYS A 78 8.91 4.01 -3.18
CA LYS A 78 10.05 3.14 -3.38
C LYS A 78 9.57 1.70 -3.63
N PRO A 79 10.28 0.89 -4.46
CA PRO A 79 10.00 -0.57 -4.63
C PRO A 79 10.06 -1.35 -3.27
N THR A 80 10.82 -0.75 -2.33
CA THR A 80 10.94 -1.22 -0.95
C THR A 80 9.65 -0.93 -0.17
N THR A 81 9.16 0.32 -0.29
CA THR A 81 7.89 0.77 0.31
C THR A 81 6.71 -0.08 -0.20
N LEU A 82 6.72 -0.30 -1.52
CA LEU A 82 5.65 -1.00 -2.25
C LEU A 82 5.62 -2.49 -1.94
N ARG A 83 6.65 -2.98 -1.20
CA ARG A 83 6.69 -4.36 -0.73
C ARG A 83 5.78 -4.54 0.50
N GLU A 84 5.67 -3.50 1.35
CA GLU A 84 4.73 -3.50 2.51
C GLU A 84 3.28 -3.36 2.03
N LEU A 85 3.08 -2.49 1.00
CA LEU A 85 1.77 -2.31 0.33
C LEU A 85 1.32 -3.62 -0.32
N GLU A 86 2.27 -4.24 -1.05
CA GLU A 86 2.07 -5.55 -1.73
C GLU A 86 1.71 -6.63 -0.70
N ARG A 87 2.59 -6.78 0.32
CA ARG A 87 2.46 -7.84 1.36
C ARG A 87 1.08 -7.79 2.01
N TYR A 88 0.66 -6.58 2.41
CA TYR A 88 -0.61 -6.38 3.11
C TYR A 88 -1.83 -6.73 2.21
N VAL A 89 -1.93 -6.08 1.04
CA VAL A 89 -3.13 -6.18 0.18
C VAL A 89 -3.30 -7.61 -0.37
N LYS A 90 -2.18 -8.25 -0.72
CA LYS A 90 -2.16 -9.62 -1.23
C LYS A 90 -2.43 -10.65 -0.12
N SER A 91 -2.09 -10.33 1.13
CA SER A 91 -2.39 -11.18 2.29
C SER A 91 -3.89 -11.10 2.64
N CYS A 92 -4.45 -9.89 2.50
CA CYS A 92 -5.87 -9.60 2.82
C CYS A 92 -6.81 -10.25 1.79
N LEU A 93 -6.39 -10.16 0.51
CA LEU A 93 -7.20 -10.61 -0.63
C LEU A 93 -6.83 -12.07 -1.01
N GLN A 94 -5.52 -12.31 -1.28
CA GLN A 94 -4.95 -13.64 -1.70
C GLN A 94 -5.38 -14.03 -3.12
N LYS A 95 -6.67 -14.28 -3.30
CA LYS A 95 -7.28 -14.74 -4.57
C LYS A 95 -7.59 -13.52 -5.51
N LYS A 96 -6.71 -12.50 -5.50
CA LYS A 96 -6.87 -11.25 -6.28
C LYS A 96 -5.52 -10.80 -6.87
N GLU B 1 -4.54 22.91 -27.55
CA GLU B 1 -3.86 22.54 -26.28
C GLU B 1 -4.84 22.02 -25.20
N PHE B 2 -4.43 20.96 -24.49
CA PHE B 2 -5.05 20.53 -23.24
C PHE B 2 -3.93 20.00 -22.33
N THR B 3 -3.64 20.76 -21.26
CA THR B 3 -2.63 20.39 -20.27
C THR B 3 -3.25 19.44 -19.23
N GLY B 4 -2.67 18.23 -19.12
CA GLY B 4 -3.17 17.18 -18.22
C GLY B 4 -2.07 16.18 -17.89
N SER B 5 -1.65 16.12 -16.62
CA SER B 5 -0.54 15.27 -16.17
C SER B 5 -1.06 13.90 -15.65
N PRO B 6 -0.67 12.75 -16.31
CA PRO B 6 -0.93 11.38 -15.77
C PRO B 6 -0.26 11.20 -14.39
N GLU B 7 -0.98 10.54 -13.45
CA GLU B 7 -0.48 10.32 -12.08
C GLU B 7 -1.05 9.02 -11.48
N ILE B 8 -0.34 8.48 -10.47
CA ILE B 8 -0.78 7.34 -9.64
C ILE B 8 -0.71 7.80 -8.17
N LYS B 9 -1.70 8.59 -7.75
CA LYS B 9 -1.78 9.13 -6.38
C LYS B 9 -3.19 8.92 -5.84
N LEU B 10 -3.27 8.41 -4.60
CA LEU B 10 -4.51 8.32 -3.83
C LEU B 10 -4.24 9.05 -2.50
N LYS B 11 -4.72 10.31 -2.40
CA LYS B 11 -4.66 11.06 -1.15
C LYS B 11 -5.70 10.47 -0.19
N ILE B 12 -5.19 9.71 0.79
CA ILE B 12 -6.02 9.14 1.85
C ILE B 12 -6.39 10.28 2.81
N THR B 13 -7.57 10.85 2.58
CA THR B 13 -7.97 12.13 3.16
C THR B 13 -9.03 11.91 4.23
N LYS B 14 -8.67 12.31 5.45
CA LYS B 14 -9.54 12.25 6.63
C LYS B 14 -10.54 13.40 6.58
N THR B 15 -11.73 13.05 6.11
CA THR B 15 -12.83 13.99 5.80
C THR B 15 -14.15 13.19 5.85
N ILE B 16 -14.77 13.15 7.04
CA ILE B 16 -15.97 12.32 7.31
C ILE B 16 -17.01 13.09 8.14
N GLN B 17 -18.27 12.61 8.10
CA GLN B 17 -19.41 13.18 8.83
C GLN B 17 -20.27 12.02 9.36
N ASN B 18 -19.95 11.56 10.60
CA ASN B 18 -20.64 10.45 11.31
C ASN B 18 -20.43 9.08 10.59
N GLY B 19 -20.73 7.98 11.30
CA GLY B 19 -20.66 6.63 10.74
C GLY B 19 -19.24 6.10 10.68
N ARG B 20 -18.57 6.10 11.86
CA ARG B 20 -17.18 5.65 12.06
C ARG B 20 -16.18 6.62 11.40
N GLU B 21 -15.39 7.28 12.25
CA GLU B 21 -14.39 8.29 11.86
C GLU B 21 -13.19 7.59 11.20
N LEU B 22 -13.06 7.79 9.88
CA LEU B 22 -12.04 7.16 9.04
C LEU B 22 -11.63 8.11 7.89
N PHE B 23 -10.81 7.60 6.96
CA PHE B 23 -10.30 8.34 5.80
C PHE B 23 -10.56 7.54 4.49
N GLU B 24 -10.69 8.29 3.37
CA GLU B 24 -11.12 7.75 2.06
C GLU B 24 -9.98 7.90 1.03
N SER B 25 -10.10 7.20 -0.11
CA SER B 25 -9.12 7.26 -1.21
C SER B 25 -9.61 8.22 -2.31
N SER B 26 -8.94 9.39 -2.46
CA SER B 26 -9.22 10.35 -3.54
C SER B 26 -8.02 10.40 -4.50
N LEU B 27 -8.25 10.08 -5.79
CA LEU B 27 -7.19 9.85 -6.77
C LEU B 27 -6.56 11.19 -7.26
N CYS B 28 -7.06 11.76 -8.39
CA CYS B 28 -6.48 12.98 -9.01
C CYS B 28 -7.16 14.23 -8.39
N GLY B 29 -6.90 14.45 -7.08
CA GLY B 29 -7.52 15.51 -6.28
C GLY B 29 -8.97 15.20 -5.88
N ASP B 30 -9.46 14.03 -6.31
CA ASP B 30 -10.87 13.62 -6.17
C ASP B 30 -10.98 12.12 -6.47
N LEU B 31 -12.03 11.47 -5.94
CA LEU B 31 -12.22 10.01 -5.93
C LEU B 31 -12.94 9.48 -7.19
N LEU B 32 -13.01 10.32 -8.24
CA LEU B 32 -13.53 9.94 -9.56
C LEU B 32 -12.57 8.91 -10.22
N ASN B 33 -13.13 7.99 -11.01
CA ASN B 33 -12.35 6.98 -11.75
C ASN B 33 -11.64 7.64 -12.95
N GLU B 34 -12.35 8.59 -13.62
CA GLU B 34 -11.88 9.31 -14.82
C GLU B 34 -11.67 8.32 -15.99
N VAL B 35 -12.71 8.20 -16.84
CA VAL B 35 -12.77 7.21 -17.93
C VAL B 35 -13.59 7.77 -19.11
N GLN B 36 -12.92 7.90 -20.27
CA GLN B 36 -13.55 8.37 -21.53
C GLN B 36 -13.79 7.17 -22.47
N ALA B 37 -12.79 6.27 -22.52
CA ALA B 37 -12.85 5.03 -23.30
C ALA B 37 -11.89 4.02 -22.67
N SER B 38 -10.65 4.51 -22.40
CA SER B 38 -9.61 3.80 -21.63
C SER B 38 -9.18 2.50 -22.34
N GLU B 39 -8.16 2.60 -23.20
CA GLU B 39 -7.68 1.49 -24.04
C GLU B 39 -6.13 1.47 -24.04
N HIS A 1 -19.02 -51.39 13.81
CA HIS A 1 -20.11 -50.52 14.30
C HIS A 1 -19.60 -49.09 14.60
N HIS A 2 -20.50 -48.22 15.10
CA HIS A 2 -20.28 -46.76 15.17
C HIS A 2 -20.08 -46.21 13.74
N HIS A 3 -21.06 -46.52 12.87
CA HIS A 3 -21.05 -46.16 11.44
C HIS A 3 -20.95 -44.64 11.24
N HIS A 4 -21.93 -43.90 11.81
CA HIS A 4 -22.05 -42.42 11.69
C HIS A 4 -22.34 -41.99 10.22
N HIS A 5 -22.55 -40.68 10.01
CA HIS A 5 -22.81 -40.11 8.66
C HIS A 5 -21.80 -38.98 8.37
N HIS A 6 -21.31 -38.92 7.12
CA HIS A 6 -20.34 -37.88 6.69
C HIS A 6 -20.24 -37.83 5.15
N SER A 7 -19.52 -36.83 4.63
CA SER A 7 -19.29 -36.64 3.19
C SER A 7 -18.03 -35.77 2.99
N HIS A 8 -16.89 -36.44 2.77
CA HIS A 8 -15.57 -35.78 2.67
C HIS A 8 -15.35 -35.21 1.25
N MET A 9 -15.62 -33.91 1.08
CA MET A 9 -15.41 -33.19 -0.19
C MET A 9 -14.47 -31.98 0.03
N GLY A 10 -13.70 -31.61 -1.01
CA GLY A 10 -12.74 -30.52 -0.92
C GLY A 10 -12.02 -30.28 -2.24
N LYS A 11 -12.67 -29.55 -3.16
CA LYS A 11 -12.15 -29.27 -4.51
C LYS A 11 -11.34 -27.95 -4.53
N GLN A 12 -10.23 -27.94 -5.28
CA GLN A 12 -9.33 -26.78 -5.41
C GLN A 12 -8.93 -26.56 -6.89
N ALA A 13 -8.60 -25.30 -7.24
CA ALA A 13 -8.03 -24.94 -8.55
C ALA A 13 -6.50 -25.00 -8.52
N SER A 14 -5.96 -25.15 -7.30
CA SER A 14 -4.54 -25.41 -7.06
C SER A 14 -4.28 -26.92 -7.25
N ALA A 15 -4.38 -27.37 -8.51
CA ALA A 15 -4.22 -28.79 -8.87
C ALA A 15 -2.74 -29.20 -8.81
N SER A 16 -1.95 -28.73 -9.80
CA SER A 16 -0.51 -29.02 -9.88
C SER A 16 0.17 -28.06 -10.87
N TYR A 17 0.88 -27.06 -10.30
CA TYR A 17 1.63 -26.03 -11.06
C TYR A 17 2.53 -25.26 -10.08
N ASP A 18 3.54 -24.56 -10.62
CA ASP A 18 4.45 -23.71 -9.82
C ASP A 18 5.24 -22.77 -10.73
N SER A 19 5.70 -21.66 -10.14
CA SER A 19 6.59 -20.68 -10.79
C SER A 19 7.45 -20.02 -9.71
N GLU A 20 6.75 -19.33 -8.76
CA GLU A 20 7.35 -18.62 -7.60
C GLU A 20 8.34 -17.51 -8.04
N GLU A 21 8.86 -16.75 -7.07
CA GLU A 21 9.83 -15.68 -7.34
C GLU A 21 10.51 -15.25 -6.04
N GLU A 22 11.81 -15.02 -6.13
CA GLU A 22 12.63 -14.48 -5.05
C GLU A 22 12.36 -12.97 -4.98
N GLU A 23 12.25 -12.45 -3.75
CA GLU A 23 11.76 -11.08 -3.50
C GLU A 23 12.64 -10.38 -2.44
N GLU A 24 12.55 -9.04 -2.39
CA GLU A 24 13.52 -8.18 -1.68
C GLU A 24 13.01 -6.74 -1.68
N GLY A 25 12.55 -6.32 -2.85
CA GLY A 25 12.15 -4.94 -3.11
C GLY A 25 12.25 -4.66 -4.59
N LEU A 26 11.48 -5.44 -5.37
CA LEU A 26 11.50 -5.45 -6.85
C LEU A 26 11.18 -4.04 -7.43
N PRO A 27 11.95 -3.55 -8.45
CA PRO A 27 11.61 -2.30 -9.17
C PRO A 27 10.21 -2.43 -9.81
N MET A 28 9.23 -1.81 -9.17
CA MET A 28 7.81 -2.02 -9.42
C MET A 28 7.40 -1.18 -10.65
N SER A 29 6.80 -1.85 -11.66
CA SER A 29 6.43 -1.22 -12.96
C SER A 29 5.26 -0.23 -12.78
N TYR A 30 5.06 0.66 -13.78
CA TYR A 30 3.98 1.67 -13.78
C TYR A 30 2.59 1.00 -13.67
N ASP A 31 2.44 -0.12 -14.39
CA ASP A 31 1.21 -0.94 -14.36
C ASP A 31 1.00 -1.56 -12.97
N GLU A 32 2.13 -1.91 -12.31
CA GLU A 32 2.12 -2.53 -10.97
C GLU A 32 1.87 -1.47 -9.87
N LYS A 33 2.24 -0.21 -10.16
CA LYS A 33 1.92 0.96 -9.32
C LYS A 33 0.40 1.10 -9.23
N ARG A 34 -0.24 1.06 -10.41
CA ARG A 34 -1.68 1.18 -10.56
C ARG A 34 -2.40 -0.09 -10.07
N GLN A 35 -1.74 -1.27 -10.26
CA GLN A 35 -2.30 -2.58 -9.88
C GLN A 35 -2.52 -2.67 -8.36
N LEU A 36 -1.45 -2.32 -7.60
CA LEU A 36 -1.49 -2.24 -6.13
C LEU A 36 -2.53 -1.21 -5.69
N SER A 37 -2.57 -0.06 -6.39
CA SER A 37 -3.50 1.04 -6.14
C SER A 37 -4.97 0.60 -6.22
N LEU A 38 -5.28 -0.26 -7.21
CA LEU A 38 -6.64 -0.80 -7.41
C LEU A 38 -7.00 -1.75 -6.27
N ASP A 39 -6.02 -2.59 -5.89
CA ASP A 39 -6.19 -3.62 -4.83
C ASP A 39 -6.06 -3.04 -3.40
N ILE A 40 -5.70 -1.77 -3.30
CA ILE A 40 -5.69 -1.00 -2.03
C ILE A 40 -7.00 -0.20 -1.91
N ASN A 41 -7.43 0.42 -3.01
CA ASN A 41 -8.64 1.26 -3.07
C ASN A 41 -9.93 0.38 -2.92
N ARG A 42 -9.80 -0.93 -3.18
CA ARG A 42 -10.91 -1.91 -2.98
C ARG A 42 -11.12 -2.22 -1.49
N LEU A 43 -10.11 -1.92 -0.66
CA LEU A 43 -10.13 -2.15 0.80
C LEU A 43 -10.74 -0.91 1.52
N PRO A 44 -11.57 -1.12 2.61
CA PRO A 44 -12.15 0.00 3.41
C PRO A 44 -11.09 0.85 4.12
N GLY A 45 -11.51 2.05 4.57
CA GLY A 45 -10.61 3.07 5.12
C GLY A 45 -9.85 2.68 6.38
N GLU A 46 -10.35 1.67 7.12
CA GLU A 46 -9.66 1.14 8.32
C GLU A 46 -8.49 0.21 7.91
N LYS A 47 -8.62 -0.47 6.75
CA LYS A 47 -7.50 -1.22 6.14
C LYS A 47 -6.51 -0.23 5.51
N LEU A 48 -7.05 0.90 4.98
CA LEU A 48 -6.24 2.02 4.49
C LEU A 48 -5.49 2.68 5.66
N GLY A 49 -5.95 2.42 6.90
CA GLY A 49 -5.25 2.82 8.12
C GLY A 49 -3.85 2.22 8.22
N ARG A 50 -3.73 0.93 7.85
CA ARG A 50 -2.43 0.23 7.86
C ARG A 50 -1.61 0.58 6.61
N VAL A 51 -2.33 0.82 5.48
CA VAL A 51 -1.71 1.25 4.21
C VAL A 51 -0.96 2.58 4.42
N VAL A 52 -1.67 3.61 4.92
CA VAL A 52 -1.07 4.95 5.14
C VAL A 52 0.02 4.88 6.23
N HIS A 53 -0.17 3.98 7.22
CA HIS A 53 0.80 3.77 8.34
C HIS A 53 2.20 3.40 7.80
N ILE A 54 2.25 2.38 6.92
CA ILE A 54 3.52 1.86 6.38
C ILE A 54 4.10 2.77 5.27
N ILE A 55 3.26 3.68 4.72
CA ILE A 55 3.73 4.74 3.79
C ILE A 55 4.44 5.86 4.55
N GLN A 56 3.81 6.33 5.65
CA GLN A 56 4.31 7.47 6.45
C GLN A 56 5.49 7.07 7.36
N SER A 57 5.66 5.76 7.55
CA SER A 57 6.81 5.21 8.29
C SER A 57 8.10 5.36 7.45
N ARG A 58 7.99 5.17 6.11
CA ARG A 58 9.11 5.39 5.18
C ARG A 58 9.26 6.89 4.86
N GLU A 59 8.14 7.52 4.50
CA GLU A 59 8.10 8.94 4.10
C GLU A 59 7.27 9.75 5.13
N PRO A 60 7.91 10.22 6.26
CA PRO A 60 7.22 11.04 7.27
C PRO A 60 7.01 12.49 6.81
N SER A 61 7.61 12.84 5.65
CA SER A 61 7.51 14.17 5.03
C SER A 61 6.05 14.51 4.63
N LEU A 62 5.28 13.47 4.23
CA LEU A 62 3.87 13.63 3.84
C LEU A 62 2.99 13.88 5.08
N ARG A 63 3.30 13.16 6.19
CA ARG A 63 2.54 13.22 7.47
C ARG A 63 2.85 14.55 8.19
N ASP A 64 4.12 14.98 8.07
CA ASP A 64 4.67 16.21 8.66
C ASP A 64 3.84 17.44 8.28
N SER A 65 3.43 17.48 7.02
CA SER A 65 2.56 18.53 6.51
C SER A 65 1.09 18.23 6.86
N ASN A 66 0.56 17.11 6.32
CA ASN A 66 -0.84 16.72 6.48
C ASN A 66 -0.96 15.35 7.19
N PRO A 67 -1.59 15.30 8.40
CA PRO A 67 -2.06 14.04 9.01
C PRO A 67 -3.52 13.73 8.59
N ASP A 68 -3.99 14.45 7.54
CA ASP A 68 -5.36 14.34 7.02
C ASP A 68 -5.32 13.80 5.59
N GLU A 69 -4.75 14.59 4.67
CA GLU A 69 -4.64 14.24 3.25
C GLU A 69 -3.21 13.77 2.92
N ILE A 70 -3.09 12.49 2.55
CA ILE A 70 -1.80 11.83 2.30
C ILE A 70 -1.75 11.42 0.83
N GLU A 71 -1.04 12.21 0.01
CA GLU A 71 -0.85 11.94 -1.42
C GLU A 71 0.09 10.75 -1.59
N ILE A 72 -0.52 9.54 -1.64
CA ILE A 72 0.20 8.29 -1.85
C ILE A 72 0.44 8.13 -3.35
N ASP A 73 1.50 8.81 -3.83
CA ASP A 73 1.96 8.71 -5.23
C ASP A 73 2.81 7.44 -5.32
N PHE A 74 2.15 6.33 -5.70
CA PHE A 74 2.80 5.01 -5.88
C PHE A 74 4.04 5.10 -6.77
N GLU A 75 3.96 6.00 -7.77
CA GLU A 75 5.01 6.20 -8.78
C GLU A 75 6.30 6.77 -8.15
N THR A 76 6.16 7.57 -7.07
CA THR A 76 7.30 8.17 -6.34
C THR A 76 7.79 7.25 -5.20
N LEU A 77 6.91 6.33 -4.75
CA LEU A 77 7.17 5.46 -3.59
C LEU A 77 8.30 4.47 -3.87
N LYS A 78 9.00 4.13 -2.78
CA LYS A 78 10.12 3.19 -2.78
C LYS A 78 9.59 1.76 -3.03
N PRO A 79 10.28 0.93 -3.87
CA PRO A 79 9.82 -0.46 -4.20
C PRO A 79 9.75 -1.39 -2.98
N THR A 80 10.44 -1.02 -1.89
CA THR A 80 10.37 -1.72 -0.60
C THR A 80 9.09 -1.35 0.16
N THR A 81 8.69 -0.08 0.05
CA THR A 81 7.41 0.42 0.61
C THR A 81 6.23 -0.20 -0.17
N LEU A 82 6.46 -0.42 -1.48
CA LEU A 82 5.49 -1.02 -2.39
C LEU A 82 5.42 -2.54 -2.17
N ARG A 83 6.53 -3.10 -1.67
CA ARG A 83 6.62 -4.51 -1.24
C ARG A 83 5.70 -4.74 -0.03
N GLU A 84 5.68 -3.76 0.90
CA GLU A 84 4.84 -3.80 2.12
C GLU A 84 3.35 -3.75 1.77
N LEU A 85 3.03 -2.90 0.78
CA LEU A 85 1.66 -2.73 0.27
C LEU A 85 1.14 -4.04 -0.33
N GLU A 86 1.92 -4.58 -1.28
CA GLU A 86 1.60 -5.85 -1.98
C GLU A 86 1.47 -7.02 -0.99
N ARG A 87 2.35 -7.03 0.03
CA ARG A 87 2.37 -8.07 1.08
C ARG A 87 1.06 -8.02 1.87
N TYR A 88 0.69 -6.82 2.36
CA TYR A 88 -0.51 -6.61 3.18
C TYR A 88 -1.79 -7.00 2.42
N VAL A 89 -1.89 -6.54 1.16
CA VAL A 89 -3.06 -6.75 0.30
C VAL A 89 -3.29 -8.26 0.04
N LYS A 90 -2.22 -8.96 -0.37
CA LYS A 90 -2.30 -10.40 -0.70
C LYS A 90 -2.32 -11.28 0.56
N SER A 91 -2.10 -10.66 1.73
CA SER A 91 -2.30 -11.29 3.05
C SER A 91 -3.76 -11.10 3.52
N CYS A 92 -4.39 -10.02 3.00
CA CYS A 92 -5.79 -9.69 3.30
C CYS A 92 -6.74 -10.46 2.37
N LEU A 93 -6.33 -10.67 1.12
CA LEU A 93 -7.12 -11.37 0.09
C LEU A 93 -6.80 -12.88 0.12
N GLN A 94 -5.48 -13.19 0.17
CA GLN A 94 -4.93 -14.57 0.21
C GLN A 94 -5.45 -15.45 -0.93
N LYS A 95 -4.74 -15.41 -2.06
CA LYS A 95 -5.10 -16.13 -3.29
C LYS A 95 -4.05 -17.23 -3.56
N LYS A 96 -3.99 -17.70 -4.83
CA LYS A 96 -3.07 -18.77 -5.30
C LYS A 96 -1.58 -18.45 -5.01
N GLU B 1 12.73 28.66 -15.00
CA GLU B 1 12.26 27.54 -15.83
C GLU B 1 10.85 27.11 -15.34
N PHE B 2 9.81 27.44 -16.12
CA PHE B 2 8.41 27.13 -15.77
C PHE B 2 7.96 25.81 -16.47
N THR B 3 7.52 24.84 -15.68
CA THR B 3 7.02 23.53 -16.18
C THR B 3 5.83 23.03 -15.30
N GLY B 4 5.23 21.90 -15.69
CA GLY B 4 4.09 21.33 -14.97
C GLY B 4 3.95 19.83 -15.22
N SER B 5 4.71 19.03 -14.45
CA SER B 5 4.72 17.56 -14.56
C SER B 5 3.47 16.94 -13.87
N PRO B 6 2.52 16.32 -14.65
CA PRO B 6 1.32 15.68 -14.07
C PRO B 6 1.66 14.32 -13.41
N GLU B 7 1.94 14.37 -12.10
CA GLU B 7 2.18 13.18 -11.28
C GLU B 7 0.84 12.52 -10.91
N ILE B 8 0.82 11.20 -10.76
CA ILE B 8 -0.39 10.44 -10.39
C ILE B 8 -0.29 10.06 -8.90
N LYS B 9 -1.38 10.29 -8.15
CA LYS B 9 -1.43 9.98 -6.71
C LYS B 9 -2.84 9.66 -6.25
N LEU B 10 -2.89 8.88 -5.17
CA LEU B 10 -4.11 8.49 -4.47
C LEU B 10 -4.07 9.20 -3.12
N LYS B 11 -4.66 10.40 -3.05
CA LYS B 11 -4.63 11.22 -1.84
C LYS B 11 -5.74 10.79 -0.87
N ILE B 12 -5.33 10.00 0.15
CA ILE B 12 -6.22 9.56 1.23
C ILE B 12 -6.48 10.74 2.19
N THR B 13 -7.71 11.25 2.19
CA THR B 13 -8.11 12.46 2.92
C THR B 13 -9.13 12.09 3.99
N LYS B 14 -8.93 12.61 5.22
CA LYS B 14 -9.72 12.20 6.39
C LYS B 14 -11.12 12.82 6.38
N THR B 15 -12.14 11.96 6.29
CA THR B 15 -13.56 12.33 6.34
C THR B 15 -14.26 11.42 7.37
N ILE B 16 -14.68 12.01 8.51
CA ILE B 16 -15.45 11.28 9.52
C ILE B 16 -16.92 11.10 9.02
N GLN B 17 -17.08 10.10 8.17
CA GLN B 17 -18.32 9.82 7.43
C GLN B 17 -18.42 8.28 7.25
N ASN B 18 -19.60 7.79 6.77
CA ASN B 18 -19.94 6.34 6.67
C ASN B 18 -20.21 5.78 8.09
N GLY B 19 -21.04 4.71 8.18
CA GLY B 19 -21.27 3.97 9.44
C GLY B 19 -19.95 3.56 10.10
N ARG B 20 -19.02 3.10 9.26
CA ARG B 20 -17.59 2.97 9.63
C ARG B 20 -16.93 4.33 9.35
N GLU B 21 -16.60 5.10 10.41
CA GLU B 21 -16.00 6.44 10.27
C GLU B 21 -14.51 6.30 9.88
N LEU B 22 -14.23 6.50 8.59
CA LEU B 22 -12.91 6.22 8.01
C LEU B 22 -12.55 7.22 6.90
N PHE B 23 -11.25 7.34 6.63
CA PHE B 23 -10.72 8.16 5.54
C PHE B 23 -10.69 7.35 4.24
N GLU B 24 -10.87 8.04 3.10
CA GLU B 24 -10.93 7.41 1.77
C GLU B 24 -9.94 8.12 0.83
N SER B 25 -9.63 7.46 -0.29
CA SER B 25 -8.76 8.03 -1.32
C SER B 25 -9.58 8.90 -2.26
N SER B 26 -8.91 9.84 -2.93
CA SER B 26 -9.54 10.72 -3.90
C SER B 26 -8.56 11.02 -5.05
N LEU B 27 -9.10 11.10 -6.28
CA LEU B 27 -8.33 11.44 -7.49
C LEU B 27 -8.83 12.79 -8.03
N CYS B 28 -7.96 13.80 -8.04
CA CYS B 28 -8.31 15.16 -8.47
C CYS B 28 -7.04 15.94 -8.84
N GLY B 29 -7.22 16.96 -9.68
CA GLY B 29 -6.11 17.77 -10.20
C GLY B 29 -6.29 18.08 -11.68
N ASP B 30 -6.14 19.35 -12.06
CA ASP B 30 -6.29 19.80 -13.47
C ASP B 30 -5.13 20.75 -13.83
N LEU B 31 -5.15 21.24 -15.08
CA LEU B 31 -4.20 22.23 -15.60
C LEU B 31 -4.98 23.39 -16.21
N LEU B 32 -4.83 24.59 -15.61
CA LEU B 32 -5.47 25.83 -16.11
C LEU B 32 -4.70 26.39 -17.32
N ASN B 33 -5.44 27.09 -18.21
CA ASN B 33 -4.90 27.72 -19.42
C ASN B 33 -4.13 26.67 -20.25
N GLU B 34 -4.90 25.71 -20.74
CA GLU B 34 -4.40 24.53 -21.47
C GLU B 34 -3.65 24.94 -22.77
N VAL B 35 -4.23 25.88 -23.51
CA VAL B 35 -3.71 26.37 -24.80
C VAL B 35 -3.45 27.89 -24.71
N GLN B 36 -2.20 28.30 -25.00
CA GLN B 36 -1.80 29.71 -25.06
C GLN B 36 -0.63 29.91 -26.04
N ALA B 37 -0.75 30.97 -26.84
CA ALA B 37 0.24 31.42 -27.85
C ALA B 37 -0.47 32.38 -28.82
N SER B 38 -1.33 31.77 -29.66
CA SER B 38 -2.08 32.42 -30.76
C SER B 38 -2.70 31.31 -31.64
N GLU B 39 -3.51 31.68 -32.63
CA GLU B 39 -4.04 30.77 -33.65
C GLU B 39 -3.77 31.39 -35.05
N HIS A 1 -41.24 -34.19 32.11
CA HIS A 1 -40.94 -35.58 32.52
C HIS A 1 -39.84 -36.14 31.60
N HIS A 2 -38.64 -35.56 31.75
CA HIS A 2 -37.45 -35.92 30.95
C HIS A 2 -36.20 -35.38 31.67
N HIS A 3 -35.16 -36.22 31.78
CA HIS A 3 -33.86 -35.83 32.34
C HIS A 3 -32.75 -36.65 31.66
N HIS A 4 -31.70 -35.95 31.20
CA HIS A 4 -30.58 -36.56 30.46
C HIS A 4 -29.31 -35.75 30.74
N HIS A 5 -28.16 -36.46 30.77
CA HIS A 5 -26.82 -35.84 30.94
C HIS A 5 -25.87 -36.41 29.89
N HIS A 6 -24.89 -35.58 29.47
CA HIS A 6 -23.92 -35.96 28.43
C HIS A 6 -22.73 -34.99 28.44
N SER A 7 -21.73 -35.31 29.27
CA SER A 7 -20.47 -34.56 29.32
C SER A 7 -19.46 -35.15 28.34
N HIS A 8 -18.70 -34.26 27.71
CA HIS A 8 -17.67 -34.61 26.73
C HIS A 8 -16.52 -33.60 26.83
N MET A 9 -15.29 -34.12 26.91
CA MET A 9 -14.06 -33.32 26.92
C MET A 9 -13.17 -33.78 25.74
N GLY A 10 -12.22 -32.92 25.37
CA GLY A 10 -11.30 -33.21 24.28
C GLY A 10 -10.19 -32.18 24.21
N LYS A 11 -8.93 -32.64 24.18
CA LYS A 11 -7.75 -31.77 24.15
C LYS A 11 -6.94 -31.99 22.85
N GLN A 12 -6.27 -30.93 22.41
CA GLN A 12 -5.32 -30.94 21.28
C GLN A 12 -4.37 -29.76 21.47
N ALA A 13 -3.09 -29.97 21.15
CA ALA A 13 -2.01 -28.99 21.39
C ALA A 13 -1.18 -28.80 20.10
N SER A 14 -0.90 -27.52 19.78
CA SER A 14 -0.09 -27.12 18.61
C SER A 14 0.24 -25.62 18.73
N ALA A 15 1.52 -25.26 18.51
CA ALA A 15 1.99 -23.86 18.55
C ALA A 15 1.66 -23.16 17.20
N SER A 16 2.47 -23.46 16.15
CA SER A 16 2.27 -23.01 14.75
C SER A 16 2.26 -21.46 14.59
N TYR A 17 3.31 -20.91 13.96
CA TYR A 17 3.44 -19.47 13.68
C TYR A 17 4.13 -19.26 12.31
N ASP A 18 3.52 -18.41 11.46
CA ASP A 18 4.13 -17.96 10.19
C ASP A 18 3.32 -16.79 9.61
N SER A 19 3.87 -15.59 9.77
CA SER A 19 3.33 -14.34 9.19
C SER A 19 4.47 -13.56 8.51
N GLU A 20 5.59 -14.27 8.25
CA GLU A 20 6.86 -13.69 7.82
C GLU A 20 7.05 -13.83 6.30
N GLU A 21 6.72 -12.76 5.55
CA GLU A 21 7.00 -12.67 4.11
C GLU A 21 7.90 -11.45 3.85
N GLU A 22 9.18 -11.76 3.60
CA GLU A 22 10.27 -10.79 3.40
C GLU A 22 10.95 -11.07 2.05
N GLU A 23 11.60 -10.04 1.49
CA GLU A 23 12.35 -10.14 0.23
C GLU A 23 13.47 -9.09 0.23
N GLU A 24 13.08 -7.86 -0.08
CA GLU A 24 14.00 -6.75 -0.39
C GLU A 24 13.17 -5.53 -0.74
N GLY A 25 12.22 -5.76 -1.65
CA GLY A 25 11.40 -4.72 -2.23
C GLY A 25 11.96 -4.31 -3.57
N LEU A 26 11.75 -5.17 -4.59
CA LEU A 26 12.16 -4.90 -5.97
C LEU A 26 11.33 -3.71 -6.53
N PRO A 27 11.91 -2.83 -7.41
CA PRO A 27 11.14 -1.77 -8.10
C PRO A 27 9.86 -2.31 -8.77
N MET A 28 8.73 -1.64 -8.50
CA MET A 28 7.45 -1.93 -9.17
C MET A 28 7.45 -1.20 -10.51
N SER A 29 6.87 -1.85 -11.54
CA SER A 29 6.70 -1.25 -12.87
C SER A 29 5.55 -0.22 -12.82
N TYR A 30 5.46 0.64 -13.84
CA TYR A 30 4.46 1.72 -13.93
C TYR A 30 3.02 1.16 -13.76
N ASP A 31 2.75 0.09 -14.52
CA ASP A 31 1.46 -0.63 -14.53
C ASP A 31 1.24 -1.42 -13.24
N GLU A 32 2.34 -1.99 -12.67
CA GLU A 32 2.28 -2.70 -11.39
C GLU A 32 1.78 -1.79 -10.26
N LYS A 33 2.26 -0.52 -10.30
CA LYS A 33 1.91 0.51 -9.30
C LYS A 33 0.44 0.93 -9.44
N ARG A 34 -0.04 1.04 -10.71
CA ARG A 34 -1.45 1.34 -11.02
C ARG A 34 -2.38 0.24 -10.47
N GLN A 35 -2.01 -1.02 -10.79
CA GLN A 35 -2.80 -2.21 -10.41
C GLN A 35 -2.83 -2.37 -8.88
N LEU A 36 -1.70 -2.03 -8.24
CA LEU A 36 -1.50 -2.09 -6.78
C LEU A 36 -2.35 -0.98 -6.09
N SER A 37 -2.43 0.21 -6.73
CA SER A 37 -3.19 1.38 -6.25
C SER A 37 -4.69 1.09 -6.14
N LEU A 38 -5.24 0.53 -7.23
CA LEU A 38 -6.67 0.16 -7.34
C LEU A 38 -7.01 -1.04 -6.43
N ASP A 39 -6.01 -1.92 -6.25
CA ASP A 39 -6.13 -3.10 -5.37
C ASP A 39 -6.18 -2.68 -3.87
N ILE A 40 -5.55 -1.54 -3.54
CA ILE A 40 -5.65 -0.91 -2.19
C ILE A 40 -6.91 -0.01 -2.11
N ASN A 41 -7.32 0.55 -3.26
CA ASN A 41 -8.50 1.43 -3.37
C ASN A 41 -9.81 0.66 -3.05
N ARG A 42 -9.79 -0.67 -3.28
CA ARG A 42 -10.93 -1.57 -2.96
C ARG A 42 -10.89 -2.06 -1.50
N LEU A 43 -9.82 -1.72 -0.74
CA LEU A 43 -9.75 -1.98 0.72
C LEU A 43 -10.56 -0.90 1.50
N PRO A 44 -11.30 -1.30 2.59
CA PRO A 44 -12.01 -0.33 3.46
C PRO A 44 -11.06 0.55 4.31
N GLY A 45 -11.61 1.64 4.89
CA GLY A 45 -10.84 2.63 5.66
C GLY A 45 -10.13 2.07 6.89
N GLU A 46 -10.62 0.94 7.42
CA GLU A 46 -9.97 0.21 8.52
C GLU A 46 -8.58 -0.31 8.10
N LYS A 47 -8.50 -0.82 6.85
CA LYS A 47 -7.25 -1.37 6.27
C LYS A 47 -6.35 -0.23 5.76
N LEU A 48 -7.00 0.86 5.30
CA LEU A 48 -6.31 2.10 4.92
C LEU A 48 -5.64 2.75 6.15
N GLY A 49 -6.05 2.31 7.36
CA GLY A 49 -5.35 2.63 8.61
C GLY A 49 -3.91 2.15 8.60
N ARG A 50 -3.69 0.85 8.27
CA ARG A 50 -2.33 0.27 8.18
C ARG A 50 -1.57 0.84 6.98
N VAL A 51 -2.30 1.08 5.88
CA VAL A 51 -1.72 1.63 4.64
C VAL A 51 -1.10 3.02 4.91
N VAL A 52 -1.89 3.98 5.47
CA VAL A 52 -1.37 5.34 5.73
C VAL A 52 -0.31 5.33 6.84
N HIS A 53 -0.40 4.33 7.74
CA HIS A 53 0.52 4.19 8.88
C HIS A 53 1.95 3.91 8.39
N ILE A 54 2.09 2.91 7.49
CA ILE A 54 3.42 2.49 6.98
C ILE A 54 3.95 3.47 5.92
N ILE A 55 3.04 4.17 5.21
CA ILE A 55 3.42 5.24 4.25
C ILE A 55 4.08 6.42 5.03
N GLN A 56 3.53 6.74 6.22
CA GLN A 56 4.06 7.83 7.06
C GLN A 56 5.23 7.37 7.95
N SER A 57 5.32 6.05 8.17
CA SER A 57 6.40 5.45 8.97
C SER A 57 7.68 5.36 8.12
N ARG A 58 7.54 5.17 6.79
CA ARG A 58 8.66 5.25 5.85
C ARG A 58 8.95 6.74 5.55
N GLU A 59 7.94 7.46 5.03
CA GLU A 59 8.06 8.87 4.64
C GLU A 59 7.19 9.77 5.56
N PRO A 60 7.78 10.33 6.67
CA PRO A 60 7.05 11.22 7.62
C PRO A 60 6.77 12.63 7.05
N SER A 61 7.42 12.96 5.91
CA SER A 61 7.32 14.29 5.26
C SER A 61 5.89 14.59 4.74
N LEU A 62 5.17 13.52 4.35
CA LEU A 62 3.78 13.63 3.84
C LEU A 62 2.82 13.99 4.98
N ARG A 63 3.07 13.39 6.17
CA ARG A 63 2.28 13.64 7.40
C ARG A 63 2.60 15.04 7.95
N ASP A 64 3.89 15.43 7.80
CA ASP A 64 4.41 16.76 8.21
C ASP A 64 3.67 17.87 7.45
N SER A 65 3.43 17.62 6.15
CA SER A 65 2.70 18.54 5.28
C SER A 65 1.20 18.48 5.62
N ASN A 66 0.54 17.37 5.25
CA ASN A 66 -0.89 17.12 5.52
C ASN A 66 -1.04 15.83 6.37
N PRO A 67 -1.56 15.93 7.65
CA PRO A 67 -1.81 14.75 8.51
C PRO A 67 -3.18 14.10 8.21
N ASP A 68 -3.93 14.70 7.26
CA ASP A 68 -5.26 14.24 6.86
C ASP A 68 -5.23 13.70 5.43
N GLU A 69 -4.92 14.59 4.48
CA GLU A 69 -4.94 14.27 3.04
C GLU A 69 -3.58 13.74 2.60
N ILE A 70 -3.51 12.42 2.38
CA ILE A 70 -2.25 11.71 2.19
C ILE A 70 -2.13 11.28 0.72
N GLU A 71 -1.44 12.12 -0.06
CA GLU A 71 -1.11 11.88 -1.46
C GLU A 71 -0.09 10.72 -1.54
N ILE A 72 -0.60 9.49 -1.71
CA ILE A 72 0.22 8.28 -1.81
C ILE A 72 0.66 8.10 -3.27
N ASP A 73 1.76 8.77 -3.63
CA ASP A 73 2.36 8.71 -4.96
C ASP A 73 2.98 7.33 -5.20
N PHE A 74 2.17 6.38 -5.68
CA PHE A 74 2.65 5.04 -6.08
C PHE A 74 3.75 5.19 -7.15
N GLU A 75 3.55 6.19 -8.04
CA GLU A 75 4.50 6.57 -9.10
C GLU A 75 5.96 6.77 -8.58
N THR A 76 6.11 7.35 -7.36
CA THR A 76 7.43 7.67 -6.77
C THR A 76 7.64 6.95 -5.42
N LEU A 77 6.73 6.02 -5.05
CA LEU A 77 6.81 5.29 -3.76
C LEU A 77 8.07 4.42 -3.68
N LYS A 78 8.55 4.24 -2.45
CA LYS A 78 9.66 3.35 -2.15
C LYS A 78 9.23 1.90 -2.44
N PRO A 79 9.95 1.15 -3.33
CA PRO A 79 9.61 -0.25 -3.70
C PRO A 79 9.59 -1.24 -2.51
N THR A 80 10.29 -0.87 -1.42
CA THR A 80 10.31 -1.67 -0.17
C THR A 80 8.97 -1.49 0.59
N THR A 81 8.38 -0.28 0.47
CA THR A 81 7.05 0.03 1.00
C THR A 81 5.97 -0.60 0.09
N LEU A 82 6.26 -0.61 -1.24
CA LEU A 82 5.40 -1.25 -2.25
C LEU A 82 5.42 -2.77 -2.10
N ARG A 83 6.53 -3.28 -1.51
CA ARG A 83 6.67 -4.70 -1.15
C ARG A 83 5.63 -5.04 -0.06
N GLU A 84 5.56 -4.16 0.97
CA GLU A 84 4.63 -4.32 2.11
C GLU A 84 3.18 -4.23 1.62
N LEU A 85 2.89 -3.13 0.89
CA LEU A 85 1.56 -2.83 0.35
C LEU A 85 1.01 -3.98 -0.50
N GLU A 86 1.89 -4.56 -1.33
CA GLU A 86 1.57 -5.68 -2.22
C GLU A 86 1.27 -6.94 -1.39
N ARG A 87 2.26 -7.38 -0.59
CA ARG A 87 2.14 -8.66 0.17
C ARG A 87 1.01 -8.60 1.21
N TYR A 88 0.67 -7.38 1.67
CA TYR A 88 -0.44 -7.16 2.61
C TYR A 88 -1.79 -7.40 1.91
N VAL A 89 -2.03 -6.65 0.81
CA VAL A 89 -3.32 -6.66 0.10
C VAL A 89 -3.61 -8.02 -0.55
N LYS A 90 -2.54 -8.74 -0.95
CA LYS A 90 -2.65 -10.09 -1.53
C LYS A 90 -2.89 -11.15 -0.45
N SER A 91 -2.26 -11.00 0.73
CA SER A 91 -2.51 -11.91 1.89
C SER A 91 -3.90 -11.64 2.50
N CYS A 92 -4.45 -10.45 2.23
CA CYS A 92 -5.75 -10.02 2.74
C CYS A 92 -6.89 -10.55 1.85
N LEU A 93 -6.78 -10.32 0.53
CA LEU A 93 -7.81 -10.69 -0.46
C LEU A 93 -7.62 -12.16 -0.92
N GLN A 94 -6.35 -12.46 -1.30
CA GLN A 94 -5.93 -13.78 -1.84
C GLN A 94 -6.65 -14.09 -3.16
N LYS A 95 -6.17 -13.46 -4.25
CA LYS A 95 -6.76 -13.58 -5.59
C LYS A 95 -5.77 -13.01 -6.64
N LYS A 96 -5.94 -13.45 -7.89
CA LYS A 96 -5.13 -13.02 -9.04
C LYS A 96 -5.14 -11.49 -9.25
N GLU B 1 -2.21 18.36 -30.68
CA GLU B 1 -2.18 18.39 -29.21
C GLU B 1 -1.23 17.28 -28.73
N PHE B 2 -0.25 17.67 -27.91
CA PHE B 2 0.79 16.75 -27.41
C PHE B 2 0.39 16.15 -26.06
N THR B 3 1.29 15.31 -25.52
CA THR B 3 1.12 14.62 -24.23
C THR B 3 1.08 15.60 -23.03
N GLY B 4 0.39 15.18 -21.96
CA GLY B 4 0.45 15.82 -20.64
C GLY B 4 0.89 14.82 -19.60
N SER B 5 1.46 15.29 -18.47
CA SER B 5 1.97 14.41 -17.41
C SER B 5 0.82 13.73 -16.62
N PRO B 6 0.63 12.36 -16.74
CA PRO B 6 -0.37 11.63 -15.93
C PRO B 6 0.17 11.37 -14.50
N GLU B 7 -0.73 11.33 -13.51
CA GLU B 7 -0.36 11.26 -12.08
C GLU B 7 -0.96 10.03 -11.38
N ILE B 8 -0.10 9.18 -10.79
CA ILE B 8 -0.50 7.99 -10.02
C ILE B 8 -0.32 8.35 -8.55
N LYS B 9 -1.28 9.12 -8.04
CA LYS B 9 -1.28 9.66 -6.68
C LYS B 9 -2.63 9.29 -6.08
N LEU B 10 -2.66 8.34 -5.14
CA LEU B 10 -3.89 7.94 -4.48
C LEU B 10 -3.99 8.77 -3.22
N LYS B 11 -4.59 9.95 -3.38
CA LYS B 11 -4.77 10.92 -2.30
C LYS B 11 -5.87 10.45 -1.38
N ILE B 12 -5.47 9.83 -0.26
CA ILE B 12 -6.34 9.56 0.87
C ILE B 12 -6.75 10.92 1.48
N THR B 13 -7.94 10.99 2.06
CA THR B 13 -8.40 12.17 2.78
C THR B 13 -9.16 11.70 4.01
N LYS B 14 -8.52 11.91 5.17
CA LYS B 14 -8.98 11.41 6.47
C LYS B 14 -10.25 12.14 6.90
N THR B 15 -11.28 11.36 7.21
CA THR B 15 -12.56 11.87 7.73
C THR B 15 -12.57 11.75 9.28
N ILE B 16 -13.75 12.01 9.89
CA ILE B 16 -13.92 11.96 11.35
C ILE B 16 -13.81 10.49 11.86
N GLN B 17 -13.33 10.35 13.10
CA GLN B 17 -13.23 9.05 13.78
C GLN B 17 -14.49 8.76 14.62
N ASN B 18 -14.78 7.46 14.78
CA ASN B 18 -15.81 6.98 15.72
C ASN B 18 -15.53 5.50 15.98
N GLY B 19 -14.71 5.23 17.02
CA GLY B 19 -14.22 3.88 17.33
C GLY B 19 -13.21 3.36 16.32
N ARG B 20 -12.78 4.24 15.39
CA ARG B 20 -12.00 3.89 14.19
C ARG B 20 -11.80 5.16 13.32
N GLU B 21 -10.54 5.40 12.92
CA GLU B 21 -10.20 6.47 11.96
C GLU B 21 -10.61 6.02 10.55
N LEU B 22 -11.62 6.69 9.96
CA LEU B 22 -12.07 6.39 8.60
C LEU B 22 -11.37 7.30 7.58
N PHE B 23 -11.11 6.77 6.37
CA PHE B 23 -10.47 7.49 5.27
C PHE B 23 -11.31 7.32 4.00
N GLU B 24 -11.20 8.29 3.08
CA GLU B 24 -11.65 8.15 1.68
C GLU B 24 -10.41 8.20 0.77
N SER B 25 -10.62 8.04 -0.55
CA SER B 25 -9.53 8.00 -1.55
C SER B 25 -9.89 8.85 -2.78
N SER B 26 -8.85 9.40 -3.44
CA SER B 26 -9.01 10.32 -4.56
C SER B 26 -7.67 10.43 -5.32
N LEU B 27 -7.58 11.39 -6.26
CA LEU B 27 -6.32 11.78 -6.93
C LEU B 27 -6.16 13.33 -6.93
N CYS B 28 -7.15 14.05 -6.36
CA CYS B 28 -7.15 15.53 -6.29
C CYS B 28 -7.72 16.04 -4.95
N GLY B 29 -8.77 15.36 -4.46
CA GLY B 29 -9.43 15.69 -3.19
C GLY B 29 -10.94 15.52 -3.28
N ASP B 30 -11.69 16.60 -3.03
CA ASP B 30 -13.17 16.59 -3.13
C ASP B 30 -13.60 17.03 -4.55
N LEU B 31 -14.09 16.05 -5.33
CA LEU B 31 -14.64 16.25 -6.68
C LEU B 31 -15.80 15.27 -6.87
N LEU B 32 -17.01 15.71 -6.49
CA LEU B 32 -18.23 14.92 -6.58
C LEU B 32 -18.89 15.19 -7.95
N ASN B 33 -18.63 14.28 -8.89
CA ASN B 33 -19.11 14.40 -10.29
C ASN B 33 -19.68 13.04 -10.79
N GLU B 34 -19.77 12.08 -9.84
CA GLU B 34 -20.19 10.68 -10.09
C GLU B 34 -19.19 9.98 -11.05
N VAL B 35 -18.02 9.60 -10.48
CA VAL B 35 -16.99 8.84 -11.18
C VAL B 35 -17.49 7.41 -11.45
N GLN B 36 -17.55 7.03 -12.76
CA GLN B 36 -18.05 5.73 -13.25
C GLN B 36 -19.55 5.53 -12.91
N ALA B 37 -20.07 4.30 -13.16
CA ALA B 37 -21.48 3.89 -12.91
C ALA B 37 -22.50 4.64 -13.82
N SER B 38 -21.98 5.28 -14.89
CA SER B 38 -22.80 6.01 -15.85
C SER B 38 -23.24 5.08 -17.00
N GLU B 39 -24.33 4.34 -16.76
CA GLU B 39 -25.00 3.46 -17.75
C GLU B 39 -24.03 2.35 -18.28
N HIS A 1 70.48 -53.53 9.47
CA HIS A 1 69.04 -53.71 9.20
C HIS A 1 68.21 -53.50 10.50
N HIS A 2 67.58 -52.32 10.58
CA HIS A 2 66.61 -51.97 11.65
C HIS A 2 65.90 -50.66 11.25
N HIS A 3 64.63 -50.52 11.64
CA HIS A 3 63.81 -49.37 11.24
C HIS A 3 62.82 -48.98 12.35
N HIS A 4 62.17 -47.83 12.17
CA HIS A 4 61.10 -47.34 13.06
C HIS A 4 59.93 -46.84 12.21
N HIS A 5 58.73 -46.85 12.81
CA HIS A 5 57.50 -46.42 12.14
C HIS A 5 56.71 -45.51 13.08
N HIS A 6 56.38 -44.30 12.61
CA HIS A 6 55.43 -43.40 13.29
C HIS A 6 54.10 -43.39 12.52
N SER A 7 53.05 -42.89 13.16
CA SER A 7 51.73 -42.73 12.52
C SER A 7 51.14 -41.41 13.00
N HIS A 8 51.35 -40.35 12.21
CA HIS A 8 50.68 -39.07 12.41
C HIS A 8 49.35 -39.11 11.66
N MET A 9 48.26 -39.35 12.40
CA MET A 9 46.89 -39.30 11.86
C MET A 9 46.37 -37.85 11.86
N GLY A 10 45.12 -37.70 11.39
CA GLY A 10 44.46 -36.40 11.33
C GLY A 10 43.01 -36.51 11.76
N LYS A 11 42.35 -35.36 11.83
CA LYS A 11 40.96 -35.23 12.31
C LYS A 11 40.38 -33.90 11.81
N GLN A 12 39.18 -33.96 11.22
CA GLN A 12 38.56 -32.82 10.52
C GLN A 12 37.21 -32.50 11.17
N ALA A 13 36.89 -31.20 11.28
CA ALA A 13 35.66 -30.71 11.93
C ALA A 13 35.19 -29.43 11.23
N SER A 14 34.02 -29.51 10.57
CA SER A 14 33.40 -28.39 9.84
C SER A 14 31.88 -28.61 9.76
N ALA A 15 31.10 -27.64 10.27
CA ALA A 15 29.63 -27.70 10.25
C ALA A 15 29.11 -27.36 8.84
N SER A 16 29.11 -26.05 8.49
CA SER A 16 28.63 -25.52 7.21
C SER A 16 28.73 -23.97 7.23
N TYR A 17 28.01 -23.39 8.23
CA TYR A 17 27.91 -21.94 8.48
C TYR A 17 27.18 -21.17 7.35
N ASP A 18 25.98 -20.67 7.65
CA ASP A 18 25.19 -19.77 6.79
C ASP A 18 24.65 -18.64 7.66
N SER A 19 24.66 -17.41 7.13
CA SER A 19 24.24 -16.20 7.87
C SER A 19 23.51 -15.19 6.96
N GLU A 20 23.15 -15.60 5.73
CA GLU A 20 22.53 -14.68 4.75
C GLU A 20 20.99 -14.70 4.84
N GLU A 21 20.37 -13.66 4.28
CA GLU A 21 18.91 -13.53 4.16
C GLU A 21 18.59 -13.09 2.72
N GLU A 22 17.30 -13.13 2.32
CA GLU A 22 16.86 -12.69 0.99
C GLU A 22 16.08 -11.37 1.09
N GLU A 23 16.22 -10.57 0.03
CA GLU A 23 15.40 -9.37 -0.25
C GLU A 23 15.58 -9.08 -1.74
N GLU A 24 14.73 -8.21 -2.25
CA GLU A 24 14.74 -7.83 -3.67
C GLU A 24 14.83 -6.31 -3.77
N GLY A 25 13.87 -5.63 -3.09
CA GLY A 25 13.68 -4.19 -3.23
C GLY A 25 13.44 -3.80 -4.68
N LEU A 26 12.76 -4.70 -5.41
CA LEU A 26 12.55 -4.62 -6.86
C LEU A 26 11.72 -3.37 -7.22
N PRO A 27 12.30 -2.39 -8.01
CA PRO A 27 11.53 -1.24 -8.53
C PRO A 27 10.39 -1.73 -9.44
N MET A 28 9.14 -1.51 -9.01
CA MET A 28 7.97 -1.99 -9.73
C MET A 28 7.61 -0.99 -10.84
N SER A 29 7.22 -1.53 -12.01
CA SER A 29 6.90 -0.75 -13.21
C SER A 29 5.60 0.03 -13.01
N TYR A 30 5.45 1.12 -13.80
CA TYR A 30 4.34 2.08 -13.71
C TYR A 30 2.97 1.40 -13.74
N ASP A 31 2.73 0.57 -14.76
CA ASP A 31 1.40 -0.06 -15.00
C ASP A 31 1.12 -1.17 -13.95
N GLU A 32 2.18 -1.87 -13.52
CA GLU A 32 2.10 -2.86 -12.43
C GLU A 32 1.77 -2.17 -11.08
N LYS A 33 2.22 -0.92 -10.94
CA LYS A 33 2.05 -0.11 -9.73
C LYS A 33 0.69 0.63 -9.77
N ARG A 34 0.13 0.78 -10.99
CA ARG A 34 -1.28 1.13 -11.19
C ARG A 34 -2.18 -0.02 -10.71
N GLN A 35 -1.75 -1.26 -10.98
CA GLN A 35 -2.49 -2.47 -10.58
C GLN A 35 -2.63 -2.56 -9.05
N LEU A 36 -1.49 -2.42 -8.34
CA LEU A 36 -1.48 -2.43 -6.88
C LEU A 36 -2.23 -1.21 -6.30
N SER A 37 -2.15 -0.04 -6.99
CA SER A 37 -2.86 1.20 -6.61
C SER A 37 -4.38 0.98 -6.50
N LEU A 38 -4.97 0.42 -7.58
CA LEU A 38 -6.43 0.13 -7.66
C LEU A 38 -6.82 -0.99 -6.68
N ASP A 39 -5.89 -1.93 -6.48
CA ASP A 39 -6.05 -3.07 -5.57
C ASP A 39 -5.99 -2.63 -4.07
N ILE A 40 -5.30 -1.52 -3.81
CA ILE A 40 -5.28 -0.83 -2.50
C ILE A 40 -6.48 0.12 -2.38
N ASN A 41 -6.92 0.65 -3.53
CA ASN A 41 -8.03 1.60 -3.63
C ASN A 41 -9.37 0.93 -3.23
N ARG A 42 -9.47 -0.39 -3.50
CA ARG A 42 -10.67 -1.20 -3.18
C ARG A 42 -10.66 -1.72 -1.73
N LEU A 43 -9.58 -1.42 -0.98
CA LEU A 43 -9.51 -1.68 0.48
C LEU A 43 -10.36 -0.63 1.25
N PRO A 44 -11.17 -1.06 2.29
CA PRO A 44 -11.93 -0.13 3.17
C PRO A 44 -11.01 0.68 4.10
N GLY A 45 -11.57 1.69 4.80
CA GLY A 45 -10.78 2.62 5.65
C GLY A 45 -9.93 1.95 6.73
N GLU A 46 -10.45 0.83 7.25
CA GLU A 46 -9.74 -0.02 8.23
C GLU A 46 -8.47 -0.67 7.63
N LYS A 47 -8.57 -1.11 6.37
CA LYS A 47 -7.45 -1.72 5.63
C LYS A 47 -6.46 -0.64 5.17
N LEU A 48 -7.01 0.51 4.75
CA LEU A 48 -6.22 1.72 4.46
C LEU A 48 -5.51 2.23 5.74
N GLY A 49 -5.96 1.72 6.91
CA GLY A 49 -5.33 1.98 8.21
C GLY A 49 -3.82 1.71 8.21
N ARG A 50 -3.42 0.45 7.94
CA ARG A 50 -1.98 0.07 7.91
C ARG A 50 -1.30 0.64 6.67
N VAL A 51 -2.02 0.63 5.52
CA VAL A 51 -1.51 1.17 4.24
C VAL A 51 -0.94 2.58 4.46
N VAL A 52 -1.82 3.53 4.82
CA VAL A 52 -1.44 4.93 5.00
C VAL A 52 -0.46 5.10 6.18
N HIS A 53 -0.60 4.24 7.22
CA HIS A 53 0.25 4.27 8.42
C HIS A 53 1.73 4.05 8.06
N ILE A 54 2.00 3.00 7.26
CA ILE A 54 3.37 2.66 6.85
C ILE A 54 3.88 3.66 5.79
N ILE A 55 2.95 4.26 5.01
CA ILE A 55 3.31 5.33 4.05
C ILE A 55 3.78 6.59 4.77
N GLN A 56 3.17 6.92 5.92
CA GLN A 56 3.57 8.10 6.73
C GLN A 56 4.86 7.81 7.54
N SER A 57 5.11 6.52 7.82
CA SER A 57 6.31 6.06 8.54
C SER A 57 7.52 5.99 7.61
N ARG A 58 7.25 5.70 6.32
CA ARG A 58 8.29 5.63 5.27
C ARG A 58 8.55 7.02 4.70
N GLU A 59 7.47 7.78 4.52
CA GLU A 59 7.50 9.13 3.93
C GLU A 59 7.27 10.17 5.06
N PRO A 60 8.36 10.71 5.68
CA PRO A 60 8.23 11.71 6.76
C PRO A 60 7.68 13.06 6.24
N SER A 61 7.86 13.30 4.92
CA SER A 61 7.40 14.53 4.25
C SER A 61 5.86 14.57 4.17
N LEU A 62 5.24 13.44 3.80
CA LEU A 62 3.76 13.32 3.67
C LEU A 62 3.09 13.52 5.03
N ARG A 63 3.68 12.92 6.09
CA ARG A 63 3.16 13.04 7.47
C ARG A 63 3.33 14.48 8.01
N ASP A 64 4.51 15.06 7.75
CA ASP A 64 4.88 16.41 8.23
C ASP A 64 3.98 17.48 7.59
N SER A 65 3.67 17.30 6.31
CA SER A 65 2.83 18.22 5.55
C SER A 65 1.36 18.05 5.95
N ASN A 66 0.76 16.91 5.56
CA ASN A 66 -0.67 16.63 5.76
C ASN A 66 -0.88 15.29 6.51
N PRO A 67 -1.33 15.32 7.80
CA PRO A 67 -1.79 14.09 8.51
C PRO A 67 -3.23 13.67 8.08
N ASP A 68 -3.94 14.56 7.36
CA ASP A 68 -5.30 14.29 6.88
C ASP A 68 -5.27 13.96 5.38
N GLU A 69 -5.11 14.99 4.52
CA GLU A 69 -5.18 14.83 3.05
C GLU A 69 -3.82 14.37 2.49
N ILE A 70 -3.61 13.06 2.49
CA ILE A 70 -2.31 12.42 2.20
C ILE A 70 -2.25 11.92 0.75
N GLU A 71 -1.45 12.60 -0.10
CA GLU A 71 -1.28 12.20 -1.50
C GLU A 71 -0.24 11.07 -1.60
N ILE A 72 -0.73 9.83 -1.59
CA ILE A 72 0.12 8.63 -1.70
C ILE A 72 0.49 8.39 -3.18
N ASP A 73 1.64 8.93 -3.58
CA ASP A 73 2.21 8.72 -4.92
C ASP A 73 2.99 7.40 -4.92
N PHE A 74 2.31 6.33 -5.38
CA PHE A 74 2.87 4.96 -5.41
C PHE A 74 4.15 4.90 -6.27
N GLU A 75 4.13 5.68 -7.35
CA GLU A 75 5.26 5.82 -8.29
C GLU A 75 6.52 6.39 -7.59
N THR A 76 6.34 7.32 -6.62
CA THR A 76 7.46 7.93 -5.87
C THR A 76 7.75 7.19 -4.55
N LEU A 77 6.87 6.24 -4.16
CA LEU A 77 7.09 5.39 -2.97
C LEU A 77 8.28 4.45 -3.20
N LYS A 78 8.89 4.02 -2.10
CA LYS A 78 10.06 3.12 -2.11
C LYS A 78 9.62 1.70 -2.51
N PRO A 79 10.34 1.02 -3.46
CA PRO A 79 9.99 -0.34 -3.96
C PRO A 79 9.85 -1.40 -2.83
N THR A 80 10.61 -1.18 -1.75
CA THR A 80 10.55 -1.99 -0.53
C THR A 80 9.20 -1.80 0.20
N THR A 81 8.73 -0.54 0.23
CA THR A 81 7.42 -0.16 0.80
C THR A 81 6.28 -0.74 -0.06
N LEU A 82 6.50 -0.85 -1.39
CA LEU A 82 5.49 -1.45 -2.32
C LEU A 82 5.33 -2.95 -2.04
N ARG A 83 6.41 -3.58 -1.55
CA ARG A 83 6.41 -5.01 -1.18
C ARG A 83 5.64 -5.23 0.14
N GLU A 84 5.76 -4.25 1.08
CA GLU A 84 5.03 -4.26 2.37
C GLU A 84 3.51 -4.14 2.12
N LEU A 85 3.16 -3.18 1.23
CA LEU A 85 1.79 -3.00 0.74
C LEU A 85 1.27 -4.30 0.13
N GLU A 86 2.03 -4.85 -0.85
CA GLU A 86 1.66 -6.02 -1.68
C GLU A 86 1.19 -7.21 -0.79
N ARG A 87 2.06 -7.58 0.17
CA ARG A 87 1.85 -8.73 1.06
C ARG A 87 0.67 -8.50 2.02
N TYR A 88 0.45 -7.22 2.40
CA TYR A 88 -0.68 -6.84 3.29
C TYR A 88 -2.04 -6.92 2.57
N VAL A 89 -2.08 -6.40 1.35
CA VAL A 89 -3.32 -6.26 0.57
C VAL A 89 -3.87 -7.64 0.19
N LYS A 90 -2.96 -8.61 -0.07
CA LYS A 90 -3.35 -10.01 -0.29
C LYS A 90 -3.80 -10.66 1.03
N SER A 91 -3.06 -10.37 2.12
CA SER A 91 -3.40 -10.85 3.49
C SER A 91 -4.82 -10.40 3.93
N CYS A 92 -5.33 -9.32 3.31
CA CYS A 92 -6.66 -8.76 3.59
C CYS A 92 -7.72 -9.25 2.57
N LEU A 93 -7.37 -9.26 1.26
CA LEU A 93 -8.31 -9.62 0.17
C LEU A 93 -8.32 -11.13 -0.10
N GLN A 94 -7.21 -11.64 -0.64
CA GLN A 94 -7.07 -13.04 -1.09
C GLN A 94 -5.72 -13.59 -0.65
N LYS A 95 -5.75 -14.69 0.12
CA LYS A 95 -4.53 -15.36 0.64
C LYS A 95 -3.62 -15.81 -0.53
N LYS A 96 -4.27 -16.09 -1.67
CA LYS A 96 -3.60 -16.41 -2.94
C LYS A 96 -3.04 -15.13 -3.57
N GLU B 1 -9.00 22.23 -23.71
CA GLU B 1 -8.73 20.91 -23.11
C GLU B 1 -7.44 20.96 -22.27
N PHE B 2 -7.47 20.29 -21.10
CA PHE B 2 -6.36 20.30 -20.12
C PHE B 2 -6.11 18.86 -19.64
N THR B 3 -5.03 18.25 -20.12
CA THR B 3 -4.63 16.87 -19.77
C THR B 3 -3.09 16.81 -19.64
N GLY B 4 -2.58 16.02 -18.67
CA GLY B 4 -1.14 15.89 -18.40
C GLY B 4 -0.75 14.45 -18.13
N SER B 5 0.28 14.25 -17.28
CA SER B 5 0.76 12.91 -16.90
C SER B 5 -0.23 12.26 -15.90
N PRO B 6 -0.74 11.02 -16.19
CA PRO B 6 -1.62 10.27 -15.24
C PRO B 6 -0.80 9.71 -14.06
N GLU B 7 -0.57 10.56 -13.06
CA GLU B 7 0.26 10.25 -11.89
C GLU B 7 -0.49 9.34 -10.91
N ILE B 8 0.18 8.28 -10.43
CA ILE B 8 -0.38 7.28 -9.52
C ILE B 8 -0.43 7.87 -8.10
N LYS B 9 -1.44 8.70 -7.81
CA LYS B 9 -1.54 9.42 -6.54
C LYS B 9 -2.97 9.41 -6.01
N LEU B 10 -3.18 8.66 -4.92
CA LEU B 10 -4.48 8.53 -4.24
C LEU B 10 -4.45 9.41 -2.98
N LYS B 11 -5.23 10.49 -3.03
CA LYS B 11 -5.32 11.47 -1.94
C LYS B 11 -6.22 10.91 -0.82
N ILE B 12 -5.60 10.22 0.13
CA ILE B 12 -6.28 9.67 1.31
C ILE B 12 -6.78 10.82 2.20
N THR B 13 -8.08 11.10 2.11
CA THR B 13 -8.76 12.06 2.98
C THR B 13 -9.01 11.37 4.34
N LYS B 14 -8.01 11.50 5.25
CA LYS B 14 -8.03 10.81 6.54
C LYS B 14 -9.00 11.53 7.48
N THR B 15 -10.24 11.02 7.55
CA THR B 15 -11.24 11.45 8.53
C THR B 15 -11.37 10.37 9.62
N ILE B 16 -11.81 10.80 10.80
CA ILE B 16 -12.18 9.88 11.89
C ILE B 16 -13.71 9.97 12.08
N GLN B 17 -14.36 8.80 12.17
CA GLN B 17 -15.82 8.72 12.32
C GLN B 17 -16.16 8.33 13.78
N ASN B 18 -17.46 8.45 14.14
CA ASN B 18 -17.94 8.29 15.53
C ASN B 18 -17.71 6.88 16.09
N GLY B 19 -18.46 5.90 15.55
CA GLY B 19 -18.42 4.52 16.06
C GLY B 19 -17.09 3.82 15.84
N ARG B 20 -16.48 4.10 14.69
CA ARG B 20 -15.20 3.50 14.25
C ARG B 20 -14.62 4.38 13.15
N GLU B 21 -13.30 4.70 13.21
CA GLU B 21 -12.68 5.59 12.21
C GLU B 21 -12.70 4.95 10.81
N LEU B 22 -13.05 5.78 9.81
CA LEU B 22 -13.12 5.38 8.41
C LEU B 22 -12.68 6.57 7.58
N PHE B 23 -11.88 6.31 6.56
CA PHE B 23 -11.35 7.33 5.66
C PHE B 23 -11.16 6.75 4.26
N GLU B 24 -11.15 7.64 3.26
CA GLU B 24 -11.31 7.26 1.84
C GLU B 24 -10.21 7.87 0.97
N SER B 25 -10.16 7.44 -0.29
CA SER B 25 -9.23 7.93 -1.31
C SER B 25 -9.93 8.97 -2.19
N SER B 26 -9.13 9.90 -2.74
CA SER B 26 -9.59 10.96 -3.66
C SER B 26 -8.56 11.12 -4.79
N LEU B 27 -8.86 12.02 -5.74
CA LEU B 27 -7.98 12.33 -6.89
C LEU B 27 -7.68 13.84 -6.92
N CYS B 28 -6.64 14.21 -7.67
CA CYS B 28 -6.28 15.63 -7.88
C CYS B 28 -7.26 16.31 -8.84
N GLY B 29 -7.84 15.50 -9.74
CA GLY B 29 -8.89 15.94 -10.66
C GLY B 29 -10.17 15.15 -10.46
N ASP B 30 -10.83 15.40 -9.31
CA ASP B 30 -12.07 14.69 -8.93
C ASP B 30 -13.19 14.96 -9.96
N LEU B 31 -13.90 13.90 -10.37
CA LEU B 31 -15.04 13.96 -11.33
C LEU B 31 -14.58 14.45 -12.73
N LEU B 32 -15.53 14.50 -13.70
CA LEU B 32 -15.27 15.01 -15.06
C LEU B 32 -16.57 15.38 -15.79
N ASN B 33 -16.41 16.19 -16.84
CA ASN B 33 -17.52 16.71 -17.65
C ASN B 33 -17.63 15.88 -18.93
N GLU B 34 -18.08 14.63 -18.74
CA GLU B 34 -18.32 13.67 -19.82
C GLU B 34 -19.44 12.72 -19.38
N VAL B 35 -19.06 11.76 -18.50
CA VAL B 35 -19.94 10.70 -17.96
C VAL B 35 -20.71 9.97 -19.10
N GLN B 36 -20.02 9.00 -19.74
CA GLN B 36 -20.52 8.20 -20.89
C GLN B 36 -20.55 9.02 -22.20
N ALA B 37 -20.94 8.33 -23.30
CA ALA B 37 -20.94 8.84 -24.70
C ALA B 37 -19.51 9.09 -25.24
N SER B 38 -18.49 8.67 -24.46
CA SER B 38 -17.09 8.75 -24.84
C SER B 38 -16.66 7.41 -25.47
N GLU B 39 -16.92 7.27 -26.78
CA GLU B 39 -16.62 6.05 -27.53
C GLU B 39 -15.18 6.16 -28.12
N HIS A 1 -19.49 -14.89 59.81
CA HIS A 1 -18.46 -15.66 59.11
C HIS A 1 -17.80 -14.78 58.03
N HIS A 2 -16.46 -14.84 57.94
CA HIS A 2 -15.68 -14.16 56.90
C HIS A 2 -14.53 -15.08 56.48
N HIS A 3 -14.69 -15.80 55.36
CA HIS A 3 -13.61 -16.62 54.80
C HIS A 3 -12.64 -15.72 54.02
N HIS A 4 -11.38 -16.15 53.95
CA HIS A 4 -10.31 -15.41 53.30
C HIS A 4 -9.34 -16.42 52.66
N HIS A 5 -9.23 -16.36 51.32
CA HIS A 5 -8.32 -17.19 50.54
C HIS A 5 -7.95 -16.41 49.26
N HIS A 6 -6.65 -16.20 49.03
CA HIS A 6 -6.13 -15.56 47.82
C HIS A 6 -5.33 -16.55 46.98
N SER A 7 -4.94 -16.14 45.76
CA SER A 7 -4.15 -16.95 44.83
C SER A 7 -3.24 -16.02 44.00
N HIS A 8 -2.08 -16.55 43.55
CA HIS A 8 -1.13 -15.80 42.71
C HIS A 8 -0.52 -16.73 41.65
N MET A 9 -0.82 -16.43 40.37
CA MET A 9 -0.23 -17.10 39.20
C MET A 9 1.03 -16.36 38.76
N GLY A 10 2.02 -17.09 38.20
CA GLY A 10 3.26 -16.48 37.70
C GLY A 10 4.05 -17.44 36.82
N LYS A 11 4.46 -16.95 35.63
CA LYS A 11 5.26 -17.74 34.65
C LYS A 11 5.96 -16.78 33.66
N GLN A 12 7.06 -17.27 33.04
CA GLN A 12 7.80 -16.52 32.00
C GLN A 12 8.28 -17.51 30.91
N ALA A 13 8.20 -17.07 29.65
CA ALA A 13 8.66 -17.86 28.49
C ALA A 13 9.19 -16.91 27.40
N SER A 14 10.01 -17.46 26.49
CA SER A 14 10.71 -16.69 25.45
C SER A 14 10.83 -17.55 24.18
N ALA A 15 10.11 -17.14 23.11
CA ALA A 15 10.13 -17.84 21.82
C ALA A 15 11.30 -17.34 20.97
N SER A 16 11.14 -16.13 20.37
CA SER A 16 12.16 -15.44 19.55
C SER A 16 12.71 -16.36 18.43
N TYR A 17 11.91 -16.55 17.37
CA TYR A 17 12.29 -17.37 16.20
C TYR A 17 12.59 -16.48 14.98
N ASP A 18 13.70 -16.81 14.26
CA ASP A 18 14.13 -16.07 13.05
C ASP A 18 13.52 -16.70 11.78
N SER A 19 12.20 -16.88 11.84
CA SER A 19 11.38 -17.44 10.76
C SER A 19 10.72 -16.30 9.95
N GLU A 20 10.70 -15.10 10.54
CA GLU A 20 9.97 -13.92 10.01
C GLU A 20 10.85 -13.16 9.01
N GLU A 21 11.17 -13.82 7.87
CA GLU A 21 12.02 -13.24 6.82
C GLU A 21 11.14 -12.74 5.67
N GLU A 22 10.88 -11.42 5.70
CA GLU A 22 10.07 -10.71 4.69
C GLU A 22 10.89 -9.59 4.06
N GLU A 23 10.26 -8.88 3.09
CA GLU A 23 10.84 -7.73 2.38
C GLU A 23 11.95 -8.19 1.38
N GLU A 24 12.34 -7.28 0.48
CA GLU A 24 13.31 -7.55 -0.60
C GLU A 24 13.67 -6.22 -1.30
N GLY A 25 12.70 -5.30 -1.34
CA GLY A 25 12.85 -4.03 -2.07
C GLY A 25 12.81 -4.27 -3.57
N LEU A 26 11.78 -5.02 -4.03
CA LEU A 26 11.69 -5.52 -5.42
C LEU A 26 11.53 -4.34 -6.42
N PRO A 27 12.42 -4.22 -7.45
CA PRO A 27 12.26 -3.20 -8.50
C PRO A 27 10.97 -3.49 -9.32
N MET A 28 9.97 -2.60 -9.19
CA MET A 28 8.61 -2.82 -9.75
C MET A 28 8.24 -1.66 -10.68
N SER A 29 7.58 -1.96 -11.81
CA SER A 29 7.30 -0.99 -12.89
C SER A 29 6.06 -0.11 -12.58
N TYR A 30 5.89 0.97 -13.39
CA TYR A 30 4.85 2.00 -13.17
C TYR A 30 3.42 1.40 -13.22
N ASP A 31 3.14 0.57 -14.24
CA ASP A 31 1.78 0.00 -14.44
C ASP A 31 1.47 -1.07 -13.35
N GLU A 32 2.54 -1.59 -12.71
CA GLU A 32 2.44 -2.52 -11.58
C GLU A 32 2.08 -1.74 -10.30
N LYS A 33 2.65 -0.53 -10.16
CA LYS A 33 2.33 0.42 -9.07
C LYS A 33 0.88 0.94 -9.22
N ARG A 34 0.45 1.06 -10.48
CA ARG A 34 -0.91 1.48 -10.86
C ARG A 34 -1.92 0.39 -10.45
N GLN A 35 -1.56 -0.87 -10.75
CA GLN A 35 -2.37 -2.04 -10.36
C GLN A 35 -2.45 -2.12 -8.82
N LEU A 36 -1.29 -1.95 -8.17
CA LEU A 36 -1.17 -1.96 -6.71
C LEU A 36 -2.13 -0.93 -6.07
N SER A 37 -2.21 0.25 -6.70
CA SER A 37 -3.07 1.37 -6.29
C SER A 37 -4.55 0.95 -6.23
N LEU A 38 -5.05 0.46 -7.37
CA LEU A 38 -6.46 0.02 -7.51
C LEU A 38 -6.77 -1.21 -6.63
N ASP A 39 -5.75 -2.07 -6.47
CA ASP A 39 -5.85 -3.33 -5.70
C ASP A 39 -5.82 -3.05 -4.17
N ILE A 40 -5.34 -1.86 -3.77
CA ILE A 40 -5.44 -1.36 -2.37
C ILE A 40 -6.75 -0.55 -2.22
N ASN A 41 -7.12 0.16 -3.29
CA ASN A 41 -8.30 1.03 -3.33
C ASN A 41 -9.61 0.23 -3.10
N ARG A 42 -9.62 -1.02 -3.59
CA ARG A 42 -10.77 -1.96 -3.47
C ARG A 42 -11.02 -2.36 -1.99
N LEU A 43 -9.95 -2.27 -1.16
CA LEU A 43 -9.99 -2.63 0.26
C LEU A 43 -10.76 -1.53 1.07
N PRO A 44 -11.48 -1.93 2.17
CA PRO A 44 -12.20 -0.98 3.08
C PRO A 44 -11.34 0.21 3.58
N GLY A 45 -12.03 1.35 3.84
CA GLY A 45 -11.36 2.58 4.31
C GLY A 45 -10.70 2.46 5.68
N GLU A 46 -11.25 1.56 6.51
CA GLU A 46 -10.67 1.20 7.82
C GLU A 46 -9.33 0.45 7.65
N LYS A 47 -9.23 -0.37 6.57
CA LYS A 47 -8.03 -1.16 6.26
C LYS A 47 -6.95 -0.28 5.60
N LEU A 48 -7.40 0.81 4.95
CA LEU A 48 -6.49 1.83 4.38
C LEU A 48 -5.70 2.56 5.50
N GLY A 49 -6.08 2.31 6.78
CA GLY A 49 -5.33 2.74 7.95
C GLY A 49 -3.89 2.26 7.95
N ARG A 50 -3.70 0.91 7.89
CA ARG A 50 -2.34 0.31 7.90
C ARG A 50 -1.51 0.81 6.69
N VAL A 51 -2.20 0.94 5.54
CA VAL A 51 -1.61 1.44 4.29
C VAL A 51 -0.98 2.84 4.49
N VAL A 52 -1.81 3.81 4.90
CA VAL A 52 -1.37 5.22 5.02
C VAL A 52 -0.35 5.40 6.17
N HIS A 53 -0.48 4.58 7.24
CA HIS A 53 0.41 4.65 8.42
C HIS A 53 1.84 4.22 8.08
N ILE A 54 1.97 3.13 7.30
CA ILE A 54 3.31 2.61 6.91
C ILE A 54 3.93 3.48 5.80
N ILE A 55 3.10 4.22 5.02
CA ILE A 55 3.61 5.19 4.03
C ILE A 55 4.21 6.41 4.76
N GLN A 56 3.48 6.95 5.76
CA GLN A 56 3.92 8.14 6.53
C GLN A 56 5.19 7.83 7.36
N SER A 57 5.34 6.56 7.77
CA SER A 57 6.55 6.06 8.45
C SER A 57 7.80 6.18 7.55
N ARG A 58 7.60 5.92 6.25
CA ARG A 58 8.66 5.93 5.22
C ARG A 58 8.92 7.35 4.70
N GLU A 59 7.83 8.09 4.54
CA GLU A 59 7.82 9.39 3.86
C GLU A 59 7.86 10.54 4.88
N PRO A 60 9.06 11.15 5.12
CA PRO A 60 9.24 12.15 6.19
C PRO A 60 8.51 13.47 5.89
N SER A 61 8.43 13.83 4.60
CA SER A 61 7.82 15.09 4.15
C SER A 61 6.28 15.00 4.21
N LEU A 62 5.71 13.81 3.91
CA LEU A 62 4.26 13.60 3.94
C LEU A 62 3.72 13.66 5.38
N ARG A 63 4.31 12.87 6.30
CA ARG A 63 3.88 12.83 7.72
C ARG A 63 4.02 14.19 8.42
N ASP A 64 5.05 14.94 8.01
CA ASP A 64 5.37 16.26 8.59
C ASP A 64 4.38 17.34 8.08
N SER A 65 4.13 17.34 6.78
CA SER A 65 3.29 18.35 6.13
C SER A 65 1.79 18.05 6.35
N ASN A 66 1.32 16.90 5.81
CA ASN A 66 -0.09 16.49 5.90
C ASN A 66 -0.30 15.47 7.05
N PRO A 67 -1.14 15.82 8.09
CA PRO A 67 -1.61 14.82 9.07
C PRO A 67 -2.86 14.05 8.57
N ASP A 68 -3.71 14.71 7.75
CA ASP A 68 -5.02 14.17 7.33
C ASP A 68 -5.02 13.69 5.87
N GLU A 69 -4.81 14.64 4.94
CA GLU A 69 -4.89 14.39 3.49
C GLU A 69 -3.61 13.70 3.01
N ILE A 70 -3.54 12.39 3.29
CA ILE A 70 -2.36 11.55 3.06
C ILE A 70 -2.31 11.14 1.58
N GLU A 71 -1.52 11.90 0.81
CA GLU A 71 -1.46 11.79 -0.64
C GLU A 71 -0.55 10.61 -1.08
N ILE A 72 -1.18 9.46 -1.39
CA ILE A 72 -0.47 8.22 -1.74
C ILE A 72 -0.31 8.12 -3.27
N ASP A 73 0.78 8.70 -3.79
CA ASP A 73 1.17 8.56 -5.21
C ASP A 73 2.15 7.39 -5.36
N PHE A 74 1.56 6.22 -5.63
CA PHE A 74 2.25 4.90 -5.67
C PHE A 74 3.42 4.85 -6.67
N GLU A 75 3.31 5.66 -7.73
CA GLU A 75 4.25 5.67 -8.85
C GLU A 75 5.66 6.15 -8.47
N THR A 76 5.76 7.02 -7.43
CA THR A 76 7.05 7.53 -6.95
C THR A 76 7.43 6.89 -5.59
N LEU A 77 6.51 6.08 -5.01
CA LEU A 77 6.76 5.39 -3.72
C LEU A 77 7.88 4.35 -3.86
N LYS A 78 8.45 4.01 -2.70
CA LYS A 78 9.69 3.25 -2.59
C LYS A 78 9.39 1.75 -2.74
N PRO A 79 10.15 0.99 -3.61
CA PRO A 79 9.96 -0.48 -3.86
C PRO A 79 9.89 -1.34 -2.58
N THR A 80 10.54 -0.84 -1.52
CA THR A 80 10.57 -1.45 -0.19
C THR A 80 9.17 -1.43 0.46
N THR A 81 8.56 -0.24 0.42
CA THR A 81 7.23 0.00 0.96
C THR A 81 6.14 -0.58 0.03
N LEU A 82 6.44 -0.62 -1.27
CA LEU A 82 5.55 -1.18 -2.29
C LEU A 82 5.45 -2.71 -2.11
N ARG A 83 6.50 -3.32 -1.52
CA ARG A 83 6.50 -4.74 -1.13
C ARG A 83 5.59 -4.94 0.10
N GLU A 84 5.68 -3.99 1.07
CA GLU A 84 4.81 -3.99 2.27
C GLU A 84 3.33 -3.94 1.86
N LEU A 85 3.04 -3.10 0.87
CA LEU A 85 1.70 -2.91 0.30
C LEU A 85 1.22 -4.17 -0.44
N GLU A 86 2.13 -4.76 -1.26
CA GLU A 86 1.83 -5.92 -2.13
C GLU A 86 1.38 -7.12 -1.27
N ARG A 87 2.23 -7.48 -0.29
CA ARG A 87 2.00 -8.61 0.61
C ARG A 87 0.73 -8.41 1.45
N TYR A 88 0.52 -7.15 1.91
CA TYR A 88 -0.62 -6.78 2.76
C TYR A 88 -1.95 -7.15 2.10
N VAL A 89 -2.09 -6.76 0.83
CA VAL A 89 -3.32 -6.95 0.07
C VAL A 89 -3.55 -8.44 -0.24
N LYS A 90 -2.46 -9.17 -0.57
CA LYS A 90 -2.55 -10.61 -0.87
C LYS A 90 -2.66 -11.47 0.41
N SER A 91 -2.48 -10.82 1.59
CA SER A 91 -2.78 -11.44 2.90
C SER A 91 -4.26 -11.25 3.26
N CYS A 92 -4.85 -10.12 2.83
CA CYS A 92 -6.27 -9.81 3.03
C CYS A 92 -7.15 -10.63 2.05
N LEU A 93 -6.74 -10.63 0.78
CA LEU A 93 -7.47 -11.28 -0.33
C LEU A 93 -7.19 -12.80 -0.35
N GLN A 94 -5.90 -13.18 -0.17
CA GLN A 94 -5.43 -14.58 -0.23
C GLN A 94 -5.76 -15.21 -1.60
N LYS A 95 -5.59 -14.40 -2.66
CA LYS A 95 -5.86 -14.80 -4.05
C LYS A 95 -4.97 -14.00 -5.02
N LYS A 96 -4.94 -14.43 -6.29
CA LYS A 96 -4.11 -13.80 -7.34
C LYS A 96 -4.63 -12.39 -7.70
N GLU B 1 -7.05 23.79 -27.06
CA GLU B 1 -5.92 23.78 -26.09
C GLU B 1 -6.21 22.91 -24.83
N PHE B 2 -5.69 21.68 -24.83
CA PHE B 2 -5.82 20.76 -23.68
C PHE B 2 -4.51 19.99 -23.48
N THR B 3 -3.86 20.21 -22.33
CA THR B 3 -2.63 19.52 -21.93
C THR B 3 -2.72 19.15 -20.43
N GLY B 4 -2.06 18.04 -20.06
CA GLY B 4 -2.05 17.57 -18.68
C GLY B 4 -1.12 16.38 -18.50
N SER B 5 -0.06 16.56 -17.71
CA SER B 5 0.85 15.49 -17.32
C SER B 5 0.11 14.50 -16.37
N PRO B 6 -0.01 13.18 -16.77
CA PRO B 6 -0.79 12.20 -15.98
C PRO B 6 -0.07 11.79 -14.68
N GLU B 7 -0.86 11.56 -13.63
CA GLU B 7 -0.36 11.07 -12.33
C GLU B 7 -1.43 10.22 -11.65
N ILE B 8 -1.00 9.24 -10.84
CA ILE B 8 -1.88 8.40 -10.04
C ILE B 8 -1.60 8.64 -8.54
N LYS B 9 -2.41 9.53 -7.95
CA LYS B 9 -2.29 9.92 -6.54
C LYS B 9 -3.65 9.80 -5.85
N LEU B 10 -3.72 8.94 -4.84
CA LEU B 10 -4.91 8.70 -4.03
C LEU B 10 -4.73 9.41 -2.68
N LYS B 11 -5.19 10.67 -2.62
CA LYS B 11 -5.11 11.49 -1.41
C LYS B 11 -6.24 11.12 -0.42
N ILE B 12 -5.87 10.29 0.58
CA ILE B 12 -6.77 9.84 1.65
C ILE B 12 -7.14 11.05 2.54
N THR B 13 -8.43 11.40 2.57
CA THR B 13 -8.94 12.48 3.43
C THR B 13 -9.42 11.87 4.76
N LYS B 14 -8.57 11.94 5.81
CA LYS B 14 -8.82 11.28 7.09
C LYS B 14 -9.99 11.98 7.83
N THR B 15 -11.22 11.43 7.67
CA THR B 15 -12.41 11.97 8.33
C THR B 15 -12.80 11.10 9.53
N ILE B 16 -13.09 11.75 10.67
CA ILE B 16 -13.59 11.07 11.87
C ILE B 16 -15.08 10.72 11.66
N GLN B 17 -15.38 9.41 11.63
CA GLN B 17 -16.77 8.93 11.53
C GLN B 17 -17.23 8.41 12.91
N ASN B 18 -18.55 8.16 13.04
CA ASN B 18 -19.18 7.78 14.32
C ASN B 18 -18.84 6.33 14.74
N GLY B 19 -18.32 5.53 13.80
CA GLY B 19 -17.90 4.15 14.06
C GLY B 19 -16.48 3.94 13.54
N ARG B 20 -15.50 4.50 14.29
CA ARG B 20 -14.06 4.54 13.93
C ARG B 20 -13.81 5.58 12.80
N GLU B 21 -12.61 6.16 12.77
CA GLU B 21 -12.17 7.04 11.68
C GLU B 21 -12.10 6.25 10.35
N LEU B 22 -13.14 6.45 9.55
CA LEU B 22 -13.26 5.86 8.20
C LEU B 22 -12.96 6.97 7.22
N PHE B 23 -12.11 6.66 6.25
CA PHE B 23 -11.63 7.61 5.24
C PHE B 23 -11.55 6.95 3.86
N GLU B 24 -11.51 7.78 2.81
CA GLU B 24 -11.49 7.30 1.43
C GLU B 24 -10.46 8.11 0.61
N SER B 25 -9.99 7.46 -0.46
CA SER B 25 -8.99 8.01 -1.36
C SER B 25 -9.65 8.87 -2.45
N SER B 26 -9.20 10.13 -2.59
CA SER B 26 -9.72 11.08 -3.60
C SER B 26 -8.57 11.55 -4.52
N LEU B 27 -8.89 12.47 -5.45
CA LEU B 27 -7.91 13.12 -6.34
C LEU B 27 -8.61 14.29 -7.06
N CYS B 28 -7.87 15.37 -7.34
CA CYS B 28 -8.39 16.50 -8.13
C CYS B 28 -8.28 16.15 -9.62
N GLY B 29 -9.33 15.48 -10.11
CA GLY B 29 -9.39 14.99 -11.50
C GLY B 29 -10.73 15.29 -12.14
N ASP B 30 -10.85 16.51 -12.66
CA ASP B 30 -12.05 17.00 -13.39
C ASP B 30 -11.87 16.77 -14.91
N LEU B 31 -12.97 16.93 -15.68
CA LEU B 31 -13.02 16.63 -17.13
C LEU B 31 -12.85 15.12 -17.36
N LEU B 32 -13.70 14.33 -16.67
CA LEU B 32 -13.69 12.86 -16.80
C LEU B 32 -14.17 12.46 -18.21
N ASN B 33 -13.19 12.16 -19.07
CA ASN B 33 -13.42 11.81 -20.50
C ASN B 33 -13.08 10.31 -20.69
N GLU B 34 -13.17 9.55 -19.59
CA GLU B 34 -12.95 8.09 -19.57
C GLU B 34 -14.17 7.32 -20.10
N VAL B 35 -15.24 8.07 -20.41
CA VAL B 35 -16.48 7.52 -21.01
C VAL B 35 -16.17 6.87 -22.39
N GLN B 36 -16.51 5.58 -22.51
CA GLN B 36 -16.23 4.78 -23.71
C GLN B 36 -17.24 3.63 -23.81
N ALA B 37 -17.58 3.23 -25.05
CA ALA B 37 -18.46 2.08 -25.32
C ALA B 37 -17.64 0.78 -25.38
N SER B 38 -16.48 0.88 -26.09
CA SER B 38 -15.52 -0.23 -26.28
C SER B 38 -16.16 -1.40 -27.06
N GLU B 39 -16.14 -1.30 -28.40
CA GLU B 39 -16.71 -2.30 -29.31
C GLU B 39 -16.13 -2.07 -30.72
N HIS A 1 -9.34 -29.45 39.45
CA HIS A 1 -8.76 -29.72 38.12
C HIS A 1 -7.24 -29.71 38.22
N HIS A 2 -6.63 -30.89 38.04
CA HIS A 2 -5.18 -31.08 38.08
C HIS A 2 -4.81 -32.32 37.27
N HIS A 3 -3.84 -32.18 36.36
CA HIS A 3 -3.36 -33.26 35.48
C HIS A 3 -1.95 -32.91 35.00
N HIS A 4 -1.15 -33.94 34.69
CA HIS A 4 0.21 -33.74 34.17
C HIS A 4 0.35 -34.57 32.88
N HIS A 5 0.90 -33.94 31.82
CA HIS A 5 1.27 -34.63 30.58
C HIS A 5 2.33 -35.68 30.88
N HIS A 6 2.03 -36.97 30.61
CA HIS A 6 2.97 -38.08 30.82
C HIS A 6 4.19 -37.87 29.91
N SER A 7 5.26 -37.28 30.50
CA SER A 7 6.46 -36.87 29.78
C SER A 7 7.31 -38.10 29.45
N HIS A 8 6.89 -38.82 28.38
CA HIS A 8 7.55 -40.02 27.91
C HIS A 8 8.41 -39.67 26.69
N MET A 9 9.74 -39.63 26.90
CA MET A 9 10.73 -39.34 25.85
C MET A 9 10.89 -40.55 24.87
N GLY A 10 11.54 -40.28 23.74
CA GLY A 10 11.70 -41.24 22.65
C GLY A 10 12.61 -40.67 21.58
N LYS A 11 13.16 -41.55 20.75
CA LYS A 11 14.23 -41.20 19.80
C LYS A 11 13.64 -40.69 18.48
N GLN A 12 13.26 -39.39 18.50
CA GLN A 12 12.79 -38.66 17.31
C GLN A 12 13.43 -37.27 17.30
N ALA A 13 14.02 -36.88 16.16
CA ALA A 13 14.79 -35.63 16.03
C ALA A 13 14.47 -34.94 14.69
N SER A 14 14.05 -33.66 14.77
CA SER A 14 13.83 -32.80 13.60
C SER A 14 13.78 -31.34 14.09
N ALA A 15 14.80 -30.54 13.68
CA ALA A 15 14.88 -29.10 14.00
C ALA A 15 13.69 -28.34 13.39
N SER A 16 13.34 -28.75 12.14
CA SER A 16 12.14 -28.33 11.38
C SER A 16 11.79 -26.84 11.57
N TYR A 17 12.58 -26.00 10.88
CA TYR A 17 12.61 -24.54 11.11
C TYR A 17 12.18 -23.77 9.86
N ASP A 18 11.86 -22.48 10.08
CA ASP A 18 11.44 -21.51 9.04
C ASP A 18 11.28 -20.14 9.73
N SER A 19 12.30 -19.27 9.61
CA SER A 19 12.37 -17.99 10.37
C SER A 19 12.98 -16.84 9.55
N GLU A 20 13.15 -17.04 8.22
CA GLU A 20 13.88 -16.10 7.37
C GLU A 20 12.93 -15.35 6.42
N GLU A 21 12.62 -14.09 6.79
CA GLU A 21 11.90 -13.12 5.93
C GLU A 21 12.69 -11.81 5.89
N GLU A 22 12.53 -11.04 4.80
CA GLU A 22 13.22 -9.77 4.59
C GLU A 22 12.44 -8.89 3.61
N GLU A 23 12.93 -7.66 3.38
CA GLU A 23 12.37 -6.76 2.35
C GLU A 23 12.61 -7.37 0.96
N GLU A 24 11.56 -7.39 0.14
CA GLU A 24 11.55 -8.11 -1.14
C GLU A 24 12.19 -7.26 -2.24
N GLY A 25 11.97 -5.93 -2.15
CA GLY A 25 12.56 -4.98 -3.08
C GLY A 25 12.20 -5.25 -4.54
N LEU A 26 11.00 -5.82 -4.76
CA LEU A 26 10.53 -6.24 -6.08
C LEU A 26 10.33 -5.02 -7.01
N PRO A 27 11.03 -4.98 -8.20
CA PRO A 27 10.96 -3.82 -9.11
C PRO A 27 9.58 -3.73 -9.82
N MET A 28 8.80 -2.68 -9.50
CA MET A 28 7.55 -2.37 -10.21
C MET A 28 7.84 -1.51 -11.43
N SER A 29 6.90 -1.53 -12.36
CA SER A 29 6.85 -0.61 -13.51
C SER A 29 5.82 0.50 -13.21
N TYR A 30 5.63 1.41 -14.18
CA TYR A 30 4.62 2.48 -14.11
C TYR A 30 3.19 1.88 -14.02
N ASP A 31 2.93 0.87 -14.89
CA ASP A 31 1.64 0.19 -14.98
C ASP A 31 1.38 -0.70 -13.76
N GLU A 32 2.45 -1.37 -13.28
CA GLU A 32 2.40 -2.23 -12.07
C GLU A 32 2.14 -1.36 -10.82
N LYS A 33 2.60 -0.11 -10.90
CA LYS A 33 2.44 0.86 -9.83
C LYS A 33 0.98 1.34 -9.76
N ARG A 34 0.37 1.52 -10.96
CA ARG A 34 -1.06 1.82 -11.10
C ARG A 34 -1.92 0.66 -10.53
N GLN A 35 -1.49 -0.58 -10.78
CA GLN A 35 -2.18 -1.80 -10.32
C GLN A 35 -2.27 -1.84 -8.79
N LEU A 36 -1.11 -1.67 -8.15
CA LEU A 36 -0.97 -1.67 -6.69
C LEU A 36 -1.72 -0.47 -6.06
N SER A 37 -1.80 0.64 -6.81
CA SER A 37 -2.61 1.82 -6.42
C SER A 37 -4.11 1.46 -6.36
N LEU A 38 -4.61 0.73 -7.38
CA LEU A 38 -6.05 0.38 -7.52
C LEU A 38 -6.49 -0.66 -6.48
N ASP A 39 -5.63 -1.67 -6.22
CA ASP A 39 -5.97 -2.76 -5.28
C ASP A 39 -5.99 -2.27 -3.82
N ILE A 40 -5.14 -1.27 -3.53
CA ILE A 40 -5.19 -0.53 -2.24
C ILE A 40 -6.38 0.46 -2.21
N ASN A 41 -6.74 1.03 -3.37
CA ASN A 41 -7.86 2.00 -3.50
C ASN A 41 -9.21 1.36 -3.10
N ARG A 42 -9.35 0.03 -3.35
CA ARG A 42 -10.58 -0.72 -3.04
C ARG A 42 -10.62 -1.24 -1.58
N LEU A 43 -9.48 -1.16 -0.86
CA LEU A 43 -9.39 -1.61 0.55
C LEU A 43 -10.26 -0.71 1.46
N PRO A 44 -10.95 -1.31 2.51
CA PRO A 44 -11.74 -0.54 3.50
C PRO A 44 -10.88 0.43 4.32
N GLY A 45 -11.55 1.45 4.91
CA GLY A 45 -10.87 2.53 5.64
C GLY A 45 -9.99 2.07 6.82
N GLU A 46 -10.34 0.92 7.43
CA GLU A 46 -9.55 0.36 8.54
C GLU A 46 -8.27 -0.37 8.05
N LYS A 47 -8.32 -0.95 6.83
CA LYS A 47 -7.11 -1.51 6.17
C LYS A 47 -6.17 -0.35 5.79
N LEU A 48 -6.77 0.75 5.33
CA LEU A 48 -6.07 1.99 4.96
C LEU A 48 -5.38 2.65 6.18
N GLY A 49 -5.76 2.23 7.40
CA GLY A 49 -5.08 2.62 8.64
C GLY A 49 -3.61 2.24 8.63
N ARG A 50 -3.34 0.92 8.47
CA ARG A 50 -1.97 0.39 8.42
C ARG A 50 -1.26 0.83 7.11
N VAL A 51 -2.04 0.97 6.02
CA VAL A 51 -1.50 1.41 4.72
C VAL A 51 -0.86 2.80 4.84
N VAL A 52 -1.62 3.82 5.34
CA VAL A 52 -1.08 5.19 5.43
C VAL A 52 0.06 5.27 6.45
N HIS A 53 0.03 4.38 7.46
CA HIS A 53 1.07 4.34 8.50
C HIS A 53 2.42 3.95 7.88
N ILE A 54 2.43 2.83 7.11
CA ILE A 54 3.68 2.27 6.53
C ILE A 54 4.17 3.12 5.33
N ILE A 55 3.25 3.86 4.68
CA ILE A 55 3.61 4.83 3.63
C ILE A 55 4.24 6.08 4.26
N GLN A 56 3.71 6.50 5.42
CA GLN A 56 4.23 7.68 6.14
C GLN A 56 5.37 7.31 7.10
N SER A 57 5.72 6.01 7.13
CA SER A 57 7.00 5.54 7.69
C SER A 57 8.09 5.76 6.64
N ARG A 58 7.74 5.40 5.40
CA ARG A 58 8.59 5.54 4.22
C ARG A 58 8.80 7.03 3.90
N GLU A 59 7.69 7.77 3.86
CA GLU A 59 7.66 9.19 3.49
C GLU A 59 7.00 10.01 4.63
N PRO A 60 7.79 10.43 5.66
CA PRO A 60 7.26 11.04 6.90
C PRO A 60 7.11 12.60 6.86
N SER A 61 6.89 13.19 5.67
CA SER A 61 6.70 14.64 5.51
C SER A 61 5.20 15.03 5.48
N LEU A 62 4.46 14.43 4.53
CA LEU A 62 3.06 14.77 4.23
C LEU A 62 2.09 14.46 5.39
N ARG A 63 2.48 13.50 6.25
CA ARG A 63 1.67 13.11 7.43
C ARG A 63 1.51 14.28 8.43
N ASP A 64 2.61 15.04 8.60
CA ASP A 64 2.66 16.20 9.52
C ASP A 64 1.88 17.37 8.91
N SER A 65 2.10 17.58 7.60
CA SER A 65 1.46 18.65 6.83
C SER A 65 -0.07 18.42 6.76
N ASN A 66 -0.49 17.37 6.03
CA ASN A 66 -1.90 16.96 5.90
C ASN A 66 -2.10 15.51 6.40
N PRO A 67 -2.57 15.32 7.68
CA PRO A 67 -3.02 14.00 8.16
C PRO A 67 -4.42 13.64 7.63
N ASP A 68 -5.09 14.61 6.96
CA ASP A 68 -6.46 14.45 6.45
C ASP A 68 -6.47 14.26 4.93
N GLU A 69 -5.34 14.55 4.26
CA GLU A 69 -5.16 14.37 2.80
C GLU A 69 -3.73 13.89 2.54
N ILE A 70 -3.50 12.59 2.78
CA ILE A 70 -2.19 11.96 2.55
C ILE A 70 -2.11 11.55 1.08
N GLU A 71 -1.57 12.44 0.23
CA GLU A 71 -1.42 12.17 -1.19
C GLU A 71 -0.27 11.18 -1.40
N ILE A 72 -0.61 9.89 -1.43
CA ILE A 72 0.37 8.81 -1.63
C ILE A 72 0.74 8.74 -3.11
N ASP A 73 1.85 9.41 -3.47
CA ASP A 73 2.41 9.37 -4.82
C ASP A 73 3.13 8.03 -5.03
N PHE A 74 2.31 7.03 -5.45
CA PHE A 74 2.75 5.66 -5.72
C PHE A 74 3.94 5.62 -6.69
N GLU A 75 3.87 6.45 -7.74
CA GLU A 75 4.88 6.51 -8.82
C GLU A 75 6.34 6.62 -8.28
N THR A 76 6.51 7.23 -7.09
CA THR A 76 7.83 7.41 -6.45
C THR A 76 8.09 6.36 -5.33
N LEU A 77 7.00 5.69 -4.85
CA LEU A 77 7.09 4.65 -3.78
C LEU A 77 8.13 3.57 -4.11
N LYS A 78 8.89 3.23 -3.06
CA LYS A 78 10.12 2.45 -3.15
C LYS A 78 9.77 0.94 -3.18
N PRO A 79 10.46 0.11 -4.06
CA PRO A 79 10.19 -1.36 -4.22
C PRO A 79 10.26 -2.17 -2.90
N THR A 80 10.98 -1.61 -1.94
CA THR A 80 11.14 -2.15 -0.59
C THR A 80 9.82 -2.13 0.21
N THR A 81 9.16 -0.95 0.21
CA THR A 81 7.86 -0.74 0.90
C THR A 81 6.68 -1.32 0.09
N LEU A 82 6.88 -1.49 -1.23
CA LEU A 82 5.87 -2.12 -2.13
C LEU A 82 5.61 -3.58 -1.75
N ARG A 83 6.61 -4.22 -1.10
CA ARG A 83 6.43 -5.54 -0.48
C ARG A 83 5.30 -5.48 0.56
N GLU A 84 5.46 -4.56 1.53
CA GLU A 84 4.55 -4.42 2.68
C GLU A 84 3.11 -4.15 2.25
N LEU A 85 2.98 -3.32 1.20
CA LEU A 85 1.70 -2.99 0.59
C LEU A 85 1.01 -4.23 -0.06
N GLU A 86 1.79 -4.94 -0.89
CA GLU A 86 1.30 -6.07 -1.69
C GLU A 86 1.01 -7.31 -0.80
N ARG A 87 1.83 -7.51 0.26
CA ARG A 87 1.63 -8.65 1.18
C ARG A 87 0.49 -8.34 2.17
N TYR A 88 0.15 -7.04 2.34
CA TYR A 88 -0.97 -6.61 3.18
C TYR A 88 -2.30 -6.65 2.40
N VAL A 89 -2.24 -6.40 1.08
CA VAL A 89 -3.45 -6.40 0.23
C VAL A 89 -3.94 -7.84 0.04
N LYS A 90 -3.01 -8.81 -0.04
CA LYS A 90 -3.38 -10.25 -0.04
C LYS A 90 -3.76 -10.72 1.39
N SER A 91 -3.15 -10.10 2.42
CA SER A 91 -3.51 -10.33 3.83
C SER A 91 -4.94 -9.81 4.13
N CYS A 92 -5.45 -8.90 3.28
CA CYS A 92 -6.81 -8.35 3.39
C CYS A 92 -7.82 -9.19 2.60
N LEU A 93 -7.46 -9.50 1.34
CA LEU A 93 -8.40 -10.06 0.34
C LEU A 93 -8.33 -11.60 0.28
N GLN A 94 -7.11 -12.15 0.21
CA GLN A 94 -6.89 -13.61 0.10
C GLN A 94 -6.97 -14.27 1.50
N LYS A 95 -7.94 -15.17 1.66
CA LYS A 95 -7.97 -16.13 2.78
C LYS A 95 -7.13 -17.35 2.38
N LYS A 96 -6.22 -17.77 3.27
CA LYS A 96 -5.18 -18.80 3.03
C LYS A 96 -4.17 -18.33 1.95
N GLU B 1 -2.87 21.03 -27.19
CA GLU B 1 -1.44 20.90 -26.82
C GLU B 1 -1.32 20.78 -25.30
N PHE B 2 -0.59 19.76 -24.83
CA PHE B 2 -0.35 19.52 -23.40
C PHE B 2 0.91 18.66 -23.21
N THR B 3 1.73 19.01 -22.20
CA THR B 3 2.89 18.19 -21.79
C THR B 3 2.72 17.69 -20.33
N GLY B 4 1.46 17.75 -19.84
CA GLY B 4 1.11 17.23 -18.53
C GLY B 4 1.04 15.71 -18.51
N SER B 5 1.49 15.11 -17.41
CA SER B 5 1.58 13.65 -17.25
C SER B 5 0.53 13.14 -16.24
N PRO B 6 -0.04 11.90 -16.43
CA PRO B 6 -0.99 11.29 -15.45
C PRO B 6 -0.32 10.99 -14.08
N GLU B 7 -0.57 11.87 -13.10
CA GLU B 7 0.02 11.76 -11.76
C GLU B 7 -0.57 10.57 -10.99
N ILE B 8 0.28 9.59 -10.64
CA ILE B 8 -0.14 8.39 -9.89
C ILE B 8 -0.08 8.71 -8.38
N LYS B 9 -1.16 9.31 -7.86
CA LYS B 9 -1.30 9.54 -6.42
C LYS B 9 -2.77 9.48 -5.99
N LEU B 10 -2.99 8.81 -4.85
CA LEU B 10 -4.30 8.74 -4.20
C LEU B 10 -4.28 9.70 -3.02
N LYS B 11 -5.11 10.74 -3.11
CA LYS B 11 -5.35 11.66 -1.99
C LYS B 11 -6.20 10.93 -0.96
N ILE B 12 -5.53 10.43 0.09
CA ILE B 12 -6.18 9.70 1.17
C ILE B 12 -6.92 10.71 2.06
N THR B 13 -8.16 10.95 1.69
CA THR B 13 -9.06 11.88 2.36
C THR B 13 -9.63 11.20 3.61
N LYS B 14 -9.02 11.52 4.76
CA LYS B 14 -9.40 10.97 6.04
C LYS B 14 -10.73 11.58 6.47
N THR B 15 -11.76 10.74 6.53
CA THR B 15 -13.12 11.15 6.84
C THR B 15 -13.59 10.33 8.06
N ILE B 16 -13.56 10.98 9.23
CA ILE B 16 -13.78 10.32 10.53
C ILE B 16 -15.25 9.91 10.68
N GLN B 17 -15.54 8.71 10.14
CA GLN B 17 -16.87 8.11 10.21
C GLN B 17 -16.93 7.20 11.44
N ASN B 18 -17.99 7.39 12.26
CA ASN B 18 -18.10 6.78 13.61
C ASN B 18 -16.99 7.34 14.54
N GLY B 19 -16.83 6.74 15.74
CA GLY B 19 -15.70 7.05 16.63
C GLY B 19 -14.47 6.20 16.31
N ARG B 20 -14.18 6.08 14.99
CA ARG B 20 -13.15 5.18 14.46
C ARG B 20 -12.11 5.98 13.67
N GLU B 21 -11.12 5.24 13.12
CA GLU B 21 -10.19 5.79 12.12
C GLU B 21 -10.61 5.26 10.74
N LEU B 22 -10.84 6.18 9.80
CA LEU B 22 -11.49 5.90 8.51
C LEU B 22 -10.88 6.82 7.43
N PHE B 23 -10.58 6.22 6.27
CA PHE B 23 -9.96 6.91 5.13
C PHE B 23 -10.73 6.60 3.85
N GLU B 24 -10.51 7.42 2.82
CA GLU B 24 -10.99 7.18 1.44
C GLU B 24 -9.87 7.53 0.45
N SER B 25 -9.47 6.57 -0.41
CA SER B 25 -8.43 6.79 -1.42
C SER B 25 -9.09 7.41 -2.67
N SER B 26 -8.59 8.57 -3.13
CA SER B 26 -9.20 9.33 -4.23
C SER B 26 -8.15 9.62 -5.33
N LEU B 27 -8.45 9.20 -6.59
CA LEU B 27 -7.56 9.46 -7.74
C LEU B 27 -7.50 10.99 -7.99
N CYS B 28 -6.29 11.56 -7.85
CA CYS B 28 -6.05 13.00 -8.01
C CYS B 28 -6.33 13.47 -9.44
N GLY B 29 -7.43 14.25 -9.60
CA GLY B 29 -7.83 14.80 -10.89
C GLY B 29 -8.47 13.75 -11.80
N ASP B 30 -9.74 13.43 -11.52
CA ASP B 30 -10.53 12.45 -12.29
C ASP B 30 -11.71 13.16 -12.96
N LEU B 31 -11.50 13.55 -14.22
CA LEU B 31 -12.52 14.21 -15.08
C LEU B 31 -11.89 14.44 -16.47
N LEU B 32 -11.84 13.35 -17.27
CA LEU B 32 -11.28 13.38 -18.63
C LEU B 32 -11.67 12.13 -19.41
N ASN B 33 -11.59 12.24 -20.76
CA ASN B 33 -11.76 11.12 -21.70
C ASN B 33 -10.46 10.94 -22.49
N GLU B 34 -9.91 12.09 -22.96
CA GLU B 34 -8.60 12.18 -23.60
C GLU B 34 -8.57 11.44 -24.96
N VAL B 35 -9.19 12.05 -25.99
CA VAL B 35 -9.30 11.51 -27.37
C VAL B 35 -9.78 10.03 -27.38
N GLN B 36 -11.12 9.84 -27.39
CA GLN B 36 -11.78 8.52 -27.53
C GLN B 36 -11.56 7.65 -26.26
N ALA B 37 -11.96 6.35 -26.32
CA ALA B 37 -11.79 5.40 -25.20
C ALA B 37 -11.63 3.97 -25.74
N SER B 38 -12.55 3.56 -26.63
CA SER B 38 -12.52 2.24 -27.30
C SER B 38 -12.92 2.41 -28.78
N GLU B 39 -12.56 1.41 -29.61
CA GLU B 39 -12.92 1.40 -31.05
C GLU B 39 -14.34 0.82 -31.24
N HIS A 1 -50.34 -34.92 -20.93
CA HIS A 1 -49.16 -35.38 -20.12
C HIS A 1 -48.21 -34.19 -19.86
N HIS A 2 -47.23 -34.38 -18.96
CA HIS A 2 -46.21 -33.35 -18.64
C HIS A 2 -45.01 -34.00 -17.94
N HIS A 3 -43.88 -33.28 -17.92
CA HIS A 3 -42.60 -33.74 -17.33
C HIS A 3 -42.06 -32.68 -16.39
N HIS A 4 -41.38 -33.12 -15.31
CA HIS A 4 -40.71 -32.22 -14.35
C HIS A 4 -39.23 -32.61 -14.26
N HIS A 5 -38.42 -31.91 -15.08
CA HIS A 5 -36.97 -32.07 -15.12
C HIS A 5 -36.33 -31.55 -13.81
N HIS A 6 -35.28 -32.23 -13.34
CA HIS A 6 -34.51 -31.86 -12.15
C HIS A 6 -33.01 -31.83 -12.47
N SER A 7 -32.23 -31.20 -11.57
CA SER A 7 -30.77 -31.06 -11.70
C SER A 7 -30.13 -31.24 -10.31
N HIS A 8 -28.90 -31.78 -10.29
CA HIS A 8 -28.10 -31.92 -9.04
C HIS A 8 -26.90 -30.94 -9.13
N MET A 9 -26.90 -29.93 -8.25
CA MET A 9 -25.85 -28.90 -8.18
C MET A 9 -24.54 -29.46 -7.58
N GLY A 10 -23.39 -28.89 -7.97
CA GLY A 10 -22.07 -29.26 -7.44
C GLY A 10 -21.15 -28.05 -7.31
N LYS A 11 -20.83 -27.65 -6.06
CA LYS A 11 -20.00 -26.45 -5.79
C LYS A 11 -18.52 -26.82 -5.63
N GLN A 12 -17.65 -25.81 -5.86
CA GLN A 12 -16.18 -25.95 -5.80
C GLN A 12 -15.50 -24.58 -5.58
N ALA A 13 -14.29 -24.59 -5.01
CA ALA A 13 -13.50 -23.37 -4.75
C ALA A 13 -12.03 -23.75 -4.48
N SER A 14 -11.10 -23.20 -5.29
CA SER A 14 -9.65 -23.42 -5.11
C SER A 14 -8.88 -22.28 -5.80
N ALA A 15 -8.03 -21.58 -5.02
CA ALA A 15 -7.15 -20.50 -5.53
C ALA A 15 -5.80 -21.05 -5.99
N SER A 16 -5.24 -22.00 -5.18
CA SER A 16 -3.86 -22.51 -5.29
C SER A 16 -2.85 -21.40 -4.91
N TYR A 17 -2.26 -21.54 -3.72
CA TYR A 17 -1.39 -20.52 -3.12
C TYR A 17 0.08 -20.93 -3.30
N ASP A 18 0.90 -20.06 -3.93
CA ASP A 18 2.35 -20.29 -4.10
C ASP A 18 3.04 -18.97 -4.51
N SER A 19 3.65 -18.31 -3.52
CA SER A 19 4.42 -17.06 -3.68
C SER A 19 5.42 -16.95 -2.51
N GLU A 20 5.87 -18.13 -2.00
CA GLU A 20 6.79 -18.23 -0.85
C GLU A 20 8.23 -17.92 -1.34
N GLU A 21 8.49 -16.61 -1.51
CA GLU A 21 9.79 -16.04 -1.91
C GLU A 21 9.87 -14.63 -1.28
N GLU A 22 11.05 -14.22 -0.80
CA GLU A 22 11.26 -12.86 -0.24
C GLU A 22 12.45 -12.15 -0.90
N GLU A 23 12.28 -10.84 -1.09
CA GLU A 23 13.28 -9.95 -1.67
C GLU A 23 13.10 -8.53 -1.07
N GLU A 24 13.67 -7.49 -1.71
CA GLU A 24 13.60 -6.10 -1.22
C GLU A 24 13.14 -5.17 -2.35
N GLY A 25 14.04 -4.97 -3.32
CA GLY A 25 13.89 -3.95 -4.34
C GLY A 25 13.49 -4.52 -5.68
N LEU A 26 12.31 -5.16 -5.71
CA LEU A 26 11.64 -5.56 -6.95
C LEU A 26 11.43 -4.29 -7.82
N PRO A 27 12.01 -4.22 -9.06
CA PRO A 27 11.89 -3.02 -9.91
C PRO A 27 10.44 -2.84 -10.41
N MET A 28 9.61 -2.25 -9.54
CA MET A 28 8.18 -2.07 -9.76
C MET A 28 7.97 -0.81 -10.59
N SER A 29 7.31 -0.97 -11.74
CA SER A 29 7.06 0.11 -12.71
C SER A 29 5.62 0.63 -12.54
N TYR A 30 5.28 1.72 -13.29
CA TYR A 30 3.94 2.35 -13.30
C TYR A 30 2.81 1.32 -13.51
N ASP A 31 3.13 0.28 -14.30
CA ASP A 31 2.22 -0.84 -14.64
C ASP A 31 1.77 -1.59 -13.38
N GLU A 32 2.77 -1.96 -12.56
CA GLU A 32 2.59 -2.79 -11.35
C GLU A 32 2.09 -1.94 -10.17
N LYS A 33 2.40 -0.63 -10.25
CA LYS A 33 1.90 0.37 -9.30
C LYS A 33 0.42 0.67 -9.58
N ARG A 34 0.01 0.50 -10.86
CA ARG A 34 -1.40 0.60 -11.29
C ARG A 34 -2.20 -0.58 -10.73
N GLN A 35 -1.58 -1.78 -10.79
CA GLN A 35 -2.14 -2.99 -10.17
C GLN A 35 -2.38 -2.74 -8.67
N LEU A 36 -1.31 -2.25 -7.99
CA LEU A 36 -1.30 -1.96 -6.56
C LEU A 36 -2.26 -0.79 -6.20
N SER A 37 -2.47 0.13 -7.16
CA SER A 37 -3.40 1.26 -7.01
C SER A 37 -4.82 0.73 -6.78
N LEU A 38 -5.26 -0.19 -7.67
CA LEU A 38 -6.60 -0.80 -7.62
C LEU A 38 -6.76 -1.70 -6.38
N ASP A 39 -5.67 -2.43 -6.05
CA ASP A 39 -5.59 -3.30 -4.86
C ASP A 39 -5.89 -2.52 -3.56
N ILE A 40 -5.26 -1.35 -3.40
CA ILE A 40 -5.42 -0.47 -2.22
C ILE A 40 -6.74 0.33 -2.30
N ASN A 41 -7.20 0.58 -3.53
CA ASN A 41 -8.40 1.42 -3.78
C ASN A 41 -9.69 0.70 -3.33
N ARG A 42 -9.70 -0.64 -3.41
CA ARG A 42 -10.85 -1.47 -2.99
C ARG A 42 -10.89 -1.67 -1.46
N LEU A 43 -9.74 -1.45 -0.78
CA LEU A 43 -9.63 -1.61 0.69
C LEU A 43 -10.46 -0.53 1.43
N PRO A 44 -11.28 -0.93 2.46
CA PRO A 44 -12.02 0.04 3.30
C PRO A 44 -11.06 0.82 4.24
N GLY A 45 -11.56 1.96 4.78
CA GLY A 45 -10.76 2.89 5.61
C GLY A 45 -10.08 2.23 6.80
N GLU A 46 -10.71 1.16 7.32
CA GLU A 46 -10.17 0.34 8.44
C GLU A 46 -8.82 -0.30 8.03
N LYS A 47 -8.75 -0.88 6.81
CA LYS A 47 -7.53 -1.53 6.30
C LYS A 47 -6.53 -0.49 5.80
N LEU A 48 -7.07 0.66 5.32
CA LEU A 48 -6.26 1.82 4.91
C LEU A 48 -5.50 2.42 6.09
N GLY A 49 -5.91 2.05 7.34
CA GLY A 49 -5.22 2.45 8.54
C GLY A 49 -3.76 2.01 8.59
N ARG A 50 -3.52 0.71 8.35
CA ARG A 50 -2.17 0.13 8.36
C ARG A 50 -1.40 0.54 7.08
N VAL A 51 -2.14 0.66 5.95
CA VAL A 51 -1.60 1.14 4.66
C VAL A 51 -0.94 2.53 4.84
N VAL A 52 -1.72 3.49 5.36
CA VAL A 52 -1.24 4.86 5.52
C VAL A 52 -0.21 4.96 6.65
N HIS A 53 -0.35 4.08 7.68
CA HIS A 53 0.54 4.07 8.85
C HIS A 53 2.00 3.84 8.41
N ILE A 54 2.21 2.88 7.50
CA ILE A 54 3.55 2.55 6.99
C ILE A 54 4.02 3.57 5.93
N ILE A 55 3.08 4.27 5.25
CA ILE A 55 3.42 5.37 4.30
C ILE A 55 3.87 6.64 5.07
N GLN A 56 3.23 6.90 6.22
CA GLN A 56 3.50 8.06 7.08
C GLN A 56 4.88 7.87 7.76
N SER A 57 5.15 6.63 8.18
CA SER A 57 6.40 6.24 8.86
C SER A 57 7.58 6.20 7.88
N ARG A 58 7.30 5.78 6.63
CA ARG A 58 8.31 5.66 5.58
C ARG A 58 8.74 7.05 5.10
N GLU A 59 7.74 7.89 4.77
CA GLU A 59 7.96 9.25 4.28
C GLU A 59 7.38 10.26 5.29
N PRO A 60 8.23 10.79 6.24
CA PRO A 60 7.79 11.83 7.21
C PRO A 60 7.49 13.18 6.54
N SER A 61 7.91 13.31 5.28
CA SER A 61 7.61 14.46 4.43
C SER A 61 6.10 14.50 4.09
N LEU A 62 5.52 13.33 3.76
CA LEU A 62 4.09 13.19 3.42
C LEU A 62 3.24 13.00 4.69
N ARG A 63 3.90 12.71 5.83
CA ARG A 63 3.25 12.58 7.14
C ARG A 63 2.98 13.95 7.76
N ASP A 64 4.06 14.68 8.01
CA ASP A 64 4.08 15.83 8.92
C ASP A 64 3.58 17.11 8.24
N SER A 65 3.58 17.10 6.88
CA SER A 65 2.98 18.17 6.09
C SER A 65 1.43 18.08 6.19
N ASN A 66 0.86 17.00 5.60
CA ASN A 66 -0.60 16.75 5.62
C ASN A 66 -0.88 15.30 6.08
N PRO A 67 -1.21 15.07 7.40
CA PRO A 67 -1.56 13.72 7.92
C PRO A 67 -3.01 13.30 7.59
N ASP A 68 -3.84 14.28 7.20
CA ASP A 68 -5.26 14.07 6.88
C ASP A 68 -5.43 13.64 5.43
N GLU A 69 -4.69 14.30 4.52
CA GLU A 69 -4.72 14.02 3.07
C GLU A 69 -3.37 13.43 2.66
N ILE A 70 -3.34 12.10 2.56
CA ILE A 70 -2.09 11.31 2.38
C ILE A 70 -2.05 10.82 0.92
N GLU A 71 -1.45 11.63 0.03
CA GLU A 71 -1.34 11.29 -1.39
C GLU A 71 -0.22 10.25 -1.59
N ILE A 72 -0.63 8.97 -1.62
CA ILE A 72 0.27 7.83 -1.83
C ILE A 72 0.71 7.80 -3.30
N ASP A 73 1.68 8.67 -3.64
CA ASP A 73 2.27 8.75 -5.00
C ASP A 73 3.19 7.55 -5.21
N PHE A 74 2.61 6.46 -5.74
CA PHE A 74 3.31 5.17 -5.95
C PHE A 74 4.64 5.35 -6.74
N GLU A 75 4.57 6.20 -7.79
CA GLU A 75 5.70 6.45 -8.70
C GLU A 75 6.91 7.05 -7.96
N THR A 76 6.67 7.98 -7.02
CA THR A 76 7.74 8.66 -6.27
C THR A 76 8.15 7.85 -5.02
N LEU A 77 7.30 6.88 -4.60
CA LEU A 77 7.59 6.00 -3.44
C LEU A 77 8.62 4.92 -3.83
N LYS A 78 9.28 4.37 -2.79
CA LYS A 78 10.25 3.28 -2.94
C LYS A 78 9.52 1.97 -3.33
N PRO A 79 10.09 1.15 -4.27
CA PRO A 79 9.48 -0.16 -4.65
C PRO A 79 9.45 -1.14 -3.44
N THR A 80 10.37 -0.90 -2.50
CA THR A 80 10.48 -1.65 -1.24
C THR A 80 9.27 -1.38 -0.33
N THR A 81 8.82 -0.11 -0.30
CA THR A 81 7.62 0.31 0.44
C THR A 81 6.36 -0.29 -0.20
N LEU A 82 6.39 -0.36 -1.54
CA LEU A 82 5.27 -0.86 -2.36
C LEU A 82 5.12 -2.39 -2.21
N ARG A 83 6.23 -3.05 -1.82
CA ARG A 83 6.27 -4.49 -1.53
C ARG A 83 5.35 -4.81 -0.33
N GLU A 84 5.46 -4.00 0.73
CA GLU A 84 4.66 -4.16 1.98
C GLU A 84 3.18 -3.85 1.76
N LEU A 85 2.91 -2.87 0.88
CA LEU A 85 1.54 -2.49 0.47
C LEU A 85 0.84 -3.69 -0.20
N GLU A 86 1.57 -4.36 -1.13
CA GLU A 86 1.06 -5.53 -1.87
C GLU A 86 0.93 -6.75 -0.96
N ARG A 87 1.94 -6.98 -0.11
CA ARG A 87 1.97 -8.13 0.82
C ARG A 87 0.74 -8.12 1.75
N TYR A 88 0.37 -6.90 2.17
CA TYR A 88 -0.76 -6.66 3.08
C TYR A 88 -2.11 -6.90 2.40
N VAL A 89 -2.30 -6.33 1.18
CA VAL A 89 -3.58 -6.45 0.46
C VAL A 89 -3.79 -7.89 -0.08
N LYS A 90 -2.70 -8.57 -0.46
CA LYS A 90 -2.75 -9.98 -0.93
C LYS A 90 -2.79 -10.94 0.26
N SER A 91 -2.58 -10.41 1.49
CA SER A 91 -2.86 -11.16 2.74
C SER A 91 -4.37 -11.13 3.05
N CYS A 92 -5.08 -10.13 2.48
CA CYS A 92 -6.54 -10.00 2.59
C CYS A 92 -7.22 -10.83 1.47
N LEU A 93 -6.82 -10.55 0.22
CA LEU A 93 -7.37 -11.18 -1.01
C LEU A 93 -6.97 -12.67 -1.09
N GLN A 94 -5.68 -12.93 -0.77
CA GLN A 94 -5.07 -14.26 -0.75
C GLN A 94 -5.22 -15.00 -2.09
N LYS A 95 -4.37 -14.63 -3.05
CA LYS A 95 -4.27 -15.30 -4.36
C LYS A 95 -2.80 -15.68 -4.57
N LYS A 96 -1.99 -14.62 -4.75
CA LYS A 96 -0.55 -14.71 -5.08
C LYS A 96 0.06 -13.28 -5.16
N GLU B 1 10.17 18.11 -25.62
CA GLU B 1 8.97 18.84 -25.20
C GLU B 1 7.80 17.83 -25.14
N PHE B 2 7.63 17.20 -23.96
CA PHE B 2 6.55 16.23 -23.68
C PHE B 2 5.55 16.85 -22.71
N THR B 3 4.26 16.62 -22.95
CA THR B 3 3.17 17.10 -22.07
C THR B 3 2.56 15.96 -21.24
N GLY B 4 2.79 14.71 -21.71
CA GLY B 4 2.29 13.50 -21.04
C GLY B 4 3.06 13.17 -19.77
N SER B 5 2.73 13.89 -18.68
CA SER B 5 3.33 13.66 -17.35
C SER B 5 2.20 13.62 -16.28
N PRO B 6 1.53 12.42 -16.09
CA PRO B 6 0.46 12.25 -15.06
C PRO B 6 1.06 12.03 -13.65
N GLU B 7 0.20 11.61 -12.69
CA GLU B 7 0.62 11.35 -11.30
C GLU B 7 -0.30 10.29 -10.66
N ILE B 8 0.27 9.10 -10.42
CA ILE B 8 -0.45 7.95 -9.85
C ILE B 8 -0.40 8.02 -8.31
N LYS B 9 -1.51 8.45 -7.72
CA LYS B 9 -1.64 8.63 -6.28
C LYS B 9 -3.07 8.39 -5.83
N LEU B 10 -3.20 7.96 -4.58
CA LEU B 10 -4.49 7.85 -3.87
C LEU B 10 -4.42 8.77 -2.66
N LYS B 11 -5.06 9.95 -2.73
CA LYS B 11 -5.13 10.89 -1.61
C LYS B 11 -6.10 10.35 -0.55
N ILE B 12 -5.52 9.64 0.43
CA ILE B 12 -6.26 9.08 1.56
C ILE B 12 -6.62 10.23 2.53
N THR B 13 -7.79 10.82 2.29
CA THR B 13 -8.26 12.03 2.97
C THR B 13 -9.28 11.65 4.05
N LYS B 14 -9.16 12.31 5.22
CA LYS B 14 -10.11 12.15 6.32
C LYS B 14 -11.45 12.84 5.98
N THR B 15 -12.54 12.08 6.17
CA THR B 15 -13.93 12.48 5.92
C THR B 15 -14.79 12.08 7.12
N ILE B 16 -14.81 12.97 8.12
CA ILE B 16 -15.41 12.72 9.44
C ILE B 16 -16.61 13.67 9.68
N GLN B 17 -17.71 13.41 8.94
CA GLN B 17 -18.95 14.19 9.05
C GLN B 17 -20.15 13.27 8.78
N ASN B 18 -20.63 12.63 9.87
CA ASN B 18 -21.78 11.70 9.88
C ASN B 18 -21.94 11.10 11.29
N GLY B 19 -20.80 10.81 11.94
CA GLY B 19 -20.77 10.22 13.29
C GLY B 19 -19.59 9.24 13.45
N ARG B 20 -19.22 8.59 12.33
CA ARG B 20 -18.13 7.62 12.26
C ARG B 20 -16.83 8.33 11.85
N GLU B 21 -15.72 8.02 12.54
CA GLU B 21 -14.37 8.42 12.11
C GLU B 21 -13.95 7.50 10.94
N LEU B 22 -13.84 8.10 9.75
CA LEU B 22 -13.57 7.37 8.50
C LEU B 22 -12.65 8.23 7.62
N PHE B 23 -11.75 7.56 6.88
CA PHE B 23 -10.87 8.17 5.88
C PHE B 23 -10.72 7.19 4.70
N GLU B 24 -10.62 7.73 3.48
CA GLU B 24 -10.70 6.94 2.24
C GLU B 24 -9.87 7.58 1.14
N SER B 25 -9.70 6.86 0.02
CA SER B 25 -8.97 7.35 -1.15
C SER B 25 -9.92 8.20 -2.02
N SER B 26 -9.48 9.42 -2.36
CA SER B 26 -10.26 10.36 -3.18
C SER B 26 -9.27 11.13 -4.07
N LEU B 27 -9.46 11.07 -5.40
CA LEU B 27 -8.55 11.71 -6.37
C LEU B 27 -9.01 13.16 -6.67
N CYS B 28 -8.32 13.81 -7.60
CA CYS B 28 -8.72 15.12 -8.13
C CYS B 28 -8.60 15.06 -9.66
N GLY B 29 -9.76 15.04 -10.35
CA GLY B 29 -9.81 14.84 -11.80
C GLY B 29 -10.33 13.44 -12.14
N ASP B 30 -9.96 12.92 -13.32
CA ASP B 30 -10.37 11.57 -13.78
C ASP B 30 -9.37 11.08 -14.84
N LEU B 31 -9.20 9.76 -14.92
CA LEU B 31 -8.29 9.10 -15.86
C LEU B 31 -8.74 7.65 -16.05
N LEU B 32 -8.90 7.25 -17.32
CA LEU B 32 -9.30 5.89 -17.74
C LEU B 32 -8.54 5.52 -19.02
N ASN B 33 -8.11 4.25 -19.11
CA ASN B 33 -7.40 3.68 -20.27
C ASN B 33 -7.16 2.17 -20.04
N GLU B 34 -8.20 1.37 -20.30
CA GLU B 34 -8.17 -0.10 -20.10
C GLU B 34 -7.17 -0.73 -21.10
N VAL B 35 -7.34 -0.34 -22.39
CA VAL B 35 -6.56 -0.85 -23.53
C VAL B 35 -6.76 -2.38 -23.67
N GLN B 36 -7.99 -2.74 -24.10
CA GLN B 36 -8.43 -4.13 -24.32
C GLN B 36 -8.47 -4.91 -22.97
N ALA B 37 -8.65 -6.24 -23.07
CA ALA B 37 -8.60 -7.19 -21.93
C ALA B 37 -8.43 -8.60 -22.50
N SER B 38 -9.34 -8.93 -23.42
CA SER B 38 -9.33 -10.17 -24.21
C SER B 38 -9.80 -9.84 -25.64
N GLU B 39 -9.62 -10.79 -26.56
CA GLU B 39 -10.04 -10.62 -27.97
C GLU B 39 -11.58 -10.66 -28.07
N HIS A 1 69.79 -44.68 -5.10
CA HIS A 1 68.37 -45.01 -4.84
C HIS A 1 67.75 -43.94 -3.92
N HIS A 2 66.63 -43.36 -4.37
CA HIS A 2 65.83 -42.42 -3.56
C HIS A 2 64.37 -42.91 -3.56
N HIS A 3 63.80 -43.10 -2.37
CA HIS A 3 62.38 -43.42 -2.20
C HIS A 3 61.65 -42.20 -1.62
N HIS A 4 60.31 -42.16 -1.77
CA HIS A 4 59.48 -41.04 -1.31
C HIS A 4 58.11 -41.55 -0.86
N HIS A 5 57.41 -40.74 -0.05
CA HIS A 5 56.05 -41.02 0.44
C HIS A 5 55.49 -39.79 1.14
N HIS A 6 54.19 -39.55 0.97
CA HIS A 6 53.47 -38.45 1.64
C HIS A 6 52.26 -39.02 2.39
N SER A 7 51.99 -38.49 3.58
CA SER A 7 50.90 -38.96 4.44
C SER A 7 50.30 -37.77 5.20
N HIS A 8 49.08 -37.38 4.81
CA HIS A 8 48.35 -36.24 5.39
C HIS A 8 46.85 -36.41 5.11
N MET A 9 46.14 -37.04 6.06
CA MET A 9 44.67 -37.21 6.01
C MET A 9 44.00 -36.08 6.82
N GLY A 10 42.75 -35.76 6.47
CA GLY A 10 41.99 -34.72 7.19
C GLY A 10 40.68 -34.38 6.51
N LYS A 11 39.59 -34.35 7.29
CA LYS A 11 38.25 -34.03 6.78
C LYS A 11 37.70 -32.76 7.49
N GLN A 12 37.61 -31.65 6.74
CA GLN A 12 37.01 -30.39 7.22
C GLN A 12 35.94 -29.94 6.22
N ALA A 13 34.69 -29.77 6.68
CA ALA A 13 33.55 -29.43 5.83
C ALA A 13 32.46 -28.71 6.65
N SER A 14 32.65 -27.39 6.84
CA SER A 14 31.70 -26.51 7.54
C SER A 14 31.69 -25.13 6.86
N ALA A 15 31.12 -25.08 5.63
CA ALA A 15 31.10 -23.86 4.80
C ALA A 15 30.13 -22.79 5.34
N SER A 16 29.18 -23.24 6.20
CA SER A 16 28.22 -22.39 6.93
C SER A 16 27.27 -21.66 5.96
N TYR A 17 26.05 -22.21 5.82
CA TYR A 17 25.04 -21.74 4.86
C TYR A 17 24.61 -20.29 5.18
N ASP A 18 25.02 -19.35 4.32
CA ASP A 18 24.76 -17.90 4.48
C ASP A 18 23.96 -17.39 3.26
N SER A 19 22.63 -17.63 3.32
CA SER A 19 21.70 -17.26 2.24
C SER A 19 20.26 -17.35 2.79
N GLU A 20 19.86 -16.29 3.52
CA GLU A 20 18.49 -16.14 4.08
C GLU A 20 18.05 -14.68 3.93
N GLU A 21 17.08 -14.45 3.02
CA GLU A 21 16.46 -13.14 2.73
C GLU A 21 17.42 -12.20 1.97
N GLU A 22 17.06 -11.90 0.72
CA GLU A 22 17.84 -11.04 -0.19
C GLU A 22 17.42 -9.57 -0.02
N GLU A 23 18.18 -8.67 -0.66
CA GLU A 23 17.94 -7.21 -0.60
C GLU A 23 18.33 -6.56 -1.92
N GLU A 24 17.59 -5.49 -2.29
CA GLU A 24 17.74 -4.80 -3.58
C GLU A 24 16.77 -3.62 -3.66
N GLY A 25 15.52 -3.86 -3.18
CA GLY A 25 14.43 -2.92 -3.35
C GLY A 25 14.07 -2.79 -4.83
N LEU A 26 13.59 -3.91 -5.41
CA LEU A 26 13.33 -4.05 -6.86
C LEU A 26 12.27 -3.01 -7.35
N PRO A 27 12.58 -2.22 -8.43
CA PRO A 27 11.64 -1.21 -8.94
C PRO A 27 10.45 -1.86 -9.68
N MET A 28 9.23 -1.58 -9.19
CA MET A 28 7.99 -2.11 -9.80
C MET A 28 7.60 -1.19 -10.97
N SER A 29 7.09 -1.81 -12.04
CA SER A 29 6.72 -1.10 -13.30
C SER A 29 5.44 -0.27 -13.10
N TYR A 30 5.23 0.67 -14.03
CA TYR A 30 4.13 1.65 -13.96
C TYR A 30 2.75 0.99 -13.98
N ASP A 31 2.53 0.04 -14.91
CA ASP A 31 1.21 -0.61 -15.09
C ASP A 31 0.93 -1.59 -13.94
N GLU A 32 2.00 -2.23 -13.44
CA GLU A 32 1.91 -3.13 -12.26
C GLU A 32 1.65 -2.32 -10.99
N LYS A 33 2.06 -1.03 -11.03
CA LYS A 33 1.84 -0.07 -9.95
C LYS A 33 0.38 0.39 -9.95
N ARG A 34 -0.20 0.56 -11.15
CA ARG A 34 -1.62 0.87 -11.35
C ARG A 34 -2.49 -0.23 -10.74
N GLN A 35 -2.11 -1.49 -11.02
CA GLN A 35 -2.76 -2.70 -10.46
C GLN A 35 -2.74 -2.64 -8.93
N LEU A 36 -1.53 -2.45 -8.36
CA LEU A 36 -1.33 -2.38 -6.89
C LEU A 36 -2.14 -1.21 -6.27
N SER A 37 -2.19 -0.07 -6.99
CA SER A 37 -2.92 1.15 -6.57
C SER A 37 -4.43 0.87 -6.44
N LEU A 38 -4.99 0.18 -7.44
CA LEU A 38 -6.40 -0.23 -7.47
C LEU A 38 -6.68 -1.30 -6.40
N ASP A 39 -5.68 -2.17 -6.21
CA ASP A 39 -5.76 -3.36 -5.35
C ASP A 39 -5.67 -2.97 -3.85
N ILE A 40 -5.09 -1.79 -3.58
CA ILE A 40 -5.09 -1.19 -2.23
C ILE A 40 -6.34 -0.29 -2.06
N ASN A 41 -6.72 0.41 -3.14
CA ASN A 41 -7.86 1.37 -3.15
C ASN A 41 -9.21 0.64 -2.92
N ARG A 42 -9.26 -0.66 -3.25
CA ARG A 42 -10.47 -1.51 -3.06
C ARG A 42 -10.72 -1.82 -1.56
N LEU A 43 -9.64 -1.76 -0.76
CA LEU A 43 -9.69 -1.96 0.70
C LEU A 43 -10.33 -0.71 1.36
N PRO A 44 -11.29 -0.88 2.31
CA PRO A 44 -11.95 0.27 3.01
C PRO A 44 -10.96 1.08 3.89
N GLY A 45 -11.35 2.32 4.23
CA GLY A 45 -10.49 3.26 4.98
C GLY A 45 -9.97 2.75 6.33
N GLU A 46 -10.66 1.75 6.89
CA GLU A 46 -10.24 1.10 8.16
C GLU A 46 -9.01 0.20 7.95
N LYS A 47 -8.95 -0.51 6.80
CA LYS A 47 -7.78 -1.34 6.41
C LYS A 47 -6.65 -0.44 5.87
N LEU A 48 -7.07 0.66 5.21
CA LEU A 48 -6.17 1.70 4.70
C LEU A 48 -5.48 2.44 5.85
N GLY A 49 -6.05 2.33 7.09
CA GLY A 49 -5.41 2.86 8.29
C GLY A 49 -4.00 2.31 8.52
N ARG A 50 -3.85 1.01 8.27
CA ARG A 50 -2.56 0.32 8.41
C ARG A 50 -1.65 0.53 7.17
N VAL A 51 -2.28 0.71 5.99
CA VAL A 51 -1.53 1.00 4.74
C VAL A 51 -0.84 2.37 4.85
N VAL A 52 -1.63 3.42 5.18
CA VAL A 52 -1.14 4.80 5.30
C VAL A 52 -0.17 4.93 6.50
N HIS A 53 -0.35 4.04 7.50
CA HIS A 53 0.57 3.96 8.64
C HIS A 53 1.99 3.59 8.16
N ILE A 54 2.12 2.44 7.46
CA ILE A 54 3.44 1.90 7.05
C ILE A 54 4.09 2.78 5.95
N ILE A 55 3.26 3.40 5.08
CA ILE A 55 3.72 4.38 4.06
C ILE A 55 4.39 5.60 4.75
N GLN A 56 3.72 6.12 5.79
CA GLN A 56 4.17 7.33 6.51
C GLN A 56 5.16 6.99 7.64
N SER A 57 5.36 5.69 7.91
CA SER A 57 6.46 5.21 8.78
C SER A 57 7.79 5.32 8.00
N ARG A 58 7.71 5.09 6.67
CA ARG A 58 8.85 5.20 5.74
C ARG A 58 9.12 6.68 5.45
N GLU A 59 8.03 7.41 5.17
CA GLU A 59 8.09 8.83 4.74
C GLU A 59 7.33 9.71 5.76
N PRO A 60 7.94 10.06 6.94
CA PRO A 60 7.23 10.79 8.04
C PRO A 60 6.98 12.28 7.75
N SER A 61 7.60 12.79 6.66
CA SER A 61 7.48 14.18 6.23
C SER A 61 6.08 14.48 5.67
N LEU A 62 5.62 13.60 4.73
CA LEU A 62 4.33 13.77 4.01
C LEU A 62 3.13 13.76 4.97
N ARG A 63 3.29 13.03 6.09
CA ARG A 63 2.24 12.87 7.12
C ARG A 63 1.95 14.19 7.85
N ASP A 64 3.01 14.99 8.07
CA ASP A 64 2.90 16.31 8.74
C ASP A 64 2.62 17.42 7.73
N SER A 65 3.02 17.19 6.46
CA SER A 65 2.77 18.12 5.35
C SER A 65 1.26 18.31 5.16
N ASN A 66 0.56 17.19 4.95
CA ASN A 66 -0.90 17.12 4.96
C ASN A 66 -1.34 16.01 5.94
N PRO A 67 -1.71 16.39 7.20
CA PRO A 67 -2.23 15.42 8.21
C PRO A 67 -3.61 14.86 7.83
N ASP A 68 -4.31 15.56 6.91
CA ASP A 68 -5.69 15.24 6.51
C ASP A 68 -5.80 14.85 5.04
N GLU A 69 -4.68 14.87 4.28
CA GLU A 69 -4.64 14.38 2.89
C GLU A 69 -3.27 13.73 2.62
N ILE A 70 -3.13 12.46 3.03
CA ILE A 70 -1.87 11.71 2.90
C ILE A 70 -1.74 11.29 1.43
N GLU A 71 -1.00 12.10 0.64
CA GLU A 71 -0.84 11.89 -0.79
C GLU A 71 0.06 10.67 -1.05
N ILE A 72 -0.57 9.51 -1.25
CA ILE A 72 0.14 8.30 -1.63
C ILE A 72 0.30 8.29 -3.16
N ASP A 73 1.38 8.93 -3.60
CA ASP A 73 1.83 8.92 -5.01
C ASP A 73 2.42 7.54 -5.35
N PHE A 74 1.49 6.61 -5.71
CA PHE A 74 1.78 5.19 -5.97
C PHE A 74 2.88 4.98 -7.01
N GLU A 75 2.79 5.74 -8.11
CA GLU A 75 3.72 5.61 -9.25
C GLU A 75 5.19 5.88 -8.86
N THR A 76 5.40 6.69 -7.80
CA THR A 76 6.74 7.06 -7.32
C THR A 76 7.03 6.46 -5.92
N LEU A 77 6.08 5.63 -5.40
CA LEU A 77 6.24 4.93 -4.12
C LEU A 77 7.53 4.09 -4.08
N LYS A 78 8.04 3.92 -2.86
CA LYS A 78 9.36 3.39 -2.60
C LYS A 78 9.35 1.88 -2.83
N PRO A 79 10.25 1.35 -3.72
CA PRO A 79 10.36 -0.12 -4.04
C PRO A 79 10.65 -1.00 -2.78
N THR A 80 11.09 -0.32 -1.72
CA THR A 80 11.32 -0.91 -0.40
C THR A 80 9.98 -1.31 0.26
N THR A 81 9.02 -0.36 0.21
CA THR A 81 7.71 -0.45 0.88
C THR A 81 6.68 -1.20 0.00
N LEU A 82 6.91 -1.20 -1.33
CA LEU A 82 6.01 -1.87 -2.32
C LEU A 82 5.88 -3.37 -2.04
N ARG A 83 6.95 -3.95 -1.45
CA ARG A 83 6.95 -5.34 -1.00
C ARG A 83 5.88 -5.54 0.09
N GLU A 84 5.92 -4.66 1.12
CA GLU A 84 4.98 -4.69 2.27
C GLU A 84 3.54 -4.58 1.80
N LEU A 85 3.32 -3.63 0.89
CA LEU A 85 1.99 -3.37 0.28
C LEU A 85 1.46 -4.61 -0.45
N GLU A 86 2.35 -5.28 -1.19
CA GLU A 86 1.99 -6.43 -2.02
C GLU A 86 1.52 -7.59 -1.12
N ARG A 87 2.39 -7.98 -0.16
CA ARG A 87 2.13 -9.14 0.74
C ARG A 87 1.01 -8.85 1.75
N TYR A 88 0.76 -7.55 2.05
CA TYR A 88 -0.30 -7.13 2.99
C TYR A 88 -1.68 -7.31 2.35
N VAL A 89 -1.84 -6.86 1.11
CA VAL A 89 -3.09 -6.98 0.38
C VAL A 89 -3.29 -8.43 -0.13
N LYS A 90 -2.16 -9.14 -0.33
CA LYS A 90 -2.17 -10.59 -0.61
C LYS A 90 -2.61 -11.42 0.62
N SER A 91 -2.27 -10.95 1.83
CA SER A 91 -2.66 -11.64 3.08
C SER A 91 -4.13 -11.27 3.44
N CYS A 92 -4.58 -10.08 3.00
CA CYS A 92 -5.96 -9.59 3.24
C CYS A 92 -6.94 -10.32 2.31
N LEU A 93 -6.74 -10.14 1.00
CA LEU A 93 -7.61 -10.74 -0.05
C LEU A 93 -7.37 -12.26 -0.14
N GLN A 94 -6.14 -12.61 -0.54
CA GLN A 94 -5.70 -13.98 -0.81
C GLN A 94 -6.59 -14.63 -1.88
N LYS A 95 -6.32 -14.33 -3.15
CA LYS A 95 -7.02 -14.92 -4.30
C LYS A 95 -6.00 -15.32 -5.38
N LYS A 96 -6.20 -16.52 -5.96
CA LYS A 96 -5.29 -17.10 -6.95
C LYS A 96 -5.56 -16.49 -8.34
N GLU B 1 3.83 25.95 -14.53
CA GLU B 1 3.52 24.62 -15.10
C GLU B 1 1.99 24.44 -15.22
N PHE B 2 1.23 25.23 -14.42
CA PHE B 2 -0.27 25.17 -14.32
C PHE B 2 -0.76 23.80 -13.82
N THR B 3 0.18 22.95 -13.36
CA THR B 3 -0.02 21.52 -13.11
C THR B 3 -0.67 20.82 -14.35
N GLY B 4 0.17 20.59 -15.38
CA GLY B 4 -0.24 19.83 -16.56
C GLY B 4 -0.20 18.31 -16.32
N SER B 5 0.58 17.89 -15.31
CA SER B 5 0.74 16.49 -14.91
C SER B 5 -0.38 16.09 -13.91
N PRO B 6 -1.31 15.13 -14.28
CA PRO B 6 -2.30 14.55 -13.34
C PRO B 6 -1.62 13.77 -12.19
N GLU B 7 -0.79 12.77 -12.57
CA GLU B 7 -0.02 11.88 -11.66
C GLU B 7 -0.94 10.96 -10.80
N ILE B 8 -0.50 9.71 -10.55
CA ILE B 8 -1.24 8.75 -9.70
C ILE B 8 -0.88 9.04 -8.22
N LYS B 9 -1.62 10.00 -7.63
CA LYS B 9 -1.43 10.43 -6.24
C LYS B 9 -2.79 10.50 -5.55
N LEU B 10 -3.03 9.53 -4.66
CA LEU B 10 -4.30 9.35 -3.98
C LEU B 10 -4.19 9.98 -2.59
N LYS B 11 -4.74 11.21 -2.49
CA LYS B 11 -4.77 11.98 -1.25
C LYS B 11 -5.77 11.34 -0.29
N ILE B 12 -5.25 10.66 0.72
CA ILE B 12 -6.02 10.03 1.78
C ILE B 12 -6.67 11.13 2.65
N THR B 13 -7.87 11.54 2.23
CA THR B 13 -8.65 12.59 2.86
C THR B 13 -9.31 12.05 4.12
N LYS B 14 -8.75 12.46 5.28
CA LYS B 14 -9.22 12.03 6.60
C LYS B 14 -10.60 12.64 6.83
N THR B 15 -11.64 11.83 6.60
CA THR B 15 -13.01 12.17 6.91
C THR B 15 -13.44 11.43 8.18
N ILE B 16 -14.37 12.02 8.92
CA ILE B 16 -15.04 11.38 10.06
C ILE B 16 -16.56 11.43 9.82
N GLN B 17 -17.30 10.60 10.56
CA GLN B 17 -18.76 10.51 10.44
C GLN B 17 -19.35 10.32 11.85
N ASN B 18 -20.67 10.12 11.93
CA ASN B 18 -21.39 9.89 13.19
C ASN B 18 -20.87 8.62 13.90
N GLY B 19 -20.17 8.82 15.03
CA GLY B 19 -19.74 7.72 15.91
C GLY B 19 -18.58 6.87 15.38
N ARG B 20 -18.10 7.18 14.15
CA ARG B 20 -17.03 6.40 13.50
C ARG B 20 -16.04 7.33 12.77
N GLU B 21 -14.83 6.79 12.52
CA GLU B 21 -13.73 7.52 11.91
C GLU B 21 -13.07 6.67 10.81
N LEU B 22 -13.39 6.97 9.56
CA LEU B 22 -12.83 6.29 8.37
C LEU B 22 -12.71 7.27 7.23
N PHE B 23 -11.68 7.08 6.39
CA PHE B 23 -11.31 8.02 5.34
C PHE B 23 -11.40 7.38 3.95
N GLU B 24 -11.04 8.16 2.92
CA GLU B 24 -11.14 7.76 1.51
C GLU B 24 -10.02 8.42 0.70
N SER B 25 -9.68 7.85 -0.45
CA SER B 25 -8.69 8.41 -1.37
C SER B 25 -9.40 9.39 -2.34
N SER B 26 -8.77 10.55 -2.56
CA SER B 26 -9.30 11.61 -3.46
C SER B 26 -8.13 12.19 -4.28
N LEU B 27 -8.43 12.85 -5.40
CA LEU B 27 -7.41 13.46 -6.27
C LEU B 27 -7.92 14.81 -6.81
N CYS B 28 -9.00 15.33 -6.20
CA CYS B 28 -9.63 16.62 -6.56
C CYS B 28 -9.42 17.65 -5.44
N GLY B 29 -9.84 18.91 -5.68
CA GLY B 29 -9.75 19.97 -4.66
C GLY B 29 -11.11 20.62 -4.43
N ASP B 30 -11.10 21.92 -4.10
CA ASP B 30 -12.33 22.73 -4.00
C ASP B 30 -12.63 23.36 -5.37
N LEU B 31 -13.78 22.99 -5.97
CA LEU B 31 -14.20 23.47 -7.29
C LEU B 31 -14.83 24.86 -7.13
N LEU B 32 -13.94 25.87 -7.08
CA LEU B 32 -14.32 27.29 -7.07
C LEU B 32 -15.09 27.69 -8.34
N ASN B 33 -14.80 26.96 -9.43
CA ASN B 33 -15.43 27.14 -10.76
C ASN B 33 -16.91 26.68 -10.72
N GLU B 34 -17.15 25.60 -9.93
CA GLU B 34 -18.46 24.96 -9.77
C GLU B 34 -19.02 24.44 -11.11
N VAL B 35 -18.61 23.24 -11.52
CA VAL B 35 -19.22 22.51 -12.64
C VAL B 35 -20.27 21.55 -12.06
N GLN B 36 -21.38 21.32 -12.78
CA GLN B 36 -22.44 20.39 -12.34
C GLN B 36 -22.00 18.93 -12.56
N ALA B 37 -22.87 17.99 -12.14
CA ALA B 37 -22.62 16.55 -12.13
C ALA B 37 -22.24 16.01 -13.52
N SER B 38 -22.93 16.51 -14.56
CA SER B 38 -22.71 16.14 -15.98
C SER B 38 -23.04 14.65 -16.25
N GLU B 39 -23.02 14.25 -17.53
CA GLU B 39 -23.21 12.84 -17.92
C GLU B 39 -22.43 12.59 -19.24
N HIS A 1 17.94 11.87 73.51
CA HIS A 1 19.09 10.94 73.41
C HIS A 1 18.63 9.69 72.65
N HIS A 2 18.62 9.78 71.31
CA HIS A 2 18.14 8.69 70.44
C HIS A 2 18.63 8.98 69.00
N HIS A 3 19.48 8.10 68.46
CA HIS A 3 20.11 8.29 67.12
C HIS A 3 19.94 7.02 66.27
N HIS A 4 19.62 7.23 64.98
CA HIS A 4 19.49 6.15 63.97
C HIS A 4 20.00 6.60 62.61
N HIS A 5 20.24 5.59 61.75
CA HIS A 5 20.67 5.78 60.35
C HIS A 5 19.72 4.99 59.43
N HIS A 6 19.97 5.07 58.12
CA HIS A 6 19.23 4.31 57.09
C HIS A 6 20.19 3.85 55.99
N SER A 7 19.77 2.79 55.28
CA SER A 7 20.50 2.22 54.14
C SER A 7 19.47 1.87 53.05
N HIS A 8 19.65 2.43 51.84
CA HIS A 8 18.69 2.24 50.72
C HIS A 8 19.43 2.28 49.38
N MET A 9 19.28 1.21 48.58
CA MET A 9 19.79 1.12 47.20
C MET A 9 18.68 0.63 46.26
N GLY A 10 18.63 1.20 45.05
CA GLY A 10 17.73 0.77 43.98
C GLY A 10 18.50 0.68 42.68
N LYS A 11 19.27 -0.41 42.53
CA LYS A 11 20.16 -0.61 41.37
C LYS A 11 19.36 -0.86 40.09
N GLN A 12 19.76 -0.18 39.01
CA GLN A 12 19.06 -0.21 37.72
C GLN A 12 19.97 -0.84 36.65
N ALA A 13 19.35 -1.43 35.63
CA ALA A 13 20.05 -2.10 34.51
C ALA A 13 19.17 -2.09 33.24
N SER A 14 19.74 -2.54 32.13
CA SER A 14 19.08 -2.55 30.82
C SER A 14 19.75 -3.58 29.90
N ALA A 15 19.06 -3.95 28.81
CA ALA A 15 19.60 -4.85 27.78
C ALA A 15 19.90 -4.04 26.50
N SER A 16 18.83 -3.42 25.94
CA SER A 16 18.88 -2.53 24.75
C SER A 16 19.44 -3.24 23.49
N TYR A 17 18.54 -3.68 22.60
CA TYR A 17 18.89 -4.38 21.35
C TYR A 17 18.28 -3.63 20.16
N ASP A 18 18.78 -3.89 18.95
CA ASP A 18 18.21 -3.38 17.69
C ASP A 18 17.84 -4.55 16.79
N SER A 19 16.78 -4.38 15.98
CA SER A 19 16.31 -5.40 15.04
C SER A 19 15.69 -4.71 13.80
N GLU A 20 15.87 -3.38 13.68
CA GLU A 20 15.33 -2.60 12.56
C GLU A 20 16.23 -2.78 11.31
N GLU A 21 15.81 -3.70 10.43
CA GLU A 21 16.54 -4.03 9.19
C GLU A 21 15.75 -3.55 7.98
N GLU A 22 16.49 -3.17 6.92
CA GLU A 22 15.91 -2.63 5.67
C GLU A 22 15.46 -3.76 4.73
N GLU A 23 14.74 -3.37 3.66
CA GLU A 23 14.29 -4.29 2.60
C GLU A 23 15.32 -4.32 1.45
N GLU A 24 15.08 -5.21 0.49
CA GLU A 24 15.89 -5.38 -0.72
C GLU A 24 15.47 -4.35 -1.77
N GLY A 25 14.17 -4.33 -2.05
CA GLY A 25 13.57 -3.43 -3.04
C GLY A 25 13.34 -4.13 -4.36
N LEU A 26 12.33 -5.02 -4.38
CA LEU A 26 11.88 -5.74 -5.59
C LEU A 26 11.49 -4.73 -6.71
N PRO A 27 11.89 -4.97 -8.00
CA PRO A 27 11.50 -4.08 -9.13
C PRO A 27 9.97 -4.00 -9.34
N MET A 28 9.34 -3.11 -8.55
CA MET A 28 7.92 -2.82 -8.66
C MET A 28 7.77 -1.74 -9.73
N SER A 29 7.55 -2.19 -10.98
CA SER A 29 7.44 -1.32 -12.16
C SER A 29 6.18 -0.44 -12.08
N TYR A 30 6.15 0.64 -12.87
CA TYR A 30 5.02 1.59 -12.93
C TYR A 30 3.66 0.88 -13.13
N ASP A 31 3.67 -0.13 -14.02
CA ASP A 31 2.49 -0.94 -14.36
C ASP A 31 2.00 -1.73 -13.12
N GLU A 32 2.97 -2.29 -12.37
CA GLU A 32 2.73 -3.04 -11.13
C GLU A 32 2.13 -2.12 -10.05
N LYS A 33 2.64 -0.87 -10.04
CA LYS A 33 2.20 0.19 -9.10
C LYS A 33 0.75 0.62 -9.38
N ARG A 34 0.36 0.59 -10.67
CA ARG A 34 -1.03 0.87 -11.10
C ARG A 34 -1.99 -0.24 -10.65
N GLN A 35 -1.57 -1.52 -10.77
CA GLN A 35 -2.39 -2.67 -10.34
C GLN A 35 -2.63 -2.60 -8.82
N LEU A 36 -1.53 -2.36 -8.09
CA LEU A 36 -1.53 -2.20 -6.62
C LEU A 36 -2.42 -1.00 -6.20
N SER A 37 -2.35 0.09 -6.98
CA SER A 37 -3.17 1.32 -6.79
C SER A 37 -4.67 0.98 -6.71
N LEU A 38 -5.15 0.20 -7.69
CA LEU A 38 -6.56 -0.24 -7.79
C LEU A 38 -6.92 -1.21 -6.65
N ASP A 39 -5.98 -2.12 -6.34
CA ASP A 39 -6.15 -3.11 -5.26
C ASP A 39 -6.17 -2.47 -3.85
N ILE A 40 -5.60 -1.26 -3.74
CA ILE A 40 -5.67 -0.43 -2.52
C ILE A 40 -6.93 0.45 -2.53
N ASN A 41 -7.33 0.89 -3.73
CA ASN A 41 -8.51 1.75 -3.95
C ASN A 41 -9.82 1.03 -3.57
N ARG A 42 -9.81 -0.31 -3.69
CA ARG A 42 -10.99 -1.17 -3.41
C ARG A 42 -11.10 -1.52 -1.91
N LEU A 43 -10.03 -1.28 -1.13
CA LEU A 43 -9.98 -1.61 0.32
C LEU A 43 -10.76 -0.58 1.17
N PRO A 44 -11.38 -1.02 2.33
CA PRO A 44 -12.05 -0.10 3.29
C PRO A 44 -11.03 0.66 4.15
N GLY A 45 -11.49 1.76 4.78
CA GLY A 45 -10.63 2.69 5.53
C GLY A 45 -9.85 2.06 6.69
N GLU A 46 -10.40 0.96 7.22
CA GLU A 46 -9.75 0.13 8.27
C GLU A 46 -8.47 -0.55 7.73
N LYS A 47 -8.55 -1.13 6.52
CA LYS A 47 -7.38 -1.74 5.83
C LYS A 47 -6.41 -0.64 5.41
N LEU A 48 -6.99 0.50 4.93
CA LEU A 48 -6.22 1.69 4.55
C LEU A 48 -5.51 2.32 5.75
N GLY A 49 -5.96 1.96 6.96
CA GLY A 49 -5.28 2.36 8.20
C GLY A 49 -3.81 1.98 8.20
N ARG A 50 -3.54 0.69 7.95
CA ARG A 50 -2.17 0.17 7.91
C ARG A 50 -1.45 0.56 6.60
N VAL A 51 -2.23 0.58 5.49
CA VAL A 51 -1.73 0.96 4.14
C VAL A 51 -1.07 2.36 4.17
N VAL A 52 -1.80 3.36 4.66
CA VAL A 52 -1.30 4.74 4.73
C VAL A 52 -0.18 4.84 5.79
N HIS A 53 -0.31 4.06 6.89
CA HIS A 53 0.64 4.08 8.01
C HIS A 53 2.06 3.69 7.55
N ILE A 54 2.17 2.61 6.74
CA ILE A 54 3.47 2.08 6.26
C ILE A 54 4.04 2.96 5.12
N ILE A 55 3.15 3.67 4.38
CA ILE A 55 3.57 4.72 3.40
C ILE A 55 4.25 5.88 4.16
N GLN A 56 3.57 6.34 5.23
CA GLN A 56 4.00 7.52 6.02
C GLN A 56 5.14 7.17 7.00
N SER A 57 5.31 5.87 7.30
CA SER A 57 6.39 5.37 8.16
C SER A 57 7.73 5.38 7.38
N ARG A 58 7.61 5.40 6.03
CA ARG A 58 8.75 5.61 5.12
C ARG A 58 8.86 7.11 4.76
N GLU A 59 7.71 7.76 4.53
CA GLU A 59 7.62 9.18 4.13
C GLU A 59 6.97 10.00 5.27
N PRO A 60 7.77 10.41 6.30
CA PRO A 60 7.23 11.03 7.53
C PRO A 60 6.75 12.48 7.33
N SER A 61 7.42 13.19 6.39
CA SER A 61 7.21 14.63 6.16
C SER A 61 5.78 14.92 5.68
N LEU A 62 5.25 14.03 4.83
CA LEU A 62 3.87 14.12 4.28
C LEU A 62 2.81 14.02 5.42
N ARG A 63 3.09 13.15 6.39
CA ARG A 63 2.24 12.87 7.57
C ARG A 63 2.25 14.05 8.55
N ASP A 64 3.46 14.58 8.80
CA ASP A 64 3.67 15.69 9.75
C ASP A 64 3.18 17.03 9.19
N SER A 65 3.16 17.14 7.86
CA SER A 65 2.62 18.31 7.15
C SER A 65 1.08 18.27 7.20
N ASN A 66 0.50 17.19 6.63
CA ASN A 66 -0.95 16.97 6.62
C ASN A 66 -1.30 15.70 7.41
N PRO A 67 -1.93 15.84 8.63
CA PRO A 67 -2.52 14.68 9.36
C PRO A 67 -3.92 14.31 8.83
N ASP A 68 -4.31 14.94 7.70
CA ASP A 68 -5.60 14.76 7.06
C ASP A 68 -5.45 14.22 5.63
N GLU A 69 -5.05 15.10 4.68
CA GLU A 69 -5.03 14.78 3.25
C GLU A 69 -3.64 14.32 2.81
N ILE A 70 -3.52 13.01 2.60
CA ILE A 70 -2.25 12.34 2.26
C ILE A 70 -2.31 11.82 0.82
N GLU A 71 -1.68 12.56 -0.11
CA GLU A 71 -1.62 12.16 -1.53
C GLU A 71 -0.59 11.03 -1.71
N ILE A 72 -1.08 9.78 -1.79
CA ILE A 72 -0.23 8.59 -2.01
C ILE A 72 -0.07 8.34 -3.51
N ASP A 73 1.01 8.89 -4.07
CA ASP A 73 1.39 8.73 -5.48
C ASP A 73 2.34 7.54 -5.65
N PHE A 74 1.76 6.37 -5.98
CA PHE A 74 2.47 5.08 -6.06
C PHE A 74 3.60 5.10 -7.11
N GLU A 75 3.33 5.78 -8.22
CA GLU A 75 4.23 5.81 -9.40
C GLU A 75 5.65 6.33 -9.08
N THR A 76 5.75 7.27 -8.12
CA THR A 76 7.05 7.81 -7.67
C THR A 76 7.59 7.06 -6.43
N LEU A 77 6.67 6.42 -5.66
CA LEU A 77 7.01 5.74 -4.38
C LEU A 77 8.09 4.67 -4.51
N LYS A 78 8.73 4.38 -3.37
CA LYS A 78 9.90 3.50 -3.28
C LYS A 78 9.45 2.03 -3.37
N PRO A 79 9.99 1.22 -4.35
CA PRO A 79 9.72 -0.24 -4.46
C PRO A 79 9.97 -1.02 -3.14
N THR A 80 10.88 -0.48 -2.31
CA THR A 80 11.21 -0.99 -0.96
C THR A 80 10.00 -0.87 -0.01
N THR A 81 9.32 0.28 -0.08
CA THR A 81 8.08 0.54 0.68
C THR A 81 6.96 -0.40 0.20
N LEU A 82 6.87 -0.55 -1.14
CA LEU A 82 5.78 -1.30 -1.81
C LEU A 82 5.93 -2.82 -1.64
N ARG A 83 6.96 -3.25 -0.89
CA ARG A 83 7.05 -4.61 -0.34
C ARG A 83 5.86 -4.89 0.58
N GLU A 84 5.68 -3.99 1.57
CA GLU A 84 4.67 -4.10 2.63
C GLU A 84 3.26 -3.90 2.06
N LEU A 85 3.16 -2.97 1.09
CA LEU A 85 1.89 -2.65 0.40
C LEU A 85 1.40 -3.88 -0.37
N GLU A 86 2.30 -4.45 -1.21
CA GLU A 86 2.01 -5.65 -2.00
C GLU A 86 1.54 -6.79 -1.06
N ARG A 87 2.39 -7.08 -0.06
CA ARG A 87 2.16 -8.16 0.93
C ARG A 87 0.77 -8.05 1.60
N TYR A 88 0.50 -6.90 2.24
CA TYR A 88 -0.70 -6.68 3.07
C TYR A 88 -2.00 -6.76 2.23
N VAL A 89 -2.01 -6.06 1.08
CA VAL A 89 -3.18 -5.96 0.19
C VAL A 89 -3.50 -7.32 -0.46
N LYS A 90 -2.45 -8.06 -0.81
CA LYS A 90 -2.57 -9.44 -1.32
C LYS A 90 -3.03 -10.40 -0.21
N SER A 91 -2.73 -10.07 1.06
CA SER A 91 -3.20 -10.83 2.23
C SER A 91 -4.64 -10.41 2.63
N CYS A 92 -5.13 -9.29 2.06
CA CYS A 92 -6.53 -8.83 2.24
C CYS A 92 -7.47 -9.48 1.20
N LEU A 93 -6.95 -9.63 -0.03
CA LEU A 93 -7.73 -10.15 -1.19
C LEU A 93 -7.65 -11.70 -1.26
N GLN A 94 -6.44 -12.23 -1.04
CA GLN A 94 -6.14 -13.68 -1.13
C GLN A 94 -5.18 -14.09 0.00
N LYS A 95 -4.57 -15.27 -0.12
CA LYS A 95 -3.45 -15.72 0.74
C LYS A 95 -2.28 -16.11 -0.16
N LYS A 96 -1.05 -15.77 0.28
CA LYS A 96 0.22 -16.09 -0.41
C LYS A 96 0.32 -15.42 -1.80
N GLU B 1 -6.09 21.26 -30.55
CA GLU B 1 -5.52 20.03 -30.01
C GLU B 1 -4.83 20.32 -28.66
N PHE B 2 -4.87 19.30 -27.77
CA PHE B 2 -4.20 19.36 -26.46
C PHE B 2 -4.01 17.93 -25.92
N THR B 3 -2.93 17.72 -25.16
CA THR B 3 -2.57 16.41 -24.56
C THR B 3 -3.18 16.24 -23.16
N GLY B 4 -2.82 15.14 -22.46
CA GLY B 4 -3.33 14.84 -21.13
C GLY B 4 -2.41 13.89 -20.39
N SER B 5 -2.07 14.24 -19.13
CA SER B 5 -1.19 13.44 -18.26
C SER B 5 -1.89 13.21 -16.90
N PRO B 6 -2.50 12.01 -16.67
CA PRO B 6 -3.05 11.63 -15.33
C PRO B 6 -1.93 11.31 -14.32
N GLU B 7 -2.29 11.20 -13.04
CA GLU B 7 -1.37 10.85 -11.94
C GLU B 7 -1.91 9.64 -11.17
N ILE B 8 -1.03 8.66 -10.89
CA ILE B 8 -1.36 7.49 -10.07
C ILE B 8 -1.26 7.93 -8.59
N LYS B 9 -2.31 8.62 -8.11
CA LYS B 9 -2.27 9.37 -6.85
C LYS B 9 -3.64 9.30 -6.15
N LEU B 10 -3.67 8.56 -5.03
CA LEU B 10 -4.87 8.33 -4.22
C LEU B 10 -4.74 9.15 -2.94
N LYS B 11 -5.47 10.26 -2.86
CA LYS B 11 -5.44 11.13 -1.70
C LYS B 11 -6.32 10.55 -0.57
N ILE B 12 -5.63 9.98 0.43
CA ILE B 12 -6.21 9.51 1.69
C ILE B 12 -6.69 10.73 2.51
N THR B 13 -8.01 10.98 2.48
CA THR B 13 -8.60 12.19 3.09
C THR B 13 -9.22 11.81 4.45
N LYS B 14 -8.52 12.15 5.54
CA LYS B 14 -8.94 11.82 6.92
C LYS B 14 -10.01 12.80 7.39
N THR B 15 -11.21 12.26 7.64
CA THR B 15 -12.39 13.00 8.12
C THR B 15 -13.08 12.17 9.23
N ILE B 16 -13.49 12.83 10.32
CA ILE B 16 -14.18 12.19 11.44
C ILE B 16 -15.63 11.78 11.06
N GLN B 17 -15.77 10.54 10.59
CA GLN B 17 -17.05 9.97 10.13
C GLN B 17 -17.70 9.19 11.30
N ASN B 18 -19.01 9.40 11.51
CA ASN B 18 -19.81 8.90 12.68
C ASN B 18 -19.35 9.61 13.97
N GLY B 19 -18.16 9.22 14.43
CA GLY B 19 -17.45 9.89 15.52
C GLY B 19 -16.02 9.39 15.62
N ARG B 20 -15.52 8.80 14.50
CA ARG B 20 -14.23 8.09 14.44
C ARG B 20 -13.47 8.62 13.23
N GLU B 21 -12.16 8.85 13.39
CA GLU B 21 -11.28 9.28 12.29
C GLU B 21 -11.17 8.16 11.23
N LEU B 22 -11.79 8.41 10.08
CA LEU B 22 -11.89 7.44 8.99
C LEU B 22 -11.50 8.13 7.67
N PHE B 23 -10.61 7.48 6.92
CA PHE B 23 -10.07 7.99 5.67
C PHE B 23 -10.19 6.93 4.58
N GLU B 24 -10.43 7.38 3.35
CA GLU B 24 -10.64 6.51 2.19
C GLU B 24 -9.79 7.01 1.02
N SER B 25 -9.54 6.10 0.07
CA SER B 25 -8.68 6.36 -1.09
C SER B 25 -9.51 6.99 -2.22
N SER B 26 -9.05 8.17 -2.68
CA SER B 26 -9.70 8.91 -3.77
C SER B 26 -8.68 9.28 -4.84
N LEU B 27 -8.71 8.53 -5.95
CA LEU B 27 -7.85 8.76 -7.12
C LEU B 27 -8.50 9.87 -7.96
N CYS B 28 -8.30 11.13 -7.52
CA CYS B 28 -8.74 12.35 -8.23
C CYS B 28 -10.29 12.39 -8.47
N GLY B 29 -11.05 11.61 -7.66
CA GLY B 29 -12.51 11.53 -7.81
C GLY B 29 -12.94 10.56 -8.90
N ASP B 30 -14.13 9.94 -8.71
CA ASP B 30 -14.74 9.01 -9.67
C ASP B 30 -15.39 9.86 -10.76
N LEU B 31 -14.81 9.86 -11.95
CA LEU B 31 -15.28 10.68 -13.07
C LEU B 31 -15.87 9.74 -14.14
N LEU B 32 -17.17 9.93 -14.43
CA LEU B 32 -17.87 9.19 -15.49
C LEU B 32 -17.55 9.83 -16.86
N ASN B 33 -16.55 9.26 -17.54
CA ASN B 33 -16.00 9.82 -18.81
C ASN B 33 -16.14 8.82 -19.96
N GLU B 34 -16.57 7.58 -19.64
CA GLU B 34 -16.71 6.50 -20.61
C GLU B 34 -18.16 6.51 -21.16
N VAL B 35 -18.51 7.63 -21.81
CA VAL B 35 -19.82 7.85 -22.43
C VAL B 35 -19.73 7.55 -23.93
N GLN B 36 -20.29 6.41 -24.34
CA GLN B 36 -20.49 6.05 -25.75
C GLN B 36 -21.81 6.66 -26.24
N ALA B 37 -21.93 6.83 -27.56
CA ALA B 37 -23.17 7.29 -28.21
C ALA B 37 -23.70 6.15 -29.11
N SER B 38 -22.88 5.79 -30.13
CA SER B 38 -23.23 4.80 -31.18
C SER B 38 -24.45 5.27 -32.02
N GLU B 39 -24.73 4.56 -33.12
CA GLU B 39 -25.85 4.89 -34.02
C GLU B 39 -27.17 4.39 -33.39
N HIS A 1 25.89 -71.61 14.63
CA HIS A 1 26.71 -70.55 13.98
C HIS A 1 25.90 -69.82 12.90
N HIS A 2 25.02 -68.92 13.36
CA HIS A 2 24.18 -68.07 12.50
C HIS A 2 24.20 -66.64 13.09
N HIS A 3 24.28 -65.63 12.21
CA HIS A 3 24.44 -64.22 12.62
C HIS A 3 23.44 -63.33 11.88
N HIS A 4 23.13 -62.16 12.49
CA HIS A 4 22.26 -61.13 11.90
C HIS A 4 22.83 -59.75 12.26
N HIS A 5 22.81 -58.81 11.30
CA HIS A 5 23.35 -57.45 11.51
C HIS A 5 22.22 -56.41 11.34
N HIS A 6 21.64 -56.37 10.12
CA HIS A 6 20.59 -55.40 9.71
C HIS A 6 21.14 -53.96 9.68
N SER A 7 21.52 -53.48 8.48
CA SER A 7 22.02 -52.10 8.30
C SER A 7 20.89 -51.09 8.58
N HIS A 8 21.05 -50.32 9.68
CA HIS A 8 19.99 -49.43 10.20
C HIS A 8 20.57 -48.03 10.47
N MET A 9 20.27 -47.08 9.57
CA MET A 9 20.67 -45.66 9.71
C MET A 9 19.51 -44.78 9.22
N GLY A 10 19.27 -43.66 9.94
CA GLY A 10 18.12 -42.81 9.70
C GLY A 10 18.22 -41.52 10.49
N LYS A 11 18.49 -40.42 9.79
CA LYS A 11 18.69 -39.09 10.40
C LYS A 11 17.98 -38.02 9.57
N GLN A 12 17.19 -37.19 10.27
CA GLN A 12 16.35 -36.12 9.70
C GLN A 12 15.74 -35.33 10.88
N ALA A 13 15.08 -34.19 10.57
CA ALA A 13 14.48 -33.28 11.57
C ALA A 13 15.60 -32.52 12.30
N SER A 14 16.22 -31.56 11.57
CA SER A 14 17.40 -30.82 12.04
C SER A 14 17.52 -29.49 11.24
N ALA A 15 16.35 -28.88 10.93
CA ALA A 15 16.25 -27.63 10.12
C ALA A 15 16.83 -26.40 10.86
N SER A 16 17.00 -26.53 12.20
CA SER A 16 17.56 -25.50 13.11
C SER A 16 16.78 -24.17 13.06
N TYR A 17 15.52 -24.23 12.55
CA TYR A 17 14.63 -23.06 12.36
C TYR A 17 15.28 -21.99 11.47
N ASP A 18 14.90 -21.97 10.19
CA ASP A 18 15.50 -21.09 9.18
C ASP A 18 14.59 -21.00 7.95
N SER A 19 14.35 -19.77 7.47
CA SER A 19 13.57 -19.49 6.27
C SER A 19 13.83 -18.04 5.83
N GLU A 20 13.54 -17.10 6.77
CA GLU A 20 13.79 -15.65 6.64
C GLU A 20 13.15 -15.06 5.36
N GLU A 21 11.88 -14.61 5.48
CA GLU A 21 11.20 -13.91 4.38
C GLU A 21 11.66 -12.46 4.34
N GLU A 22 11.88 -11.95 3.14
CA GLU A 22 12.46 -10.61 2.92
C GLU A 22 11.71 -9.89 1.79
N GLU A 23 11.93 -8.58 1.73
CA GLU A 23 11.44 -7.73 0.63
C GLU A 23 12.33 -7.92 -0.60
N GLU A 24 11.81 -7.53 -1.76
CA GLU A 24 12.57 -7.58 -3.03
C GLU A 24 13.36 -6.29 -3.19
N GLY A 25 12.69 -5.17 -2.85
CA GLY A 25 13.20 -3.82 -3.12
C GLY A 25 13.37 -3.57 -4.62
N LEU A 26 12.54 -4.24 -5.44
CA LEU A 26 12.70 -4.27 -6.91
C LEU A 26 12.05 -3.04 -7.56
N PRO A 27 12.72 -2.37 -8.56
CA PRO A 27 12.05 -1.31 -9.36
C PRO A 27 10.88 -1.91 -10.17
N MET A 28 9.70 -1.90 -9.54
CA MET A 28 8.53 -2.64 -10.00
C MET A 28 7.79 -1.80 -11.06
N SER A 29 7.23 -2.48 -12.07
CA SER A 29 6.67 -1.85 -13.29
C SER A 29 5.55 -0.84 -12.96
N TYR A 30 5.37 0.13 -13.86
CA TYR A 30 4.34 1.18 -13.76
C TYR A 30 2.93 0.56 -13.76
N ASP A 31 2.78 -0.46 -14.63
CA ASP A 31 1.56 -1.31 -14.76
C ASP A 31 1.27 -2.08 -13.46
N GLU A 32 2.35 -2.55 -12.81
CA GLU A 32 2.26 -3.27 -11.53
C GLU A 32 1.83 -2.33 -10.38
N LYS A 33 2.32 -1.08 -10.42
CA LYS A 33 1.98 -0.04 -9.43
C LYS A 33 0.54 0.46 -9.65
N ARG A 34 0.10 0.43 -10.92
CA ARG A 34 -1.30 0.68 -11.31
C ARG A 34 -2.22 -0.38 -10.67
N GLN A 35 -1.89 -1.67 -10.90
CA GLN A 35 -2.67 -2.81 -10.41
C GLN A 35 -2.80 -2.76 -8.87
N LEU A 36 -1.65 -2.57 -8.21
CA LEU A 36 -1.53 -2.47 -6.73
C LEU A 36 -2.39 -1.30 -6.19
N SER A 37 -2.33 -0.14 -6.88
CA SER A 37 -3.12 1.07 -6.54
C SER A 37 -4.62 0.76 -6.50
N LEU A 38 -5.11 0.12 -7.59
CA LEU A 38 -6.53 -0.26 -7.77
C LEU A 38 -6.98 -1.26 -6.69
N ASP A 39 -6.07 -2.17 -6.35
CA ASP A 39 -6.29 -3.18 -5.30
C ASP A 39 -6.25 -2.58 -3.87
N ILE A 40 -5.81 -1.33 -3.73
CA ILE A 40 -5.91 -0.57 -2.46
C ILE A 40 -7.17 0.34 -2.46
N ASN A 41 -7.62 0.75 -3.67
CA ASN A 41 -8.88 1.51 -3.84
C ASN A 41 -10.11 0.63 -3.50
N ARG A 42 -9.97 -0.71 -3.66
CA ARG A 42 -11.03 -1.69 -3.31
C ARG A 42 -11.06 -1.96 -1.79
N LEU A 43 -10.00 -1.52 -1.08
CA LEU A 43 -9.89 -1.65 0.39
C LEU A 43 -10.47 -0.38 1.07
N PRO A 44 -11.54 -0.52 1.92
CA PRO A 44 -12.09 0.60 2.74
C PRO A 44 -11.10 1.11 3.83
N GLY A 45 -11.52 2.21 4.50
CA GLY A 45 -10.68 2.95 5.45
C GLY A 45 -10.19 2.15 6.64
N GLU A 46 -10.94 1.10 6.98
CA GLU A 46 -10.60 0.18 8.09
C GLU A 46 -9.33 -0.64 7.79
N LYS A 47 -9.07 -0.92 6.50
CA LYS A 47 -7.81 -1.56 6.05
C LYS A 47 -6.75 -0.50 5.67
N LEU A 48 -7.22 0.71 5.28
CA LEU A 48 -6.31 1.84 4.96
C LEU A 48 -5.56 2.38 6.20
N GLY A 49 -5.95 1.88 7.40
CA GLY A 49 -5.23 2.17 8.64
C GLY A 49 -3.75 1.78 8.58
N ARG A 50 -3.47 0.53 8.14
CA ARG A 50 -2.08 0.05 8.01
C ARG A 50 -1.37 0.73 6.82
N VAL A 51 -2.15 1.00 5.76
CA VAL A 51 -1.63 1.63 4.52
C VAL A 51 -1.00 3.00 4.84
N VAL A 52 -1.73 3.88 5.56
CA VAL A 52 -1.19 5.20 5.93
C VAL A 52 -0.07 5.06 6.98
N HIS A 53 -0.19 4.05 7.86
CA HIS A 53 0.79 3.80 8.95
C HIS A 53 2.19 3.59 8.36
N ILE A 54 2.31 2.61 7.45
CA ILE A 54 3.59 2.20 6.86
C ILE A 54 4.14 3.29 5.90
N ILE A 55 3.26 3.98 5.15
CA ILE A 55 3.66 5.04 4.19
C ILE A 55 4.20 6.30 4.92
N GLN A 56 3.58 6.65 6.07
CA GLN A 56 3.96 7.87 6.83
C GLN A 56 5.19 7.63 7.73
N SER A 57 5.44 6.35 8.06
CA SER A 57 6.66 5.93 8.79
C SER A 57 7.89 5.96 7.86
N ARG A 58 7.63 5.96 6.53
CA ARG A 58 8.70 6.03 5.51
C ARG A 58 8.88 7.48 5.07
N GLU A 59 7.76 8.05 4.62
CA GLU A 59 7.68 9.42 4.11
C GLU A 59 6.96 10.30 5.15
N PRO A 60 7.74 11.00 6.05
CA PRO A 60 7.15 11.87 7.08
C PRO A 60 6.75 13.26 6.53
N SER A 61 7.04 13.49 5.23
CA SER A 61 6.72 14.74 4.50
C SER A 61 5.23 15.10 4.60
N LEU A 62 4.40 14.12 4.25
CA LEU A 62 2.93 14.25 4.32
C LEU A 62 2.46 14.29 5.78
N ARG A 63 3.06 13.42 6.61
CA ARG A 63 2.66 13.20 8.04
C ARG A 63 2.71 14.52 8.84
N ASP A 64 3.75 15.32 8.58
CA ASP A 64 3.98 16.60 9.25
C ASP A 64 3.13 17.71 8.59
N SER A 65 3.05 17.67 7.24
CA SER A 65 2.34 18.67 6.45
C SER A 65 0.81 18.48 6.60
N ASN A 66 0.27 17.44 5.94
CA ASN A 66 -1.15 17.07 5.97
C ASN A 66 -1.28 15.62 6.49
N PRO A 67 -1.46 15.41 7.84
CA PRO A 67 -1.68 14.06 8.41
C PRO A 67 -3.10 13.51 8.07
N ASP A 68 -3.91 14.37 7.41
CA ASP A 68 -5.26 14.05 6.96
C ASP A 68 -5.22 13.62 5.49
N GLU A 69 -4.91 14.57 4.59
CA GLU A 69 -4.86 14.32 3.14
C GLU A 69 -3.47 13.78 2.75
N ILE A 70 -3.35 12.46 2.78
CA ILE A 70 -2.09 11.75 2.56
C ILE A 70 -1.97 11.33 1.08
N GLU A 71 -1.34 12.20 0.25
CA GLU A 71 -1.21 12.00 -1.21
C GLU A 71 -0.18 10.90 -1.52
N ILE A 72 -0.63 9.64 -1.51
CA ILE A 72 0.21 8.45 -1.73
C ILE A 72 0.40 8.23 -3.25
N ASP A 73 1.55 8.69 -3.75
CA ASP A 73 1.94 8.57 -5.16
C ASP A 73 2.78 7.30 -5.39
N PHE A 74 2.07 6.22 -5.78
CA PHE A 74 2.61 4.85 -5.92
C PHE A 74 3.78 4.75 -6.89
N GLU A 75 3.70 5.55 -7.96
CA GLU A 75 4.71 5.56 -9.03
C GLU A 75 6.09 6.02 -8.51
N THR A 76 6.10 6.92 -7.50
CA THR A 76 7.35 7.46 -6.93
C THR A 76 7.70 6.77 -5.59
N LEU A 77 6.77 5.95 -5.04
CA LEU A 77 6.97 5.24 -3.76
C LEU A 77 8.19 4.31 -3.82
N LYS A 78 8.79 4.11 -2.64
CA LYS A 78 10.00 3.31 -2.48
C LYS A 78 9.68 1.83 -2.76
N PRO A 79 10.49 1.15 -3.64
CA PRO A 79 10.32 -0.29 -4.02
C PRO A 79 10.40 -1.24 -2.79
N THR A 80 11.03 -0.73 -1.74
CA THR A 80 11.18 -1.40 -0.44
C THR A 80 9.85 -1.50 0.31
N THR A 81 9.18 -0.33 0.43
CA THR A 81 7.89 -0.19 1.13
C THR A 81 6.75 -0.84 0.32
N LEU A 82 6.88 -0.80 -1.03
CA LEU A 82 5.84 -1.33 -1.97
C LEU A 82 5.57 -2.83 -1.77
N ARG A 83 6.58 -3.52 -1.20
CA ARG A 83 6.48 -4.92 -0.77
C ARG A 83 5.35 -5.08 0.27
N GLU A 84 5.32 -4.20 1.28
CA GLU A 84 4.35 -4.27 2.39
C GLU A 84 2.94 -3.84 1.97
N LEU A 85 2.85 -2.95 0.96
CA LEU A 85 1.56 -2.59 0.32
C LEU A 85 0.99 -3.84 -0.39
N GLU A 86 1.85 -4.43 -1.24
CA GLU A 86 1.51 -5.59 -2.08
C GLU A 86 1.05 -6.78 -1.21
N ARG A 87 1.89 -7.14 -0.24
CA ARG A 87 1.73 -8.32 0.63
C ARG A 87 0.48 -8.19 1.52
N TYR A 88 0.21 -6.96 2.00
CA TYR A 88 -0.97 -6.68 2.83
C TYR A 88 -2.27 -6.92 2.03
N VAL A 89 -2.28 -6.48 0.77
CA VAL A 89 -3.42 -6.69 -0.12
C VAL A 89 -3.59 -8.19 -0.46
N LYS A 90 -2.46 -8.91 -0.65
CA LYS A 90 -2.49 -10.37 -0.93
C LYS A 90 -3.08 -11.13 0.27
N SER A 91 -2.77 -10.64 1.48
CA SER A 91 -3.27 -11.23 2.74
C SER A 91 -4.77 -10.91 2.94
N CYS A 92 -5.26 -9.85 2.27
CA CYS A 92 -6.67 -9.45 2.32
C CYS A 92 -7.51 -10.24 1.29
N LEU A 93 -6.92 -10.48 0.10
CA LEU A 93 -7.63 -11.15 -1.01
C LEU A 93 -7.55 -12.68 -0.85
N GLN A 94 -6.32 -13.21 -0.76
CA GLN A 94 -6.05 -14.65 -0.59
C GLN A 94 -6.38 -15.08 0.85
N LYS A 95 -6.84 -16.33 0.99
CA LYS A 95 -7.40 -16.87 2.25
C LYS A 95 -6.29 -17.51 3.12
N LYS A 96 -6.72 -18.21 4.20
CA LYS A 96 -5.83 -18.83 5.21
C LYS A 96 -4.92 -19.91 4.56
N GLU B 1 -1.16 30.47 -18.10
CA GLU B 1 -0.60 29.16 -17.70
C GLU B 1 -1.71 28.12 -17.42
N PHE B 2 -1.44 26.85 -17.73
CA PHE B 2 -2.32 25.73 -17.42
C PHE B 2 -1.48 24.46 -17.29
N THR B 3 -1.71 23.69 -16.21
CA THR B 3 -0.92 22.50 -15.86
C THR B 3 -1.82 21.24 -15.88
N GLY B 4 -1.28 20.16 -16.47
CA GLY B 4 -1.95 18.86 -16.49
C GLY B 4 -0.93 17.74 -16.40
N SER B 5 -0.09 17.83 -15.34
CA SER B 5 0.99 16.87 -15.07
C SER B 5 0.42 15.47 -14.76
N PRO B 6 0.67 14.44 -15.64
CA PRO B 6 0.18 13.06 -15.40
C PRO B 6 0.85 12.42 -14.17
N GLU B 7 0.05 11.79 -13.29
CA GLU B 7 0.55 11.21 -12.03
C GLU B 7 -0.47 10.24 -11.41
N ILE B 8 0.04 9.32 -10.59
CA ILE B 8 -0.78 8.39 -9.80
C ILE B 8 -0.65 8.81 -8.33
N LYS B 9 -1.53 9.69 -7.84
CA LYS B 9 -1.59 10.04 -6.41
C LYS B 9 -3.01 9.80 -5.89
N LEU B 10 -3.12 8.98 -4.85
CA LEU B 10 -4.35 8.78 -4.12
C LEU B 10 -4.18 9.49 -2.79
N LYS B 11 -4.83 10.66 -2.61
CA LYS B 11 -4.85 11.27 -1.29
C LYS B 11 -5.84 10.47 -0.43
N ILE B 12 -5.28 9.59 0.43
CA ILE B 12 -6.06 8.93 1.47
C ILE B 12 -6.36 10.01 2.53
N THR B 13 -7.43 10.75 2.21
CA THR B 13 -7.91 11.87 3.00
C THR B 13 -8.75 11.33 4.16
N LYS B 14 -8.32 11.69 5.37
CA LYS B 14 -8.92 11.25 6.61
C LYS B 14 -10.29 11.93 6.79
N THR B 15 -11.33 11.11 6.89
CA THR B 15 -12.71 11.56 7.04
C THR B 15 -13.21 11.28 8.47
N ILE B 16 -12.94 12.22 9.39
CA ILE B 16 -13.41 12.14 10.78
C ILE B 16 -14.86 12.70 10.86
N GLN B 17 -15.79 11.95 10.27
CA GLN B 17 -17.20 12.31 10.24
C GLN B 17 -18.01 11.08 10.65
N ASN B 18 -18.19 10.93 11.98
CA ASN B 18 -18.90 9.80 12.62
C ASN B 18 -18.18 8.43 12.37
N GLY B 19 -18.37 7.48 13.31
CA GLY B 19 -17.74 6.16 13.21
C GLY B 19 -16.24 6.22 13.42
N ARG B 20 -15.79 7.22 14.22
CA ARG B 20 -14.38 7.47 14.54
C ARG B 20 -13.56 7.90 13.30
N GLU B 21 -12.22 7.78 13.41
CA GLU B 21 -11.27 8.13 12.35
C GLU B 21 -11.41 7.16 11.16
N LEU B 22 -11.95 7.66 10.06
CA LEU B 22 -12.12 6.93 8.79
C LEU B 22 -11.19 7.53 7.73
N PHE B 23 -11.07 6.87 6.57
CA PHE B 23 -10.26 7.36 5.44
C PHE B 23 -11.09 7.33 4.14
N GLU B 24 -10.51 7.90 3.07
CA GLU B 24 -11.12 7.91 1.72
C GLU B 24 -9.98 8.14 0.69
N SER B 25 -9.93 7.32 -0.37
CA SER B 25 -8.84 7.38 -1.39
C SER B 25 -9.32 8.17 -2.63
N SER B 26 -9.00 9.48 -2.67
CA SER B 26 -9.34 10.39 -3.77
C SER B 26 -8.14 10.58 -4.73
N LEU B 27 -8.33 10.28 -6.03
CA LEU B 27 -7.32 10.58 -7.07
C LEU B 27 -7.65 11.99 -7.61
N CYS B 28 -6.87 12.99 -7.17
CA CYS B 28 -7.05 14.40 -7.56
C CYS B 28 -6.50 14.66 -8.97
N GLY B 29 -7.38 15.18 -9.84
CA GLY B 29 -7.02 15.63 -11.18
C GLY B 29 -7.67 16.98 -11.47
N ASP B 30 -7.37 17.54 -12.64
CA ASP B 30 -7.90 18.85 -13.06
C ASP B 30 -7.88 18.96 -14.59
N LEU B 31 -8.78 19.80 -15.13
CA LEU B 31 -8.93 20.02 -16.57
C LEU B 31 -7.88 21.05 -17.05
N LEU B 32 -7.77 21.22 -18.38
CA LEU B 32 -6.87 22.23 -18.98
C LEU B 32 -7.67 23.46 -19.44
N ASN B 33 -6.97 24.43 -20.05
CA ASN B 33 -7.57 25.63 -20.65
C ASN B 33 -7.19 25.68 -22.13
N GLU B 34 -5.88 25.92 -22.37
CA GLU B 34 -5.29 26.13 -23.72
C GLU B 34 -5.96 27.34 -24.44
N VAL B 35 -6.49 28.28 -23.64
CA VAL B 35 -7.11 29.51 -24.18
C VAL B 35 -6.01 30.40 -24.81
N GLN B 36 -6.28 30.90 -26.02
CA GLN B 36 -5.35 31.78 -26.74
C GLN B 36 -5.42 33.19 -26.15
N ALA B 37 -4.34 33.95 -26.30
CA ALA B 37 -4.21 35.33 -25.77
C ALA B 37 -3.59 36.25 -26.82
N SER B 38 -3.99 36.03 -28.08
CA SER B 38 -3.54 36.83 -29.22
C SER B 38 -4.40 38.12 -29.33
N GLU B 39 -3.90 39.19 -28.71
CA GLU B 39 -4.60 40.48 -28.65
C GLU B 39 -3.81 41.53 -29.49
N HIS A 1 17.20 -77.81 1.40
CA HIS A 1 17.83 -77.99 2.72
C HIS A 1 19.02 -77.01 2.84
N HIS A 2 18.68 -75.71 3.08
CA HIS A 2 19.66 -74.65 3.36
C HIS A 2 18.93 -73.40 3.88
N HIS A 3 19.50 -72.76 4.92
CA HIS A 3 18.95 -71.54 5.55
C HIS A 3 19.90 -70.36 5.34
N HIS A 4 19.37 -69.17 5.07
CA HIS A 4 20.15 -67.93 4.94
C HIS A 4 19.37 -66.75 5.55
N HIS A 5 19.56 -66.54 6.86
CA HIS A 5 19.03 -65.37 7.58
C HIS A 5 19.97 -64.16 7.38
N HIS A 6 19.38 -62.95 7.35
CA HIS A 6 20.13 -61.70 7.23
C HIS A 6 19.22 -60.52 7.65
N SER A 7 19.78 -59.56 8.40
CA SER A 7 19.04 -58.41 8.95
C SER A 7 19.97 -57.18 9.04
N HIS A 8 19.49 -56.04 8.50
CA HIS A 8 20.21 -54.76 8.55
C HIS A 8 19.20 -53.62 8.83
N MET A 9 19.54 -52.75 9.78
CA MET A 9 18.75 -51.54 10.08
C MET A 9 19.36 -50.32 9.37
N GLY A 10 18.64 -49.20 9.40
CA GLY A 10 19.11 -47.94 8.80
C GLY A 10 18.21 -46.79 9.18
N LYS A 11 18.81 -45.72 9.76
CA LYS A 11 18.07 -44.55 10.26
C LYS A 11 18.99 -43.30 10.30
N GLN A 12 18.75 -42.36 9.37
CA GLN A 12 19.42 -41.05 9.32
C GLN A 12 18.39 -39.98 8.92
N ALA A 13 18.28 -38.93 9.74
CA ALA A 13 17.42 -37.76 9.47
C ALA A 13 18.08 -36.51 10.09
N SER A 14 17.91 -35.36 9.42
CA SER A 14 18.52 -34.08 9.85
C SER A 14 17.60 -32.95 9.39
N ALA A 15 17.16 -32.08 10.33
CA ALA A 15 16.31 -30.93 10.00
C ALA A 15 17.10 -29.93 9.16
N SER A 16 18.01 -29.15 9.81
CA SER A 16 18.95 -28.19 9.16
C SER A 16 18.23 -27.27 8.16
N TYR A 17 17.66 -26.17 8.66
CA TYR A 17 16.74 -25.32 7.88
C TYR A 17 17.03 -23.82 8.10
N ASP A 18 16.54 -23.00 7.15
CA ASP A 18 16.78 -21.54 7.11
C ASP A 18 15.92 -20.96 5.97
N SER A 19 14.68 -20.52 6.28
CA SER A 19 13.69 -20.15 5.23
C SER A 19 12.92 -18.86 5.54
N GLU A 20 13.36 -18.07 6.54
CA GLU A 20 12.73 -16.78 6.87
C GLU A 20 12.91 -15.76 5.70
N GLU A 21 11.94 -14.84 5.56
CA GLU A 21 11.91 -13.88 4.43
C GLU A 21 13.07 -12.87 4.48
N GLU A 22 13.80 -12.78 3.35
CA GLU A 22 14.81 -11.73 3.12
C GLU A 22 14.15 -10.58 2.34
N GLU A 23 14.82 -9.42 2.23
CA GLU A 23 14.34 -8.28 1.40
C GLU A 23 15.37 -7.87 0.35
N GLU A 24 14.86 -7.32 -0.76
CA GLU A 24 15.66 -6.78 -1.89
C GLU A 24 15.17 -5.36 -2.24
N GLY A 25 13.85 -5.16 -2.07
CA GLY A 25 13.19 -3.96 -2.54
C GLY A 25 12.98 -4.03 -4.03
N LEU A 26 12.35 -5.16 -4.46
CA LEU A 26 12.14 -5.53 -5.87
C LEU A 26 11.60 -4.34 -6.72
N PRO A 27 12.26 -4.02 -7.88
CA PRO A 27 11.85 -2.88 -8.75
C PRO A 27 10.45 -3.13 -9.34
N MET A 28 9.46 -2.39 -8.84
CA MET A 28 8.05 -2.59 -9.18
C MET A 28 7.75 -1.86 -10.50
N SER A 29 7.03 -2.54 -11.42
CA SER A 29 6.71 -1.99 -12.75
C SER A 29 5.62 -0.92 -12.63
N TYR A 30 5.53 -0.06 -13.67
CA TYR A 30 4.51 1.01 -13.75
C TYR A 30 3.09 0.39 -13.74
N ASP A 31 2.94 -0.76 -14.41
CA ASP A 31 1.69 -1.54 -14.44
C ASP A 31 1.27 -1.98 -13.03
N GLU A 32 2.25 -2.48 -12.25
CA GLU A 32 2.00 -3.00 -10.89
C GLU A 32 1.84 -1.88 -9.85
N LYS A 33 2.32 -0.67 -10.18
CA LYS A 33 2.10 0.54 -9.37
C LYS A 33 0.61 0.99 -9.48
N ARG A 34 0.08 0.92 -10.72
CA ARG A 34 -1.33 1.24 -11.03
C ARG A 34 -2.27 0.16 -10.45
N GLN A 35 -1.86 -1.11 -10.62
CA GLN A 35 -2.61 -2.27 -10.12
C GLN A 35 -2.75 -2.19 -8.59
N LEU A 36 -1.62 -1.87 -7.93
CA LEU A 36 -1.56 -1.69 -6.47
C LEU A 36 -2.48 -0.54 -6.01
N SER A 37 -2.51 0.56 -6.80
CA SER A 37 -3.35 1.74 -6.53
C SER A 37 -4.85 1.36 -6.48
N LEU A 38 -5.28 0.52 -7.44
CA LEU A 38 -6.68 0.05 -7.57
C LEU A 38 -6.99 -1.04 -6.51
N ASP A 39 -5.98 -1.85 -6.22
CA ASP A 39 -6.10 -3.04 -5.34
C ASP A 39 -6.13 -2.62 -3.85
N ILE A 40 -5.59 -1.44 -3.57
CA ILE A 40 -5.66 -0.76 -2.26
C ILE A 40 -6.94 0.07 -2.15
N ASN A 41 -7.35 0.67 -3.27
CA ASN A 41 -8.57 1.51 -3.35
C ASN A 41 -9.83 0.71 -2.96
N ARG A 42 -9.84 -0.60 -3.28
CA ARG A 42 -10.97 -1.52 -2.97
C ARG A 42 -10.95 -1.98 -1.49
N LEU A 43 -9.83 -1.77 -0.77
CA LEU A 43 -9.72 -2.10 0.68
C LEU A 43 -10.54 -1.06 1.50
N PRO A 44 -11.26 -1.50 2.59
CA PRO A 44 -12.05 -0.59 3.47
C PRO A 44 -11.15 0.35 4.30
N GLY A 45 -11.78 1.38 4.90
CA GLY A 45 -11.07 2.46 5.63
C GLY A 45 -10.20 1.97 6.80
N GLU A 46 -10.62 0.85 7.42
CA GLU A 46 -9.85 0.16 8.48
C GLU A 46 -8.48 -0.31 7.97
N LYS A 47 -8.48 -0.86 6.74
CA LYS A 47 -7.28 -1.39 6.09
C LYS A 47 -6.47 -0.27 5.44
N LEU A 48 -7.16 0.80 5.00
CA LEU A 48 -6.53 2.04 4.52
C LEU A 48 -5.76 2.73 5.66
N GLY A 49 -6.21 2.50 6.90
CA GLY A 49 -5.52 2.96 8.10
C GLY A 49 -4.12 2.36 8.24
N ARG A 50 -4.01 1.04 7.96
CA ARG A 50 -2.72 0.32 8.04
C ARG A 50 -1.86 0.55 6.78
N VAL A 51 -2.54 0.80 5.63
CA VAL A 51 -1.90 1.21 4.37
C VAL A 51 -1.10 2.50 4.56
N VAL A 52 -1.77 3.55 5.05
CA VAL A 52 -1.14 4.87 5.24
C VAL A 52 -0.14 4.86 6.41
N HIS A 53 -0.31 3.90 7.35
CA HIS A 53 0.63 3.71 8.46
C HIS A 53 2.02 3.30 7.93
N ILE A 54 2.04 2.38 6.96
CA ILE A 54 3.30 1.86 6.38
C ILE A 54 3.84 2.78 5.24
N ILE A 55 2.98 3.66 4.69
CA ILE A 55 3.42 4.72 3.76
C ILE A 55 4.16 5.81 4.55
N GLN A 56 3.52 6.29 5.63
CA GLN A 56 4.04 7.36 6.51
C GLN A 56 5.23 6.88 7.35
N SER A 57 5.35 5.55 7.53
CA SER A 57 6.52 4.92 8.17
C SER A 57 7.81 5.20 7.36
N ARG A 58 7.66 5.24 6.03
CA ARG A 58 8.76 5.54 5.09
C ARG A 58 8.87 7.04 4.85
N GLU A 59 7.72 7.66 4.55
CA GLU A 59 7.63 9.06 4.16
C GLU A 59 6.92 9.86 5.28
N PRO A 60 7.70 10.40 6.28
CA PRO A 60 7.14 11.15 7.42
C PRO A 60 6.82 12.62 7.06
N SER A 61 7.17 13.02 5.82
CA SER A 61 7.01 14.41 5.34
C SER A 61 5.53 14.83 5.32
N LEU A 62 4.67 13.97 4.69
CA LEU A 62 3.22 14.23 4.64
C LEU A 62 2.62 14.15 6.05
N ARG A 63 3.07 13.16 6.83
CA ARG A 63 2.58 12.92 8.20
C ARG A 63 2.82 14.13 9.12
N ASP A 64 4.00 14.76 8.93
CA ASP A 64 4.46 15.93 9.69
C ASP A 64 3.69 17.18 9.24
N SER A 65 3.50 17.32 7.92
CA SER A 65 2.87 18.49 7.32
C SER A 65 1.33 18.39 7.44
N ASN A 66 0.71 17.56 6.57
CA ASN A 66 -0.76 17.33 6.54
C ASN A 66 -1.05 15.81 6.60
N PRO A 67 -1.40 15.26 7.82
CA PRO A 67 -1.96 13.90 7.94
C PRO A 67 -3.45 13.84 7.50
N ASP A 68 -3.96 15.01 7.04
CA ASP A 68 -5.30 15.16 6.45
C ASP A 68 -5.31 14.55 5.05
N GLU A 69 -4.68 15.25 4.07
CA GLU A 69 -4.64 14.82 2.66
C GLU A 69 -3.28 14.19 2.34
N ILE A 70 -3.20 12.86 2.54
CA ILE A 70 -2.00 12.07 2.26
C ILE A 70 -2.04 11.59 0.80
N GLU A 71 -1.40 12.33 -0.11
CA GLU A 71 -1.37 11.99 -1.54
C GLU A 71 -0.31 10.90 -1.78
N ILE A 72 -0.76 9.63 -1.68
CA ILE A 72 0.11 8.45 -1.82
C ILE A 72 0.43 8.23 -3.31
N ASP A 73 1.61 8.67 -3.72
CA ASP A 73 2.09 8.61 -5.11
C ASP A 73 2.77 7.27 -5.41
N PHE A 74 1.92 6.27 -5.72
CA PHE A 74 2.31 4.87 -5.98
C PHE A 74 3.40 4.77 -7.05
N GLU A 75 3.24 5.60 -8.10
CA GLU A 75 4.12 5.60 -9.28
C GLU A 75 5.58 5.99 -8.95
N THR A 76 5.81 6.75 -7.85
CA THR A 76 7.18 7.16 -7.44
C THR A 76 7.55 6.59 -6.06
N LEU A 77 6.61 5.83 -5.40
CA LEU A 77 6.90 5.20 -4.08
C LEU A 77 8.13 4.28 -4.15
N LYS A 78 8.79 4.14 -3.01
CA LYS A 78 10.01 3.34 -2.86
C LYS A 78 9.68 1.87 -3.14
N PRO A 79 10.48 1.16 -4.00
CA PRO A 79 10.26 -0.28 -4.36
C PRO A 79 10.24 -1.21 -3.12
N THR A 80 10.93 -0.76 -2.06
CA THR A 80 10.95 -1.40 -0.73
C THR A 80 9.56 -1.32 -0.07
N THR A 81 8.99 -0.10 -0.11
CA THR A 81 7.67 0.20 0.46
C THR A 81 6.58 -0.48 -0.37
N LEU A 82 6.79 -0.54 -1.70
CA LEU A 82 5.81 -1.11 -2.64
C LEU A 82 5.61 -2.62 -2.39
N ARG A 83 6.63 -3.26 -1.75
CA ARG A 83 6.51 -4.65 -1.29
C ARG A 83 5.65 -4.72 -0.01
N GLU A 84 5.81 -3.73 0.90
CA GLU A 84 5.04 -3.66 2.16
C GLU A 84 3.53 -3.60 1.87
N LEU A 85 3.16 -2.76 0.88
CA LEU A 85 1.76 -2.61 0.43
C LEU A 85 1.28 -3.91 -0.24
N GLU A 86 2.05 -4.40 -1.24
CA GLU A 86 1.74 -5.62 -2.00
C GLU A 86 1.52 -6.83 -1.04
N ARG A 87 2.38 -6.91 -0.02
CA ARG A 87 2.39 -8.02 0.97
C ARG A 87 1.09 -7.99 1.77
N TYR A 88 0.74 -6.78 2.24
CA TYR A 88 -0.47 -6.55 3.05
C TYR A 88 -1.75 -6.88 2.27
N VAL A 89 -1.80 -6.42 1.01
CA VAL A 89 -2.95 -6.61 0.12
C VAL A 89 -3.10 -8.09 -0.25
N LYS A 90 -1.97 -8.78 -0.52
CA LYS A 90 -1.99 -10.23 -0.84
C LYS A 90 -2.41 -11.07 0.37
N SER A 91 -1.96 -10.67 1.57
CA SER A 91 -2.38 -11.32 2.84
C SER A 91 -3.91 -11.15 3.05
N CYS A 92 -4.43 -9.99 2.60
CA CYS A 92 -5.86 -9.65 2.68
C CYS A 92 -6.69 -10.37 1.61
N LEU A 93 -6.10 -10.59 0.42
CA LEU A 93 -6.79 -11.24 -0.71
C LEU A 93 -6.62 -12.78 -0.63
N GLN A 94 -5.37 -13.25 -0.87
CA GLN A 94 -4.98 -14.69 -1.01
C GLN A 94 -5.53 -15.29 -2.33
N LYS A 95 -6.81 -15.01 -2.60
CA LYS A 95 -7.39 -15.09 -3.95
C LYS A 95 -6.97 -13.86 -4.79
N LYS A 96 -7.56 -13.70 -5.99
CA LYS A 96 -7.39 -12.49 -6.82
C LYS A 96 -8.46 -11.45 -6.42
N GLU B 1 -3.85 19.33 -26.39
CA GLU B 1 -2.47 19.56 -25.93
C GLU B 1 -1.96 18.35 -25.11
N PHE B 2 -0.63 18.29 -24.90
CA PHE B 2 0.03 17.17 -24.20
C PHE B 2 0.59 17.67 -22.86
N THR B 3 -0.20 17.49 -21.79
CA THR B 3 0.16 17.96 -20.43
C THR B 3 1.21 17.04 -19.77
N GLY B 4 1.25 15.77 -20.21
CA GLY B 4 2.12 14.73 -19.65
C GLY B 4 1.33 13.56 -19.10
N SER B 5 2.05 12.58 -18.54
CA SER B 5 1.46 11.37 -17.93
C SER B 5 0.71 11.75 -16.62
N PRO B 6 -0.52 11.18 -16.36
CA PRO B 6 -1.36 11.57 -15.19
C PRO B 6 -0.68 11.19 -13.85
N GLU B 7 -0.74 12.12 -12.88
CA GLU B 7 -0.18 11.91 -11.53
C GLU B 7 -0.99 10.83 -10.77
N ILE B 8 -0.40 9.64 -10.61
CA ILE B 8 -1.04 8.51 -9.94
C ILE B 8 -0.78 8.62 -8.43
N LYS B 9 -1.56 9.48 -7.78
CA LYS B 9 -1.50 9.70 -6.34
C LYS B 9 -2.91 9.96 -5.80
N LEU B 10 -3.38 9.06 -4.93
CA LEU B 10 -4.69 9.15 -4.34
C LEU B 10 -4.57 9.86 -2.99
N LYS B 11 -5.18 11.04 -2.89
CA LYS B 11 -5.21 11.80 -1.65
C LYS B 11 -6.14 11.09 -0.67
N ILE B 12 -5.52 10.35 0.25
CA ILE B 12 -6.17 9.78 1.42
C ILE B 12 -6.57 10.96 2.30
N THR B 13 -7.78 11.45 2.07
CA THR B 13 -8.27 12.67 2.68
C THR B 13 -9.07 12.31 3.93
N LYS B 14 -8.72 12.98 5.04
CA LYS B 14 -9.42 12.81 6.31
C LYS B 14 -10.83 13.37 6.15
N THR B 15 -11.81 12.47 6.18
CA THR B 15 -13.23 12.81 6.04
C THR B 15 -14.07 11.62 6.55
N ILE B 16 -14.74 11.83 7.68
CA ILE B 16 -15.67 10.86 8.27
C ILE B 16 -16.71 11.61 9.13
N GLN B 17 -17.96 11.11 9.11
CA GLN B 17 -19.07 11.61 9.95
C GLN B 17 -19.09 10.84 11.29
N ASN B 18 -19.90 11.33 12.25
CA ASN B 18 -20.10 10.72 13.59
C ASN B 18 -20.63 9.29 13.45
N GLY B 19 -19.80 8.30 13.82
CA GLY B 19 -20.16 6.89 13.74
C GLY B 19 -18.95 6.00 13.59
N ARG B 20 -18.14 6.25 12.53
CA ARG B 20 -16.95 5.45 12.21
C ARG B 20 -15.68 6.31 12.40
N GLU B 21 -14.51 5.70 12.17
CA GLU B 21 -13.20 6.38 12.21
C GLU B 21 -12.35 5.97 11.00
N LEU B 22 -12.55 6.66 9.86
CA LEU B 22 -11.86 6.32 8.60
C LEU B 22 -11.68 7.55 7.70
N PHE B 23 -11.08 7.30 6.53
CA PHE B 23 -10.81 8.28 5.48
C PHE B 23 -10.87 7.57 4.13
N GLU B 24 -10.93 8.35 3.03
CA GLU B 24 -11.20 7.82 1.68
C GLU B 24 -10.10 8.28 0.70
N SER B 25 -9.92 7.49 -0.39
CA SER B 25 -9.01 7.84 -1.49
C SER B 25 -9.75 8.75 -2.47
N SER B 26 -9.05 9.77 -3.00
CA SER B 26 -9.62 10.74 -3.96
C SER B 26 -8.50 11.29 -4.87
N LEU B 27 -8.82 12.30 -5.70
CA LEU B 27 -7.85 12.94 -6.61
C LEU B 27 -8.25 14.41 -6.87
N CYS B 28 -9.40 14.62 -7.52
CA CYS B 28 -9.94 15.98 -7.80
C CYS B 28 -11.35 15.91 -8.40
N GLY B 29 -11.65 14.81 -9.13
CA GLY B 29 -12.92 14.68 -9.86
C GLY B 29 -12.84 15.34 -11.22
N ASP B 30 -11.79 14.99 -11.98
CA ASP B 30 -11.50 15.58 -13.29
C ASP B 30 -12.39 14.95 -14.39
N LEU B 31 -13.02 15.81 -15.23
CA LEU B 31 -13.81 15.37 -16.41
C LEU B 31 -13.42 16.26 -17.61
N LEU B 32 -13.50 15.69 -18.82
CA LEU B 32 -13.26 16.41 -20.09
C LEU B 32 -14.33 15.98 -21.12
N ASN B 33 -15.24 16.91 -21.46
CA ASN B 33 -16.42 16.61 -22.30
C ASN B 33 -16.33 17.41 -23.61
N GLU B 34 -15.34 17.03 -24.42
CA GLU B 34 -15.13 17.60 -25.76
C GLU B 34 -15.59 16.57 -26.81
N VAL B 35 -15.06 15.33 -26.65
CA VAL B 35 -15.30 14.20 -27.56
C VAL B 35 -14.91 14.59 -29.00
N GLN B 36 -13.59 14.77 -29.20
CA GLN B 36 -12.98 15.21 -30.47
C GLN B 36 -12.14 14.08 -31.06
N ALA B 37 -12.04 14.06 -32.40
CA ALA B 37 -11.20 13.11 -33.14
C ALA B 37 -11.03 13.60 -34.59
N SER B 38 -11.97 13.23 -35.48
CA SER B 38 -11.88 13.51 -36.92
C SER B 38 -13.23 13.25 -37.62
N GLU B 39 -13.46 13.95 -38.74
CA GLU B 39 -14.67 13.84 -39.57
C GLU B 39 -14.38 14.34 -41.00
N HIS A 1 -10.38 4.78 53.21
CA HIS A 1 -9.27 3.95 52.65
C HIS A 1 -9.76 3.20 51.41
N HIS A 2 -8.92 3.14 50.36
CA HIS A 2 -9.22 2.42 49.10
C HIS A 2 -7.93 2.20 48.30
N HIS A 3 -7.76 0.98 47.74
CA HIS A 3 -6.60 0.61 46.90
C HIS A 3 -7.08 -0.34 45.79
N HIS A 4 -7.20 0.20 44.55
CA HIS A 4 -7.64 -0.59 43.38
C HIS A 4 -6.50 -1.48 42.88
N HIS A 5 -6.80 -2.78 42.72
CA HIS A 5 -5.87 -3.80 42.21
C HIS A 5 -6.42 -4.38 40.89
N HIS A 6 -5.60 -4.33 39.83
CA HIS A 6 -5.95 -4.82 38.49
C HIS A 6 -5.15 -6.10 38.16
N SER A 7 -5.42 -6.66 36.98
CA SER A 7 -4.86 -7.95 36.53
C SER A 7 -4.53 -7.88 35.03
N HIS A 8 -3.45 -8.57 34.61
CA HIS A 8 -3.00 -8.61 33.21
C HIS A 8 -2.32 -9.96 32.89
N MET A 9 -2.55 -10.45 31.66
CA MET A 9 -1.95 -11.68 31.14
C MET A 9 -1.84 -11.57 29.60
N GLY A 10 -0.68 -11.97 29.03
CA GLY A 10 -0.38 -11.77 27.61
C GLY A 10 0.08 -13.06 26.97
N LYS A 11 -0.83 -13.72 26.23
CA LYS A 11 -0.55 -15.03 25.59
C LYS A 11 0.37 -14.83 24.36
N GLN A 12 1.55 -15.47 24.39
CA GLN A 12 2.53 -15.42 23.28
C GLN A 12 2.10 -16.39 22.15
N ALA A 13 2.57 -16.13 20.91
CA ALA A 13 2.23 -16.95 19.72
C ALA A 13 3.21 -16.68 18.57
N SER A 14 3.53 -17.73 17.79
CA SER A 14 4.33 -17.61 16.57
C SER A 14 3.77 -18.61 15.53
N ALA A 15 3.00 -18.08 14.55
CA ALA A 15 2.37 -18.90 13.49
C ALA A 15 3.40 -19.34 12.45
N SER A 16 4.43 -18.48 12.24
CA SER A 16 5.55 -18.71 11.30
C SER A 16 5.05 -18.74 9.84
N TYR A 17 5.32 -17.65 9.10
CA TYR A 17 4.88 -17.51 7.71
C TYR A 17 5.71 -18.41 6.78
N ASP A 18 5.04 -19.37 6.13
CA ASP A 18 5.65 -20.27 5.13
C ASP A 18 5.54 -19.64 3.72
N SER A 19 5.84 -18.33 3.64
CA SER A 19 5.77 -17.54 2.40
C SER A 19 6.80 -16.37 2.44
N GLU A 20 7.84 -16.52 3.28
CA GLU A 20 8.92 -15.53 3.45
C GLU A 20 10.04 -15.77 2.41
N GLU A 21 11.11 -14.95 2.51
CA GLU A 21 12.27 -14.98 1.60
C GLU A 21 11.85 -14.71 0.14
N GLU A 22 11.71 -13.43 -0.18
CA GLU A 22 11.30 -12.94 -1.52
C GLU A 22 11.95 -11.57 -1.81
N GLU A 23 11.82 -11.09 -3.06
CA GLU A 23 12.40 -9.82 -3.50
C GLU A 23 11.70 -8.64 -2.82
N GLU A 24 12.51 -7.67 -2.36
CA GLU A 24 12.06 -6.52 -1.57
C GLU A 24 12.98 -5.35 -1.93
N GLY A 25 12.51 -4.54 -2.86
CA GLY A 25 13.33 -3.52 -3.52
C GLY A 25 13.41 -3.77 -5.03
N LEU A 26 12.70 -4.81 -5.47
CA LEU A 26 12.57 -5.16 -6.90
C LEU A 26 11.89 -4.01 -7.71
N PRO A 27 12.45 -3.61 -8.91
CA PRO A 27 11.87 -2.53 -9.73
C PRO A 27 10.45 -2.88 -10.22
N MET A 28 9.45 -2.22 -9.62
CA MET A 28 8.03 -2.38 -9.98
C MET A 28 7.72 -1.43 -11.16
N SER A 29 7.03 -1.94 -12.20
CA SER A 29 6.71 -1.15 -13.42
C SER A 29 5.50 -0.24 -13.18
N TYR A 30 5.34 0.75 -14.09
CA TYR A 30 4.28 1.78 -14.05
C TYR A 30 2.86 1.17 -13.97
N ASP A 31 2.61 0.17 -14.81
CA ASP A 31 1.31 -0.52 -14.90
C ASP A 31 1.04 -1.35 -13.63
N GLU A 32 2.11 -1.81 -12.98
CA GLU A 32 2.03 -2.55 -11.72
C GLU A 32 1.86 -1.59 -10.52
N LYS A 33 2.34 -0.32 -10.66
CA LYS A 33 2.03 0.76 -9.70
C LYS A 33 0.52 1.00 -9.69
N ARG A 34 -0.01 1.09 -10.94
CA ARG A 34 -1.42 1.32 -11.25
C ARG A 34 -2.31 0.21 -10.66
N GLN A 35 -1.91 -1.05 -10.91
CA GLN A 35 -2.63 -2.24 -10.48
C GLN A 35 -2.68 -2.32 -8.94
N LEU A 36 -1.50 -2.17 -8.30
CA LEU A 36 -1.33 -2.22 -6.83
C LEU A 36 -2.21 -1.14 -6.15
N SER A 37 -2.24 0.06 -6.75
CA SER A 37 -3.04 1.20 -6.27
C SER A 37 -4.52 0.81 -6.21
N LEU A 38 -5.03 0.23 -7.31
CA LEU A 38 -6.46 -0.15 -7.43
C LEU A 38 -6.85 -1.23 -6.39
N ASP A 39 -5.92 -2.16 -6.12
CA ASP A 39 -6.14 -3.28 -5.17
C ASP A 39 -6.09 -2.84 -3.70
N ILE A 40 -5.59 -1.62 -3.46
CA ILE A 40 -5.65 -0.97 -2.14
C ILE A 40 -6.86 0.00 -2.08
N ASN A 41 -7.22 0.57 -3.25
CA ASN A 41 -8.39 1.49 -3.39
C ASN A 41 -9.71 0.72 -3.27
N ARG A 42 -9.66 -0.61 -3.48
CA ARG A 42 -10.83 -1.48 -3.34
C ARG A 42 -11.14 -1.77 -1.85
N LEU A 43 -10.12 -1.60 -0.99
CA LEU A 43 -10.21 -1.87 0.45
C LEU A 43 -10.68 -0.61 1.21
N PRO A 44 -11.69 -0.74 2.13
CA PRO A 44 -12.28 0.42 2.85
C PRO A 44 -11.34 1.05 3.90
N GLY A 45 -11.80 2.17 4.51
CA GLY A 45 -11.02 2.97 5.46
C GLY A 45 -10.50 2.20 6.66
N GLU A 46 -11.26 1.17 7.07
CA GLU A 46 -10.88 0.27 8.18
C GLU A 46 -9.51 -0.43 7.92
N LYS A 47 -9.21 -0.66 6.64
CA LYS A 47 -7.95 -1.28 6.19
C LYS A 47 -6.95 -0.21 5.74
N LEU A 48 -7.46 0.94 5.24
CA LEU A 48 -6.64 2.06 4.74
C LEU A 48 -5.82 2.72 5.88
N GLY A 49 -6.23 2.51 7.13
CA GLY A 49 -5.45 2.94 8.28
C GLY A 49 -4.06 2.32 8.30
N ARG A 50 -4.00 1.01 8.05
CA ARG A 50 -2.73 0.27 7.99
C ARG A 50 -1.83 0.81 6.85
N VAL A 51 -2.47 1.24 5.75
CA VAL A 51 -1.77 1.83 4.59
C VAL A 51 -1.08 3.13 4.97
N VAL A 52 -1.85 4.09 5.56
CA VAL A 52 -1.34 5.42 5.86
C VAL A 52 -0.22 5.33 6.94
N HIS A 53 -0.29 4.28 7.78
CA HIS A 53 0.73 4.03 8.82
C HIS A 53 2.07 3.58 8.20
N ILE A 54 2.03 2.54 7.34
CA ILE A 54 3.27 1.94 6.74
C ILE A 54 3.93 2.88 5.72
N ILE A 55 3.14 3.77 5.10
CA ILE A 55 3.63 4.80 4.17
C ILE A 55 4.33 5.93 4.95
N GLN A 56 3.76 6.33 6.10
CA GLN A 56 4.34 7.39 6.97
C GLN A 56 5.52 6.87 7.80
N SER A 57 5.64 5.54 7.92
CA SER A 57 6.82 4.90 8.53
C SER A 57 8.05 5.03 7.62
N ARG A 58 7.79 5.31 6.32
CA ARG A 58 8.83 5.61 5.33
C ARG A 58 9.02 7.12 5.20
N GLU A 59 7.93 7.80 4.81
CA GLU A 59 7.93 9.22 4.47
C GLU A 59 7.29 10.04 5.59
N PRO A 60 8.10 10.58 6.54
CA PRO A 60 7.57 11.21 7.77
C PRO A 60 6.88 12.55 7.51
N SER A 61 7.49 13.37 6.65
CA SER A 61 7.13 14.79 6.45
C SER A 61 5.71 14.98 5.87
N LEU A 62 5.15 13.95 5.19
CA LEU A 62 3.82 14.02 4.52
C LEU A 62 2.66 14.21 5.52
N ARG A 63 2.82 13.71 6.78
CA ARG A 63 1.77 13.83 7.83
C ARG A 63 1.90 15.15 8.61
N ASP A 64 3.15 15.60 8.76
CA ASP A 64 3.48 16.88 9.40
C ASP A 64 2.99 18.07 8.54
N SER A 65 3.10 17.89 7.21
CA SER A 65 2.61 18.85 6.21
C SER A 65 1.08 18.73 6.10
N ASN A 66 0.60 17.54 5.71
CA ASN A 66 -0.84 17.23 5.57
C ASN A 66 -1.24 16.11 6.55
N PRO A 67 -1.81 16.45 7.75
CA PRO A 67 -2.37 15.45 8.67
C PRO A 67 -3.74 14.92 8.22
N ASP A 68 -4.30 15.53 7.13
CA ASP A 68 -5.61 15.15 6.60
C ASP A 68 -5.44 14.27 5.34
N GLU A 69 -5.12 14.90 4.20
CA GLU A 69 -5.04 14.21 2.90
C GLU A 69 -3.57 13.97 2.54
N ILE A 70 -3.11 12.73 2.74
CA ILE A 70 -1.72 12.33 2.48
C ILE A 70 -1.62 11.81 1.06
N GLU A 71 -0.89 12.56 0.23
CA GLU A 71 -0.69 12.26 -1.19
C GLU A 71 0.30 11.07 -1.32
N ILE A 72 -0.25 9.88 -1.53
CA ILE A 72 0.55 8.65 -1.68
C ILE A 72 0.74 8.33 -3.18
N ASP A 73 1.92 8.76 -3.68
CA ASP A 73 2.31 8.60 -5.09
C ASP A 73 2.96 7.22 -5.33
N PHE A 74 2.13 6.22 -5.73
CA PHE A 74 2.59 4.84 -6.03
C PHE A 74 3.71 4.83 -7.09
N GLU A 75 3.55 5.70 -8.09
CA GLU A 75 4.51 5.90 -9.19
C GLU A 75 5.94 6.23 -8.67
N THR A 76 6.04 6.91 -7.50
CA THR A 76 7.34 7.33 -6.93
C THR A 76 7.65 6.65 -5.58
N LEU A 77 6.74 5.76 -5.11
CA LEU A 77 6.95 5.00 -3.85
C LEU A 77 8.15 4.05 -3.94
N LYS A 78 8.72 3.75 -2.78
CA LYS A 78 9.91 2.91 -2.65
C LYS A 78 9.51 1.45 -2.91
N PRO A 79 10.23 0.69 -3.77
CA PRO A 79 9.88 -0.72 -4.12
C PRO A 79 9.92 -1.71 -2.93
N THR A 80 10.46 -1.23 -1.80
CA THR A 80 10.42 -1.93 -0.51
C THR A 80 9.06 -1.68 0.19
N THR A 81 8.59 -0.42 0.11
CA THR A 81 7.30 0.00 0.63
C THR A 81 6.16 -0.60 -0.21
N LEU A 82 6.44 -0.75 -1.52
CA LEU A 82 5.51 -1.34 -2.49
C LEU A 82 5.38 -2.84 -2.20
N ARG A 83 6.44 -3.41 -1.62
CA ARG A 83 6.46 -4.82 -1.20
C ARG A 83 5.63 -5.00 0.09
N GLU A 84 5.59 -3.94 0.95
CA GLU A 84 4.71 -3.88 2.16
C GLU A 84 3.25 -3.84 1.73
N LEU A 85 2.99 -3.02 0.70
CA LEU A 85 1.67 -2.87 0.08
C LEU A 85 1.24 -4.17 -0.64
N GLU A 86 2.25 -4.92 -1.13
CA GLU A 86 2.05 -6.20 -1.84
C GLU A 86 1.57 -7.27 -0.85
N ARG A 87 2.34 -7.45 0.26
CA ARG A 87 2.02 -8.44 1.31
C ARG A 87 0.77 -8.05 2.09
N TYR A 88 0.42 -6.75 2.05
CA TYR A 88 -0.84 -6.23 2.60
C TYR A 88 -2.03 -6.72 1.75
N VAL A 89 -1.90 -6.57 0.41
CA VAL A 89 -2.87 -7.07 -0.58
C VAL A 89 -3.01 -8.60 -0.49
N LYS A 90 -1.87 -9.29 -0.29
CA LYS A 90 -1.84 -10.76 -0.15
C LYS A 90 -2.48 -11.21 1.17
N SER A 91 -2.22 -10.47 2.27
CA SER A 91 -2.75 -10.81 3.62
C SER A 91 -4.29 -10.66 3.65
N CYS A 92 -4.79 -9.67 2.89
CA CYS A 92 -6.21 -9.32 2.83
C CYS A 92 -6.97 -10.18 1.81
N LEU A 93 -6.33 -10.49 0.68
CA LEU A 93 -7.01 -11.06 -0.51
C LEU A 93 -6.50 -12.48 -0.83
N GLN A 94 -5.16 -12.68 -0.78
CA GLN A 94 -4.49 -13.94 -1.19
C GLN A 94 -4.75 -14.27 -2.68
N LYS A 95 -4.68 -13.22 -3.52
CA LYS A 95 -4.88 -13.35 -4.98
C LYS A 95 -3.66 -14.04 -5.62
N LYS A 96 -3.84 -15.31 -6.02
CA LYS A 96 -2.83 -16.08 -6.78
C LYS A 96 -2.72 -15.51 -8.21
N GLU B 1 4.43 19.49 -29.00
CA GLU B 1 4.10 19.68 -27.58
C GLU B 1 2.81 18.90 -27.23
N PHE B 2 2.97 17.67 -26.71
CA PHE B 2 1.84 16.80 -26.32
C PHE B 2 2.14 16.14 -24.95
N THR B 3 2.35 16.98 -23.92
CA THR B 3 2.60 16.52 -22.54
C THR B 3 1.26 16.19 -21.85
N GLY B 4 0.89 14.89 -21.90
CA GLY B 4 -0.37 14.39 -21.34
C GLY B 4 -0.19 13.01 -20.73
N SER B 5 0.17 12.97 -19.45
CA SER B 5 0.52 11.72 -18.74
C SER B 5 -0.40 11.51 -17.52
N PRO B 6 -1.19 10.38 -17.47
CA PRO B 6 -1.99 10.02 -16.27
C PRO B 6 -1.07 9.71 -15.06
N GLU B 7 -1.51 10.14 -13.87
CA GLU B 7 -0.70 10.07 -12.64
C GLU B 7 -1.26 9.02 -11.68
N ILE B 8 -0.39 8.08 -11.24
CA ILE B 8 -0.76 6.99 -10.33
C ILE B 8 -0.49 7.43 -8.87
N LYS B 9 -1.50 8.08 -8.27
CA LYS B 9 -1.44 8.63 -6.92
C LYS B 9 -2.85 8.96 -6.44
N LEU B 10 -2.99 9.17 -5.12
CA LEU B 10 -4.27 9.54 -4.50
C LEU B 10 -4.03 10.20 -3.14
N LYS B 11 -5.06 10.91 -2.64
CA LYS B 11 -5.01 11.54 -1.32
C LYS B 11 -5.86 10.72 -0.33
N ILE B 12 -5.19 10.14 0.67
CA ILE B 12 -5.83 9.36 1.75
C ILE B 12 -6.43 10.36 2.76
N THR B 13 -7.75 10.53 2.69
CA THR B 13 -8.48 11.57 3.45
C THR B 13 -8.72 11.11 4.90
N LYS B 14 -8.12 11.83 5.86
CA LYS B 14 -8.30 11.57 7.30
C LYS B 14 -9.52 12.37 7.81
N THR B 15 -10.56 11.65 8.22
CA THR B 15 -11.76 12.24 8.83
C THR B 15 -12.29 11.28 9.89
N ILE B 16 -12.74 11.81 11.04
CA ILE B 16 -13.28 10.99 12.13
C ILE B 16 -14.81 11.00 12.00
N GLN B 17 -15.38 9.91 11.47
CA GLN B 17 -16.84 9.74 11.33
C GLN B 17 -17.28 8.51 12.13
N ASN B 18 -18.42 8.65 12.86
CA ASN B 18 -19.06 7.57 13.66
C ASN B 18 -18.10 7.03 14.74
N GLY B 19 -17.23 7.92 15.26
CA GLY B 19 -16.26 7.56 16.30
C GLY B 19 -15.16 6.63 15.81
N ARG B 20 -14.80 6.76 14.52
CA ARG B 20 -13.81 5.90 13.87
C ARG B 20 -13.03 6.69 12.83
N GLU B 21 -11.76 6.27 12.59
CA GLU B 21 -10.95 6.80 11.49
C GLU B 21 -11.51 6.33 10.14
N LEU B 22 -12.25 7.22 9.51
CA LEU B 22 -12.82 7.02 8.18
C LEU B 22 -11.80 7.56 7.15
N PHE B 23 -11.45 6.73 6.17
CA PHE B 23 -10.56 7.12 5.06
C PHE B 23 -11.30 6.93 3.75
N GLU B 24 -11.01 7.78 2.78
CA GLU B 24 -11.50 7.62 1.40
C GLU B 24 -10.32 7.68 0.43
N SER B 25 -10.28 6.73 -0.51
CA SER B 25 -9.27 6.67 -1.57
C SER B 25 -9.73 7.56 -2.74
N SER B 26 -9.26 8.81 -2.77
CA SER B 26 -9.62 9.79 -3.82
C SER B 26 -8.45 10.75 -4.09
N LEU B 27 -7.98 10.78 -5.35
CA LEU B 27 -6.94 11.74 -5.79
C LEU B 27 -7.53 13.16 -5.90
N CYS B 28 -8.84 13.22 -6.17
CA CYS B 28 -9.60 14.47 -6.34
C CYS B 28 -11.10 14.16 -6.27
N GLY B 29 -11.48 13.09 -6.97
CA GLY B 29 -12.86 12.63 -7.05
C GLY B 29 -13.11 11.86 -8.34
N ASP B 30 -14.37 11.82 -8.79
CA ASP B 30 -14.79 11.08 -9.99
C ASP B 30 -16.11 11.67 -10.49
N LEU B 31 -16.23 11.85 -11.82
CA LEU B 31 -17.34 12.56 -12.46
C LEU B 31 -18.30 11.60 -13.19
N LEU B 32 -17.72 10.51 -13.73
CA LEU B 32 -18.43 9.51 -14.57
C LEU B 32 -18.90 10.12 -15.92
N ASN B 33 -19.43 9.22 -16.77
CA ASN B 33 -20.06 9.56 -18.07
C ASN B 33 -19.05 10.27 -19.01
N GLU B 34 -18.03 9.51 -19.44
CA GLU B 34 -17.02 9.98 -20.40
C GLU B 34 -17.59 10.05 -21.82
N VAL B 35 -18.45 9.06 -22.18
CA VAL B 35 -19.03 8.92 -23.53
C VAL B 35 -17.92 8.90 -24.62
N GLN B 36 -17.24 7.74 -24.73
CA GLN B 36 -16.07 7.51 -25.60
C GLN B 36 -14.84 8.33 -25.13
N ALA B 37 -14.92 9.67 -25.27
CA ALA B 37 -13.85 10.60 -24.88
C ALA B 37 -12.58 10.37 -25.71
N SER B 38 -12.64 10.84 -26.96
CA SER B 38 -11.56 10.66 -27.93
C SER B 38 -10.33 11.52 -27.57
N GLU B 39 -9.16 10.85 -27.43
CA GLU B 39 -7.86 11.49 -27.15
C GLU B 39 -7.85 12.10 -25.71
N HIS A 1 83.70 7.74 7.45
CA HIS A 1 82.55 6.98 6.89
C HIS A 1 82.23 5.77 7.80
N HIS A 2 81.15 5.91 8.60
CA HIS A 2 80.70 4.85 9.53
C HIS A 2 79.18 4.68 9.39
N HIS A 3 78.78 3.69 8.57
CA HIS A 3 77.36 3.41 8.23
C HIS A 3 76.58 2.86 9.43
N HIS A 4 75.25 2.99 9.40
CA HIS A 4 74.32 2.51 10.45
C HIS A 4 73.40 1.41 9.87
N HIS A 5 72.56 0.83 10.74
CA HIS A 5 71.60 -0.23 10.36
C HIS A 5 70.26 0.02 11.08
N HIS A 6 69.14 -0.14 10.34
CA HIS A 6 67.79 0.22 10.82
C HIS A 6 66.70 -0.46 9.96
N SER A 7 65.57 -0.83 10.60
CA SER A 7 64.48 -1.58 9.93
C SER A 7 63.12 -1.26 10.58
N HIS A 8 62.04 -1.37 9.78
CA HIS A 8 60.64 -1.14 10.24
C HIS A 8 59.83 -2.44 10.09
N MET A 9 58.86 -2.66 10.99
CA MET A 9 57.97 -3.84 10.97
C MET A 9 56.51 -3.38 11.08
N GLY A 10 55.56 -4.33 10.90
CA GLY A 10 54.14 -4.00 10.80
C GLY A 10 53.31 -5.26 10.82
N LYS A 11 52.24 -5.28 11.65
CA LYS A 11 51.48 -6.50 11.90
C LYS A 11 50.02 -6.14 12.21
N GLN A 12 49.12 -6.41 11.25
CA GLN A 12 47.68 -6.11 11.39
C GLN A 12 46.95 -7.30 12.06
N ALA A 13 45.88 -6.98 12.81
CA ALA A 13 45.05 -7.97 13.52
C ALA A 13 43.59 -7.51 13.41
N SER A 14 42.84 -8.16 12.52
CA SER A 14 41.46 -7.79 12.18
C SER A 14 40.57 -9.04 12.18
N ALA A 15 39.57 -9.05 13.10
CA ALA A 15 38.76 -10.24 13.39
C ALA A 15 37.62 -10.42 12.37
N SER A 16 36.55 -9.63 12.52
CA SER A 16 35.30 -9.82 11.73
C SER A 16 34.46 -8.53 11.71
N TYR A 17 33.61 -8.42 10.66
CA TYR A 17 32.75 -7.25 10.40
C TYR A 17 31.70 -7.64 9.33
N ASP A 18 30.40 -7.53 9.66
CA ASP A 18 29.30 -7.97 8.77
C ASP A 18 27.96 -7.34 9.23
N SER A 19 26.94 -7.31 8.36
CA SER A 19 25.62 -6.72 8.68
C SER A 19 24.49 -7.50 7.94
N GLU A 20 24.61 -7.62 6.59
CA GLU A 20 23.62 -8.29 5.70
C GLU A 20 22.21 -7.66 5.84
N GLU A 21 22.07 -6.43 5.30
CA GLU A 21 20.80 -5.69 5.34
C GLU A 21 19.84 -6.22 4.26
N GLU A 22 18.84 -6.99 4.70
CA GLU A 22 17.84 -7.58 3.81
C GLU A 22 16.90 -6.48 3.28
N GLU A 23 16.52 -6.63 2.01
CA GLU A 23 15.77 -5.63 1.26
C GLU A 23 15.22 -6.26 -0.02
N GLU A 24 14.10 -5.74 -0.52
CA GLU A 24 13.52 -6.20 -1.79
C GLU A 24 14.18 -5.46 -2.93
N GLY A 25 13.94 -4.13 -2.95
CA GLY A 25 14.43 -3.24 -4.00
C GLY A 25 13.94 -3.61 -5.40
N LEU A 26 12.80 -4.35 -5.46
CA LEU A 26 12.27 -4.89 -6.72
C LEU A 26 11.74 -3.74 -7.60
N PRO A 27 12.38 -3.45 -8.80
CA PRO A 27 11.93 -2.36 -9.69
C PRO A 27 10.54 -2.66 -10.27
N MET A 28 9.51 -2.08 -9.64
CA MET A 28 8.10 -2.30 -10.00
C MET A 28 7.72 -1.33 -11.13
N SER A 29 7.08 -1.86 -12.19
CA SER A 29 6.65 -1.05 -13.36
C SER A 29 5.51 -0.11 -12.96
N TYR A 30 5.35 0.99 -13.72
CA TYR A 30 4.28 1.99 -13.49
C TYR A 30 2.89 1.34 -13.52
N ASP A 31 2.68 0.44 -14.49
CA ASP A 31 1.41 -0.28 -14.67
C ASP A 31 1.14 -1.26 -13.49
N GLU A 32 2.22 -1.81 -12.90
CA GLU A 32 2.14 -2.71 -11.73
C GLU A 32 1.79 -1.92 -10.45
N LYS A 33 2.33 -0.70 -10.37
CA LYS A 33 2.03 0.26 -9.28
C LYS A 33 0.59 0.76 -9.35
N ARG A 34 0.10 0.90 -10.59
CA ARG A 34 -1.29 1.29 -10.85
C ARG A 34 -2.25 0.18 -10.43
N GLN A 35 -1.87 -1.07 -10.76
CA GLN A 35 -2.65 -2.28 -10.44
C GLN A 35 -2.74 -2.44 -8.90
N LEU A 36 -1.59 -2.28 -8.24
CA LEU A 36 -1.48 -2.30 -6.77
C LEU A 36 -2.36 -1.20 -6.14
N SER A 37 -2.31 0.01 -6.75
CA SER A 37 -3.12 1.18 -6.36
C SER A 37 -4.63 0.87 -6.40
N LEU A 38 -5.08 0.14 -7.43
CA LEU A 38 -6.51 -0.26 -7.59
C LEU A 38 -6.93 -1.25 -6.48
N ASP A 39 -5.99 -2.15 -6.16
CA ASP A 39 -6.19 -3.22 -5.15
C ASP A 39 -6.08 -2.69 -3.70
N ILE A 40 -5.47 -1.52 -3.53
CA ILE A 40 -5.44 -0.79 -2.25
C ILE A 40 -6.66 0.14 -2.16
N ASN A 41 -7.05 0.72 -3.31
CA ASN A 41 -8.21 1.64 -3.41
C ASN A 41 -9.52 0.91 -3.10
N ARG A 42 -9.57 -0.39 -3.46
CA ARG A 42 -10.77 -1.24 -3.20
C ARG A 42 -10.95 -1.53 -1.70
N LEU A 43 -9.83 -1.48 -0.95
CA LEU A 43 -9.82 -1.71 0.51
C LEU A 43 -10.39 -0.45 1.21
N PRO A 44 -11.41 -0.59 2.12
CA PRO A 44 -12.03 0.56 2.82
C PRO A 44 -11.12 1.22 3.87
N GLY A 45 -11.58 2.36 4.45
CA GLY A 45 -10.78 3.23 5.33
C GLY A 45 -10.23 2.56 6.59
N GLU A 46 -10.91 1.49 7.03
CA GLU A 46 -10.44 0.61 8.12
C GLU A 46 -9.05 0.01 7.82
N LYS A 47 -8.87 -0.46 6.57
CA LYS A 47 -7.63 -1.09 6.09
C LYS A 47 -6.65 -0.03 5.56
N LEU A 48 -7.21 1.07 5.02
CA LEU A 48 -6.43 2.24 4.59
C LEU A 48 -5.79 2.94 5.81
N GLY A 49 -6.32 2.67 7.01
CA GLY A 49 -5.70 3.11 8.27
C GLY A 49 -4.26 2.62 8.40
N ARG A 50 -4.05 1.33 8.06
CA ARG A 50 -2.70 0.71 8.07
C ARG A 50 -1.84 1.23 6.90
N VAL A 51 -2.46 1.31 5.71
CA VAL A 51 -1.78 1.73 4.47
C VAL A 51 -1.18 3.15 4.65
N VAL A 52 -2.02 4.11 5.07
CA VAL A 52 -1.56 5.50 5.26
C VAL A 52 -0.51 5.58 6.39
N HIS A 53 -0.73 4.80 7.46
CA HIS A 53 0.15 4.80 8.67
C HIS A 53 1.60 4.44 8.30
N ILE A 54 1.77 3.38 7.50
CA ILE A 54 3.12 2.89 7.10
C ILE A 54 3.77 3.84 6.08
N ILE A 55 2.96 4.45 5.18
CA ILE A 55 3.47 5.39 4.16
C ILE A 55 3.99 6.69 4.84
N GLN A 56 3.33 7.09 5.94
CA GLN A 56 3.75 8.27 6.74
C GLN A 56 4.96 7.94 7.63
N SER A 57 5.15 6.64 7.94
CA SER A 57 6.33 6.15 8.68
C SER A 57 7.56 6.08 7.75
N ARG A 58 7.33 5.72 6.47
CA ARG A 58 8.40 5.64 5.44
C ARG A 58 8.74 7.03 4.92
N GLU A 59 7.70 7.87 4.81
CA GLU A 59 7.80 9.26 4.33
C GLU A 59 7.40 10.24 5.45
N PRO A 60 8.37 10.68 6.33
CA PRO A 60 8.13 11.71 7.35
C PRO A 60 7.79 13.10 6.75
N SER A 61 8.14 13.29 5.45
CA SER A 61 7.84 14.52 4.72
C SER A 61 6.34 14.64 4.40
N LEU A 62 5.73 13.53 3.92
CA LEU A 62 4.27 13.47 3.67
C LEU A 62 3.48 13.55 4.99
N ARG A 63 4.06 12.93 6.03
CA ARG A 63 3.51 12.94 7.41
C ARG A 63 3.42 14.36 7.96
N ASP A 64 4.48 15.13 7.71
CA ASP A 64 4.60 16.52 8.19
C ASP A 64 3.80 17.49 7.29
N SER A 65 3.66 17.13 6.00
CA SER A 65 2.95 17.96 5.01
C SER A 65 1.42 17.88 5.23
N ASN A 66 0.83 16.70 4.94
CA ASN A 66 -0.62 16.45 5.15
C ASN A 66 -0.83 15.34 6.19
N PRO A 67 -1.33 15.69 7.42
CA PRO A 67 -1.87 14.70 8.36
C PRO A 67 -3.33 14.29 8.00
N ASP A 68 -3.98 15.13 7.16
CA ASP A 68 -5.38 14.96 6.74
C ASP A 68 -5.47 14.18 5.40
N GLU A 69 -5.17 14.83 4.26
CA GLU A 69 -5.32 14.21 2.93
C GLU A 69 -3.96 13.71 2.45
N ILE A 70 -3.66 12.48 2.85
CA ILE A 70 -2.37 11.83 2.69
C ILE A 70 -2.22 11.37 1.23
N GLU A 71 -1.53 12.20 0.45
CA GLU A 71 -1.27 11.97 -0.98
C GLU A 71 -0.23 10.85 -1.17
N ILE A 72 -0.73 9.61 -1.26
CA ILE A 72 0.09 8.42 -1.49
C ILE A 72 0.25 8.18 -3.00
N ASP A 73 1.36 8.66 -3.55
CA ASP A 73 1.75 8.42 -4.94
C ASP A 73 2.69 7.20 -5.01
N PHE A 74 2.07 6.03 -5.28
CA PHE A 74 2.76 4.71 -5.34
C PHE A 74 3.84 4.69 -6.44
N GLU A 75 3.60 5.51 -7.49
CA GLU A 75 4.53 5.63 -8.63
C GLU A 75 5.95 6.07 -8.19
N THR A 76 6.03 6.87 -7.10
CA THR A 76 7.32 7.33 -6.54
C THR A 76 7.83 6.42 -5.41
N LEU A 77 6.89 5.76 -4.69
CA LEU A 77 7.18 5.06 -3.42
C LEU A 77 8.27 4.00 -3.55
N LYS A 78 9.08 3.89 -2.48
CA LYS A 78 10.27 3.04 -2.41
C LYS A 78 9.86 1.54 -2.58
N PRO A 79 10.56 0.76 -3.45
CA PRO A 79 10.25 -0.69 -3.67
C PRO A 79 10.27 -1.55 -2.38
N THR A 80 11.02 -1.13 -1.33
CA THR A 80 11.01 -1.82 -0.01
C THR A 80 9.69 -1.51 0.77
N THR A 81 9.10 -0.33 0.52
CA THR A 81 7.78 0.05 1.06
C THR A 81 6.65 -0.69 0.31
N LEU A 82 6.83 -0.82 -1.01
CA LEU A 82 5.88 -1.53 -1.91
C LEU A 82 5.74 -3.01 -1.52
N ARG A 83 6.80 -3.54 -0.86
CA ARG A 83 6.79 -4.86 -0.20
C ARG A 83 5.58 -4.99 0.76
N GLU A 84 5.48 -4.05 1.73
CA GLU A 84 4.43 -4.05 2.77
C GLU A 84 3.03 -4.01 2.14
N LEU A 85 2.90 -3.13 1.14
CA LEU A 85 1.66 -2.91 0.39
C LEU A 85 1.25 -4.17 -0.39
N GLU A 86 2.24 -4.83 -1.01
CA GLU A 86 2.05 -6.01 -1.87
C GLU A 86 1.55 -7.19 -1.02
N ARG A 87 2.33 -7.57 0.00
CA ARG A 87 2.05 -8.74 0.85
C ARG A 87 0.71 -8.59 1.60
N TYR A 88 0.36 -7.34 1.95
CA TYR A 88 -0.89 -7.04 2.68
C TYR A 88 -2.11 -7.26 1.77
N VAL A 89 -2.01 -6.75 0.54
CA VAL A 89 -3.06 -6.91 -0.50
C VAL A 89 -3.22 -8.40 -0.89
N LYS A 90 -2.09 -9.12 -1.01
CA LYS A 90 -2.09 -10.54 -1.43
C LYS A 90 -2.48 -11.49 -0.27
N SER A 91 -2.38 -11.02 0.99
CA SER A 91 -2.82 -11.79 2.18
C SER A 91 -4.31 -11.52 2.46
N CYS A 92 -4.74 -10.27 2.19
CA CYS A 92 -6.13 -9.83 2.39
C CYS A 92 -7.06 -10.44 1.33
N LEU A 93 -6.75 -10.16 0.05
CA LEU A 93 -7.54 -10.63 -1.09
C LEU A 93 -7.31 -12.13 -1.32
N GLN A 94 -6.01 -12.51 -1.48
CA GLN A 94 -5.59 -13.89 -1.85
C GLN A 94 -6.23 -14.35 -3.17
N LYS A 95 -6.02 -15.64 -3.52
CA LYS A 95 -6.69 -16.30 -4.66
C LYS A 95 -6.41 -15.60 -6.02
N LYS A 96 -7.24 -15.91 -7.02
CA LYS A 96 -7.18 -15.31 -8.37
C LYS A 96 -8.51 -14.61 -8.68
N GLU B 1 -12.18 19.44 -23.93
CA GLU B 1 -10.86 19.80 -23.41
C GLU B 1 -10.29 18.59 -22.63
N PHE B 2 -9.52 17.77 -23.35
CA PHE B 2 -9.02 16.48 -22.89
C PHE B 2 -7.82 16.64 -21.93
N THR B 3 -8.06 16.42 -20.62
CA THR B 3 -7.01 16.40 -19.59
C THR B 3 -7.47 15.45 -18.45
N GLY B 4 -6.91 14.22 -18.44
CA GLY B 4 -7.24 13.23 -17.44
C GLY B 4 -6.42 11.95 -17.62
N SER B 5 -5.11 12.07 -17.37
CA SER B 5 -4.16 10.93 -17.40
C SER B 5 -4.18 10.23 -16.02
N PRO B 6 -4.38 8.88 -15.96
CA PRO B 6 -4.42 8.14 -14.67
C PRO B 6 -3.06 8.15 -13.93
N GLU B 7 -2.83 9.23 -13.17
CA GLU B 7 -1.65 9.40 -12.30
C GLU B 7 -1.87 8.62 -11.00
N ILE B 8 -0.86 7.84 -10.61
CA ILE B 8 -0.94 6.99 -9.42
C ILE B 8 -0.63 7.86 -8.19
N LYS B 9 -1.63 8.64 -7.75
CA LYS B 9 -1.52 9.56 -6.62
C LYS B 9 -2.90 9.73 -5.98
N LEU B 10 -3.09 9.08 -4.82
CA LEU B 10 -4.37 9.00 -4.12
C LEU B 10 -4.24 9.72 -2.78
N LYS B 11 -4.92 10.86 -2.64
CA LYS B 11 -5.05 11.57 -1.36
C LYS B 11 -6.17 10.92 -0.51
N ILE B 12 -5.75 10.14 0.51
CA ILE B 12 -6.67 9.54 1.49
C ILE B 12 -6.94 10.58 2.57
N THR B 13 -8.22 10.94 2.74
CA THR B 13 -8.64 11.95 3.73
C THR B 13 -8.58 11.37 5.16
N LYS B 14 -8.76 12.23 6.17
CA LYS B 14 -8.81 11.80 7.58
C LYS B 14 -10.18 12.16 8.19
N THR B 15 -11.08 11.17 8.24
CA THR B 15 -12.31 11.24 9.04
C THR B 15 -12.33 10.06 10.01
N ILE B 16 -12.62 10.35 11.28
CA ILE B 16 -12.77 9.31 12.31
C ILE B 16 -14.27 9.10 12.55
N GLN B 17 -14.77 7.93 12.16
CA GLN B 17 -16.17 7.53 12.40
C GLN B 17 -16.33 7.16 13.89
N ASN B 18 -17.57 7.24 14.37
CA ASN B 18 -17.95 6.86 15.74
C ASN B 18 -17.60 5.39 16.04
N GLY B 19 -16.38 5.18 16.58
CA GLY B 19 -15.90 3.85 16.94
C GLY B 19 -14.48 3.58 16.46
N ARG B 20 -14.15 4.08 15.25
CA ARG B 20 -12.87 3.75 14.57
C ARG B 20 -12.59 4.70 13.39
N GLU B 21 -11.32 4.78 12.93
CA GLU B 21 -10.95 5.56 11.74
C GLU B 21 -11.58 4.93 10.47
N LEU B 22 -12.32 5.76 9.73
CA LEU B 22 -13.00 5.36 8.50
C LEU B 22 -13.05 6.60 7.59
N PHE B 23 -12.35 6.51 6.46
CA PHE B 23 -12.15 7.63 5.54
C PHE B 23 -12.02 7.13 4.09
N GLU B 24 -12.01 8.07 3.14
CA GLU B 24 -12.06 7.79 1.69
C GLU B 24 -10.73 8.13 1.01
N SER B 25 -10.50 7.52 -0.16
CA SER B 25 -9.32 7.73 -1.01
C SER B 25 -9.74 8.32 -2.36
N SER B 26 -9.15 9.44 -2.77
CA SER B 26 -9.51 10.15 -4.01
C SER B 26 -8.25 10.67 -4.72
N LEU B 27 -8.35 10.95 -6.03
CA LEU B 27 -7.22 11.49 -6.81
C LEU B 27 -7.14 13.03 -6.59
N CYS B 28 -8.21 13.74 -7.04
CA CYS B 28 -8.31 15.21 -6.89
C CYS B 28 -9.77 15.67 -7.11
N GLY B 29 -10.23 15.60 -8.38
CA GLY B 29 -11.55 16.05 -8.77
C GLY B 29 -11.84 15.71 -10.24
N ASP B 30 -13.07 15.24 -10.51
CA ASP B 30 -13.48 14.75 -11.84
C ASP B 30 -15.01 14.74 -11.92
N LEU B 31 -15.54 14.50 -13.13
CA LEU B 31 -16.97 14.62 -13.41
C LEU B 31 -17.29 13.83 -14.71
N LEU B 32 -17.88 12.63 -14.53
CA LEU B 32 -18.14 11.66 -15.62
C LEU B 32 -16.81 11.14 -16.22
N ASN B 33 -16.43 9.92 -15.83
CA ASN B 33 -15.19 9.25 -16.28
C ASN B 33 -15.42 8.69 -17.69
N GLU B 34 -16.49 7.88 -17.80
CA GLU B 34 -16.97 7.29 -19.05
C GLU B 34 -15.92 6.32 -19.66
N VAL B 35 -16.03 5.03 -19.30
CA VAL B 35 -15.08 3.98 -19.73
C VAL B 35 -15.38 3.54 -21.19
N GLN B 36 -14.77 4.26 -22.12
CA GLN B 36 -14.95 4.03 -23.58
C GLN B 36 -14.00 2.92 -24.06
N ALA B 37 -14.27 2.41 -25.28
CA ALA B 37 -13.53 1.28 -25.89
C ALA B 37 -13.67 -0.01 -25.06
N SER B 38 -14.76 -0.07 -24.26
CA SER B 38 -15.08 -1.18 -23.36
C SER B 38 -16.33 -1.92 -23.89
N GLU B 39 -16.47 -3.20 -23.51
CA GLU B 39 -17.58 -4.06 -23.95
C GLU B 39 -18.16 -4.83 -22.75
N HIS A 1 -28.98 -10.62 27.82
CA HIS A 1 -27.91 -9.66 27.49
C HIS A 1 -26.56 -10.12 28.08
N HIS A 2 -25.88 -11.02 27.33
CA HIS A 2 -24.49 -11.46 27.59
C HIS A 2 -23.86 -11.96 26.27
N HIS A 3 -22.81 -11.27 25.81
CA HIS A 3 -22.01 -11.67 24.63
C HIS A 3 -20.52 -11.47 24.93
N HIS A 4 -19.81 -12.56 25.21
CA HIS A 4 -18.35 -12.56 25.32
C HIS A 4 -17.75 -12.86 23.94
N HIS A 5 -16.59 -12.23 23.64
CA HIS A 5 -15.88 -12.39 22.35
C HIS A 5 -15.29 -13.81 22.24
N HIS A 6 -16.05 -14.72 21.61
CA HIS A 6 -15.65 -16.13 21.38
C HIS A 6 -14.81 -16.23 20.11
N SER A 7 -14.02 -17.31 19.98
CA SER A 7 -13.19 -17.56 18.78
C SER A 7 -14.02 -18.20 17.65
N HIS A 8 -13.40 -18.33 16.47
CA HIS A 8 -14.00 -19.00 15.30
C HIS A 8 -12.95 -19.92 14.66
N MET A 9 -13.40 -21.05 14.13
CA MET A 9 -12.54 -21.98 13.38
C MET A 9 -12.22 -21.40 11.99
N GLY A 10 -10.97 -21.58 11.56
CA GLY A 10 -10.49 -21.10 10.27
C GLY A 10 -9.74 -22.20 9.54
N LYS A 11 -10.47 -23.24 9.12
CA LYS A 11 -9.88 -24.40 8.43
C LYS A 11 -9.41 -24.03 7.02
N GLN A 12 -8.31 -24.67 6.59
CA GLN A 12 -7.76 -24.52 5.23
C GLN A 12 -6.67 -25.59 4.99
N ALA A 13 -6.31 -25.82 3.71
CA ALA A 13 -5.32 -26.83 3.31
C ALA A 13 -4.71 -26.48 1.95
N SER A 14 -3.58 -25.79 1.97
CA SER A 14 -2.89 -25.35 0.74
C SER A 14 -1.37 -25.35 0.95
N ALA A 15 -0.67 -26.22 0.19
CA ALA A 15 0.78 -26.25 0.15
C ALA A 15 1.29 -25.18 -0.81
N SER A 16 0.92 -25.34 -2.11
CA SER A 16 1.39 -24.47 -3.22
C SER A 16 2.93 -24.56 -3.33
N TYR A 17 3.57 -23.61 -4.04
CA TYR A 17 5.04 -23.54 -4.18
C TYR A 17 5.52 -22.10 -4.00
N ASP A 18 6.56 -21.91 -3.17
CA ASP A 18 7.25 -20.61 -3.03
C ASP A 18 8.23 -20.41 -4.20
N SER A 19 8.48 -19.14 -4.53
CA SER A 19 9.50 -18.75 -5.51
C SER A 19 9.94 -17.32 -5.22
N GLU A 20 9.00 -16.37 -5.40
CA GLU A 20 9.20 -14.92 -5.18
C GLU A 20 10.26 -14.33 -6.16
N GLU A 21 10.21 -13.01 -6.31
CA GLU A 21 11.16 -12.27 -7.15
C GLU A 21 12.46 -12.02 -6.39
N GLU A 22 13.54 -11.74 -7.15
CA GLU A 22 14.84 -11.38 -6.54
C GLU A 22 14.75 -9.95 -5.97
N GLU A 23 15.24 -9.81 -4.71
CA GLU A 23 15.00 -8.62 -3.85
C GLU A 23 13.50 -8.43 -3.53
N GLU A 24 13.21 -7.74 -2.43
CA GLU A 24 11.84 -7.29 -2.09
C GLU A 24 11.73 -5.79 -2.37
N GLY A 25 12.89 -5.10 -2.34
CA GLY A 25 13.01 -3.73 -2.79
C GLY A 25 13.40 -3.61 -4.25
N LEU A 26 13.00 -4.61 -5.06
CA LEU A 26 13.24 -4.60 -6.52
C LEU A 26 12.30 -3.56 -7.20
N PRO A 27 12.71 -2.94 -8.35
CA PRO A 27 11.88 -1.93 -9.03
C PRO A 27 10.54 -2.53 -9.53
N MET A 28 9.42 -2.02 -9.01
CA MET A 28 8.07 -2.38 -9.47
C MET A 28 7.73 -1.49 -10.68
N SER A 29 7.12 -2.08 -11.74
CA SER A 29 6.74 -1.32 -12.95
C SER A 29 5.58 -0.36 -12.67
N TYR A 30 5.47 0.69 -13.49
CA TYR A 30 4.39 1.71 -13.40
C TYR A 30 3.02 1.01 -13.50
N ASP A 31 2.95 -0.04 -14.34
CA ASP A 31 1.72 -0.79 -14.62
C ASP A 31 1.30 -1.66 -13.43
N GLU A 32 2.28 -2.25 -12.72
CA GLU A 32 2.03 -2.99 -11.47
C GLU A 32 1.65 -2.03 -10.32
N LYS A 33 2.14 -0.77 -10.40
CA LYS A 33 1.77 0.29 -9.44
C LYS A 33 0.32 0.76 -9.66
N ARG A 34 -0.17 0.62 -10.92
CA ARG A 34 -1.59 0.88 -11.28
C ARG A 34 -2.49 -0.18 -10.63
N GLN A 35 -2.08 -1.46 -10.80
CA GLN A 35 -2.80 -2.62 -10.26
C GLN A 35 -2.84 -2.52 -8.71
N LEU A 36 -1.68 -2.17 -8.13
CA LEU A 36 -1.50 -1.98 -6.68
C LEU A 36 -2.34 -0.79 -6.15
N SER A 37 -2.47 0.27 -6.99
CA SER A 37 -3.28 1.46 -6.66
C SER A 37 -4.77 1.06 -6.53
N LEU A 38 -5.24 0.23 -7.48
CA LEU A 38 -6.63 -0.28 -7.50
C LEU A 38 -6.87 -1.31 -6.38
N ASP A 39 -5.79 -2.03 -6.01
CA ASP A 39 -5.80 -3.05 -4.95
C ASP A 39 -5.88 -2.40 -3.56
N ILE A 40 -5.25 -1.25 -3.40
CA ILE A 40 -5.34 -0.44 -2.16
C ILE A 40 -6.68 0.33 -2.13
N ASN A 41 -7.13 0.74 -3.34
CA ASN A 41 -8.39 1.48 -3.52
C ASN A 41 -9.61 0.62 -3.10
N ARG A 42 -9.53 -0.70 -3.35
CA ARG A 42 -10.65 -1.64 -3.04
C ARG A 42 -10.84 -1.82 -1.52
N LEU A 43 -9.76 -1.60 -0.75
CA LEU A 43 -9.74 -1.78 0.71
C LEU A 43 -10.56 -0.67 1.41
N PRO A 44 -11.37 -1.02 2.48
CA PRO A 44 -12.12 -0.01 3.28
C PRO A 44 -11.17 0.90 4.09
N GLY A 45 -11.66 2.11 4.43
CA GLY A 45 -10.87 3.16 5.08
C GLY A 45 -10.22 2.75 6.40
N GLU A 46 -10.87 1.83 7.12
CA GLU A 46 -10.35 1.29 8.39
C GLU A 46 -9.05 0.48 8.17
N LYS A 47 -9.00 -0.27 7.04
CA LYS A 47 -7.83 -1.09 6.68
C LYS A 47 -6.76 -0.21 6.00
N LEU A 48 -7.22 0.89 5.37
CA LEU A 48 -6.34 1.93 4.83
C LEU A 48 -5.62 2.66 5.97
N GLY A 49 -6.11 2.49 7.22
CA GLY A 49 -5.41 2.93 8.42
C GLY A 49 -3.99 2.38 8.53
N ARG A 50 -3.85 1.05 8.28
CA ARG A 50 -2.53 0.38 8.28
C ARG A 50 -1.70 0.78 7.05
N VAL A 51 -2.38 0.94 5.89
CA VAL A 51 -1.74 1.35 4.62
C VAL A 51 -1.03 2.70 4.78
N VAL A 52 -1.74 3.71 5.31
CA VAL A 52 -1.14 5.04 5.53
C VAL A 52 -0.20 5.06 6.73
N HIS A 53 -0.40 4.10 7.68
CA HIS A 53 0.47 3.98 8.86
C HIS A 53 1.90 3.58 8.45
N ILE A 54 2.01 2.70 7.43
CA ILE A 54 3.32 2.21 6.94
C ILE A 54 3.93 3.21 5.92
N ILE A 55 3.05 3.97 5.21
CA ILE A 55 3.49 5.08 4.32
C ILE A 55 4.06 6.26 5.16
N GLN A 56 3.51 6.43 6.37
CA GLN A 56 3.93 7.48 7.33
C GLN A 56 5.01 6.99 8.28
N SER A 57 5.23 5.67 8.32
CA SER A 57 6.38 5.07 9.01
C SER A 57 7.63 5.19 8.10
N ARG A 58 7.38 5.22 6.78
CA ARG A 58 8.40 5.51 5.77
C ARG A 58 8.66 7.02 5.72
N GLU A 59 7.63 7.78 5.34
CA GLU A 59 7.71 9.22 5.08
C GLU A 59 6.74 9.98 6.03
N PRO A 60 7.17 10.29 7.29
CA PRO A 60 6.41 11.18 8.22
C PRO A 60 6.38 12.63 7.73
N SER A 61 7.31 12.96 6.82
CA SER A 61 7.41 14.26 6.16
C SER A 61 6.12 14.61 5.38
N LEU A 62 5.50 13.58 4.74
CA LEU A 62 4.24 13.75 3.96
C LEU A 62 3.06 14.12 4.87
N ARG A 63 3.07 13.53 6.07
CA ARG A 63 2.03 13.74 7.11
C ARG A 63 2.21 15.14 7.74
N ASP A 64 3.48 15.58 7.82
CA ASP A 64 3.85 16.90 8.34
C ASP A 64 3.50 18.00 7.33
N SER A 65 3.57 17.64 6.02
CA SER A 65 3.22 18.56 4.93
C SER A 65 1.70 18.81 4.92
N ASN A 66 0.95 17.77 4.50
CA ASN A 66 -0.51 17.79 4.48
C ASN A 66 -1.01 16.56 5.27
N PRO A 67 -1.43 16.75 6.57
CA PRO A 67 -1.86 15.63 7.45
C PRO A 67 -3.12 14.96 6.93
N ASP A 68 -4.03 15.81 6.45
CA ASP A 68 -5.36 15.42 5.98
C ASP A 68 -5.27 14.56 4.73
N GLU A 69 -4.79 15.14 3.63
CA GLU A 69 -4.73 14.46 2.32
C GLU A 69 -3.30 13.94 2.06
N ILE A 70 -3.07 12.68 2.42
CA ILE A 70 -1.78 12.00 2.25
C ILE A 70 -1.72 11.37 0.86
N GLU A 71 -1.01 12.01 -0.08
CA GLU A 71 -0.83 11.48 -1.45
C GLU A 71 0.21 10.35 -1.44
N ILE A 72 -0.27 9.10 -1.48
CA ILE A 72 0.56 7.91 -1.63
C ILE A 72 1.04 7.82 -3.10
N ASP A 73 2.18 8.49 -3.36
CA ASP A 73 2.75 8.68 -4.72
C ASP A 73 3.40 7.38 -5.26
N PHE A 74 2.53 6.50 -5.81
CA PHE A 74 2.90 5.13 -6.26
C PHE A 74 4.03 5.15 -7.30
N GLU A 75 3.86 6.01 -8.31
CA GLU A 75 4.70 6.03 -9.51
C GLU A 75 6.19 6.31 -9.23
N THR A 76 6.51 6.99 -8.11
CA THR A 76 7.90 7.25 -7.72
C THR A 76 8.21 6.63 -6.34
N LEU A 77 7.20 5.95 -5.74
CA LEU A 77 7.30 5.37 -4.38
C LEU A 77 8.48 4.38 -4.26
N LYS A 78 9.02 4.31 -3.03
CA LYS A 78 10.07 3.37 -2.65
C LYS A 78 9.56 1.92 -2.87
N PRO A 79 10.25 1.10 -3.72
CA PRO A 79 9.83 -0.30 -4.05
C PRO A 79 9.77 -1.23 -2.82
N THR A 80 10.53 -0.84 -1.79
CA THR A 80 10.53 -1.50 -0.48
C THR A 80 9.15 -1.36 0.20
N THR A 81 8.61 -0.14 0.13
CA THR A 81 7.29 0.21 0.67
C THR A 81 6.19 -0.41 -0.20
N LEU A 82 6.43 -0.41 -1.53
CA LEU A 82 5.48 -0.94 -2.53
C LEU A 82 5.27 -2.45 -2.34
N ARG A 83 6.33 -3.13 -1.83
CA ARG A 83 6.26 -4.55 -1.50
C ARG A 83 5.35 -4.77 -0.27
N GLU A 84 5.50 -3.90 0.77
CA GLU A 84 4.68 -3.96 2.01
C GLU A 84 3.21 -3.78 1.69
N LEU A 85 2.94 -2.84 0.77
CA LEU A 85 1.60 -2.54 0.25
C LEU A 85 1.00 -3.77 -0.49
N GLU A 86 1.85 -4.39 -1.34
CA GLU A 86 1.48 -5.52 -2.19
C GLU A 86 1.07 -6.70 -1.31
N ARG A 87 2.04 -7.24 -0.56
CA ARG A 87 1.85 -8.44 0.25
C ARG A 87 0.73 -8.28 1.29
N TYR A 88 0.45 -7.03 1.72
CA TYR A 88 -0.66 -6.72 2.63
C TYR A 88 -2.02 -7.05 1.98
N VAL A 89 -2.31 -6.38 0.83
CA VAL A 89 -3.60 -6.55 0.14
C VAL A 89 -3.74 -7.99 -0.41
N LYS A 90 -2.62 -8.59 -0.82
CA LYS A 90 -2.61 -9.96 -1.35
C LYS A 90 -2.94 -10.98 -0.25
N SER A 91 -2.59 -10.67 1.02
CA SER A 91 -2.94 -11.51 2.20
C SER A 91 -4.42 -11.34 2.60
N CYS A 92 -5.05 -10.26 2.11
CA CYS A 92 -6.50 -10.01 2.31
C CYS A 92 -7.32 -10.78 1.26
N LEU A 93 -6.82 -10.78 0.00
CA LEU A 93 -7.50 -11.40 -1.16
C LEU A 93 -7.36 -12.93 -1.12
N GLN A 94 -6.13 -13.37 -0.88
CA GLN A 94 -5.77 -14.81 -0.84
C GLN A 94 -4.86 -15.08 0.36
N LYS A 95 -4.53 -16.35 0.61
CA LYS A 95 -3.52 -16.73 1.59
C LYS A 95 -2.17 -16.93 0.89
N LYS A 96 -1.07 -16.62 1.62
CA LYS A 96 0.28 -16.70 1.08
C LYS A 96 0.78 -18.15 1.07
N GLU B 1 10.05 27.68 -18.12
CA GLU B 1 8.79 26.95 -18.40
C GLU B 1 8.48 25.98 -17.24
N PHE B 2 7.19 25.75 -16.96
CA PHE B 2 6.71 24.84 -15.89
C PHE B 2 5.56 23.97 -16.42
N THR B 3 5.56 22.68 -16.06
CA THR B 3 4.51 21.71 -16.47
C THR B 3 4.39 20.58 -15.43
N GLY B 4 3.16 20.01 -15.34
CA GLY B 4 2.82 18.98 -14.35
C GLY B 4 3.14 17.57 -14.86
N SER B 5 3.53 16.70 -13.92
CA SER B 5 3.87 15.30 -14.20
C SER B 5 2.61 14.40 -14.14
N PRO B 6 2.38 13.49 -15.15
CA PRO B 6 1.31 12.47 -15.07
C PRO B 6 1.63 11.42 -13.99
N GLU B 7 1.26 11.75 -12.75
CA GLU B 7 1.55 10.94 -11.57
C GLU B 7 0.29 10.24 -11.03
N ILE B 8 0.41 8.94 -10.72
CA ILE B 8 -0.66 8.16 -10.08
C ILE B 8 -0.43 8.13 -8.56
N LYS B 9 -1.40 8.68 -7.81
CA LYS B 9 -1.34 8.75 -6.34
C LYS B 9 -2.75 8.77 -5.76
N LEU B 10 -2.95 8.04 -4.65
CA LEU B 10 -4.21 8.06 -3.89
C LEU B 10 -4.04 8.93 -2.65
N LYS B 11 -4.71 10.09 -2.64
CA LYS B 11 -4.69 11.00 -1.50
C LYS B 11 -5.80 10.65 -0.50
N ILE B 12 -5.38 9.96 0.57
CA ILE B 12 -6.23 9.53 1.68
C ILE B 12 -6.52 10.74 2.61
N THR B 13 -7.80 11.13 2.71
CA THR B 13 -8.28 12.14 3.67
C THR B 13 -8.42 11.50 5.07
N LYS B 14 -8.73 12.31 6.10
CA LYS B 14 -9.09 11.80 7.45
C LYS B 14 -10.47 12.33 7.77
N THR B 15 -11.49 11.44 7.77
CA THR B 15 -12.90 11.81 7.91
C THR B 15 -13.55 10.87 8.93
N ILE B 16 -13.74 11.35 10.17
CA ILE B 16 -14.28 10.54 11.28
C ILE B 16 -15.76 10.17 11.05
N GLN B 17 -16.11 8.92 11.35
CA GLN B 17 -17.48 8.38 11.15
C GLN B 17 -18.03 7.93 12.51
N ASN B 18 -19.35 8.12 12.69
CA ASN B 18 -20.06 7.75 13.91
C ASN B 18 -20.20 6.22 14.03
N GLY B 19 -19.24 5.59 14.70
CA GLY B 19 -19.21 4.14 14.90
C GLY B 19 -17.80 3.60 14.81
N ARG B 20 -17.21 3.66 13.60
CA ARG B 20 -15.83 3.20 13.34
C ARG B 20 -14.95 4.37 12.91
N GLU B 21 -13.69 4.34 13.33
CA GLU B 21 -12.64 5.26 12.85
C GLU B 21 -12.15 4.76 11.47
N LEU B 22 -12.46 5.55 10.44
CA LEU B 22 -12.14 5.24 9.04
C LEU B 22 -12.01 6.55 8.25
N PHE B 23 -11.79 6.44 6.91
CA PHE B 23 -11.64 7.61 6.02
C PHE B 23 -11.73 7.20 4.54
N GLU B 24 -11.46 8.14 3.62
CA GLU B 24 -11.66 7.95 2.18
C GLU B 24 -10.33 8.06 1.42
N SER B 25 -10.18 7.22 0.39
CA SER B 25 -9.07 7.33 -0.58
C SER B 25 -9.58 8.10 -1.80
N SER B 26 -8.84 9.14 -2.22
CA SER B 26 -9.21 9.98 -3.38
C SER B 26 -8.04 10.06 -4.36
N LEU B 27 -8.27 10.69 -5.53
CA LEU B 27 -7.22 10.95 -6.53
C LEU B 27 -7.58 12.23 -7.29
N CYS B 28 -6.59 13.09 -7.51
CA CYS B 28 -6.76 14.38 -8.20
C CYS B 28 -5.51 14.73 -9.02
N GLY B 29 -5.48 15.96 -9.58
CA GLY B 29 -4.34 16.42 -10.39
C GLY B 29 -4.43 16.02 -11.85
N ASP B 30 -5.64 15.61 -12.29
CA ASP B 30 -5.92 15.21 -13.69
C ASP B 30 -7.40 15.48 -13.99
N LEU B 31 -7.69 15.78 -15.24
CA LEU B 31 -9.06 15.97 -15.71
C LEU B 31 -9.18 15.43 -17.14
N LEU B 32 -9.65 14.18 -17.25
CA LEU B 32 -9.96 13.56 -18.55
C LEU B 32 -11.10 14.34 -19.25
N ASN B 33 -10.94 14.55 -20.55
CA ASN B 33 -11.92 15.27 -21.39
C ASN B 33 -12.77 14.25 -22.14
N GLU B 34 -12.09 13.22 -22.62
CA GLU B 34 -12.67 12.15 -23.46
C GLU B 34 -12.03 10.78 -23.13
N VAL B 35 -11.13 10.76 -22.11
CA VAL B 35 -10.37 9.57 -21.65
C VAL B 35 -9.35 9.10 -22.71
N GLN B 36 -8.06 9.14 -22.36
CA GLN B 36 -6.94 8.71 -23.22
C GLN B 36 -6.28 7.46 -22.64
N ALA B 37 -5.66 6.64 -23.52
CA ALA B 37 -4.98 5.38 -23.14
C ALA B 37 -3.48 5.59 -22.84
N SER B 38 -3.17 6.81 -22.31
CA SER B 38 -1.82 7.27 -21.99
C SER B 38 -0.98 7.52 -23.27
N GLU B 39 0.25 8.04 -23.09
CA GLU B 39 1.15 8.34 -24.21
C GLU B 39 2.08 7.12 -24.47
N HIS A 1 -48.14 -39.04 -5.86
CA HIS A 1 -48.54 -37.72 -5.31
C HIS A 1 -47.28 -36.97 -4.80
N HIS A 2 -46.72 -36.14 -5.70
CA HIS A 2 -45.51 -35.33 -5.42
C HIS A 2 -44.24 -36.18 -5.17
N HIS A 3 -43.12 -35.48 -4.97
CA HIS A 3 -41.81 -36.05 -4.59
C HIS A 3 -41.04 -35.03 -3.75
N HIS A 4 -39.92 -35.47 -3.18
CA HIS A 4 -38.98 -34.59 -2.48
C HIS A 4 -37.56 -35.12 -2.67
N HIS A 5 -36.67 -34.27 -3.18
CA HIS A 5 -35.26 -34.58 -3.34
C HIS A 5 -34.41 -33.43 -2.78
N HIS A 6 -33.82 -33.67 -1.62
CA HIS A 6 -32.81 -32.78 -1.03
C HIS A 6 -31.43 -33.10 -1.62
N SER A 7 -30.75 -32.06 -2.10
CA SER A 7 -29.38 -32.17 -2.62
C SER A 7 -28.37 -31.70 -1.54
N HIS A 8 -27.06 -31.73 -1.88
CA HIS A 8 -25.98 -31.36 -0.94
C HIS A 8 -24.85 -30.63 -1.68
N MET A 9 -24.83 -29.30 -1.53
CA MET A 9 -23.79 -28.42 -2.09
C MET A 9 -22.62 -28.33 -1.09
N GLY A 10 -21.57 -29.14 -1.30
CA GLY A 10 -20.36 -29.09 -0.47
C GLY A 10 -19.49 -27.90 -0.79
N LYS A 11 -19.28 -27.68 -2.11
CA LYS A 11 -18.46 -26.57 -2.67
C LYS A 11 -16.96 -26.71 -2.31
N GLN A 12 -16.11 -25.96 -3.03
CA GLN A 12 -14.64 -25.94 -2.83
C GLN A 12 -14.11 -24.51 -3.03
N ALA A 13 -12.92 -24.23 -2.46
CA ALA A 13 -12.24 -22.93 -2.53
C ALA A 13 -10.74 -23.15 -2.79
N SER A 14 -10.37 -23.15 -4.08
CA SER A 14 -9.00 -23.44 -4.55
C SER A 14 -8.75 -22.72 -5.88
N ALA A 15 -7.47 -22.58 -6.24
CA ALA A 15 -7.03 -21.99 -7.52
C ALA A 15 -6.39 -23.07 -8.40
N SER A 16 -5.14 -23.42 -8.06
CA SER A 16 -4.33 -24.42 -8.80
C SER A 16 -2.92 -24.42 -8.17
N TYR A 17 -2.41 -23.20 -7.93
CA TYR A 17 -1.07 -22.94 -7.37
C TYR A 17 -0.94 -21.44 -6.99
N ASP A 18 0.29 -21.00 -6.62
CA ASP A 18 0.61 -19.58 -6.34
C ASP A 18 2.13 -19.37 -6.30
N SER A 19 2.56 -18.11 -6.34
CA SER A 19 3.98 -17.71 -6.26
C SER A 19 4.08 -16.32 -5.60
N GLU A 20 3.38 -15.36 -6.23
CA GLU A 20 3.21 -13.97 -5.76
C GLU A 20 4.55 -13.22 -5.65
N GLU A 21 4.85 -12.33 -6.61
CA GLU A 21 6.13 -11.61 -6.68
C GLU A 21 6.29 -10.57 -5.55
N GLU A 22 6.91 -11.05 -4.49
CA GLU A 22 7.39 -10.26 -3.35
C GLU A 22 8.93 -10.46 -3.24
N GLU A 23 9.47 -10.07 -2.06
CA GLU A 23 10.87 -10.29 -1.66
C GLU A 23 11.86 -9.38 -2.41
N GLU A 24 13.04 -9.17 -1.78
CA GLU A 24 14.20 -8.44 -2.36
C GLU A 24 13.95 -6.91 -2.49
N GLY A 25 12.71 -6.46 -2.20
CA GLY A 25 12.29 -5.09 -2.49
C GLY A 25 12.36 -4.83 -3.99
N LEU A 26 11.74 -5.74 -4.75
CA LEU A 26 11.80 -5.80 -6.23
C LEU A 26 11.25 -4.49 -6.88
N PRO A 27 12.10 -3.74 -7.67
CA PRO A 27 11.63 -2.55 -8.42
C PRO A 27 10.51 -2.91 -9.40
N MET A 28 9.27 -2.65 -8.97
CA MET A 28 8.06 -2.98 -9.75
C MET A 28 7.78 -1.86 -10.77
N SER A 29 7.13 -2.22 -11.87
CA SER A 29 6.84 -1.28 -12.97
C SER A 29 5.87 -0.18 -12.52
N TYR A 30 5.86 0.94 -13.28
CA TYR A 30 4.90 2.05 -13.10
C TYR A 30 3.45 1.52 -13.17
N ASP A 31 3.27 0.53 -14.05
CA ASP A 31 2.01 -0.17 -14.28
C ASP A 31 1.57 -0.96 -13.03
N GLU A 32 2.55 -1.58 -12.35
CA GLU A 32 2.30 -2.41 -11.14
C GLU A 32 1.96 -1.53 -9.94
N LYS A 33 2.56 -0.32 -9.91
CA LYS A 33 2.28 0.70 -8.89
C LYS A 33 0.85 1.26 -9.08
N ARG A 34 0.43 1.39 -10.36
CA ARG A 34 -0.96 1.72 -10.73
C ARG A 34 -1.92 0.61 -10.28
N GLN A 35 -1.58 -0.64 -10.61
CA GLN A 35 -2.43 -1.81 -10.32
C GLN A 35 -2.66 -1.93 -8.81
N LEU A 36 -1.55 -1.82 -8.06
CA LEU A 36 -1.52 -1.88 -6.60
C LEU A 36 -2.38 -0.75 -5.99
N SER A 37 -2.37 0.44 -6.64
CA SER A 37 -3.19 1.59 -6.24
C SER A 37 -4.67 1.20 -6.21
N LEU A 38 -5.16 0.62 -7.32
CA LEU A 38 -6.58 0.24 -7.46
C LEU A 38 -6.96 -0.88 -6.47
N ASP A 39 -6.02 -1.82 -6.27
CA ASP A 39 -6.19 -2.97 -5.34
C ASP A 39 -6.18 -2.57 -3.85
N ILE A 40 -5.59 -1.42 -3.52
CA ILE A 40 -5.62 -0.84 -2.15
C ILE A 40 -6.84 0.08 -1.99
N ASN A 41 -7.17 0.83 -3.05
CA ASN A 41 -8.31 1.77 -3.06
C ASN A 41 -9.64 1.02 -2.95
N ARG A 42 -9.66 -0.26 -3.42
CA ARG A 42 -10.87 -1.10 -3.36
C ARG A 42 -11.17 -1.57 -1.92
N LEU A 43 -10.13 -1.53 -1.05
CA LEU A 43 -10.24 -1.92 0.38
C LEU A 43 -10.81 -0.73 1.22
N PRO A 44 -11.68 -1.01 2.25
CA PRO A 44 -12.27 0.06 3.11
C PRO A 44 -11.24 0.68 4.08
N GLY A 45 -11.61 1.86 4.64
CA GLY A 45 -10.71 2.65 5.50
C GLY A 45 -10.20 1.91 6.73
N GLU A 46 -11.07 1.09 7.33
CA GLU A 46 -10.71 0.28 8.52
C GLU A 46 -9.51 -0.67 8.27
N LYS A 47 -9.28 -0.99 6.99
CA LYS A 47 -8.14 -1.83 6.56
C LYS A 47 -6.97 -0.96 6.06
N LEU A 48 -7.29 0.27 5.61
CA LEU A 48 -6.29 1.25 5.13
C LEU A 48 -5.50 1.88 6.28
N GLY A 49 -5.85 1.50 7.53
CA GLY A 49 -5.11 1.92 8.73
C GLY A 49 -3.62 1.55 8.67
N ARG A 50 -3.32 0.31 8.24
CA ARG A 50 -1.93 -0.17 8.12
C ARG A 50 -1.22 0.51 6.94
N VAL A 51 -1.99 0.78 5.86
CA VAL A 51 -1.46 1.43 4.66
C VAL A 51 -0.87 2.81 5.01
N VAL A 52 -1.68 3.66 5.67
CA VAL A 52 -1.23 5.03 6.01
C VAL A 52 -0.13 5.01 7.09
N HIS A 53 -0.15 3.99 7.95
CA HIS A 53 0.85 3.83 9.04
C HIS A 53 2.25 3.64 8.43
N ILE A 54 2.37 2.69 7.48
CA ILE A 54 3.67 2.34 6.87
C ILE A 54 4.09 3.38 5.81
N ILE A 55 3.13 4.09 5.19
CA ILE A 55 3.42 5.15 4.21
C ILE A 55 3.98 6.40 4.91
N GLN A 56 3.38 6.78 6.05
CA GLN A 56 3.88 7.92 6.85
C GLN A 56 5.24 7.60 7.50
N SER A 57 5.44 6.31 7.81
CA SER A 57 6.69 5.79 8.40
C SER A 57 7.87 5.94 7.43
N ARG A 58 7.58 5.85 6.12
CA ARG A 58 8.57 5.94 5.05
C ARG A 58 8.73 7.38 4.54
N GLU A 59 7.58 8.04 4.33
CA GLU A 59 7.51 9.41 3.80
C GLU A 59 6.90 10.34 4.88
N PRO A 60 7.72 10.90 5.82
CA PRO A 60 7.22 11.79 6.90
C PRO A 60 6.84 13.20 6.38
N SER A 61 7.27 13.48 5.13
CA SER A 61 6.97 14.73 4.42
C SER A 61 5.45 14.89 4.23
N LEU A 62 4.78 13.79 3.81
CA LEU A 62 3.32 13.76 3.54
C LEU A 62 2.50 14.12 4.78
N ARG A 63 2.99 13.68 5.95
CA ARG A 63 2.35 13.91 7.26
C ARG A 63 2.31 15.42 7.59
N ASP A 64 3.42 16.11 7.27
CA ASP A 64 3.61 17.54 7.58
C ASP A 64 3.01 18.44 6.48
N SER A 65 2.93 17.91 5.23
CA SER A 65 2.39 18.67 4.08
C SER A 65 0.91 19.03 4.33
N ASN A 66 0.01 18.04 4.22
CA ASN A 66 -1.38 18.14 4.69
C ASN A 66 -1.69 16.91 5.56
N PRO A 67 -2.03 17.10 6.88
CA PRO A 67 -2.39 15.96 7.78
C PRO A 67 -3.60 15.15 7.29
N ASP A 68 -4.50 15.83 6.53
CA ASP A 68 -5.71 15.20 5.98
C ASP A 68 -5.34 14.29 4.80
N GLU A 69 -4.99 14.93 3.67
CA GLU A 69 -4.71 14.24 2.40
C GLU A 69 -3.31 13.61 2.43
N ILE A 70 -3.29 12.33 2.78
CA ILE A 70 -2.09 11.50 2.72
C ILE A 70 -1.91 11.08 1.26
N GLU A 71 -1.12 11.87 0.54
CA GLU A 71 -0.87 11.70 -0.90
C GLU A 71 0.02 10.48 -1.16
N ILE A 72 -0.59 9.28 -1.22
CA ILE A 72 0.13 8.03 -1.46
C ILE A 72 0.45 7.92 -2.96
N ASP A 73 1.58 8.54 -3.33
CA ASP A 73 2.13 8.57 -4.70
C ASP A 73 2.93 7.29 -4.96
N PHE A 74 2.19 6.23 -5.35
CA PHE A 74 2.73 4.86 -5.58
C PHE A 74 3.95 4.86 -6.52
N GLU A 75 3.92 5.73 -7.55
CA GLU A 75 4.97 5.82 -8.56
C GLU A 75 6.34 6.22 -7.96
N THR A 76 6.32 7.05 -6.91
CA THR A 76 7.54 7.55 -6.25
C THR A 76 7.84 6.79 -4.95
N LEU A 77 6.88 5.92 -4.52
CA LEU A 77 7.09 5.04 -3.36
C LEU A 77 8.15 3.99 -3.70
N LYS A 78 8.87 3.58 -2.66
CA LYS A 78 10.03 2.69 -2.79
C LYS A 78 9.55 1.23 -2.85
N PRO A 79 10.19 0.36 -3.70
CA PRO A 79 9.73 -1.04 -3.97
C PRO A 79 9.72 -1.94 -2.72
N THR A 80 10.47 -1.50 -1.69
CA THR A 80 10.52 -2.13 -0.38
C THR A 80 9.17 -1.99 0.34
N THR A 81 8.66 -0.75 0.35
CA THR A 81 7.36 -0.41 0.95
C THR A 81 6.21 -0.91 0.07
N LEU A 82 6.44 -0.94 -1.24
CA LEU A 82 5.48 -1.44 -2.23
C LEU A 82 5.31 -2.97 -2.12
N ARG A 83 6.36 -3.64 -1.60
CA ARG A 83 6.31 -5.07 -1.23
C ARG A 83 5.31 -5.24 -0.07
N GLU A 84 5.41 -4.35 0.93
CA GLU A 84 4.53 -4.36 2.11
C GLU A 84 3.06 -4.12 1.75
N LEU A 85 2.85 -3.14 0.87
CA LEU A 85 1.53 -2.77 0.36
C LEU A 85 0.89 -3.96 -0.41
N GLU A 86 1.71 -4.57 -1.29
CA GLU A 86 1.25 -5.63 -2.20
C GLU A 86 0.93 -6.92 -1.43
N ARG A 87 1.86 -7.35 -0.55
CA ARG A 87 1.70 -8.59 0.25
C ARG A 87 0.53 -8.48 1.23
N TYR A 88 0.18 -7.23 1.59
CA TYR A 88 -0.98 -6.92 2.45
C TYR A 88 -2.29 -7.22 1.69
N VAL A 89 -2.31 -6.83 0.40
CA VAL A 89 -3.44 -7.11 -0.51
C VAL A 89 -3.50 -8.61 -0.88
N LYS A 90 -2.31 -9.24 -1.06
CA LYS A 90 -2.17 -10.68 -1.33
C LYS A 90 -2.75 -11.50 -0.16
N SER A 91 -2.51 -11.01 1.06
CA SER A 91 -2.95 -11.66 2.30
C SER A 91 -4.48 -11.51 2.48
N CYS A 92 -5.02 -10.37 2.04
CA CYS A 92 -6.44 -10.03 2.21
C CYS A 92 -7.34 -10.75 1.17
N LEU A 93 -6.86 -10.83 -0.08
CA LEU A 93 -7.64 -11.38 -1.21
C LEU A 93 -7.38 -12.87 -1.38
N GLN A 94 -6.10 -13.26 -1.36
CA GLN A 94 -5.67 -14.65 -1.60
C GLN A 94 -5.33 -15.35 -0.28
N LYS A 95 -5.25 -16.69 -0.35
CA LYS A 95 -4.61 -17.52 0.69
C LYS A 95 -3.60 -18.43 -0.02
N LYS A 96 -2.33 -18.21 0.29
CA LYS A 96 -1.20 -18.78 -0.47
C LYS A 96 -0.81 -20.15 0.10
N GLU B 1 8.15 29.98 -21.15
CA GLU B 1 8.44 28.80 -20.29
C GLU B 1 7.27 27.81 -20.26
N PHE B 2 7.58 26.57 -19.83
CA PHE B 2 6.61 25.47 -19.69
C PHE B 2 7.20 24.40 -18.74
N THR B 3 6.35 23.87 -17.83
CA THR B 3 6.73 22.79 -16.91
C THR B 3 5.46 22.21 -16.24
N GLY B 4 5.59 21.01 -15.67
CA GLY B 4 4.47 20.33 -15.01
C GLY B 4 4.75 18.86 -14.81
N SER B 5 5.46 18.54 -13.72
CA SER B 5 5.83 17.16 -13.37
C SER B 5 4.59 16.33 -12.98
N PRO B 6 4.29 15.19 -13.70
CA PRO B 6 3.11 14.33 -13.38
C PRO B 6 3.33 13.47 -12.12
N GLU B 7 2.21 13.08 -11.47
CA GLU B 7 2.22 12.28 -10.22
C GLU B 7 0.84 11.63 -9.98
N ILE B 8 0.84 10.30 -9.71
CA ILE B 8 -0.38 9.56 -9.35
C ILE B 8 -0.42 9.35 -7.82
N LYS B 9 -0.93 10.38 -7.14
CA LYS B 9 -1.02 10.41 -5.67
C LYS B 9 -2.48 10.29 -5.25
N LEU B 10 -2.74 9.33 -4.37
CA LEU B 10 -4.09 9.01 -3.90
C LEU B 10 -4.33 9.73 -2.58
N LYS B 11 -5.28 10.67 -2.60
CA LYS B 11 -5.63 11.48 -1.43
C LYS B 11 -6.41 10.65 -0.42
N ILE B 12 -5.69 9.88 0.44
CA ILE B 12 -6.33 9.22 1.58
C ILE B 12 -6.62 10.30 2.64
N THR B 13 -7.85 10.83 2.63
CA THR B 13 -8.29 11.91 3.49
C THR B 13 -8.61 11.37 4.89
N LYS B 14 -7.74 11.69 5.86
CA LYS B 14 -7.95 11.35 7.26
C LYS B 14 -8.78 12.47 7.89
N THR B 15 -10.10 12.35 7.75
CA THR B 15 -11.06 13.34 8.24
C THR B 15 -12.14 12.62 9.06
N ILE B 16 -11.84 12.37 10.35
CA ILE B 16 -12.80 11.75 11.29
C ILE B 16 -12.47 12.16 12.75
N GLN B 17 -13.49 12.63 13.48
CA GLN B 17 -13.41 12.89 14.93
C GLN B 17 -14.71 12.35 15.56
N ASN B 18 -14.64 11.09 16.03
CA ASN B 18 -15.80 10.35 16.56
C ASN B 18 -15.30 9.26 17.50
N GLY B 19 -14.39 8.43 16.99
CA GLY B 19 -13.80 7.32 17.74
C GLY B 19 -13.57 6.12 16.84
N ARG B 20 -12.88 6.34 15.70
CA ARG B 20 -12.66 5.31 14.67
C ARG B 20 -11.61 5.81 13.64
N GLU B 21 -11.12 4.90 12.78
CA GLU B 21 -10.17 5.26 11.70
C GLU B 21 -10.90 5.17 10.34
N LEU B 22 -11.23 6.34 9.78
CA LEU B 22 -12.01 6.46 8.55
C LEU B 22 -11.11 7.13 7.50
N PHE B 23 -10.94 6.47 6.35
CA PHE B 23 -10.08 6.93 5.25
C PHE B 23 -10.87 6.84 3.94
N GLU B 24 -10.91 7.94 3.19
CA GLU B 24 -11.51 7.97 1.85
C GLU B 24 -10.41 8.15 0.80
N SER B 25 -10.31 7.19 -0.12
CA SER B 25 -9.29 7.20 -1.19
C SER B 25 -9.78 8.04 -2.37
N SER B 26 -9.55 9.35 -2.26
CA SER B 26 -9.85 10.33 -3.31
C SER B 26 -8.65 10.54 -4.23
N LEU B 27 -8.85 11.30 -5.32
CA LEU B 27 -7.79 11.75 -6.23
C LEU B 27 -8.37 12.78 -7.21
N CYS B 28 -7.59 13.82 -7.51
CA CYS B 28 -7.98 14.87 -8.48
C CYS B 28 -6.88 14.98 -9.53
N GLY B 29 -7.26 14.88 -10.82
CA GLY B 29 -6.33 15.05 -11.93
C GLY B 29 -6.01 16.51 -12.23
N ASP B 30 -5.40 16.75 -13.40
CA ASP B 30 -4.98 18.10 -13.81
C ASP B 30 -5.44 18.39 -15.26
N LEU B 31 -5.65 19.68 -15.57
CA LEU B 31 -6.16 20.13 -16.86
C LEU B 31 -5.05 20.08 -17.93
N LEU B 32 -4.98 18.97 -18.67
CA LEU B 32 -4.01 18.78 -19.76
C LEU B 32 -4.34 19.78 -20.88
N ASN B 33 -3.32 20.54 -21.29
CA ASN B 33 -3.44 21.56 -22.33
C ASN B 33 -2.04 21.84 -22.90
N GLU B 34 -1.76 21.19 -24.03
CA GLU B 34 -0.56 21.42 -24.83
C GLU B 34 -0.95 21.34 -26.31
N VAL B 35 -1.49 22.45 -26.83
CA VAL B 35 -1.89 22.59 -28.24
C VAL B 35 -0.89 23.50 -28.97
N GLN B 36 -0.49 23.10 -30.18
CA GLN B 36 0.39 23.91 -31.04
C GLN B 36 -0.48 24.99 -31.72
N ALA B 37 -1.34 24.53 -32.67
CA ALA B 37 -2.38 25.33 -33.38
C ALA B 37 -1.79 26.26 -34.47
N SER B 38 -0.80 27.07 -34.07
CA SER B 38 -0.12 28.03 -34.97
C SER B 38 1.24 28.40 -34.33
N GLU B 39 2.35 28.27 -35.10
CA GLU B 39 3.70 28.61 -34.65
C GLU B 39 3.76 30.12 -34.29
N HIS A 1 77.63 -19.47 13.01
CA HIS A 1 77.23 -19.01 14.37
C HIS A 1 76.23 -17.84 14.27
N HIS A 2 75.68 -17.61 13.06
CA HIS A 2 74.74 -16.51 12.79
C HIS A 2 73.30 -16.93 13.07
N HIS A 3 72.68 -16.34 14.11
CA HIS A 3 71.26 -16.53 14.44
C HIS A 3 70.50 -15.22 14.13
N HIS A 4 69.27 -15.34 13.60
CA HIS A 4 68.43 -14.18 13.27
C HIS A 4 67.05 -14.33 13.92
N HIS A 5 66.41 -15.51 13.70
CA HIS A 5 65.01 -15.79 14.12
C HIS A 5 64.05 -14.78 13.44
N HIS A 6 63.57 -15.15 12.24
CA HIS A 6 62.87 -14.23 11.32
C HIS A 6 61.60 -13.60 11.93
N SER A 7 60.86 -14.41 12.72
CA SER A 7 59.57 -14.02 13.33
C SER A 7 58.52 -13.68 12.25
N HIS A 8 57.35 -13.15 12.67
CA HIS A 8 56.24 -12.75 11.77
C HIS A 8 55.69 -13.99 11.02
N MET A 9 54.68 -14.62 11.62
CA MET A 9 53.97 -15.76 11.01
C MET A 9 52.52 -15.76 11.53
N GLY A 10 51.58 -15.58 10.61
CA GLY A 10 50.17 -15.44 10.95
C GLY A 10 49.27 -15.93 9.83
N LYS A 11 48.49 -17.00 10.10
CA LYS A 11 47.59 -17.62 9.12
C LYS A 11 46.15 -17.14 9.39
N GLN A 12 45.84 -15.91 8.96
CA GLN A 12 44.48 -15.35 9.00
C GLN A 12 43.85 -15.52 7.61
N ALA A 13 42.87 -16.43 7.49
CA ALA A 13 42.22 -16.78 6.21
C ALA A 13 40.76 -16.28 6.18
N SER A 14 40.44 -15.39 7.10
CA SER A 14 39.10 -14.82 7.24
C SER A 14 39.02 -13.46 6.53
N ALA A 15 38.89 -13.51 5.19
CA ALA A 15 38.83 -12.32 4.33
C ALA A 15 37.52 -11.54 4.58
N SER A 16 36.42 -12.09 4.06
CA SER A 16 35.09 -11.47 4.11
C SER A 16 34.07 -12.45 3.53
N TYR A 17 34.34 -12.86 2.27
CA TYR A 17 33.54 -13.84 1.51
C TYR A 17 32.10 -13.37 1.27
N ASP A 18 31.88 -12.85 0.06
CA ASP A 18 30.57 -12.32 -0.37
C ASP A 18 29.60 -13.49 -0.61
N SER A 19 28.78 -13.79 0.40
CA SER A 19 27.85 -14.93 0.38
C SER A 19 26.55 -14.54 -0.37
N GLU A 20 25.85 -13.51 0.13
CA GLU A 20 24.55 -13.07 -0.40
C GLU A 20 24.40 -11.54 -0.17
N GLU A 21 23.96 -10.80 -1.21
CA GLU A 21 23.60 -9.36 -1.09
C GLU A 21 22.39 -9.09 -1.99
N GLU A 22 21.20 -9.03 -1.38
CA GLU A 22 19.92 -8.79 -2.10
C GLU A 22 19.39 -7.39 -1.77
N GLU A 23 18.31 -6.97 -2.45
CA GLU A 23 17.66 -5.67 -2.24
C GLU A 23 16.21 -5.90 -1.79
N GLU A 24 15.74 -5.02 -0.89
CA GLU A 24 14.33 -4.98 -0.44
C GLU A 24 13.51 -4.19 -1.46
N GLY A 25 14.20 -3.25 -2.11
CA GLY A 25 13.64 -2.38 -3.14
C GLY A 25 13.73 -3.01 -4.51
N LEU A 26 13.02 -4.13 -4.66
CA LEU A 26 12.84 -4.83 -5.95
C LEU A 26 12.06 -3.90 -6.93
N PRO A 27 12.65 -3.51 -8.10
CA PRO A 27 12.05 -2.51 -9.01
C PRO A 27 10.71 -2.97 -9.62
N MET A 28 9.62 -2.68 -8.89
CA MET A 28 8.27 -3.06 -9.30
C MET A 28 7.73 -1.96 -10.23
N SER A 29 7.41 -2.34 -11.49
CA SER A 29 7.15 -1.39 -12.60
C SER A 29 5.92 -0.48 -12.38
N TYR A 30 5.84 0.54 -13.24
CA TYR A 30 4.82 1.62 -13.20
C TYR A 30 3.38 1.05 -13.21
N ASP A 31 3.16 0.08 -14.12
CA ASP A 31 1.84 -0.55 -14.32
C ASP A 31 1.40 -1.35 -13.08
N GLU A 32 2.40 -1.93 -12.39
CA GLU A 32 2.16 -2.67 -11.14
C GLU A 32 1.75 -1.70 -10.01
N LYS A 33 2.36 -0.50 -10.01
CA LYS A 33 2.04 0.58 -9.03
C LYS A 33 0.58 1.05 -9.22
N ARG A 34 0.18 1.17 -10.50
CA ARG A 34 -1.18 1.61 -10.90
C ARG A 34 -2.22 0.57 -10.47
N GLN A 35 -1.98 -0.70 -10.85
CA GLN A 35 -2.85 -1.84 -10.49
C GLN A 35 -3.00 -1.92 -8.95
N LEU A 36 -1.87 -1.72 -8.25
CA LEU A 36 -1.81 -1.72 -6.78
C LEU A 36 -2.63 -0.57 -6.17
N SER A 37 -2.63 0.60 -6.84
CA SER A 37 -3.40 1.79 -6.41
C SER A 37 -4.90 1.46 -6.34
N LEU A 38 -5.37 0.71 -7.35
CA LEU A 38 -6.78 0.25 -7.43
C LEU A 38 -7.06 -0.88 -6.42
N ASP A 39 -6.06 -1.75 -6.25
CA ASP A 39 -6.12 -2.88 -5.30
C ASP A 39 -6.15 -2.43 -3.83
N ILE A 40 -5.65 -1.22 -3.56
CA ILE A 40 -5.73 -0.59 -2.22
C ILE A 40 -6.98 0.31 -2.14
N ASN A 41 -7.42 0.85 -3.29
CA ASN A 41 -8.63 1.69 -3.40
C ASN A 41 -9.91 0.88 -3.09
N ARG A 42 -9.88 -0.43 -3.39
CA ARG A 42 -11.02 -1.36 -3.16
C ARG A 42 -11.14 -1.77 -1.68
N LEU A 43 -10.13 -1.41 -0.87
CA LEU A 43 -10.09 -1.73 0.59
C LEU A 43 -10.74 -0.59 1.41
N PRO A 44 -11.48 -0.92 2.53
CA PRO A 44 -12.11 0.10 3.42
C PRO A 44 -11.09 0.94 4.20
N GLY A 45 -11.57 2.04 4.82
CA GLY A 45 -10.73 3.01 5.53
C GLY A 45 -9.94 2.44 6.71
N GLU A 46 -10.44 1.32 7.28
CA GLU A 46 -9.77 0.59 8.37
C GLU A 46 -8.53 -0.17 7.87
N LYS A 47 -8.62 -0.73 6.63
CA LYS A 47 -7.47 -1.38 5.96
C LYS A 47 -6.47 -0.30 5.50
N LEU A 48 -7.04 0.82 4.98
CA LEU A 48 -6.26 2.01 4.58
C LEU A 48 -5.54 2.63 5.78
N GLY A 49 -6.06 2.35 7.00
CA GLY A 49 -5.41 2.72 8.24
C GLY A 49 -3.99 2.20 8.32
N ARG A 50 -3.84 0.88 8.25
CA ARG A 50 -2.53 0.20 8.35
C ARG A 50 -1.63 0.53 7.13
N VAL A 51 -2.27 0.59 5.94
CA VAL A 51 -1.60 0.95 4.67
C VAL A 51 -0.93 2.33 4.80
N VAL A 52 -1.70 3.36 5.19
CA VAL A 52 -1.20 4.72 5.22
C VAL A 52 -0.16 4.90 6.35
N HIS A 53 -0.26 4.06 7.40
CA HIS A 53 0.70 4.10 8.53
C HIS A 53 2.12 3.73 8.07
N ILE A 54 2.24 2.64 7.28
CA ILE A 54 3.55 2.18 6.76
C ILE A 54 4.06 3.12 5.62
N ILE A 55 3.15 3.92 5.03
CA ILE A 55 3.52 4.96 4.05
C ILE A 55 4.10 6.20 4.75
N GLN A 56 3.40 6.69 5.78
CA GLN A 56 3.78 7.92 6.50
C GLN A 56 5.00 7.69 7.42
N SER A 57 5.22 6.42 7.81
CA SER A 57 6.44 6.01 8.52
C SER A 57 7.65 6.01 7.55
N ARG A 58 7.37 5.70 6.28
CA ARG A 58 8.39 5.69 5.21
C ARG A 58 8.73 7.13 4.80
N GLU A 59 7.68 7.93 4.61
CA GLU A 59 7.78 9.31 4.11
C GLU A 59 7.31 10.29 5.21
N PRO A 60 8.25 10.79 6.08
CA PRO A 60 7.93 11.85 7.09
C PRO A 60 7.49 13.17 6.42
N SER A 61 7.87 13.31 5.12
CA SER A 61 7.58 14.45 4.27
C SER A 61 6.06 14.78 4.20
N LEU A 62 5.23 13.74 4.09
CA LEU A 62 3.76 13.90 3.98
C LEU A 62 3.06 13.60 5.31
N ARG A 63 3.78 12.98 6.25
CA ARG A 63 3.21 12.57 7.55
C ARG A 63 2.80 13.79 8.41
N ASP A 64 3.79 14.65 8.66
CA ASP A 64 3.63 15.82 9.54
C ASP A 64 2.99 16.99 8.78
N SER A 65 3.09 16.96 7.45
CA SER A 65 2.52 18.00 6.59
C SER A 65 1.01 17.78 6.39
N ASN A 66 0.65 16.59 5.88
CA ASN A 66 -0.74 16.23 5.58
C ASN A 66 -1.21 15.09 6.50
N PRO A 67 -1.95 15.40 7.61
CA PRO A 67 -2.60 14.38 8.45
C PRO A 67 -4.05 14.07 8.02
N ASP A 68 -4.50 14.71 6.92
CA ASP A 68 -5.87 14.58 6.39
C ASP A 68 -5.86 14.03 4.95
N GLU A 69 -5.43 14.87 3.98
CA GLU A 69 -5.35 14.48 2.55
C GLU A 69 -3.95 13.97 2.23
N ILE A 70 -3.79 12.65 2.31
CA ILE A 70 -2.53 11.97 2.08
C ILE A 70 -2.55 11.33 0.69
N GLU A 71 -1.97 12.05 -0.30
CA GLU A 71 -1.87 11.56 -1.68
C GLU A 71 -0.63 10.64 -1.76
N ILE A 72 -0.87 9.34 -1.58
CA ILE A 72 0.16 8.31 -1.60
C ILE A 72 0.62 8.06 -3.06
N ASP A 73 1.63 8.84 -3.49
CA ASP A 73 2.26 8.66 -4.81
C ASP A 73 3.11 7.39 -4.82
N PHE A 74 2.51 6.30 -5.33
CA PHE A 74 3.17 4.99 -5.44
C PHE A 74 4.41 5.05 -6.35
N GLU A 75 4.34 5.93 -7.36
CA GLU A 75 5.45 6.12 -8.32
C GLU A 75 6.65 6.86 -7.70
N THR A 76 6.43 7.62 -6.58
CA THR A 76 7.52 8.29 -5.85
C THR A 76 7.88 7.51 -4.56
N LEU A 77 7.12 6.44 -4.25
CA LEU A 77 7.43 5.54 -3.13
C LEU A 77 8.63 4.65 -3.49
N LYS A 78 9.26 4.14 -2.44
CA LYS A 78 10.38 3.21 -2.54
C LYS A 78 9.81 1.83 -2.90
N PRO A 79 10.48 1.06 -3.81
CA PRO A 79 9.99 -0.28 -4.26
C PRO A 79 9.83 -1.30 -3.10
N THR A 80 10.56 -1.06 -1.99
CA THR A 80 10.41 -1.85 -0.74
C THR A 80 9.05 -1.57 -0.07
N THR A 81 8.65 -0.28 -0.05
CA THR A 81 7.35 0.15 0.51
C THR A 81 6.20 -0.47 -0.28
N LEU A 82 6.35 -0.43 -1.62
CA LEU A 82 5.39 -0.98 -2.59
C LEU A 82 5.24 -2.49 -2.44
N ARG A 83 6.31 -3.15 -1.98
CA ARG A 83 6.33 -4.59 -1.72
C ARG A 83 5.39 -4.91 -0.53
N GLU A 84 5.54 -4.14 0.57
CA GLU A 84 4.67 -4.24 1.77
C GLU A 84 3.18 -4.09 1.40
N LEU A 85 2.90 -3.06 0.59
CA LEU A 85 1.55 -2.73 0.12
C LEU A 85 0.95 -3.89 -0.69
N GLU A 86 1.78 -4.42 -1.60
CA GLU A 86 1.37 -5.45 -2.56
C GLU A 86 1.01 -6.74 -1.81
N ARG A 87 1.97 -7.23 -0.99
CA ARG A 87 1.80 -8.51 -0.25
C ARG A 87 0.73 -8.41 0.86
N TYR A 88 0.39 -7.16 1.28
CA TYR A 88 -0.71 -6.90 2.23
C TYR A 88 -2.07 -7.11 1.54
N VAL A 89 -2.16 -6.66 0.29
CA VAL A 89 -3.34 -6.91 -0.57
C VAL A 89 -3.43 -8.42 -0.91
N LYS A 90 -2.27 -9.08 -1.01
CA LYS A 90 -2.18 -10.53 -1.27
C LYS A 90 -2.56 -11.35 -0.02
N SER A 91 -2.31 -10.79 1.18
CA SER A 91 -2.71 -11.45 2.44
C SER A 91 -4.21 -11.21 2.72
N CYS A 92 -4.73 -10.06 2.24
CA CYS A 92 -6.14 -9.67 2.42
C CYS A 92 -7.05 -10.46 1.44
N LEU A 93 -6.83 -10.27 0.13
CA LEU A 93 -7.55 -10.99 -0.94
C LEU A 93 -7.14 -12.48 -0.94
N GLN A 94 -5.87 -12.70 -1.30
CA GLN A 94 -5.26 -14.05 -1.49
C GLN A 94 -5.94 -14.83 -2.65
N LYS A 95 -6.59 -14.07 -3.55
CA LYS A 95 -7.28 -14.62 -4.72
C LYS A 95 -6.68 -14.05 -6.00
N LYS A 96 -6.73 -14.85 -7.06
CA LYS A 96 -6.10 -14.53 -8.35
C LYS A 96 -7.17 -14.13 -9.39
N GLU B 1 -5.75 22.81 -25.22
CA GLU B 1 -4.31 22.54 -25.08
C GLU B 1 -3.92 22.72 -23.60
N PHE B 2 -4.12 21.65 -22.81
CA PHE B 2 -3.85 21.63 -21.37
C PHE B 2 -3.16 20.29 -21.02
N THR B 3 -1.98 20.37 -20.40
CA THR B 3 -1.19 19.19 -19.99
C THR B 3 -1.54 18.78 -18.55
N GLY B 4 -1.57 17.47 -18.30
CA GLY B 4 -1.86 16.91 -16.97
C GLY B 4 -1.29 15.51 -16.83
N SER B 5 -0.20 15.38 -16.06
CA SER B 5 0.44 14.08 -15.76
C SER B 5 -0.48 13.23 -14.86
N PRO B 6 -0.68 11.90 -15.17
CA PRO B 6 -1.62 11.02 -14.42
C PRO B 6 -1.33 10.96 -12.91
N GLU B 7 -0.04 10.69 -12.58
CA GLU B 7 0.47 10.58 -11.19
C GLU B 7 -0.28 9.50 -10.40
N ILE B 8 0.37 8.36 -10.20
CA ILE B 8 -0.21 7.22 -9.49
C ILE B 8 -0.23 7.54 -8.00
N LYS B 9 -1.33 8.15 -7.56
CA LYS B 9 -1.50 8.57 -6.18
C LYS B 9 -2.93 8.36 -5.74
N LEU B 10 -3.07 7.93 -4.50
CA LEU B 10 -4.35 7.58 -3.90
C LEU B 10 -4.58 8.53 -2.73
N LYS B 11 -5.61 9.39 -2.85
CA LYS B 11 -5.94 10.38 -1.83
C LYS B 11 -6.64 9.70 -0.65
N ILE B 12 -5.84 9.29 0.35
CA ILE B 12 -6.34 8.87 1.66
C ILE B 12 -6.74 10.16 2.40
N THR B 13 -8.00 10.56 2.15
CA THR B 13 -8.54 11.84 2.60
C THR B 13 -9.55 11.63 3.72
N LYS B 14 -9.30 12.29 4.86
CA LYS B 14 -10.12 12.19 6.07
C LYS B 14 -11.47 12.88 5.84
N THR B 15 -12.57 12.12 5.88
CA THR B 15 -13.91 12.64 5.57
C THR B 15 -14.99 11.89 6.39
N ILE B 16 -15.18 12.33 7.64
CA ILE B 16 -16.10 11.73 8.61
C ILE B 16 -16.55 12.80 9.63
N GLN B 17 -17.76 12.64 10.19
CA GLN B 17 -18.22 13.47 11.33
C GLN B 17 -18.89 12.55 12.39
N ASN B 18 -18.06 11.99 13.29
CA ASN B 18 -18.53 11.11 14.39
C ASN B 18 -17.40 10.94 15.43
N GLY B 19 -16.54 11.96 15.54
CA GLY B 19 -15.45 11.97 16.53
C GLY B 19 -14.17 11.29 16.03
N ARG B 20 -14.33 10.18 15.30
CA ARG B 20 -13.21 9.42 14.72
C ARG B 20 -12.50 10.22 13.61
N GLU B 21 -11.22 9.90 13.39
CA GLU B 21 -10.45 10.38 12.24
C GLU B 21 -10.29 9.21 11.26
N LEU B 22 -11.21 9.18 10.30
CA LEU B 22 -11.37 8.08 9.34
C LEU B 22 -11.29 8.65 7.92
N PHE B 23 -10.70 7.86 7.02
CA PHE B 23 -10.31 8.30 5.68
C PHE B 23 -10.55 7.21 4.64
N GLU B 24 -11.10 7.59 3.49
CA GLU B 24 -11.34 6.68 2.35
C GLU B 24 -10.46 7.09 1.18
N SER B 25 -10.24 6.14 0.29
CA SER B 25 -9.41 6.32 -0.89
C SER B 25 -10.25 6.89 -2.05
N SER B 26 -9.83 8.05 -2.56
CA SER B 26 -10.49 8.72 -3.69
C SER B 26 -9.42 9.22 -4.67
N LEU B 27 -9.79 9.41 -5.93
CA LEU B 27 -8.88 9.94 -6.97
C LEU B 27 -9.20 11.43 -7.23
N CYS B 28 -10.50 11.74 -7.36
CA CYS B 28 -10.98 13.11 -7.58
C CYS B 28 -12.46 13.21 -7.20
N GLY B 29 -13.36 12.67 -8.07
CA GLY B 29 -14.81 12.80 -7.90
C GLY B 29 -15.61 11.60 -8.39
N ASP B 30 -14.91 10.53 -8.82
CA ASP B 30 -15.55 9.29 -9.30
C ASP B 30 -16.14 8.50 -8.10
N LEU B 31 -17.23 7.77 -8.37
CA LEU B 31 -17.90 6.92 -7.37
C LEU B 31 -18.76 5.87 -8.12
N LEU B 32 -18.21 5.35 -9.23
CA LEU B 32 -18.87 4.31 -10.05
C LEU B 32 -19.22 3.09 -9.19
N ASN B 33 -18.19 2.63 -8.43
CA ASN B 33 -18.32 1.54 -7.43
C ASN B 33 -18.80 0.22 -8.05
N GLU B 34 -18.47 0.01 -9.34
CA GLU B 34 -18.67 -1.27 -10.02
C GLU B 34 -17.56 -2.25 -9.60
N VAL B 35 -16.36 -1.70 -9.29
CA VAL B 35 -15.23 -2.48 -8.79
C VAL B 35 -15.54 -3.02 -7.36
N GLN B 36 -15.50 -4.35 -7.21
CA GLN B 36 -15.80 -5.05 -5.94
C GLN B 36 -14.56 -5.82 -5.46
N ALA B 37 -14.75 -6.70 -4.47
CA ALA B 37 -13.70 -7.59 -3.95
C ALA B 37 -14.26 -9.00 -3.69
N SER B 38 -15.54 -9.23 -4.07
CA SER B 38 -16.21 -10.53 -3.91
C SER B 38 -15.91 -11.42 -5.12
N GLU B 39 -14.69 -11.96 -5.13
CA GLU B 39 -14.24 -12.91 -6.16
C GLU B 39 -14.68 -14.34 -5.76
#